data_9CTK
#
_entry.id   9CTK
#
_cell.length_a   1.00
_cell.length_b   1.00
_cell.length_c   1.00
_cell.angle_alpha   90.00
_cell.angle_beta   90.00
_cell.angle_gamma   90.00
#
_symmetry.space_group_name_H-M   'P 1'
#
loop_
_entity.id
_entity.type
_entity.pdbx_description
1 polymer 'Polyketide synthase 2'
2 non-polymer 'NADP NICOTINAMIDE-ADENINE-DINUCLEOTIDE PHOSPHATE'
3 water water
#
_entity_poly.entity_id   1
_entity_poly.type   'polypeptide(L)'
_entity_poly.pdbx_seq_one_letter_code
;MAPQEQASSSQQDDAPPKTPNVVEPYKGEVAICGLSGRYPESANVGELEYNLFNKIDMVTIDNRRWEPGYLGTPERMGKV
KTITDFDAEFFGVHTKGAQTMDPMLRNLLEVVYEAIVDAGESLESMKGTRTGVYIGVSNNEVDTAYMKNWTDDDAYMVQG
CHHSMYPNWISFFFDFSGPSTAYNTACSTSLVCLDAAERHLRMGVIDNAIVGGSNFIYRPATTKLFMGMNFLGSSTCKAF
DESGDGFVRGEVASAILLKKADTAKRVYCTLVGSMLNNDGNQTNGILYPNSEAQEQLMTDIYSTHKIDANEVKYFECHGT
GTQAGDPNETRAICNAVCKGKKDPLLIGSIKSNLGHGETASGINGISKVIITMHSRQIPPNLHFKNPNPKIPGLFDGRLK
VVTETTPFDGGLIAINSFGMGGTNAHAIFRSFDKRAEPHPASDKPRLFTYCARTEEGLQKIFEEAHKHASNVEFHALCQE
SANTKPKSLPYRGATILNAEGEYTEIQKCPSKAREVWFVYSGMGSQWVGMGRSLMALDVFRQSIEETAAILSPFGVDLMS
LLMDGTEDKLKEIMPPFICINAIQLALTDLLNSMGIVPDGLVGHSLGEVGCAYADGCLTRREAILSAFWRAKAVIDCEVK
PGKMAAVELTWEEAKRLCPPGVVAACHNSQDSVTISGGAQEMTKFMAELSAQGVTVKEVNSNNISYHSSFMTEPAAYLKK
GLEKEIVPKPRSKKWISTSIPEERWGNPEAQTADASYQANNLLSSVLFYEGLQKIPSNAIAIEIAPAGLLQSVIKKSLGQ
DCTIVALQKRKSPNNLEVFFSALGKCYSHGVPMNPLGLYPAVQFPVSIDTPMLSSMVSEAWDHSAKWRVPLVEEFEYGSG
SSSDNVIDIDLSEDSPENYLLEHAVDGRMLFPATGTLVLAWKTLAKLKGVEFEQLGVQMTNVQIHQALFLNPGGKTTVSV
SVMPITGEFQVRDGESLISSGVITSSEGRLLETDQHMKKGSVLDGKPDKELLFTKEIYREFLLRGYEYGAAFQGIQRASL
DATDTDIRWDGRWISYLDTVLQMYLLSKPGTHQALPTLLESVTIDPRVHPAQPPEGTTEFQVLPGKWDPVLQIAAAGGVE
IRSCHSIRASRRLNHDPPILEDFAFAPYVDPRPSDRSAAAVTPALRDYADACFEFSRQGMKRWLENDKNNVLPNKEEIKE
ALAMANKHASTPQAASNFASAKATLEALVNNKNGHRLPNHGLFEMLDIAFSEPLEGDYWDRLRMKLHDVRTYLWDDPIIA
ALESPDIVKLVMETVSDNVNQQVMEILEVGAARGPYYRQAIPKALEYFSIKDWQYTVADQGFVEDAAEFPVKMMQFDPLD
PANFPAELTESCDLLVLKWNLQMQVDLDAAITEFSKMIKPGGFLLVLENGTRLSTFFPIKAIVSASLGGKGGPEGDRAMG
CFYTDAQWSALFARHGFEQIMHIPDGIAVSMFLLRKPFEPSVAPIIINVDDLECSWLEEVQARCAELQDSHKDSRLWLVA
NTELSGVLGFLRSLVWEFGSEKLRCIQIDDATAGPNPPKISADSADFKELVRKDLAYNVFKNGKWGTYRGFVISDADRQK
ERPSEYVYADWLSAGDMSSLRWFDSPLKTGHNNGMLGSKMAHKLETETCSVYYAGLNLRDIILANGTIQRDILPEETFFK
EGVLGVEFSGRNSSGKRVMGLCPPPALATTVKCPVSSLWSVPDQWTLEEAATVPLAYATAYYCLVSEGGVQKGATVFIHA
GASVVGQASIAVALSYNCEIFTLTKNSDETALLKSMYPQLNDRNFCSSEDCSFEKYIRKETKGSGVDVVINTLRGKFLKA
SRRLLSKKGKFVDIGFKVDSNTQIAYYTREHPDLRFQLDALLESQGPEWTRLFDLVQAGIHSGVVKPLKRAVYSMDKIVD
AFKTVEAEREAGKIVIKIRDEERQKVCPTPRTSFPAIHRTCFHPDKSHILVGGMGGMGLETAHWMVLRGAKKLILTSRYG
ITTGYQARKIAFFKQLGVEVEVLALSVNTRKAADKVFEHALKMGPVGGIFNMAMVLYNDDFLKMNREQFLKPLESKITMT
MLLDDKSREKPVRDTLDHFVMFSSLIVSGGHLGQANYAFGSTVLEKICERRKRDGLPVTTPQWASIADVGTVALMGTGNE
TIICRKYPQRFFNVLSVFDFMMSSDNVVTISYVLVEKSMGVAAGEESMVDQVLRAVGKVLGIKDVSSVDGDKEFIDMGVD
SLMSVEIKQALERDAGLVISTKDTQLMTFNTLRSMVKGSHVHHHHHH
;
_entity_poly.pdbx_strand_id   A,B
#
# COMPACT_ATOMS: atom_id res chain seq x y z
N SER A 883 18.93 9.81 -9.00
CA SER A 883 19.76 8.73 -9.52
C SER A 883 19.52 8.56 -11.02
N ASP A 884 18.25 8.62 -11.43
CA ASP A 884 17.87 8.61 -12.83
C ASP A 884 17.85 10.05 -13.34
N ASN A 885 17.31 10.26 -14.54
CA ASN A 885 17.35 11.54 -15.22
C ASN A 885 17.38 12.73 -14.27
N VAL A 886 18.34 13.61 -14.48
CA VAL A 886 18.40 14.91 -13.81
C VAL A 886 18.01 15.97 -14.83
N ILE A 887 16.93 16.69 -14.55
CA ILE A 887 16.37 17.66 -15.47
C ILE A 887 16.80 19.05 -15.03
N ASP A 888 17.26 19.85 -15.98
CA ASP A 888 17.66 21.24 -15.74
C ASP A 888 16.66 22.16 -16.44
N ILE A 889 16.02 23.02 -15.66
CA ILE A 889 15.05 23.98 -16.18
C ILE A 889 15.73 25.34 -16.26
N ASP A 890 15.95 25.82 -17.49
CA ASP A 890 16.67 27.07 -17.73
C ASP A 890 15.67 28.20 -17.80
N LEU A 891 15.59 28.99 -16.73
CA LEU A 891 14.69 30.13 -16.67
C LEU A 891 15.45 31.42 -17.03
N SER A 892 15.93 31.44 -18.27
CA SER A 892 16.77 32.53 -18.77
C SER A 892 15.96 33.40 -19.73
N GLU A 893 16.62 34.43 -20.28
CA GLU A 893 15.91 35.43 -21.06
C GLU A 893 15.27 34.82 -22.30
N ASP A 894 15.98 33.94 -23.01
CA ASP A 894 15.50 33.37 -24.26
C ASP A 894 15.45 31.85 -24.24
N SER A 895 15.56 31.23 -23.07
CA SER A 895 15.47 29.78 -23.00
C SER A 895 14.07 29.34 -23.45
N PRO A 896 13.95 28.18 -24.12
CA PRO A 896 12.63 27.72 -24.56
C PRO A 896 11.68 27.40 -23.40
N GLU A 897 12.18 27.27 -22.18
CA GLU A 897 11.37 26.97 -21.00
C GLU A 897 11.22 28.20 -20.13
N ASN A 898 11.21 29.39 -20.75
CA ASN A 898 10.95 30.63 -20.03
C ASN A 898 9.47 30.91 -19.84
N TYR A 899 8.60 30.16 -20.51
CA TYR A 899 7.16 30.32 -20.34
C TYR A 899 6.71 29.84 -18.96
N LEU A 900 7.60 29.16 -18.24
CA LEU A 900 7.28 28.60 -16.94
C LEU A 900 7.28 29.65 -15.84
N LEU A 901 7.81 30.85 -16.10
CA LEU A 901 7.73 31.95 -15.17
C LEU A 901 6.39 32.68 -15.25
N GLU A 902 5.54 32.31 -16.21
CA GLU A 902 4.21 32.87 -16.36
C GLU A 902 3.17 32.09 -15.57
N HIS A 903 3.59 31.40 -14.50
CA HIS A 903 2.71 30.61 -13.66
C HIS A 903 3.04 30.97 -12.21
N ALA A 904 2.23 31.84 -11.62
CA ALA A 904 2.44 32.31 -10.27
C ALA A 904 1.19 32.11 -9.43
N VAL A 905 1.38 31.99 -8.12
CA VAL A 905 0.30 31.87 -7.15
C VAL A 905 0.55 32.92 -6.08
N ASP A 906 -0.24 33.99 -6.09
CA ASP A 906 -0.08 35.09 -5.14
C ASP A 906 1.31 35.72 -5.25
N GLY A 907 1.74 35.95 -6.48
CA GLY A 907 3.04 36.58 -6.73
C GLY A 907 4.18 35.60 -6.92
N ARG A 908 4.29 34.62 -6.03
CA ARG A 908 5.37 33.64 -6.12
C ARG A 908 5.29 32.88 -7.43
N MET A 909 6.42 32.71 -8.09
CA MET A 909 6.49 31.86 -9.26
C MET A 909 6.64 30.41 -8.81
N LEU A 910 5.85 29.52 -9.42
CA LEU A 910 5.78 28.13 -9.02
C LEU A 910 5.93 27.22 -10.23
N PHE A 911 6.47 26.04 -9.99
CA PHE A 911 6.46 25.00 -11.01
C PHE A 911 5.10 24.32 -11.01
N PRO A 912 4.43 24.19 -12.15
CA PRO A 912 3.08 23.64 -12.14
C PRO A 912 3.03 22.26 -11.51
N ALA A 913 1.92 21.99 -10.80
CA ALA A 913 1.75 20.70 -10.16
C ALA A 913 1.78 19.58 -11.19
N THR A 914 1.14 19.79 -12.34
CA THR A 914 1.26 18.87 -13.47
C THR A 914 2.43 19.27 -14.36
N GLY A 915 3.58 19.46 -13.74
CA GLY A 915 4.81 19.73 -14.44
C GLY A 915 5.83 18.65 -14.12
N THR A 916 5.74 18.12 -12.90
CA THR A 916 6.49 16.93 -12.52
C THR A 916 5.91 15.67 -13.14
N LEU A 917 4.65 15.70 -13.58
CA LEU A 917 4.10 14.60 -14.36
C LEU A 917 4.82 14.47 -15.69
N VAL A 918 5.09 15.59 -16.36
CA VAL A 918 5.82 15.56 -17.63
C VAL A 918 7.26 15.14 -17.40
N LEU A 919 7.87 15.62 -16.32
CA LEU A 919 9.24 15.22 -16.01
C LEU A 919 9.32 13.72 -15.77
N ALA A 920 8.36 13.17 -15.01
CA ALA A 920 8.30 11.73 -14.82
C ALA A 920 7.97 11.02 -16.13
N TRP A 921 7.07 11.61 -16.92
CA TRP A 921 6.72 11.05 -18.21
C TRP A 921 7.92 11.01 -19.14
N LYS A 922 8.67 12.11 -19.23
CA LYS A 922 9.84 12.14 -20.09
C LYS A 922 10.94 11.23 -19.57
N THR A 923 11.04 11.06 -18.24
CA THR A 923 12.07 10.21 -17.69
C THR A 923 11.81 8.74 -18.00
N LEU A 924 10.56 8.29 -17.81
CA LEU A 924 10.24 6.90 -18.08
C LEU A 924 10.49 6.55 -19.55
N ALA A 925 10.08 7.45 -20.45
CA ALA A 925 10.34 7.21 -21.87
C ALA A 925 11.83 7.17 -22.16
N LYS A 926 12.62 7.98 -21.46
CA LYS A 926 14.07 7.94 -21.64
C LYS A 926 14.67 6.63 -21.17
N LEU A 927 14.17 6.08 -20.05
CA LEU A 927 14.64 4.77 -19.60
C LEU A 927 14.31 3.69 -20.62
N LYS A 928 13.11 3.73 -21.19
CA LYS A 928 12.70 2.77 -22.20
C LYS A 928 13.42 2.98 -23.52
N GLY A 929 14.08 4.11 -23.72
CA GLY A 929 14.75 4.42 -24.97
C GLY A 929 13.84 4.93 -26.06
N VAL A 930 12.53 5.02 -25.81
CA VAL A 930 11.59 5.50 -26.80
C VAL A 930 11.43 7.01 -26.65
N GLU A 931 10.89 7.65 -27.68
CA GLU A 931 10.59 9.07 -27.61
C GLU A 931 9.36 9.28 -26.72
N PHE A 932 9.40 10.35 -25.92
CA PHE A 932 8.38 10.53 -24.91
C PHE A 932 7.00 10.81 -25.51
N GLU A 933 6.95 11.37 -26.72
CA GLU A 933 5.69 11.65 -27.38
C GLU A 933 5.14 10.45 -28.15
N GLN A 934 5.81 9.30 -28.09
CA GLN A 934 5.30 8.06 -28.63
C GLN A 934 4.98 7.05 -27.52
N LEU A 935 4.96 7.49 -26.27
CA LEU A 935 4.73 6.62 -25.12
C LEU A 935 3.45 7.04 -24.40
N GLY A 936 2.58 6.09 -24.15
CA GLY A 936 1.37 6.34 -23.39
C GLY A 936 1.53 5.93 -21.93
N VAL A 937 1.53 6.90 -21.02
CA VAL A 937 1.79 6.64 -19.61
C VAL A 937 0.51 6.83 -18.82
N GLN A 938 0.56 6.37 -17.57
CA GLN A 938 -0.54 6.57 -16.62
C GLN A 938 0.06 6.73 -15.24
N MET A 939 -0.11 7.91 -14.65
CA MET A 939 0.36 8.20 -13.31
C MET A 939 -0.80 8.05 -12.33
N THR A 940 -0.58 7.29 -11.26
CA THR A 940 -1.60 7.01 -10.27
C THR A 940 -1.14 7.44 -8.89
N ASN A 941 -2.05 8.06 -8.14
CA ASN A 941 -1.79 8.50 -6.77
C ASN A 941 -0.50 9.34 -6.71
N VAL A 942 -0.52 10.43 -7.48
CA VAL A 942 0.61 11.35 -7.53
C VAL A 942 0.49 12.30 -6.34
N GLN A 943 1.44 12.21 -5.41
CA GLN A 943 1.45 13.04 -4.22
C GLN A 943 2.36 14.24 -4.46
N ILE A 944 1.83 15.44 -4.23
CA ILE A 944 2.61 16.67 -4.32
C ILE A 944 2.95 17.09 -2.89
N HIS A 945 4.23 16.97 -2.52
CA HIS A 945 4.67 17.24 -1.16
C HIS A 945 5.11 18.67 -0.93
N GLN A 946 5.71 19.31 -1.94
CA GLN A 946 6.21 20.66 -1.81
C GLN A 946 5.89 21.44 -3.08
N ALA A 947 6.26 22.71 -3.09
CA ALA A 947 6.16 23.55 -4.27
C ALA A 947 7.56 23.92 -4.74
N LEU A 948 7.86 23.62 -6.00
CA LEU A 948 9.15 23.94 -6.58
C LEU A 948 9.10 25.41 -7.02
N PHE A 949 9.78 26.27 -6.27
CA PHE A 949 9.70 27.71 -6.49
C PHE A 949 10.68 28.09 -7.59
N LEU A 950 10.17 28.48 -8.74
CA LEU A 950 11.02 28.93 -9.84
C LEU A 950 11.62 30.28 -9.51
N ASN A 951 12.75 30.57 -10.15
CA ASN A 951 13.45 31.84 -9.94
C ASN A 951 13.90 32.41 -11.28
N PRO A 952 13.51 33.65 -11.62
CA PRO A 952 13.89 34.19 -12.93
C PRO A 952 15.40 34.28 -13.08
N GLY A 953 15.88 34.00 -14.29
CA GLY A 953 17.31 34.04 -14.54
C GLY A 953 18.09 33.07 -13.69
N GLY A 954 17.46 31.97 -13.27
CA GLY A 954 18.11 30.98 -12.46
C GLY A 954 17.93 29.59 -13.03
N LYS A 955 18.77 28.68 -12.57
CA LYS A 955 18.74 27.29 -13.01
C LYS A 955 18.31 26.40 -11.86
N THR A 956 17.25 25.61 -12.10
CA THR A 956 16.72 24.68 -11.11
C THR A 956 17.02 23.26 -11.60
N THR A 957 17.70 22.48 -10.76
CA THR A 957 18.04 21.10 -11.08
C THR A 957 17.20 20.17 -10.22
N VAL A 958 16.43 19.29 -10.84
CA VAL A 958 15.58 18.34 -10.15
C VAL A 958 15.94 16.94 -10.61
N SER A 959 15.90 16.00 -9.67
CA SER A 959 16.23 14.61 -9.92
C SER A 959 14.95 13.78 -9.94
N VAL A 960 14.73 13.06 -11.03
CA VAL A 960 13.61 12.14 -11.18
C VAL A 960 14.16 10.72 -11.10
N SER A 961 13.60 9.92 -10.20
CA SER A 961 14.01 8.54 -10.00
C SER A 961 12.80 7.64 -10.20
N VAL A 962 12.90 6.71 -11.15
CA VAL A 962 11.83 5.79 -11.49
C VAL A 962 12.31 4.37 -11.26
N MET A 963 11.51 3.59 -10.53
CA MET A 963 11.86 2.19 -10.28
C MET A 963 11.59 1.37 -11.54
N PRO A 964 12.57 0.58 -12.03
CA PRO A 964 12.42 -0.05 -13.36
C PRO A 964 11.10 -0.78 -13.59
N ILE A 965 10.76 -1.74 -12.74
CA ILE A 965 9.64 -2.64 -13.04
C ILE A 965 8.32 -2.18 -12.44
N THR A 966 8.32 -1.59 -11.24
CA THR A 966 7.08 -1.23 -10.57
C THR A 966 6.58 0.16 -10.93
N GLY A 967 7.45 1.07 -11.36
CA GLY A 967 7.06 2.37 -11.82
C GLY A 967 7.07 3.46 -10.77
N GLU A 968 7.33 3.12 -9.51
CA GLU A 968 7.44 4.12 -8.46
C GLU A 968 8.42 5.21 -8.86
N PHE A 969 7.93 6.45 -8.97
CA PHE A 969 8.74 7.57 -9.40
C PHE A 969 8.85 8.61 -8.28
N GLN A 970 9.83 9.50 -8.44
CA GLN A 970 10.16 10.48 -7.40
C GLN A 970 10.79 11.69 -8.06
N VAL A 971 10.09 12.82 -8.07
CA VAL A 971 10.68 14.08 -8.50
C VAL A 971 11.13 14.81 -7.23
N ARG A 972 12.43 14.98 -7.08
CA ARG A 972 13.04 15.45 -5.84
C ARG A 972 14.10 16.48 -6.17
N ASP A 973 13.95 17.68 -5.61
CA ASP A 973 14.90 18.77 -5.83
C ASP A 973 15.88 18.74 -4.66
N GLY A 974 17.15 18.46 -4.95
CA GLY A 974 18.11 18.27 -3.88
C GLY A 974 17.75 17.03 -3.08
N GLU A 975 17.56 17.22 -1.77
CA GLU A 975 17.16 16.13 -0.88
C GLU A 975 15.74 16.32 -0.36
N SER A 976 14.91 17.06 -1.10
CA SER A 976 13.53 17.32 -0.71
C SER A 976 12.60 16.79 -1.80
N LEU A 977 11.58 16.05 -1.40
CA LEU A 977 10.63 15.48 -2.34
C LEU A 977 9.62 16.54 -2.77
N ILE A 978 9.41 16.67 -4.09
CA ILE A 978 8.39 17.55 -4.65
C ILE A 978 7.21 16.78 -5.21
N SER A 979 7.42 15.54 -5.65
CA SER A 979 6.34 14.75 -6.22
C SER A 979 6.64 13.27 -6.09
N SER A 980 5.60 12.46 -5.85
CA SER A 980 5.77 11.03 -5.70
C SER A 980 4.54 10.34 -6.26
N GLY A 981 4.71 9.09 -6.70
CA GLY A 981 3.62 8.35 -7.28
C GLY A 981 4.12 7.13 -7.99
N VAL A 982 3.27 6.60 -8.88
CA VAL A 982 3.59 5.43 -9.67
C VAL A 982 3.27 5.75 -11.13
N ILE A 983 4.28 5.61 -12.00
CA ILE A 983 4.12 5.87 -13.43
C ILE A 983 4.21 4.53 -14.16
N THR A 984 3.20 4.24 -14.97
CA THR A 984 3.12 2.98 -15.70
C THR A 984 2.82 3.28 -17.16
N SER A 985 3.62 2.70 -18.05
CA SER A 985 3.41 2.82 -19.49
C SER A 985 2.59 1.63 -19.99
N SER A 986 2.04 1.78 -21.19
CA SER A 986 1.25 0.72 -21.79
C SER A 986 1.17 0.96 -23.30
N GLU A 987 0.78 -0.09 -24.02
CA GLU A 987 0.57 -0.02 -25.45
C GLU A 987 -0.91 -0.04 -25.83
N GLY A 988 -1.79 -0.44 -24.92
CA GLY A 988 -3.21 -0.44 -25.17
C GLY A 988 -3.85 0.89 -24.86
N ARG A 989 -5.18 0.90 -24.88
CA ARG A 989 -5.95 2.10 -24.61
C ARG A 989 -6.05 2.32 -23.11
N LEU A 990 -5.40 3.38 -22.61
CA LEU A 990 -5.47 3.72 -21.19
C LEU A 990 -6.58 4.71 -20.89
N LEU A 991 -6.91 5.59 -21.82
CA LEU A 991 -7.90 6.62 -21.58
C LEU A 991 -9.28 6.00 -21.39
N GLU A 992 -9.98 6.44 -20.34
CA GLU A 992 -11.32 5.93 -20.08
C GLU A 992 -12.36 6.65 -20.93
N THR A 993 -12.43 7.98 -20.79
CA THR A 993 -13.39 8.75 -21.57
C THR A 993 -13.00 8.76 -23.05
N ASP A 994 -14.01 8.97 -23.90
CA ASP A 994 -13.82 9.03 -25.34
C ASP A 994 -13.63 10.45 -25.84
N GLN A 995 -13.06 11.33 -25.02
CA GLN A 995 -12.90 12.72 -25.43
C GLN A 995 -11.83 12.88 -26.50
N HIS A 996 -10.83 12.01 -26.53
CA HIS A 996 -9.79 12.12 -27.54
C HIS A 996 -10.35 11.97 -28.95
N MET A 997 -11.53 11.39 -29.10
CA MET A 997 -12.15 11.23 -30.41
C MET A 997 -12.97 12.43 -30.82
N LYS A 998 -13.38 13.28 -29.86
CA LYS A 998 -14.16 14.46 -30.20
C LYS A 998 -13.33 15.42 -31.04
N LYS A 999 -13.94 15.95 -32.10
CA LYS A 999 -13.23 16.73 -33.11
C LYS A 999 -13.49 18.22 -33.00
N GLY A 1000 -14.75 18.63 -33.09
CA GLY A 1000 -15.11 20.03 -33.09
C GLY A 1000 -15.34 20.58 -31.69
N SER A 1001 -15.87 21.79 -31.64
CA SER A 1001 -16.21 22.46 -30.39
C SER A 1001 -17.72 22.63 -30.34
N VAL A 1002 -18.34 22.10 -29.28
CA VAL A 1002 -19.78 22.16 -29.14
C VAL A 1002 -20.28 23.55 -28.77
N LEU A 1003 -19.37 24.48 -28.47
CA LEU A 1003 -19.74 25.84 -28.09
C LEU A 1003 -19.72 26.75 -29.33
N ASP A 1004 -20.53 26.38 -30.32
CA ASP A 1004 -20.61 27.09 -31.58
C ASP A 1004 -22.03 27.59 -31.78
N GLY A 1005 -22.17 28.87 -32.16
CA GLY A 1005 -23.46 29.47 -32.34
C GLY A 1005 -24.11 29.98 -31.07
N LYS A 1006 -23.47 29.79 -29.91
CA LYS A 1006 -24.06 30.23 -28.66
C LYS A 1006 -23.96 31.75 -28.52
N PRO A 1007 -24.88 32.37 -27.80
CA PRO A 1007 -24.76 33.81 -27.54
C PRO A 1007 -23.54 34.13 -26.68
N ASP A 1008 -23.12 35.39 -26.74
CA ASP A 1008 -21.99 35.83 -25.94
C ASP A 1008 -22.30 35.89 -24.46
N LYS A 1009 -23.58 35.81 -24.07
CA LYS A 1009 -23.97 35.78 -22.66
C LYS A 1009 -24.12 34.37 -22.13
N GLU A 1010 -23.87 33.35 -22.96
CA GLU A 1010 -23.89 31.96 -22.53
C GLU A 1010 -22.52 31.32 -22.69
N LEU A 1011 -21.46 32.12 -22.74
CA LEU A 1011 -20.11 31.62 -22.95
C LEU A 1011 -19.14 32.36 -22.04
N LEU A 1012 -18.07 31.66 -21.66
CA LEU A 1012 -16.97 32.25 -20.91
C LEU A 1012 -15.76 32.33 -21.81
N PHE A 1013 -15.17 33.51 -21.92
CA PHE A 1013 -13.98 33.73 -22.72
C PHE A 1013 -12.75 33.83 -21.83
N THR A 1014 -11.57 33.82 -22.45
CA THR A 1014 -10.34 33.72 -21.68
C THR A 1014 -10.21 34.88 -20.70
N LYS A 1015 -10.73 36.05 -21.03
CA LYS A 1015 -10.71 37.16 -20.09
C LYS A 1015 -11.59 36.86 -18.88
N GLU A 1016 -12.75 36.26 -19.10
CA GLU A 1016 -13.66 35.94 -18.01
C GLU A 1016 -13.21 34.70 -17.25
N ILE A 1017 -12.65 33.71 -17.94
CA ILE A 1017 -12.19 32.51 -17.26
C ILE A 1017 -11.06 32.83 -16.29
N TYR A 1018 -10.11 33.67 -16.70
CA TYR A 1018 -8.91 33.94 -15.91
C TYR A 1018 -9.04 35.16 -15.03
N ARG A 1019 -10.20 35.83 -15.06
CA ARG A 1019 -10.58 36.76 -14.01
C ARG A 1019 -11.04 36.02 -12.76
N GLU A 1020 -11.71 34.88 -12.93
CA GLU A 1020 -12.11 34.05 -11.81
C GLU A 1020 -10.92 33.39 -11.11
N PHE A 1021 -9.94 32.91 -11.88
CA PHE A 1021 -8.73 32.35 -11.29
C PHE A 1021 -7.90 33.41 -10.59
N LEU A 1022 -7.79 34.60 -11.17
CA LEU A 1022 -7.01 35.66 -10.54
C LEU A 1022 -7.59 36.05 -9.19
N LEU A 1023 -8.92 36.10 -9.08
CA LEU A 1023 -9.56 36.41 -7.82
C LEU A 1023 -9.23 35.38 -6.75
N ARG A 1024 -8.80 34.19 -7.14
CA ARG A 1024 -8.43 33.14 -6.19
C ARG A 1024 -6.92 33.01 -6.01
N GLY A 1025 -6.12 33.87 -6.65
CA GLY A 1025 -4.68 33.87 -6.47
C GLY A 1025 -3.90 33.21 -7.58
N TYR A 1026 -4.56 32.52 -8.52
CA TYR A 1026 -3.87 31.86 -9.62
C TYR A 1026 -3.64 32.88 -10.72
N GLU A 1027 -2.41 33.36 -10.83
CA GLU A 1027 -2.02 34.34 -11.84
C GLU A 1027 -1.34 33.61 -12.98
N TYR A 1028 -2.05 33.46 -14.10
CA TYR A 1028 -1.55 32.77 -15.27
C TYR A 1028 -1.22 33.80 -16.35
N GLY A 1029 -0.01 33.73 -16.89
CA GLY A 1029 0.37 34.56 -18.00
C GLY A 1029 -0.17 34.01 -19.31
N ALA A 1030 0.13 34.74 -20.39
CA ALA A 1030 -0.42 34.38 -21.69
C ALA A 1030 -0.07 32.96 -22.10
N ALA A 1031 1.04 32.42 -21.60
CA ALA A 1031 1.43 31.06 -21.97
C ALA A 1031 0.49 30.03 -21.35
N PHE A 1032 0.07 30.26 -20.10
CA PHE A 1032 -0.74 29.31 -19.36
C PHE A 1032 -2.24 29.57 -19.49
N GLN A 1033 -2.64 30.48 -20.37
CA GLN A 1033 -4.06 30.77 -20.58
C GLN A 1033 -4.59 29.92 -21.75
N GLY A 1034 -4.72 28.63 -21.48
CA GLY A 1034 -5.07 27.67 -22.51
C GLY A 1034 -6.55 27.53 -22.79
N ILE A 1035 -7.40 27.71 -21.78
CA ILE A 1035 -8.84 27.59 -21.98
C ILE A 1035 -9.31 28.85 -22.69
N GLN A 1036 -9.60 28.73 -23.98
CA GLN A 1036 -9.97 29.88 -24.80
C GLN A 1036 -11.46 30.16 -24.82
N ARG A 1037 -12.28 29.21 -24.34
CA ARG A 1037 -13.72 29.41 -24.31
C ARG A 1037 -14.34 28.24 -23.55
N ALA A 1038 -15.46 28.51 -22.87
CA ALA A 1038 -16.12 27.50 -22.07
C ALA A 1038 -17.58 27.87 -21.89
N SER A 1039 -18.37 26.90 -21.44
CA SER A 1039 -19.77 27.11 -21.14
C SER A 1039 -19.92 27.65 -19.72
N LEU A 1040 -21.13 28.14 -19.41
CA LEU A 1040 -21.38 28.71 -18.10
C LEU A 1040 -21.13 27.68 -17.00
N ASP A 1041 -21.45 26.41 -17.27
CA ASP A 1041 -21.16 25.35 -16.31
C ASP A 1041 -19.68 24.98 -16.29
N ALA A 1042 -18.91 25.40 -17.29
CA ALA A 1042 -17.51 25.03 -17.44
C ALA A 1042 -17.33 23.56 -17.78
N THR A 1043 -18.41 22.88 -18.16
CA THR A 1043 -18.31 21.48 -18.55
C THR A 1043 -17.66 21.32 -19.91
N ASP A 1044 -18.03 22.16 -20.87
CA ASP A 1044 -17.44 22.16 -22.20
C ASP A 1044 -16.48 23.33 -22.33
N THR A 1045 -15.32 23.07 -22.93
CA THR A 1045 -14.28 24.09 -23.06
C THR A 1045 -13.54 23.89 -24.38
N ASP A 1046 -12.83 24.94 -24.78
CA ASP A 1046 -11.93 24.90 -25.93
C ASP A 1046 -10.51 25.12 -25.40
N ILE A 1047 -9.69 24.07 -25.47
CA ILE A 1047 -8.36 24.07 -24.87
C ILE A 1047 -7.34 24.21 -25.99
N ARG A 1048 -6.40 25.14 -25.82
CA ARG A 1048 -5.40 25.44 -26.84
C ARG A 1048 -4.27 24.42 -26.79
N TRP A 1049 -3.82 24.01 -27.98
CA TRP A 1049 -2.69 23.09 -28.12
C TRP A 1049 -1.53 23.83 -28.79
N ASP A 1050 -0.46 24.07 -28.04
CA ASP A 1050 0.69 24.81 -28.53
C ASP A 1050 1.98 24.00 -28.52
N GLY A 1051 1.92 22.70 -28.26
CA GLY A 1051 3.10 21.86 -28.26
C GLY A 1051 3.88 21.83 -26.97
N ARG A 1052 3.49 22.63 -25.98
CA ARG A 1052 4.15 22.64 -24.68
C ARG A 1052 3.29 21.85 -23.70
N TRP A 1053 3.86 20.77 -23.16
CA TRP A 1053 3.07 19.80 -22.41
C TRP A 1053 2.85 20.21 -20.97
N ILE A 1054 3.77 20.99 -20.38
CA ILE A 1054 3.53 21.49 -19.04
C ILE A 1054 2.37 22.49 -19.04
N SER A 1055 2.28 23.30 -20.09
CA SER A 1055 1.16 24.22 -20.23
C SER A 1055 -0.14 23.45 -20.46
N TYR A 1056 -0.12 22.47 -21.36
CA TYR A 1056 -1.35 21.77 -21.71
C TYR A 1056 -1.91 21.01 -20.53
N LEU A 1057 -1.05 20.32 -19.77
CA LEU A 1057 -1.53 19.58 -18.61
C LEU A 1057 -2.09 20.52 -17.55
N ASP A 1058 -1.48 21.71 -17.40
CA ASP A 1058 -2.00 22.67 -16.43
C ASP A 1058 -3.38 23.19 -16.85
N THR A 1059 -3.57 23.46 -18.14
CA THR A 1059 -4.85 23.94 -18.63
C THR A 1059 -5.94 22.87 -18.59
N VAL A 1060 -5.56 21.59 -18.54
CA VAL A 1060 -6.55 20.53 -18.32
C VAL A 1060 -6.85 20.35 -16.83
N LEU A 1061 -5.94 20.78 -15.96
CA LEU A 1061 -6.24 20.86 -14.53
C LEU A 1061 -7.00 22.13 -14.18
N GLN A 1062 -6.89 23.16 -15.01
CA GLN A 1062 -7.69 24.36 -14.80
C GLN A 1062 -9.18 24.07 -14.99
N MET A 1063 -9.50 23.06 -15.81
CA MET A 1063 -10.91 22.70 -16.00
C MET A 1063 -11.49 22.11 -14.72
N TYR A 1064 -10.71 21.31 -13.99
CA TYR A 1064 -11.15 20.86 -12.68
C TYR A 1064 -11.31 22.04 -11.73
N LEU A 1065 -10.34 22.95 -11.73
CA LEU A 1065 -10.43 24.13 -10.87
C LEU A 1065 -11.61 25.01 -11.27
N LEU A 1066 -11.86 25.16 -12.57
CA LEU A 1066 -13.00 25.92 -13.04
C LEU A 1066 -14.32 25.23 -12.72
N SER A 1067 -14.27 23.96 -12.30
CA SER A 1067 -15.48 23.22 -11.94
C SER A 1067 -15.81 23.30 -10.46
N LYS A 1068 -15.01 24.01 -9.66
CA LYS A 1068 -15.23 24.15 -8.22
C LYS A 1068 -15.22 25.63 -7.89
N PRO A 1069 -16.29 26.36 -8.22
CA PRO A 1069 -16.32 27.80 -7.92
C PRO A 1069 -16.21 28.06 -6.42
N GLY A 1070 -15.57 29.16 -6.08
CA GLY A 1070 -15.39 29.52 -4.68
C GLY A 1070 -14.56 30.78 -4.56
N THR A 1071 -14.01 30.98 -3.35
CA THR A 1071 -13.16 32.13 -3.07
C THR A 1071 -11.78 31.77 -2.57
N HIS A 1072 -11.58 30.59 -1.98
CA HIS A 1072 -10.31 30.23 -1.39
C HIS A 1072 -9.34 29.74 -2.46
N GLN A 1073 -8.07 29.64 -2.07
CA GLN A 1073 -7.01 29.11 -2.92
C GLN A 1073 -6.77 27.66 -2.57
N ALA A 1074 -6.97 26.78 -3.55
CA ALA A 1074 -6.82 25.34 -3.36
C ALA A 1074 -5.49 24.89 -3.98
N LEU A 1075 -4.65 24.26 -3.17
CA LEU A 1075 -3.38 23.73 -3.64
C LEU A 1075 -3.51 22.24 -3.88
N PRO A 1076 -3.34 21.75 -5.11
CA PRO A 1076 -3.46 20.31 -5.35
C PRO A 1076 -2.49 19.53 -4.47
N THR A 1077 -2.97 18.40 -3.95
CA THR A 1077 -2.17 17.54 -3.08
C THR A 1077 -2.17 16.08 -3.49
N LEU A 1078 -3.08 15.65 -4.35
CA LEU A 1078 -3.13 14.25 -4.78
C LEU A 1078 -3.90 14.17 -6.08
N LEU A 1079 -3.28 13.62 -7.11
CA LEU A 1079 -3.93 13.32 -8.39
C LEU A 1079 -4.05 11.81 -8.49
N GLU A 1080 -5.27 11.30 -8.33
CA GLU A 1080 -5.47 9.86 -8.25
C GLU A 1080 -5.05 9.17 -9.54
N SER A 1081 -5.36 9.77 -10.69
CA SER A 1081 -4.96 9.22 -11.98
C SER A 1081 -4.69 10.35 -12.96
N VAL A 1082 -3.67 10.16 -13.79
CA VAL A 1082 -3.35 11.08 -14.88
C VAL A 1082 -2.92 10.24 -16.07
N THR A 1083 -3.73 10.20 -17.11
CA THR A 1083 -3.44 9.41 -18.30
C THR A 1083 -3.05 10.35 -19.44
N ILE A 1084 -1.87 10.12 -20.00
CA ILE A 1084 -1.38 10.89 -21.15
C ILE A 1084 -1.12 9.90 -22.27
N ASP A 1085 -1.78 10.13 -23.41
CA ASP A 1085 -1.68 9.25 -24.58
C ASP A 1085 -1.40 10.12 -25.80
N PRO A 1086 -0.12 10.45 -26.05
CA PRO A 1086 0.19 11.31 -27.19
C PRO A 1086 -0.16 10.69 -28.53
N ARG A 1087 -0.34 9.37 -28.59
CA ARG A 1087 -0.66 8.72 -29.85
C ARG A 1087 -2.02 9.20 -30.38
N VAL A 1088 -2.99 9.38 -29.49
CA VAL A 1088 -4.28 9.95 -29.88
C VAL A 1088 -4.28 11.47 -29.80
N HIS A 1089 -3.17 12.08 -29.36
CA HIS A 1089 -3.06 13.54 -29.26
C HIS A 1089 -2.56 14.12 -30.59
N PRO A 1090 -3.01 15.31 -30.98
CA PRO A 1090 -2.48 15.92 -32.19
C PRO A 1090 -0.99 16.20 -32.07
N ALA A 1091 -0.31 16.14 -33.21
CA ALA A 1091 1.13 16.34 -33.25
C ALA A 1091 1.47 17.81 -32.97
N GLN A 1092 2.73 18.04 -32.63
CA GLN A 1092 3.16 19.38 -32.28
C GLN A 1092 2.91 20.34 -33.45
N PRO A 1093 2.49 21.57 -33.20
CA PRO A 1093 2.20 22.48 -34.31
C PRO A 1093 3.44 22.72 -35.14
N PRO A 1094 3.28 22.96 -36.44
CA PRO A 1094 4.44 23.29 -37.28
C PRO A 1094 5.28 24.39 -36.65
N GLU A 1095 6.56 24.42 -37.03
CA GLU A 1095 7.48 25.39 -36.46
C GLU A 1095 7.04 26.80 -36.81
N GLY A 1096 7.18 27.71 -35.84
CA GLY A 1096 6.84 29.10 -36.07
C GLY A 1096 5.36 29.38 -36.18
N THR A 1097 4.52 28.49 -35.66
CA THR A 1097 3.08 28.69 -35.72
C THR A 1097 2.65 29.86 -34.84
N THR A 1098 1.74 30.68 -35.36
CA THR A 1098 1.18 31.80 -34.62
C THR A 1098 -0.23 31.53 -34.12
N GLU A 1099 -1.07 30.88 -34.90
CA GLU A 1099 -2.43 30.51 -34.50
C GLU A 1099 -2.39 29.02 -34.20
N PHE A 1100 -2.77 28.67 -32.96
CA PHE A 1100 -2.82 27.27 -32.56
C PHE A 1100 -4.27 26.77 -32.56
N GLN A 1101 -4.40 25.45 -32.64
CA GLN A 1101 -5.70 24.80 -32.67
C GLN A 1101 -6.26 24.65 -31.26
N VAL A 1102 -7.59 24.60 -31.17
CA VAL A 1102 -8.28 24.43 -29.90
C VAL A 1102 -8.87 23.03 -29.87
N LEU A 1103 -8.51 22.26 -28.83
CA LEU A 1103 -9.01 20.90 -28.67
C LEU A 1103 -10.21 20.90 -27.72
N PRO A 1104 -11.33 20.28 -28.07
CA PRO A 1104 -12.46 20.25 -27.15
C PRO A 1104 -12.10 19.57 -25.85
N GLY A 1105 -12.59 20.12 -24.74
CA GLY A 1105 -12.39 19.52 -23.44
C GLY A 1105 -13.72 19.34 -22.75
N LYS A 1106 -13.76 18.40 -21.81
CA LYS A 1106 -14.98 18.10 -21.09
C LYS A 1106 -14.67 17.80 -19.64
N TRP A 1107 -15.58 18.17 -18.76
CA TRP A 1107 -15.50 17.88 -17.34
C TRP A 1107 -16.63 16.91 -16.98
N ASP A 1108 -16.26 15.80 -16.35
CA ASP A 1108 -17.23 14.77 -15.98
C ASP A 1108 -17.46 14.81 -14.47
N PRO A 1109 -18.60 15.31 -13.99
CA PRO A 1109 -18.82 15.36 -12.53
C PRO A 1109 -19.09 13.99 -11.94
N VAL A 1110 -19.65 13.09 -12.75
CA VAL A 1110 -19.97 11.75 -12.27
C VAL A 1110 -18.69 11.02 -11.88
N LEU A 1111 -17.70 11.02 -12.78
CA LEU A 1111 -16.43 10.34 -12.54
C LEU A 1111 -15.33 11.30 -12.10
N GLN A 1112 -15.54 12.61 -12.17
CA GLN A 1112 -14.55 13.61 -11.77
C GLN A 1112 -13.30 13.51 -12.65
N ILE A 1113 -13.52 13.55 -13.96
CA ILE A 1113 -12.44 13.44 -14.95
C ILE A 1113 -12.43 14.72 -15.77
N ALA A 1114 -11.27 15.36 -15.86
CA ALA A 1114 -11.04 16.49 -16.74
C ALA A 1114 -10.27 15.98 -17.96
N ALA A 1115 -10.97 15.86 -19.09
CA ALA A 1115 -10.43 15.23 -20.28
C ALA A 1115 -10.41 16.22 -21.42
N ALA A 1116 -9.25 16.35 -22.07
CA ALA A 1116 -9.10 17.17 -23.26
C ALA A 1116 -7.98 16.58 -24.11
N GLY A 1117 -8.29 16.26 -25.36
CA GLY A 1117 -7.29 15.62 -26.21
C GLY A 1117 -6.93 14.25 -25.68
N GLY A 1118 -5.64 13.97 -25.59
CA GLY A 1118 -5.16 12.68 -25.15
C GLY A 1118 -4.78 12.65 -23.68
N VAL A 1119 -5.27 13.63 -22.91
CA VAL A 1119 -4.96 13.73 -21.50
C VAL A 1119 -6.23 13.51 -20.69
N GLU A 1120 -6.07 12.98 -19.48
CA GLU A 1120 -7.19 12.77 -18.57
C GLU A 1120 -6.67 12.88 -17.14
N ILE A 1121 -7.24 13.80 -16.36
CA ILE A 1121 -6.92 13.95 -14.95
C ILE A 1121 -8.16 13.55 -14.15
N ARG A 1122 -7.96 12.63 -13.19
CA ARG A 1122 -9.06 12.04 -12.44
C ARG A 1122 -8.88 12.31 -10.96
N SER A 1123 -9.95 12.76 -10.31
CA SER A 1123 -10.04 12.86 -8.85
C SER A 1123 -8.81 13.56 -8.27
N CYS A 1124 -8.68 14.83 -8.63
CA CYS A 1124 -7.65 15.69 -8.06
C CYS A 1124 -8.13 16.22 -6.72
N HIS A 1125 -7.29 16.07 -5.69
CA HIS A 1125 -7.61 16.51 -4.34
C HIS A 1125 -6.72 17.70 -3.99
N SER A 1126 -7.34 18.72 -3.39
CA SER A 1126 -6.66 19.97 -3.09
C SER A 1126 -6.79 20.28 -1.61
N ILE A 1127 -5.85 21.10 -1.12
CA ILE A 1127 -5.80 21.52 0.27
C ILE A 1127 -5.89 23.04 0.32
N ARG A 1128 -6.74 23.56 1.19
CA ARG A 1128 -6.88 25.01 1.33
C ARG A 1128 -5.55 25.64 1.68
N ALA A 1129 -5.22 26.71 0.98
CA ALA A 1129 -3.98 27.44 1.19
C ALA A 1129 -4.29 28.86 1.66
N SER A 1130 -3.58 29.29 2.70
CA SER A 1130 -3.72 30.66 3.18
C SER A 1130 -3.20 31.61 2.13
N ARG A 1131 -4.03 32.58 1.73
CA ARG A 1131 -3.66 33.51 0.68
C ARG A 1131 -2.71 34.55 1.23
N ARG A 1132 -1.49 34.58 0.69
CA ARG A 1132 -0.46 35.51 1.12
C ARG A 1132 -0.62 36.83 0.38
N LEU A 1133 -0.20 37.91 1.02
CA LEU A 1133 -0.37 39.26 0.48
C LEU A 1133 0.84 39.59 -0.39
N ASN A 1134 0.59 39.88 -1.66
CA ASN A 1134 1.67 40.24 -2.58
C ASN A 1134 2.37 41.51 -2.12
N HIS A 1135 1.61 42.47 -1.61
CA HIS A 1135 2.11 43.77 -1.22
C HIS A 1135 2.18 43.87 0.31
N ASP A 1136 2.54 45.05 0.80
CA ASP A 1136 2.52 45.32 2.23
C ASP A 1136 1.13 45.70 2.68
N PRO A 1137 0.85 45.65 3.98
CA PRO A 1137 -0.53 45.84 4.44
C PRO A 1137 -1.06 47.19 4.02
N PRO A 1138 -2.36 47.29 3.75
CA PRO A 1138 -2.94 48.58 3.36
C PRO A 1138 -2.89 49.59 4.49
N ILE A 1139 -2.92 50.86 4.12
CA ILE A 1139 -2.91 51.97 5.08
C ILE A 1139 -4.34 52.46 5.19
N LEU A 1140 -4.98 52.16 6.32
CA LEU A 1140 -6.34 52.61 6.58
C LEU A 1140 -6.32 53.93 7.32
N GLU A 1141 -7.15 54.87 6.88
CA GLU A 1141 -7.24 56.19 7.47
C GLU A 1141 -8.69 56.55 7.67
N ASP A 1142 -8.92 57.54 8.54
CA ASP A 1142 -10.25 58.05 8.84
C ASP A 1142 -10.36 59.46 8.29
N PHE A 1143 -11.05 59.61 7.16
CA PHE A 1143 -11.21 60.91 6.51
C PHE A 1143 -12.16 61.74 7.36
N ALA A 1144 -11.60 62.57 8.24
CA ALA A 1144 -12.38 63.33 9.20
C ALA A 1144 -11.97 64.79 9.17
N PHE A 1145 -12.80 65.62 9.79
CA PHE A 1145 -12.54 67.04 9.88
C PHE A 1145 -11.74 67.38 11.12
N ALA A 1146 -10.81 68.33 10.99
CA ALA A 1146 -9.91 68.70 12.07
C ALA A 1146 -9.80 70.22 12.16
N PRO A 1147 -10.12 70.82 13.31
CA PRO A 1147 -10.00 72.28 13.42
C PRO A 1147 -8.55 72.75 13.37
N TYR A 1148 -8.38 74.03 13.05
CA TYR A 1148 -7.05 74.61 12.93
C TYR A 1148 -6.54 75.09 14.29
N VAL A 1149 -7.28 76.00 14.92
CA VAL A 1149 -6.80 76.72 16.11
C VAL A 1149 -7.66 76.33 17.32
N ASP A 1150 -7.01 76.13 18.45
CA ASP A 1150 -7.67 75.91 19.73
C ASP A 1150 -8.72 74.80 19.64
N PRO A 1151 -8.35 73.60 19.20
CA PRO A 1151 -9.32 72.51 19.11
C PRO A 1151 -9.92 72.16 20.46
N ARG A 1152 -11.21 71.83 20.46
CA ARG A 1152 -11.88 71.37 21.66
C ARG A 1152 -11.49 69.92 21.95
N PRO A 1153 -11.74 69.45 23.18
CA PRO A 1153 -11.34 68.07 23.53
C PRO A 1153 -11.96 67.01 22.63
N SER A 1154 -13.10 67.29 22.01
CA SER A 1154 -13.77 66.33 21.15
C SER A 1154 -13.27 66.34 19.71
N ASP A 1155 -12.38 67.27 19.37
CA ASP A 1155 -11.86 67.37 18.02
C ASP A 1155 -10.63 66.48 17.85
N ARG A 1156 -10.34 66.15 16.59
CA ARG A 1156 -9.23 65.24 16.27
C ARG A 1156 -7.89 65.95 16.19
N SER A 1157 -7.86 67.28 16.11
CA SER A 1157 -6.62 68.03 16.16
C SER A 1157 -6.24 68.44 17.57
N ALA A 1158 -7.03 68.05 18.57
CA ALA A 1158 -6.76 68.36 19.96
C ALA A 1158 -5.65 67.47 20.50
N ALA A 1159 -4.98 67.95 21.53
CA ALA A 1159 -3.94 67.18 22.20
C ALA A 1159 -4.57 65.97 22.89
N ALA A 1160 -3.89 64.83 22.80
CA ALA A 1160 -4.40 63.57 23.35
C ALA A 1160 -4.07 63.44 24.83
N VAL A 1161 -4.53 64.39 25.63
CA VAL A 1161 -4.29 64.39 27.07
C VAL A 1161 -5.41 63.59 27.73
N THR A 1162 -5.08 62.40 28.23
CA THR A 1162 -6.02 61.58 28.97
C THR A 1162 -6.05 62.02 30.42
N PRO A 1163 -7.07 61.60 31.18
CA PRO A 1163 -7.05 61.90 32.62
C PRO A 1163 -5.83 61.35 33.33
N ALA A 1164 -5.32 60.20 32.88
CA ALA A 1164 -4.10 59.66 33.46
C ALA A 1164 -2.91 60.58 33.22
N LEU A 1165 -2.78 61.11 32.00
CA LEU A 1165 -1.65 62.00 31.70
C LEU A 1165 -1.70 63.26 32.55
N ARG A 1166 -2.89 63.84 32.73
CA ARG A 1166 -3.01 65.02 33.56
C ARG A 1166 -2.61 64.76 35.00
N ASP A 1167 -2.61 63.51 35.44
CA ASP A 1167 -2.12 63.17 36.77
C ASP A 1167 -0.60 63.07 36.77
N TYR A 1168 -0.04 62.38 35.79
CA TYR A 1168 1.41 62.25 35.66
C TYR A 1168 2.05 63.62 35.52
N ALA A 1169 1.37 64.53 34.83
CA ALA A 1169 1.86 65.90 34.73
C ALA A 1169 1.88 66.57 36.10
N ASP A 1170 0.83 66.39 36.89
CA ASP A 1170 0.79 66.98 38.23
C ASP A 1170 1.82 66.32 39.14
N ALA A 1171 1.95 64.99 39.07
CA ALA A 1171 2.93 64.31 39.89
C ALA A 1171 4.35 64.78 39.56
N CYS A 1172 4.65 64.93 38.27
CA CYS A 1172 5.96 65.45 37.88
C CYS A 1172 6.14 66.89 38.37
N PHE A 1173 5.08 67.69 38.30
CA PHE A 1173 5.18 69.08 38.75
C PHE A 1173 5.50 69.15 40.23
N GLU A 1174 4.81 68.35 41.05
CA GLU A 1174 5.10 68.34 42.49
C GLU A 1174 6.51 67.83 42.75
N PHE A 1175 6.90 66.75 42.06
CA PHE A 1175 8.24 66.21 42.24
C PHE A 1175 9.30 67.22 41.82
N SER A 1176 9.07 67.92 40.70
CA SER A 1176 10.02 68.95 40.28
C SER A 1176 10.07 70.09 41.29
N ARG A 1177 8.91 70.61 41.69
CA ARG A 1177 8.88 71.75 42.61
C ARG A 1177 9.66 71.46 43.88
N GLN A 1178 9.34 70.35 44.54
CA GLN A 1178 9.97 70.06 45.82
C GLN A 1178 11.43 69.64 45.63
N GLY A 1179 11.76 69.03 44.49
CA GLY A 1179 13.15 68.71 44.22
C GLY A 1179 14.02 69.94 44.18
N MET A 1180 13.52 71.02 43.58
CA MET A 1180 14.26 72.28 43.60
C MET A 1180 14.44 72.78 45.03
N LYS A 1181 13.40 72.69 45.84
CA LYS A 1181 13.53 73.08 47.25
C LYS A 1181 14.63 72.26 47.92
N ARG A 1182 14.66 70.95 47.66
CA ARG A 1182 15.75 70.12 48.18
C ARG A 1182 17.09 70.58 47.63
N TRP A 1183 17.11 70.97 46.36
CA TRP A 1183 18.35 71.41 45.67
C TRP A 1183 18.87 72.69 46.32
N LEU A 1184 18.01 73.64 46.67
CA LEU A 1184 18.44 74.92 47.24
C LEU A 1184 18.99 74.74 48.65
N GLU A 1185 18.26 74.04 49.51
CA GLU A 1185 18.69 73.88 50.89
C GLU A 1185 19.95 73.04 50.99
N ASN A 1186 20.05 71.95 50.23
CA ASN A 1186 21.26 71.14 50.28
C ASN A 1186 22.44 71.78 49.57
N ASP A 1187 22.21 72.75 48.68
CA ASP A 1187 23.32 73.40 47.97
C ASP A 1187 24.03 74.33 48.94
N LYS A 1188 24.75 73.71 49.89
CA LYS A 1188 25.57 74.45 50.83
C LYS A 1188 26.97 74.73 50.29
N ASN A 1189 27.36 74.08 49.20
CA ASN A 1189 28.65 74.33 48.56
C ASN A 1189 28.55 75.37 47.44
N ASN A 1190 27.36 75.88 47.15
CA ASN A 1190 27.16 76.85 46.08
C ASN A 1190 27.71 76.34 44.75
N VAL A 1191 27.45 75.08 44.44
CA VAL A 1191 27.92 74.44 43.21
C VAL A 1191 26.73 74.26 42.28
N LEU A 1192 25.68 75.08 42.45
CA LEU A 1192 24.44 74.96 41.63
C LEU A 1192 24.21 76.27 40.87
N PRO A 1193 25.03 76.61 39.84
CA PRO A 1193 24.77 77.80 39.01
C PRO A 1193 23.32 77.92 38.60
N ASN A 1194 22.92 79.10 38.13
CA ASN A 1194 21.51 79.41 37.88
C ASN A 1194 20.68 79.27 39.16
N LYS A 1195 21.33 79.45 40.32
CA LYS A 1195 20.63 79.32 41.59
C LYS A 1195 19.53 80.37 41.70
N GLU A 1196 19.78 81.59 41.25
CA GLU A 1196 18.73 82.59 41.20
C GLU A 1196 17.61 82.15 40.28
N GLU A 1197 17.96 81.52 39.16
CA GLU A 1197 16.94 81.01 38.25
C GLU A 1197 16.11 79.91 38.91
N ILE A 1198 16.76 79.02 39.68
CA ILE A 1198 16.09 77.89 40.39
C ILE A 1198 15.23 78.46 41.54
N LYS A 1199 15.59 79.60 42.12
CA LYS A 1199 14.74 80.28 43.09
C LYS A 1199 13.53 80.90 42.41
N GLU A 1200 13.74 81.56 41.26
CA GLU A 1200 12.62 82.10 40.52
C GLU A 1200 11.66 81.00 40.08
N ALA A 1201 12.20 79.88 39.60
CA ALA A 1201 11.35 78.78 39.18
C ALA A 1201 10.57 78.19 40.34
N LEU A 1202 11.22 78.04 41.50
CA LEU A 1202 10.52 77.56 42.68
C LEU A 1202 9.45 78.54 43.11
N ALA A 1203 9.72 79.85 42.96
CA ALA A 1203 8.76 80.86 43.39
C ALA A 1203 7.47 80.79 42.57
N MET A 1204 7.58 80.70 41.24
CA MET A 1204 6.38 80.69 40.42
C MET A 1204 5.55 79.43 40.65
N ALA A 1205 6.21 78.29 40.81
CA ALA A 1205 5.50 77.06 41.13
C ALA A 1205 4.70 77.24 42.43
N ASN A 1206 5.28 77.92 43.41
CA ASN A 1206 4.55 78.23 44.63
C ASN A 1206 3.37 79.15 44.34
N LYS A 1207 3.56 80.11 43.44
CA LYS A 1207 2.47 81.02 43.09
C LYS A 1207 1.28 80.26 42.51
N HIS A 1208 1.54 79.32 41.62
CA HIS A 1208 0.49 78.51 40.99
C HIS A 1208 0.38 77.13 41.61
N ALA A 1209 1.01 76.90 42.74
CA ALA A 1209 0.95 75.59 43.40
C ALA A 1209 -0.49 75.16 43.64
N ASN A 1217 6.60 65.74 51.26
CA ASN A 1217 8.06 65.71 51.27
C ASN A 1217 8.59 64.99 50.04
N PHE A 1218 9.88 65.21 49.74
CA PHE A 1218 10.48 64.62 48.55
C PHE A 1218 10.32 63.11 48.53
N ALA A 1219 10.29 62.47 49.71
CA ALA A 1219 10.02 61.04 49.76
C ALA A 1219 8.63 60.72 49.22
N SER A 1220 7.64 61.53 49.60
CA SER A 1220 6.29 61.32 49.08
C SER A 1220 6.21 61.59 47.59
N ALA A 1221 6.92 62.59 47.10
CA ALA A 1221 6.90 62.91 45.68
C ALA A 1221 7.35 61.71 44.86
N LYS A 1222 8.46 61.09 45.27
CA LYS A 1222 8.90 59.87 44.60
C LYS A 1222 7.90 58.73 44.82
N ALA A 1223 7.25 58.72 45.99
CA ALA A 1223 6.27 57.69 46.31
C ALA A 1223 5.08 57.76 45.35
N THR A 1224 4.54 58.96 45.12
CA THR A 1224 3.40 59.10 44.22
C THR A 1224 3.76 58.63 42.82
N LEU A 1225 4.92 59.08 42.30
CA LEU A 1225 5.32 58.69 40.96
C LEU A 1225 5.57 57.18 40.87
N GLU A 1226 6.31 56.64 41.84
CA GLU A 1226 6.59 55.20 41.81
C GLU A 1226 5.30 54.39 41.85
N ALA A 1227 4.30 54.85 42.61
CA ALA A 1227 2.99 54.19 42.57
C ALA A 1227 2.38 54.27 41.19
N LEU A 1228 2.47 55.43 40.54
CA LEU A 1228 1.95 55.56 39.18
C LEU A 1228 2.71 54.66 38.21
N VAL A 1229 4.03 54.58 38.35
CA VAL A 1229 4.84 53.83 37.39
C VAL A 1229 4.63 52.34 37.58
N ASN A 1230 4.79 51.85 38.81
CA ASN A 1230 4.74 50.42 39.08
C ASN A 1230 3.33 49.83 38.96
N ASN A 1231 2.30 50.67 38.86
CA ASN A 1231 0.94 50.17 38.73
C ASN A 1231 0.70 49.67 37.31
N LYS A 1232 -0.05 48.58 37.20
CA LYS A 1232 -0.35 47.94 35.91
C LYS A 1232 -1.86 47.79 35.78
N ASN A 1233 -2.60 48.85 36.11
CA ASN A 1233 -4.06 48.84 36.10
C ASN A 1233 -4.64 49.05 34.70
N GLY A 1234 -3.88 48.74 33.65
CA GLY A 1234 -4.37 48.95 32.31
C GLY A 1234 -4.17 50.39 31.87
N HIS A 1235 -4.67 51.32 32.67
CA HIS A 1235 -4.36 52.73 32.45
C HIS A 1235 -2.90 52.97 32.78
N ARG A 1236 -2.05 52.98 31.76
CA ARG A 1236 -0.59 52.96 31.95
C ARG A 1236 0.03 53.76 30.82
N LEU A 1237 0.65 54.88 31.16
CA LEU A 1237 1.33 55.68 30.16
C LEU A 1237 2.42 54.85 29.50
N PRO A 1238 2.70 55.03 28.21
CA PRO A 1238 3.65 54.14 27.53
C PRO A 1238 5.01 54.09 28.22
N ASN A 1239 5.48 55.22 28.73
CA ASN A 1239 6.72 55.26 29.50
C ASN A 1239 6.71 56.52 30.35
N HIS A 1240 7.55 56.52 31.38
CA HIS A 1240 7.67 57.65 32.30
C HIS A 1240 9.10 58.18 32.17
N GLY A 1241 9.29 59.15 31.28
CA GLY A 1241 10.60 59.68 31.02
C GLY A 1241 10.94 60.90 31.85
N LEU A 1242 9.95 61.76 32.06
CA LEU A 1242 10.20 62.96 32.87
C LEU A 1242 10.54 62.59 34.31
N PHE A 1243 9.84 61.60 34.87
CA PHE A 1243 10.17 61.13 36.22
C PHE A 1243 11.56 60.52 36.24
N GLU A 1244 11.85 59.62 35.28
CA GLU A 1244 13.16 58.97 35.27
C GLU A 1244 14.29 59.98 35.17
N MET A 1245 14.18 60.93 34.25
CA MET A 1245 15.27 61.87 34.01
C MET A 1245 15.37 62.90 35.13
N LEU A 1246 14.23 63.26 35.72
CA LEU A 1246 14.25 64.14 36.88
C LEU A 1246 14.94 63.47 38.07
N ASP A 1247 14.68 62.19 38.27
CA ASP A 1247 15.28 61.48 39.40
C ASP A 1247 16.80 61.50 39.31
N ILE A 1248 17.34 61.36 38.09
CA ILE A 1248 18.78 61.45 37.91
C ILE A 1248 19.26 62.87 38.21
N ALA A 1249 18.47 63.86 37.86
CA ALA A 1249 18.82 65.28 38.07
C ALA A 1249 18.95 65.59 39.55
N PHE A 1250 18.06 65.08 40.40
CA PHE A 1250 18.05 65.45 41.81
C PHE A 1250 18.86 64.47 42.66
N SER A 1251 18.78 63.17 42.34
CA SER A 1251 19.45 62.17 43.15
C SER A 1251 20.97 62.28 43.05
N GLU A 1252 21.47 62.90 42.00
CA GLU A 1252 22.91 62.99 41.80
C GLU A 1252 23.55 63.79 42.95
N PRO A 1253 24.67 63.33 43.51
CA PRO A 1253 25.26 64.05 44.65
C PRO A 1253 25.72 65.44 44.26
N LEU A 1254 25.70 66.34 45.24
CA LEU A 1254 26.20 67.71 45.06
C LEU A 1254 27.65 67.75 45.52
N GLU A 1255 28.58 67.73 44.57
CA GLU A 1255 30.00 67.71 44.92
C GLU A 1255 30.80 68.24 43.73
N GLY A 1256 32.11 68.04 43.75
CA GLY A 1256 32.95 68.52 42.66
C GLY A 1256 32.62 67.84 41.34
N ASP A 1257 32.79 68.59 40.25
CA ASP A 1257 32.49 68.10 38.90
C ASP A 1257 31.06 67.59 38.81
N TYR A 1258 30.13 68.28 39.48
CA TYR A 1258 28.71 67.86 39.50
C TYR A 1258 28.09 68.23 38.19
N TRP A 1259 28.07 69.52 37.84
CA TRP A 1259 27.35 70.00 36.64
C TRP A 1259 27.90 69.36 35.37
N ASP A 1260 29.21 69.22 35.19
CA ASP A 1260 29.79 68.56 34.03
C ASP A 1260 29.38 67.10 33.97
N ARG A 1261 29.41 66.42 35.11
CA ARG A 1261 28.96 65.03 35.15
C ARG A 1261 27.46 64.92 34.93
N LEU A 1262 26.64 65.77 35.55
CA LEU A 1262 25.18 65.62 35.44
C LEU A 1262 24.79 66.00 34.01
N ARG A 1263 25.40 67.04 33.45
CA ARG A 1263 25.09 67.47 32.06
C ARG A 1263 25.41 66.29 31.12
N MET A 1264 26.46 65.50 31.39
CA MET A 1264 26.73 64.30 30.61
C MET A 1264 25.69 63.22 30.90
N LYS A 1265 25.31 63.07 32.17
CA LYS A 1265 24.32 62.05 32.51
C LYS A 1265 23.00 62.31 31.81
N LEU A 1266 22.51 63.56 31.83
CA LEU A 1266 21.19 63.89 31.24
C LEU A 1266 21.32 63.83 29.72
N HIS A 1267 22.49 64.12 29.14
CA HIS A 1267 22.69 63.96 27.70
C HIS A 1267 22.81 62.50 27.29
N ASP A 1268 22.92 61.59 28.26
CA ASP A 1268 22.89 60.16 27.99
C ASP A 1268 21.48 59.57 28.09
N VAL A 1269 20.55 60.26 28.74
CA VAL A 1269 19.16 59.82 28.83
C VAL A 1269 18.28 60.89 28.18
N ARG A 1270 18.82 61.60 27.20
CA ARG A 1270 18.04 62.60 26.49
C ARG A 1270 16.79 61.99 25.88
N THR A 1271 16.85 60.71 25.51
CA THR A 1271 15.71 60.08 24.84
C THR A 1271 14.47 60.07 25.73
N TYR A 1272 14.64 60.07 27.05
CA TYR A 1272 13.49 60.08 27.94
C TYR A 1272 12.64 61.33 27.72
N LEU A 1273 13.29 62.49 27.61
CA LEU A 1273 12.54 63.72 27.36
C LEU A 1273 11.83 63.68 26.01
N TRP A 1274 12.52 63.17 24.99
CA TRP A 1274 11.94 63.12 23.66
C TRP A 1274 10.70 62.22 23.63
N ASP A 1275 10.85 60.99 24.12
CA ASP A 1275 9.76 60.00 24.12
C ASP A 1275 9.14 59.99 25.52
N ASP A 1276 8.25 60.95 25.76
CA ASP A 1276 7.54 61.06 27.02
C ASP A 1276 6.10 61.41 26.74
N PRO A 1277 5.15 60.85 27.50
CA PRO A 1277 3.73 61.18 27.24
C PRO A 1277 3.44 62.66 27.23
N ILE A 1278 4.06 63.43 28.12
CA ILE A 1278 3.84 64.88 28.13
C ILE A 1278 4.35 65.50 26.83
N ILE A 1279 5.54 65.09 26.40
CA ILE A 1279 6.12 65.67 25.18
C ILE A 1279 5.46 65.09 23.94
N ALA A 1280 4.98 63.85 24.01
CA ALA A 1280 4.37 63.19 22.85
C ALA A 1280 2.89 63.51 22.69
N ALA A 1281 2.30 64.26 23.61
CA ALA A 1281 0.89 64.63 23.47
C ALA A 1281 0.67 65.46 22.22
N LEU A 1282 1.54 66.43 21.96
CA LEU A 1282 1.48 67.23 20.75
C LEU A 1282 2.17 66.58 19.56
N GLU A 1283 2.96 65.52 19.79
CA GLU A 1283 3.60 64.77 18.73
C GLU A 1283 2.80 63.53 18.36
N SER A 1284 1.50 63.53 18.61
CA SER A 1284 0.67 62.40 18.26
C SER A 1284 0.58 62.27 16.75
N PRO A 1285 0.30 61.07 16.23
CA PRO A 1285 0.23 60.90 14.78
C PRO A 1285 -0.79 61.81 14.12
N ASP A 1286 -1.90 62.10 14.80
CA ASP A 1286 -2.96 62.91 14.19
C ASP A 1286 -2.49 64.34 13.95
N ILE A 1287 -1.87 64.96 14.95
CA ILE A 1287 -1.45 66.35 14.81
C ILE A 1287 -0.29 66.47 13.83
N VAL A 1288 0.66 65.54 13.91
CA VAL A 1288 1.82 65.59 13.03
C VAL A 1288 1.38 65.47 11.57
N LYS A 1289 0.44 64.57 11.30
CA LYS A 1289 -0.07 64.43 9.94
C LYS A 1289 -0.89 65.65 9.52
N LEU A 1290 -1.65 66.22 10.46
CA LEU A 1290 -2.44 67.41 10.14
C LEU A 1290 -1.54 68.58 9.76
N VAL A 1291 -0.44 68.78 10.49
CA VAL A 1291 0.45 69.88 10.19
C VAL A 1291 1.21 69.62 8.90
N MET A 1292 1.79 68.44 8.75
CA MET A 1292 2.65 68.17 7.58
C MET A 1292 1.82 68.16 6.31
N GLU A 1293 0.62 67.58 6.30
CA GLU A 1293 -0.19 67.54 5.10
C GLU A 1293 -0.88 68.86 4.82
N THR A 1294 -1.27 69.60 5.87
CA THR A 1294 -1.85 70.91 5.67
C THR A 1294 -0.86 71.86 5.00
N VAL A 1295 0.41 71.78 5.40
CA VAL A 1295 1.51 72.62 4.84
C VAL A 1295 1.71 72.17 3.39
N SER A 1296 1.64 70.89 3.08
CA SER A 1296 1.82 70.32 1.73
C SER A 1296 0.70 70.76 0.80
N ASP A 1297 -0.54 70.80 1.26
CA ASP A 1297 -1.64 71.28 0.42
C ASP A 1297 -1.44 72.74 -0.01
N ASN A 1298 -0.63 73.51 0.72
CA ASN A 1298 -0.45 74.96 0.49
C ASN A 1298 0.89 75.28 -0.19
N VAL A 1299 1.88 74.38 -0.19
CA VAL A 1299 3.19 74.58 -0.88
C VAL A 1299 2.92 74.28 -2.36
N ASN A 1300 3.23 75.20 -3.25
CA ASN A 1300 2.81 75.08 -4.67
C ASN A 1300 3.96 74.52 -5.52
N GLN A 1301 4.85 73.70 -4.94
CA GLN A 1301 6.01 73.11 -5.64
C GLN A 1301 5.74 71.62 -5.77
N GLN A 1302 6.69 70.80 -6.21
CA GLN A 1302 6.51 69.33 -6.24
C GLN A 1302 7.34 68.75 -5.10
N VAL A 1303 8.40 69.42 -4.68
CA VAL A 1303 9.22 68.97 -3.52
C VAL A 1303 8.89 69.95 -2.40
N MET A 1304 8.80 69.47 -1.17
CA MET A 1304 8.43 70.28 0.00
C MET A 1304 9.67 70.34 0.88
N GLU A 1305 10.37 71.47 0.89
CA GLU A 1305 11.62 71.63 1.64
C GLU A 1305 11.28 71.90 3.08
N ILE A 1306 11.79 71.11 4.01
CA ILE A 1306 11.59 71.30 5.46
C ILE A 1306 12.98 71.64 6.01
N LEU A 1307 13.07 72.31 7.15
CA LEU A 1307 14.31 72.68 7.79
C LEU A 1307 14.08 72.74 9.30
N GLU A 1308 14.67 71.81 10.04
CA GLU A 1308 14.53 71.73 11.49
C GLU A 1308 15.79 72.30 12.12
N VAL A 1309 15.73 73.58 12.49
CA VAL A 1309 16.87 74.24 13.10
C VAL A 1309 16.97 73.83 14.57
N GLY A 1310 18.16 73.42 14.98
CA GLY A 1310 18.37 72.94 16.34
C GLY A 1310 17.79 71.55 16.53
N ALA A 1311 18.31 70.59 15.78
CA ALA A 1311 17.79 69.21 15.80
C ALA A 1311 18.46 68.34 16.84
N ALA A 1312 19.43 68.86 17.59
CA ALA A 1312 20.11 68.07 18.61
C ALA A 1312 19.43 68.16 19.96
N ARG A 1313 18.86 69.31 20.30
CA ARG A 1313 18.18 69.49 21.58
C ARG A 1313 16.72 69.06 21.49
N GLY A 1314 15.95 69.70 20.62
CA GLY A 1314 14.59 69.29 20.36
C GLY A 1314 14.42 68.75 18.96
N PRO A 1315 14.30 67.43 18.82
CA PRO A 1315 14.12 66.85 17.49
C PRO A 1315 12.66 66.71 17.09
N TYR A 1316 12.45 66.83 15.77
CA TYR A 1316 11.13 66.63 15.18
C TYR A 1316 11.14 65.66 14.01
N TYR A 1317 12.28 65.45 13.35
CA TYR A 1317 12.34 64.47 12.26
C TYR A 1317 11.93 63.09 12.73
N ARG A 1318 12.31 62.72 13.95
CA ARG A 1318 11.97 61.39 14.46
C ARG A 1318 10.46 61.22 14.61
N GLN A 1319 9.70 62.31 14.59
CA GLN A 1319 8.24 62.27 14.63
C GLN A 1319 7.60 62.63 13.31
N ALA A 1320 8.08 63.69 12.64
CA ALA A 1320 7.49 64.10 11.37
C ALA A 1320 7.67 63.02 10.31
N ILE A 1321 8.83 62.40 10.25
CA ILE A 1321 9.16 61.47 9.18
C ILE A 1321 8.32 60.20 9.30
N PRO A 1322 8.38 59.47 10.41
CA PRO A 1322 7.65 58.19 10.49
C PRO A 1322 6.15 58.33 10.64
N LYS A 1323 5.62 59.50 11.00
CA LYS A 1323 4.20 59.66 11.25
C LYS A 1323 3.45 60.37 10.15
N ALA A 1324 4.06 61.33 9.47
CA ALA A 1324 3.37 62.07 8.42
C ALA A 1324 4.06 62.02 7.08
N LEU A 1325 5.39 62.14 7.03
CA LEU A 1325 6.12 62.32 5.75
C LEU A 1325 6.34 60.97 5.08
N GLU A 1326 6.24 59.87 5.79
CA GLU A 1326 6.40 58.56 5.18
C GLU A 1326 5.14 58.09 4.46
N TYR A 1327 4.04 58.82 4.59
CA TYR A 1327 2.78 58.47 3.94
C TYR A 1327 2.55 59.24 2.65
N PHE A 1328 3.53 59.99 2.20
CA PHE A 1328 3.36 60.90 1.04
C PHE A 1328 3.48 60.13 -0.23
N SER A 1329 2.57 60.30 -1.18
CA SER A 1329 2.55 59.66 -2.48
C SER A 1329 2.57 60.65 -3.64
N ILE A 1330 1.88 61.78 -3.48
CA ILE A 1330 1.74 62.74 -4.57
C ILE A 1330 2.82 63.82 -4.51
N LYS A 1331 3.21 64.24 -3.31
CA LYS A 1331 4.21 65.31 -3.12
C LYS A 1331 5.50 64.71 -2.55
N ASP A 1332 6.64 65.25 -2.96
CA ASP A 1332 7.95 64.80 -2.43
C ASP A 1332 8.34 65.75 -1.32
N TRP A 1333 9.24 65.32 -0.46
CA TRP A 1333 9.65 66.12 0.70
C TRP A 1333 11.16 66.03 0.82
N GLN A 1334 11.80 67.11 1.22
CA GLN A 1334 13.27 67.17 1.41
C GLN A 1334 13.47 67.72 2.81
N TYR A 1335 13.99 66.93 3.74
CA TYR A 1335 14.17 67.28 5.14
C TYR A 1335 15.63 67.62 5.40
N THR A 1336 15.87 68.70 6.13
CA THR A 1336 17.21 69.20 6.40
C THR A 1336 17.31 69.55 7.87
N VAL A 1337 17.98 68.70 8.65
CA VAL A 1337 18.25 68.99 10.05
C VAL A 1337 19.53 69.81 10.16
N ALA A 1338 19.59 70.71 11.14
CA ALA A 1338 20.74 71.57 11.33
C ALA A 1338 20.98 71.80 12.81
N ASP A 1339 22.23 72.06 13.15
CA ASP A 1339 22.63 72.33 14.53
C ASP A 1339 24.07 72.81 14.52
N GLN A 1340 24.59 73.11 15.71
CA GLN A 1340 26.00 73.46 15.85
C GLN A 1340 26.91 72.32 15.41
N GLY A 1341 26.56 71.09 15.81
CA GLY A 1341 27.34 69.92 15.50
C GLY A 1341 26.55 68.87 14.74
N PHE A 1342 27.19 67.72 14.56
CA PHE A 1342 26.57 66.62 13.84
C PHE A 1342 25.41 66.04 14.64
N VAL A 1343 24.30 65.75 13.97
CA VAL A 1343 23.11 65.21 14.61
C VAL A 1343 23.29 63.69 14.66
N GLU A 1344 23.63 63.17 15.85
CA GLU A 1344 23.91 61.75 15.99
C GLU A 1344 22.66 60.91 15.72
N ASP A 1345 21.52 61.32 16.26
CA ASP A 1345 20.31 60.50 16.14
C ASP A 1345 19.73 60.55 14.73
N ALA A 1346 20.07 61.57 13.94
CA ALA A 1346 19.53 61.73 12.60
C ALA A 1346 20.30 60.94 11.55
N ALA A 1347 21.27 60.11 11.97
CA ALA A 1347 22.07 59.38 11.00
C ALA A 1347 21.25 58.33 10.27
N GLU A 1348 20.20 57.80 10.90
CA GLU A 1348 19.40 56.73 10.33
C GLU A 1348 18.16 57.23 9.60
N PHE A 1349 17.97 58.55 9.51
CA PHE A 1349 16.79 59.10 8.86
C PHE A 1349 17.14 59.73 7.52
N PRO A 1350 16.20 59.76 6.56
CA PRO A 1350 16.50 60.39 5.25
C PRO A 1350 16.54 61.91 5.33
N VAL A 1351 17.53 62.43 6.05
CA VAL A 1351 17.67 63.86 6.26
C VAL A 1351 19.09 64.30 5.89
N LYS A 1352 19.23 65.60 5.65
CA LYS A 1352 20.52 66.22 5.35
C LYS A 1352 20.94 67.04 6.57
N MET A 1353 22.15 66.78 7.07
CA MET A 1353 22.66 67.47 8.25
C MET A 1353 23.51 68.65 7.80
N MET A 1354 23.06 69.85 8.17
CA MET A 1354 23.83 71.07 7.92
C MET A 1354 24.58 71.45 9.20
N GLN A 1355 25.32 72.55 9.16
CA GLN A 1355 26.13 72.96 10.30
C GLN A 1355 26.17 74.47 10.40
N PHE A 1356 25.65 75.00 11.51
CA PHE A 1356 25.86 76.40 11.88
C PHE A 1356 25.33 76.62 13.28
N ASP A 1357 25.43 77.85 13.79
CA ASP A 1357 25.05 78.14 15.16
C ASP A 1357 23.56 78.43 15.24
N PRO A 1358 22.76 77.58 15.90
CA PRO A 1358 21.31 77.87 16.00
C PRO A 1358 20.99 78.87 17.09
N LEU A 1359 21.78 78.87 18.16
CA LEU A 1359 21.51 79.71 19.33
C LEU A 1359 21.97 81.15 19.17
N ASP A 1360 22.56 81.50 18.03
CA ASP A 1360 23.05 82.85 17.80
C ASP A 1360 22.68 83.33 16.40
N PRO A 1361 21.73 84.26 16.26
CA PRO A 1361 21.44 84.81 14.93
C PRO A 1361 22.59 85.64 14.40
N ALA A 1362 22.44 86.18 13.19
CA ALA A 1362 23.44 87.03 12.55
C ALA A 1362 24.61 86.21 12.02
N ASN A 1363 24.61 84.90 12.27
CA ASN A 1363 25.59 83.98 11.69
C ASN A 1363 24.92 82.85 10.92
N PHE A 1364 23.64 83.00 10.59
CA PHE A 1364 22.92 82.03 9.80
C PHE A 1364 23.46 82.08 8.38
N PRO A 1365 23.93 80.98 7.79
CA PRO A 1365 24.51 81.06 6.44
C PRO A 1365 23.58 81.72 5.44
N ALA A 1366 24.14 82.60 4.60
CA ALA A 1366 23.33 83.28 3.60
C ALA A 1366 22.77 82.32 2.57
N GLU A 1367 23.29 81.11 2.50
CA GLU A 1367 22.74 80.08 1.61
C GLU A 1367 21.37 79.59 2.03
N LEU A 1368 20.81 80.13 3.13
CA LEU A 1368 19.51 79.71 3.65
C LEU A 1368 18.43 80.76 3.43
N THR A 1369 18.62 81.65 2.45
CA THR A 1369 17.60 82.63 2.10
C THR A 1369 16.63 82.01 1.10
N GLU A 1370 15.34 82.06 1.43
CA GLU A 1370 14.30 81.44 0.61
C GLU A 1370 14.65 79.98 0.31
N SER A 1371 14.91 79.23 1.38
CA SER A 1371 15.46 77.88 1.26
C SER A 1371 14.50 76.78 1.67
N CYS A 1372 13.54 77.05 2.57
CA CYS A 1372 12.68 76.01 3.10
C CYS A 1372 11.22 76.47 3.05
N ASP A 1373 10.33 75.55 2.64
CA ASP A 1373 8.88 75.77 2.56
C ASP A 1373 8.25 75.54 3.92
N LEU A 1374 8.96 74.91 4.86
CA LEU A 1374 8.48 74.73 6.25
C LEU A 1374 9.72 74.89 7.13
N LEU A 1375 9.65 75.64 8.22
CA LEU A 1375 10.72 75.74 9.21
C LEU A 1375 10.18 75.27 10.54
N VAL A 1376 10.88 74.31 11.16
CA VAL A 1376 10.48 73.73 12.43
C VAL A 1376 11.49 74.18 13.49
N LEU A 1377 10.98 74.74 14.59
CA LEU A 1377 11.80 75.33 15.64
C LEU A 1377 11.45 74.73 16.99
N LYS A 1378 11.37 73.40 17.04
CA LYS A 1378 11.06 72.71 18.29
C LYS A 1378 12.11 73.04 19.34
N TRP A 1379 11.68 73.74 20.40
CA TRP A 1379 12.56 74.09 21.52
C TRP A 1379 13.81 74.82 21.04
N ASN A 1380 13.60 75.83 20.19
CA ASN A 1380 14.68 76.67 19.68
C ASN A 1380 14.54 78.13 20.08
N LEU A 1381 13.37 78.72 19.88
CA LEU A 1381 13.18 80.13 20.24
C LEU A 1381 13.22 80.37 21.74
N GLN A 1382 13.16 79.32 22.56
CA GLN A 1382 13.34 79.46 23.99
C GLN A 1382 14.79 79.53 24.40
N MET A 1383 15.71 79.24 23.48
CA MET A 1383 17.15 79.31 23.75
C MET A 1383 17.78 80.58 23.17
N GLN A 1384 17.03 81.41 22.46
CA GLN A 1384 17.56 82.60 21.83
C GLN A 1384 17.56 83.75 22.83
N VAL A 1385 18.68 84.46 22.95
CA VAL A 1385 18.75 85.61 23.83
C VAL A 1385 17.89 86.75 23.30
N ASP A 1386 17.94 86.99 21.99
CA ASP A 1386 17.18 88.05 21.34
C ASP A 1386 16.15 87.40 20.43
N LEU A 1387 14.88 87.46 20.83
CA LEU A 1387 13.83 86.79 20.07
C LEU A 1387 13.53 87.53 18.77
N ASP A 1388 13.42 88.85 18.84
CA ASP A 1388 13.09 89.62 17.65
C ASP A 1388 14.16 89.46 16.58
N ALA A 1389 15.43 89.53 16.97
CA ALA A 1389 16.51 89.31 16.02
C ALA A 1389 16.45 87.89 15.45
N ALA A 1390 16.20 86.90 16.31
CA ALA A 1390 16.13 85.52 15.84
C ALA A 1390 14.95 85.33 14.90
N ILE A 1391 13.78 85.83 15.27
CA ILE A 1391 12.59 85.64 14.44
C ILE A 1391 12.75 86.39 13.12
N THR A 1392 13.34 87.59 13.16
CA THR A 1392 13.57 88.35 11.93
C THR A 1392 14.51 87.60 11.00
N GLU A 1393 15.59 87.03 11.54
CA GLU A 1393 16.53 86.26 10.73
C GLU A 1393 15.97 84.90 10.33
N PHE A 1394 15.09 84.32 11.16
CA PHE A 1394 14.45 83.05 10.81
C PHE A 1394 13.42 83.23 9.70
N SER A 1395 12.71 84.36 9.72
CA SER A 1395 11.67 84.60 8.72
C SER A 1395 12.24 84.74 7.31
N LYS A 1396 13.54 85.00 7.18
CA LYS A 1396 14.14 85.11 5.85
C LYS A 1396 14.31 83.75 5.19
N MET A 1397 14.49 82.69 5.99
CA MET A 1397 14.63 81.35 5.42
C MET A 1397 13.33 80.81 4.87
N ILE A 1398 12.21 81.48 5.14
CA ILE A 1398 10.91 81.01 4.68
C ILE A 1398 10.68 81.49 3.26
N LYS A 1399 10.33 80.57 2.36
CA LYS A 1399 9.99 80.93 1.00
C LYS A 1399 8.69 81.75 0.99
N PRO A 1400 8.45 82.52 -0.06
CA PRO A 1400 7.23 83.32 -0.10
C PRO A 1400 5.99 82.44 -0.10
N GLY A 1401 5.24 82.47 0.99
CA GLY A 1401 4.15 81.56 1.22
C GLY A 1401 4.49 80.36 2.08
N GLY A 1402 5.67 80.32 2.66
CA GLY A 1402 6.08 79.22 3.50
C GLY A 1402 5.49 79.30 4.90
N PHE A 1403 5.74 78.25 5.67
CA PHE A 1403 5.19 78.10 7.01
C PHE A 1403 6.31 78.01 8.04
N LEU A 1404 5.98 78.37 9.27
CA LEU A 1404 6.89 78.27 10.41
C LEU A 1404 6.20 77.50 11.51
N LEU A 1405 6.80 76.40 11.94
CA LEU A 1405 6.26 75.56 13.01
C LEU A 1405 7.11 75.76 14.26
N VAL A 1406 6.47 76.15 15.36
CA VAL A 1406 7.17 76.45 16.61
C VAL A 1406 6.50 75.65 17.71
N LEU A 1407 7.30 74.88 18.46
CA LEU A 1407 6.84 74.14 19.62
C LEU A 1407 7.63 74.62 20.83
N GLU A 1408 6.93 75.16 21.83
CA GLU A 1408 7.58 75.72 23.00
C GLU A 1408 6.72 75.46 24.24
N ASN A 1409 7.37 75.49 25.39
CA ASN A 1409 6.64 75.37 26.65
C ASN A 1409 5.82 76.63 26.88
N GLY A 1410 4.54 76.44 27.22
CA GLY A 1410 3.64 77.57 27.39
C GLY A 1410 2.90 77.56 28.70
N THR A 1411 2.89 76.41 29.39
CA THR A 1411 2.22 76.28 30.67
C THR A 1411 3.08 75.46 31.61
N ARG A 1412 2.93 75.71 32.91
CA ARG A 1412 3.72 75.03 33.93
C ARG A 1412 5.21 75.10 33.58
N LEU A 1413 5.69 76.32 33.42
CA LEU A 1413 7.06 76.54 32.94
C LEU A 1413 8.11 76.10 33.95
N SER A 1414 7.73 75.80 35.19
CA SER A 1414 8.66 75.38 36.23
C SER A 1414 8.78 73.87 36.35
N THR A 1415 8.17 73.12 35.43
CA THR A 1415 8.20 71.65 35.49
C THR A 1415 9.46 71.08 34.84
N PHE A 1416 9.74 71.48 33.60
CA PHE A 1416 10.94 71.03 32.91
C PHE A 1416 12.16 71.87 33.21
N PHE A 1417 12.01 72.98 33.93
CA PHE A 1417 13.15 73.84 34.20
C PHE A 1417 14.29 73.11 34.92
N PRO A 1418 14.02 72.29 35.96
CA PRO A 1418 15.07 71.46 36.60
C PRO A 1418 16.11 70.96 35.59
N ILE A 1419 15.71 70.44 34.43
CA ILE A 1419 16.64 69.86 33.43
C ILE A 1419 17.22 70.96 32.53
N LYS A 1420 16.51 72.08 32.36
CA LYS A 1420 17.05 73.23 31.59
C LYS A 1420 17.99 74.03 32.49
N ALA A 1421 18.11 73.66 33.76
CA ALA A 1421 19.04 74.32 34.71
C ALA A 1421 20.40 73.64 34.58
N ILE A 1422 20.43 72.32 34.57
CA ILE A 1422 21.71 71.54 34.53
C ILE A 1422 22.17 71.34 33.08
N VAL A 1423 21.25 71.21 32.13
CA VAL A 1423 21.61 70.89 30.70
C VAL A 1423 21.50 72.15 29.83
N SER A 1424 21.78 73.34 30.38
CA SER A 1424 21.78 74.60 29.60
C SER A 1424 22.91 75.49 30.14
N ALA A 1425 23.69 76.16 29.28
CA ALA A 1425 24.86 76.89 29.73
C ALA A 1425 24.52 78.32 30.14
N SER A 1426 23.97 79.10 29.21
CA SER A 1426 23.64 80.50 29.46
C SER A 1426 22.13 80.64 29.55
N LEU A 1427 21.61 80.46 30.76
CA LEU A 1427 20.17 80.58 30.98
C LEU A 1427 19.79 82.05 31.16
N GLY A 1428 20.06 82.85 30.14
CA GLY A 1428 19.68 84.25 30.16
C GLY A 1428 19.15 84.71 28.81
N GLY A 1429 17.92 85.23 28.81
CA GLY A 1429 17.31 85.69 27.58
C GLY A 1429 16.57 87.00 27.77
N LYS A 1430 16.91 88.00 26.97
CA LYS A 1430 16.27 89.31 27.09
C LYS A 1430 14.77 89.16 26.82
N GLY A 1431 13.97 89.93 27.57
CA GLY A 1431 12.54 89.92 27.38
C GLY A 1431 12.13 90.80 26.21
N GLY A 1432 11.10 91.62 26.40
CA GLY A 1432 10.66 92.51 25.36
C GLY A 1432 9.28 93.08 25.64
N PRO A 1433 8.65 93.64 24.59
CA PRO A 1433 7.31 94.21 24.78
C PRO A 1433 6.29 93.21 25.30
N GLU A 1434 6.41 91.94 24.92
CA GLU A 1434 5.48 90.90 25.35
C GLU A 1434 5.66 90.51 26.81
N GLY A 1435 6.73 90.98 27.46
CA GLY A 1435 7.00 90.67 28.85
C GLY A 1435 8.46 90.33 29.04
N ASP A 1436 8.76 89.70 30.18
CA ASP A 1436 10.11 89.27 30.52
C ASP A 1436 10.12 87.75 30.52
N ARG A 1437 11.07 87.16 29.80
CA ARG A 1437 11.16 85.71 29.68
C ARG A 1437 11.18 85.07 31.07
N ALA A 1438 10.31 84.09 31.28
CA ALA A 1438 10.33 83.36 32.54
C ALA A 1438 11.72 82.77 32.75
N MET A 1439 12.18 82.84 34.01
CA MET A 1439 13.58 82.59 34.31
C MET A 1439 14.42 83.47 33.38
N GLY A 1440 15.01 82.86 32.36
CA GLY A 1440 15.63 83.60 31.27
C GLY A 1440 15.40 82.94 29.93
N CYS A 1441 14.61 81.86 29.90
CA CYS A 1441 14.49 81.06 28.69
C CYS A 1441 13.06 80.56 28.40
N PHE A 1442 12.05 81.22 28.95
CA PHE A 1442 10.67 80.70 28.80
C PHE A 1442 9.71 81.88 28.63
N TYR A 1443 8.89 81.83 27.58
CA TYR A 1443 7.71 82.67 27.45
C TYR A 1443 6.45 81.84 27.67
N THR A 1444 5.43 82.48 28.22
CA THR A 1444 4.13 81.87 28.43
C THR A 1444 3.37 81.84 27.11
N ASP A 1445 2.48 80.85 26.98
CA ASP A 1445 1.76 80.64 25.73
C ASP A 1445 1.10 81.92 25.23
N ALA A 1446 0.43 82.65 26.12
CA ALA A 1446 -0.19 83.90 25.72
C ALA A 1446 0.84 84.89 25.22
N GLN A 1447 2.00 84.96 25.86
CA GLN A 1447 3.06 85.84 25.40
C GLN A 1447 3.69 85.33 24.11
N TRP A 1448 3.75 84.00 23.93
CA TRP A 1448 4.27 83.46 22.67
C TRP A 1448 3.39 83.88 21.50
N SER A 1449 2.07 83.78 21.66
CA SER A 1449 1.16 84.13 20.57
C SER A 1449 1.25 85.62 20.26
N ALA A 1450 1.28 86.47 21.29
CA ALA A 1450 1.39 87.90 21.06
C ALA A 1450 2.70 88.25 20.37
N LEU A 1451 3.79 87.60 20.78
CA LEU A 1451 5.09 87.88 20.18
C LEU A 1451 5.08 87.58 18.69
N PHE A 1452 4.52 86.43 18.31
CA PHE A 1452 4.46 86.07 16.90
C PHE A 1452 3.57 87.02 16.13
N ALA A 1453 2.42 87.38 16.70
CA ALA A 1453 1.49 88.28 16.00
C ALA A 1453 2.13 89.64 15.76
N ARG A 1454 2.99 90.08 16.68
CA ARG A 1454 3.58 91.41 16.57
C ARG A 1454 4.47 91.56 15.33
N HIS A 1455 5.06 90.46 14.84
CA HIS A 1455 5.89 90.50 13.65
C HIS A 1455 5.11 90.18 12.38
N GLY A 1456 3.82 90.47 12.35
CA GLY A 1456 3.04 90.25 11.15
C GLY A 1456 3.02 88.79 10.73
N PHE A 1457 2.72 87.89 11.67
CA PHE A 1457 2.58 86.47 11.39
C PHE A 1457 1.13 86.06 11.61
N GLU A 1458 0.54 85.42 10.61
CA GLU A 1458 -0.83 84.94 10.70
C GLU A 1458 -0.85 83.58 11.38
N GLN A 1459 -1.75 83.41 12.35
CA GLN A 1459 -1.86 82.18 13.12
C GLN A 1459 -2.69 81.18 12.33
N ILE A 1460 -2.01 80.38 11.51
CA ILE A 1460 -2.71 79.36 10.73
C ILE A 1460 -3.29 78.28 11.65
N MET A 1461 -2.50 77.82 12.62
CA MET A 1461 -2.95 76.79 13.55
C MET A 1461 -2.33 77.06 14.92
N HIS A 1462 -3.03 76.62 15.96
CA HIS A 1462 -2.55 76.79 17.33
C HIS A 1462 -3.19 75.70 18.18
N ILE A 1463 -2.39 74.75 18.65
CA ILE A 1463 -2.87 73.62 19.44
C ILE A 1463 -2.21 73.66 20.81
N PRO A 1464 -2.86 74.23 21.83
CA PRO A 1464 -2.26 74.22 23.17
C PRO A 1464 -2.43 72.88 23.86
N ASP A 1465 -1.32 72.29 24.31
CA ASP A 1465 -1.41 71.02 25.02
C ASP A 1465 -2.21 71.17 26.31
N GLY A 1466 -2.01 72.27 27.02
CA GLY A 1466 -2.68 72.54 28.28
C GLY A 1466 -1.87 72.10 29.48
N ILE A 1467 -1.16 70.98 29.37
CA ILE A 1467 -0.34 70.49 30.47
C ILE A 1467 1.12 70.90 30.35
N ALA A 1468 1.60 71.24 29.15
CA ALA A 1468 3.00 71.61 28.97
C ALA A 1468 3.23 72.36 27.67
N VAL A 1469 3.62 71.64 26.62
CA VAL A 1469 4.09 72.25 25.38
C VAL A 1469 2.93 72.92 24.65
N SER A 1470 3.24 73.78 23.68
CA SER A 1470 2.25 74.37 22.80
C SER A 1470 2.83 74.40 21.40
N MET A 1471 1.94 74.45 20.40
CA MET A 1471 2.34 74.40 19.00
C MET A 1471 1.68 75.55 18.25
N PHE A 1472 2.48 76.27 17.45
CA PHE A 1472 1.99 77.32 16.58
C PHE A 1472 2.47 77.05 15.16
N LEU A 1473 1.55 77.12 14.20
CA LEU A 1473 1.89 77.10 12.79
C LEU A 1473 1.53 78.46 12.21
N LEU A 1474 2.52 79.16 11.63
CA LEU A 1474 2.36 80.53 11.19
C LEU A 1474 2.86 80.68 9.77
N ARG A 1475 2.25 81.60 9.04
CA ARG A 1475 2.74 81.99 7.72
C ARG A 1475 2.47 83.47 7.53
N LYS A 1476 3.28 84.12 6.70
CA LYS A 1476 3.20 85.56 6.55
C LYS A 1476 1.87 85.94 5.89
N PRO A 1477 1.27 87.06 6.29
CA PRO A 1477 0.01 87.48 5.66
C PRO A 1477 0.17 87.69 4.16
N PHE A 1478 -0.90 87.41 3.42
CA PHE A 1478 -0.93 87.57 1.98
C PHE A 1478 -1.78 88.78 1.64
N GLU A 1479 -1.18 89.76 0.97
CA GLU A 1479 -1.88 90.99 0.59
C GLU A 1479 -2.14 90.97 -0.91
N PRO A 1480 -3.38 90.73 -1.34
CA PRO A 1480 -3.65 90.70 -2.78
C PRO A 1480 -3.43 92.05 -3.43
N SER A 1481 -2.97 92.00 -4.68
CA SER A 1481 -2.90 93.19 -5.53
C SER A 1481 -4.08 93.29 -6.49
N VAL A 1482 -4.79 92.19 -6.73
CA VAL A 1482 -5.97 92.16 -7.57
C VAL A 1482 -7.10 91.52 -6.78
N ALA A 1483 -8.31 92.04 -6.94
CA ALA A 1483 -9.44 91.58 -6.14
C ALA A 1483 -9.67 90.10 -6.39
N PRO A 1484 -9.86 89.29 -5.34
CA PRO A 1484 -10.11 87.85 -5.55
C PRO A 1484 -11.43 87.61 -6.25
N ILE A 1485 -11.47 86.50 -7.00
CA ILE A 1485 -12.67 86.10 -7.75
C ILE A 1485 -13.38 85.02 -6.94
N ILE A 1486 -14.68 85.19 -6.73
CA ILE A 1486 -15.50 84.26 -5.97
C ILE A 1486 -16.52 83.66 -6.92
N ILE A 1487 -16.59 82.32 -6.94
CA ILE A 1487 -17.60 81.59 -7.67
C ILE A 1487 -18.29 80.64 -6.71
N ASN A 1488 -19.61 80.69 -6.67
CA ASN A 1488 -20.39 79.85 -5.77
C ASN A 1488 -20.71 78.54 -6.46
N VAL A 1489 -20.32 77.43 -5.83
CA VAL A 1489 -20.48 76.11 -6.44
C VAL A 1489 -21.48 75.29 -5.64
N ASP A 1490 -22.45 75.97 -5.03
CA ASP A 1490 -23.44 75.28 -4.21
C ASP A 1490 -24.31 74.35 -5.07
N ASP A 1491 -24.70 74.81 -6.25
CA ASP A 1491 -25.63 74.04 -7.07
C ASP A 1491 -25.06 72.66 -7.40
N LEU A 1492 -25.87 71.63 -7.15
CA LEU A 1492 -25.50 70.26 -7.47
C LEU A 1492 -25.90 69.85 -8.88
N GLU A 1493 -26.66 70.68 -9.59
CA GLU A 1493 -26.92 70.49 -11.01
C GLU A 1493 -25.81 71.06 -11.87
N CYS A 1494 -24.82 71.71 -11.25
CA CYS A 1494 -23.65 72.23 -11.96
C CYS A 1494 -24.05 73.29 -12.98
N SER A 1495 -24.79 74.30 -12.51
CA SER A 1495 -25.11 75.48 -13.31
C SER A 1495 -23.95 76.47 -13.34
N TRP A 1496 -22.77 76.07 -12.87
CA TRP A 1496 -21.57 76.94 -12.79
C TRP A 1496 -20.43 76.31 -13.58
N LEU A 1497 -20.64 75.14 -14.16
CA LEU A 1497 -19.53 74.42 -14.86
C LEU A 1497 -18.97 75.41 -15.86
N GLU A 1498 -19.82 76.17 -16.52
CA GLU A 1498 -19.39 77.09 -17.59
C GLU A 1498 -18.52 78.23 -17.04
N GLU A 1499 -18.91 78.84 -15.92
CA GLU A 1499 -18.18 79.98 -15.33
C GLU A 1499 -16.83 79.52 -14.81
N VAL A 1500 -16.78 78.44 -14.05
CA VAL A 1500 -15.51 77.96 -13.44
C VAL A 1500 -14.57 77.66 -14.61
N GLN A 1501 -15.06 77.03 -15.68
CA GLN A 1501 -14.22 76.60 -16.81
C GLN A 1501 -13.59 77.84 -17.42
N ALA A 1502 -14.34 78.93 -17.58
CA ALA A 1502 -13.85 80.22 -18.11
C ALA A 1502 -12.79 80.81 -17.19
N ARG A 1503 -13.06 80.91 -15.88
CA ARG A 1503 -12.09 81.54 -14.94
C ARG A 1503 -10.87 80.64 -14.78
N CYS A 1504 -11.05 79.32 -14.85
CA CYS A 1504 -9.95 78.34 -14.70
C CYS A 1504 -9.03 78.43 -15.91
N ALA A 1505 -9.55 78.90 -17.06
CA ALA A 1505 -8.76 78.96 -18.29
C ALA A 1505 -7.87 80.19 -18.26
N GLU A 1506 -8.31 81.28 -17.62
CA GLU A 1506 -7.54 82.52 -17.53
C GLU A 1506 -6.66 82.56 -16.29
N LEU A 1507 -6.25 81.42 -15.76
CA LEU A 1507 -5.35 81.35 -14.62
C LEU A 1507 -3.90 81.60 -14.98
N GLN A 1508 -3.44 81.06 -16.11
CA GLN A 1508 -2.02 81.13 -16.48
C GLN A 1508 -1.76 82.35 -17.38
N ASP A 1509 -2.60 83.37 -17.21
CA ASP A 1509 -2.42 84.62 -17.94
C ASP A 1509 -2.72 85.82 -17.06
N SER A 1510 -2.79 85.61 -15.75
CA SER A 1510 -3.12 86.67 -14.80
C SER A 1510 -1.96 86.85 -13.82
N HIS A 1511 -2.12 87.85 -12.95
CA HIS A 1511 -1.08 88.17 -11.99
C HIS A 1511 -0.90 87.03 -11.00
N LYS A 1512 0.33 86.91 -10.47
CA LYS A 1512 0.63 85.85 -9.52
C LYS A 1512 -0.18 85.95 -8.24
N ASP A 1513 -0.77 87.12 -7.96
CA ASP A 1513 -1.53 87.36 -6.74
C ASP A 1513 -3.03 87.19 -6.96
N SER A 1514 -3.44 86.74 -8.14
CA SER A 1514 -4.85 86.49 -8.42
C SER A 1514 -5.24 85.10 -7.91
N ARG A 1515 -6.46 84.96 -7.39
CA ARG A 1515 -6.93 83.66 -6.82
C ARG A 1515 -8.37 83.35 -7.25
N LEU A 1516 -8.71 82.08 -7.49
CA LEU A 1516 -10.11 81.66 -7.79
C LEU A 1516 -10.58 81.00 -6.50
N TRP A 1517 -11.63 81.52 -5.89
CA TRP A 1517 -12.14 81.00 -4.61
C TRP A 1517 -13.44 80.28 -4.88
N LEU A 1518 -13.43 78.96 -5.03
CA LEU A 1518 -14.68 78.19 -5.21
C LEU A 1518 -15.35 78.09 -3.85
N VAL A 1519 -16.52 78.70 -3.61
CA VAL A 1519 -17.17 78.84 -2.31
C VAL A 1519 -18.47 78.04 -2.32
N ALA A 1520 -18.67 77.26 -1.26
CA ALA A 1520 -19.90 76.51 -1.04
C ALA A 1520 -20.41 76.79 0.36
N ASN A 1521 -21.71 77.10 0.45
CA ASN A 1521 -22.35 77.40 1.74
C ASN A 1521 -23.35 76.33 2.13
N THR A 1522 -23.13 75.09 1.69
CA THR A 1522 -24.06 74.00 1.94
C THR A 1522 -23.28 72.76 2.41
N GLU A 1523 -23.96 71.94 3.20
CA GLU A 1523 -23.35 70.70 3.67
C GLU A 1523 -23.03 69.78 2.50
N LEU A 1524 -23.94 69.67 1.53
CA LEU A 1524 -23.75 68.83 0.35
C LEU A 1524 -23.11 69.68 -0.74
N SER A 1525 -21.83 69.45 -0.99
CA SER A 1525 -21.12 70.13 -2.06
C SER A 1525 -19.77 69.45 -2.24
N GLY A 1526 -19.35 69.32 -3.49
CA GLY A 1526 -18.12 68.61 -3.80
C GLY A 1526 -16.95 69.51 -4.07
N VAL A 1527 -17.01 70.75 -3.55
CA VAL A 1527 -15.95 71.71 -3.82
C VAL A 1527 -14.60 71.20 -3.32
N LEU A 1528 -14.59 70.46 -2.22
CA LEU A 1528 -13.33 70.03 -1.63
C LEU A 1528 -12.59 69.01 -2.50
N GLY A 1529 -13.29 68.01 -3.01
CA GLY A 1529 -12.66 67.05 -3.89
C GLY A 1529 -12.61 67.54 -5.32
N PHE A 1530 -13.51 68.46 -5.66
CA PHE A 1530 -13.46 69.11 -6.96
C PHE A 1530 -12.19 69.93 -7.11
N LEU A 1531 -11.82 70.73 -6.10
CA LEU A 1531 -10.65 71.63 -6.20
C LEU A 1531 -9.37 70.81 -6.09
N ARG A 1532 -9.34 69.64 -5.51
CA ARG A 1532 -8.13 68.80 -5.52
C ARG A 1532 -7.80 68.35 -6.94
N SER A 1533 -8.83 67.98 -7.70
CA SER A 1533 -8.59 67.53 -9.08
C SER A 1533 -8.28 68.69 -10.01
N LEU A 1534 -8.86 69.86 -9.76
CA LEU A 1534 -8.49 71.04 -10.54
C LEU A 1534 -7.05 71.45 -10.27
N VAL A 1535 -6.61 71.32 -9.02
CA VAL A 1535 -5.23 71.67 -8.67
C VAL A 1535 -4.24 70.81 -9.45
N TRP A 1536 -4.65 69.62 -9.87
CA TRP A 1536 -3.78 68.73 -10.62
C TRP A 1536 -3.49 69.21 -12.03
N GLU A 1537 -4.29 70.11 -12.58
CA GLU A 1537 -4.07 70.61 -13.93
C GLU A 1537 -3.95 72.12 -14.01
N PHE A 1538 -4.23 72.84 -12.92
CA PHE A 1538 -4.08 74.29 -12.88
C PHE A 1538 -3.13 74.76 -11.80
N GLY A 1539 -2.55 73.85 -11.03
CA GLY A 1539 -1.63 74.24 -9.97
C GLY A 1539 -2.35 74.78 -8.75
N SER A 1540 -1.61 74.81 -7.65
CA SER A 1540 -2.12 75.22 -6.34
C SER A 1540 -1.99 76.71 -6.10
N GLU A 1541 -1.42 77.45 -7.04
CA GLU A 1541 -1.10 78.89 -6.82
C GLU A 1541 -2.35 79.75 -6.70
N LYS A 1542 -3.36 79.55 -7.55
CA LYS A 1542 -4.55 80.43 -7.58
C LYS A 1542 -5.81 79.72 -7.09
N LEU A 1543 -5.96 78.42 -7.31
CA LEU A 1543 -7.17 77.67 -6.93
C LEU A 1543 -7.23 77.56 -5.40
N ARG A 1544 -8.20 78.22 -4.76
CA ARG A 1544 -8.44 78.17 -3.31
C ARG A 1544 -9.91 77.76 -3.14
N CYS A 1545 -10.38 77.39 -1.95
CA CYS A 1545 -11.78 76.92 -1.74
C CYS A 1545 -12.27 77.16 -0.32
N ILE A 1546 -13.58 77.29 -0.13
CA ILE A 1546 -14.23 77.59 1.15
C ILE A 1546 -15.54 76.80 1.18
N GLN A 1547 -15.72 76.00 2.23
CA GLN A 1547 -16.98 75.31 2.46
C GLN A 1547 -17.48 75.62 3.87
N ILE A 1548 -18.75 75.96 3.99
CA ILE A 1548 -19.39 76.24 5.27
C ILE A 1548 -20.49 75.21 5.45
N ASP A 1549 -20.35 74.36 6.46
CA ASP A 1549 -21.33 73.31 6.72
C ASP A 1549 -22.49 73.91 7.51
N ASP A 1550 -23.66 74.02 6.86
CA ASP A 1550 -24.79 74.66 7.51
C ASP A 1550 -25.24 73.89 8.75
N ALA A 1551 -25.28 72.57 8.67
CA ALA A 1551 -25.83 71.77 9.76
C ALA A 1551 -25.06 71.98 11.06
N THR A 1552 -23.74 71.98 11.01
CA THR A 1552 -22.92 72.08 12.22
C THR A 1552 -22.33 73.46 12.45
N ALA A 1553 -22.54 74.42 11.54
CA ALA A 1553 -22.08 75.77 11.77
C ALA A 1553 -22.66 76.33 13.06
N GLY A 1554 -21.81 76.94 13.88
CA GLY A 1554 -22.22 77.42 15.17
C GLY A 1554 -23.29 78.48 15.09
N PRO A 1555 -23.66 79.04 16.25
CA PRO A 1555 -24.68 80.10 16.25
C PRO A 1555 -24.26 81.33 15.45
N ASN A 1556 -22.96 81.51 15.22
CA ASN A 1556 -22.44 82.64 14.45
C ASN A 1556 -21.82 82.09 13.16
N PRO A 1557 -22.64 81.74 12.17
CA PRO A 1557 -22.08 81.21 10.93
C PRO A 1557 -21.25 82.26 10.21
N PRO A 1558 -20.21 81.85 9.49
CA PRO A 1558 -19.44 82.83 8.71
C PRO A 1558 -20.28 83.44 7.61
N LYS A 1559 -19.81 84.59 7.12
CA LYS A 1559 -20.51 85.40 6.14
C LYS A 1559 -19.62 85.66 4.93
N ILE A 1560 -19.02 84.60 4.40
CA ILE A 1560 -18.12 84.71 3.25
C ILE A 1560 -18.91 85.20 2.05
N SER A 1561 -18.77 86.49 1.72
CA SER A 1561 -19.45 87.06 0.56
C SER A 1561 -18.65 88.28 0.10
N ALA A 1562 -17.87 88.10 -0.96
CA ALA A 1562 -17.12 89.20 -1.57
C ALA A 1562 -16.41 90.03 -0.51
N ASP A 1563 -16.78 91.31 -0.38
CA ASP A 1563 -16.13 92.22 0.56
C ASP A 1563 -16.79 92.08 1.93
N SER A 1564 -16.53 90.93 2.56
CA SER A 1564 -17.03 90.62 3.89
C SER A 1564 -15.91 90.82 4.91
N ALA A 1565 -16.19 90.46 6.16
CA ALA A 1565 -15.19 90.53 7.22
C ALA A 1565 -14.48 89.19 7.41
N ASP A 1566 -15.25 88.10 7.46
CA ASP A 1566 -14.65 86.78 7.62
C ASP A 1566 -13.81 86.42 6.40
N PHE A 1567 -14.27 86.78 5.20
CA PHE A 1567 -13.52 86.42 3.99
C PHE A 1567 -12.13 87.03 4.01
N LYS A 1568 -12.01 88.31 4.36
CA LYS A 1568 -10.71 88.96 4.34
C LYS A 1568 -9.74 88.29 5.29
N GLU A 1569 -10.21 87.81 6.45
CA GLU A 1569 -9.38 87.00 7.31
C GLU A 1569 -8.94 85.72 6.63
N LEU A 1570 -9.70 85.26 5.63
CA LEU A 1570 -9.33 84.07 4.87
C LEU A 1570 -8.50 84.38 3.64
N VAL A 1571 -8.63 85.58 3.08
CA VAL A 1571 -7.76 85.99 1.98
C VAL A 1571 -6.37 86.39 2.46
N ARG A 1572 -6.18 86.50 3.77
CA ARG A 1572 -4.87 86.81 4.35
C ARG A 1572 -4.05 85.57 4.68
N LYS A 1573 -4.69 84.51 5.16
CA LYS A 1573 -4.01 83.23 5.35
C LYS A 1573 -3.81 82.48 4.04
N ASP A 1574 -4.67 82.72 3.05
CA ASP A 1574 -4.52 82.12 1.70
C ASP A 1574 -4.30 80.63 1.85
N LEU A 1575 -5.16 79.95 2.61
CA LEU A 1575 -5.09 78.49 2.79
C LEU A 1575 -5.94 77.88 1.68
N ALA A 1576 -5.51 76.80 1.01
CA ALA A 1576 -6.19 76.23 -0.16
C ALA A 1576 -7.56 75.78 0.25
N TYR A 1577 -7.69 74.97 1.29
CA TYR A 1577 -8.97 74.42 1.70
C TYR A 1577 -9.35 74.99 3.06
N ASN A 1578 -10.47 75.68 3.13
CA ASN A 1578 -11.01 76.28 4.35
C ASN A 1578 -12.36 75.59 4.55
N VAL A 1579 -12.64 74.88 5.65
CA VAL A 1579 -13.91 74.21 5.96
C VAL A 1579 -14.37 74.68 7.32
N PHE A 1580 -15.55 75.27 7.38
CA PHE A 1580 -16.16 75.67 8.66
C PHE A 1580 -17.18 74.60 9.02
N LYS A 1581 -16.81 73.75 9.97
CA LYS A 1581 -17.67 72.68 10.44
C LYS A 1581 -17.44 72.49 11.93
N ASN A 1582 -18.50 72.18 12.66
CA ASN A 1582 -18.51 72.04 14.11
C ASN A 1582 -18.18 73.34 14.83
N GLY A 1583 -18.32 74.48 14.15
CA GLY A 1583 -18.14 75.78 14.77
C GLY A 1583 -16.75 76.36 14.61
N LYS A 1584 -15.82 75.65 13.98
CA LYS A 1584 -14.45 76.13 13.83
C LYS A 1584 -13.98 75.88 12.40
N TRP A 1585 -13.09 76.75 11.92
CA TRP A 1585 -12.45 76.54 10.64
C TRP A 1585 -11.44 75.40 10.75
N GLY A 1586 -11.44 74.53 9.75
CA GLY A 1586 -10.53 73.40 9.74
C GLY A 1586 -10.37 72.85 8.35
N THR A 1587 -9.98 71.58 8.28
CA THR A 1587 -9.77 70.92 7.01
C THR A 1587 -10.03 69.42 7.19
N TYR A 1588 -10.31 68.76 6.06
CA TYR A 1588 -10.53 67.32 6.04
C TYR A 1588 -9.21 66.61 5.85
N ARG A 1589 -8.85 65.75 6.79
CA ARG A 1589 -7.60 65.01 6.76
C ARG A 1589 -7.87 63.54 7.01
N GLY A 1590 -7.07 62.69 6.36
CA GLY A 1590 -7.14 61.26 6.57
C GLY A 1590 -6.22 60.82 7.68
N PHE A 1591 -6.77 60.49 8.84
CA PHE A 1591 -5.98 60.13 10.02
C PHE A 1591 -5.79 58.63 10.06
N VAL A 1592 -4.52 58.20 10.10
CA VAL A 1592 -4.21 56.78 9.97
C VAL A 1592 -4.86 56.00 11.12
N ILE A 1593 -5.28 54.77 10.81
CA ILE A 1593 -5.83 53.85 11.79
C ILE A 1593 -4.75 52.83 12.10
N SER A 1594 -4.39 52.72 13.38
CA SER A 1594 -3.33 51.78 13.76
C SER A 1594 -3.77 50.35 13.50
N ASP A 1595 -2.78 49.51 13.14
CA ASP A 1595 -3.08 48.11 12.88
C ASP A 1595 -3.63 47.39 14.11
N ALA A 1596 -3.40 47.94 15.30
CA ALA A 1596 -3.95 47.35 16.51
C ALA A 1596 -5.45 47.58 16.64
N ASP A 1597 -5.96 48.67 16.07
CA ASP A 1597 -7.39 48.95 16.13
C ASP A 1597 -8.20 48.04 15.21
N ARG A 1598 -7.57 47.43 14.21
CA ARG A 1598 -8.29 46.52 13.34
CA ARG A 1598 -8.26 46.49 13.34
C ARG A 1598 -8.74 45.25 14.08
N GLN A 1599 -8.05 44.88 15.16
CA GLN A 1599 -8.43 43.73 15.98
C GLN A 1599 -8.92 44.15 17.35
N LYS A 1600 -9.29 45.42 17.50
CA LYS A 1600 -9.83 45.90 18.78
C LYS A 1600 -11.07 45.10 19.13
N GLU A 1601 -11.15 44.66 20.38
CA GLU A 1601 -12.26 43.87 20.87
C GLU A 1601 -13.26 44.76 21.60
N ARG A 1602 -14.53 44.57 21.31
CA ARG A 1602 -15.62 45.33 21.90
C ARG A 1602 -16.65 44.35 22.47
N PRO A 1603 -17.45 44.78 23.43
CA PRO A 1603 -18.49 43.89 23.96
C PRO A 1603 -19.44 43.46 22.86
N SER A 1604 -19.83 42.18 22.90
CA SER A 1604 -20.75 41.61 21.93
C SER A 1604 -21.58 40.54 22.61
N GLU A 1605 -22.90 40.59 22.41
CA GLU A 1605 -23.78 39.63 23.08
C GLU A 1605 -23.49 38.21 22.63
N TYR A 1606 -23.29 38.00 21.33
CA TYR A 1606 -22.98 36.69 20.78
C TYR A 1606 -21.57 36.72 20.20
N VAL A 1607 -20.74 35.76 20.61
CA VAL A 1607 -19.38 35.64 20.11
C VAL A 1607 -19.09 34.16 19.89
N TYR A 1608 -18.01 33.89 19.16
CA TYR A 1608 -17.56 32.53 18.92
C TYR A 1608 -16.07 32.54 18.67
N ALA A 1609 -15.41 31.42 18.95
CA ALA A 1609 -13.96 31.35 18.86
C ALA A 1609 -13.52 30.89 17.48
N ASP A 1610 -12.61 31.65 16.88
CA ASP A 1610 -12.02 31.30 15.59
C ASP A 1610 -10.54 31.65 15.66
N TRP A 1611 -9.84 31.47 14.54
CA TRP A 1611 -8.43 31.80 14.44
C TRP A 1611 -8.23 32.98 13.49
N LEU A 1612 -7.34 33.90 13.86
CA LEU A 1612 -6.99 34.99 12.95
C LEU A 1612 -6.17 34.46 11.78
N SER A 1613 -5.23 33.55 12.05
CA SER A 1613 -4.39 32.95 11.02
C SER A 1613 -4.49 31.44 11.14
N ALA A 1614 -4.85 30.78 10.04
CA ALA A 1614 -5.02 29.33 10.06
C ALA A 1614 -3.69 28.65 10.41
N GLY A 1615 -3.79 27.56 11.18
CA GLY A 1615 -2.64 26.81 11.59
C GLY A 1615 -1.93 27.33 12.82
N ASP A 1616 -2.38 28.45 13.38
CA ASP A 1616 -1.79 29.04 14.58
C ASP A 1616 -2.78 28.92 15.72
N MET A 1617 -2.38 28.21 16.78
CA MET A 1617 -3.21 28.13 17.99
C MET A 1617 -3.03 29.33 18.90
N SER A 1618 -2.04 30.19 18.66
CA SER A 1618 -1.88 31.42 19.40
C SER A 1618 -2.67 32.57 18.81
N SER A 1619 -3.32 32.35 17.66
CA SER A 1619 -4.14 33.38 17.01
C SER A 1619 -5.62 33.20 17.30
N LEU A 1620 -5.98 32.32 18.23
CA LEU A 1620 -7.38 32.10 18.55
C LEU A 1620 -7.95 33.32 19.24
N ARG A 1621 -9.06 33.85 18.70
CA ARG A 1621 -9.75 34.99 19.26
C ARG A 1621 -11.24 34.68 19.31
N TRP A 1622 -12.01 35.61 19.85
CA TRP A 1622 -13.46 35.52 19.89
C TRP A 1622 -14.03 36.57 18.95
N PHE A 1623 -14.72 36.12 17.91
CA PHE A 1623 -15.32 37.01 16.93
C PHE A 1623 -16.83 37.09 17.13
N ASP A 1624 -17.44 38.08 16.49
CA ASP A 1624 -18.89 38.22 16.54
C ASP A 1624 -19.55 37.00 15.92
N SER A 1625 -20.59 36.50 16.59
CA SER A 1625 -21.29 35.34 16.08
C SER A 1625 -22.49 35.77 15.23
N PRO A 1626 -22.71 35.14 14.07
CA PRO A 1626 -23.90 35.49 13.28
C PRO A 1626 -25.21 35.15 13.96
N LEU A 1627 -25.18 34.48 15.12
CA LEU A 1627 -26.41 34.15 15.83
C LEU A 1627 -27.12 35.39 16.35
N LYS A 1628 -26.46 36.56 16.36
CA LYS A 1628 -27.17 37.79 16.67
C LYS A 1628 -28.33 38.01 15.71
N THR A 1629 -28.23 37.50 14.48
CA THR A 1629 -29.31 37.52 13.53
C THR A 1629 -30.29 36.37 13.72
N GLY A 1630 -30.03 35.48 14.68
CA GLY A 1630 -30.86 34.34 14.95
C GLY A 1630 -30.42 33.08 14.25
N HIS A 1631 -29.83 33.19 13.06
CA HIS A 1631 -29.40 32.04 12.28
C HIS A 1631 -27.88 31.90 12.37
N ASN A 1632 -27.35 30.92 11.64
CA ASN A 1632 -25.93 30.57 11.71
C ASN A 1632 -25.38 30.53 10.29
N ASN A 1633 -24.23 31.14 10.08
CA ASN A 1633 -23.64 31.17 8.75
C ASN A 1633 -23.39 29.75 8.24
N GLY A 1634 -23.47 29.60 6.93
CA GLY A 1634 -23.24 28.30 6.32
C GLY A 1634 -24.50 27.53 6.01
N MET A 1635 -25.58 28.20 5.61
CA MET A 1635 -26.84 27.56 5.27
C MET A 1635 -26.96 27.30 3.77
N LEU A 1636 -25.84 27.02 3.09
CA LEU A 1636 -25.80 26.89 1.65
C LEU A 1636 -25.42 25.48 1.26
N GLY A 1637 -26.01 24.99 0.17
CA GLY A 1637 -25.68 23.69 -0.37
C GLY A 1637 -26.28 22.53 0.39
N SER A 1638 -25.43 21.65 0.93
CA SER A 1638 -25.92 20.47 1.62
C SER A 1638 -26.58 20.81 2.95
N LYS A 1639 -26.18 21.93 3.55
CA LYS A 1639 -26.84 22.36 4.79
C LYS A 1639 -28.27 22.81 4.56
N MET A 1640 -28.69 22.99 3.30
CA MET A 1640 -30.06 23.35 2.97
C MET A 1640 -30.98 22.15 2.84
N ALA A 1641 -30.42 20.93 2.73
CA ALA A 1641 -31.23 19.74 2.53
C ALA A 1641 -31.74 19.16 3.84
N HIS A 1642 -30.90 19.10 4.87
CA HIS A 1642 -31.29 18.57 6.17
C HIS A 1642 -31.95 19.68 6.97
N LYS A 1643 -33.28 19.61 7.11
CA LYS A 1643 -34.05 20.61 7.85
C LYS A 1643 -34.23 20.17 9.31
N LEU A 1644 -33.10 19.96 9.97
CA LEU A 1644 -33.12 19.50 11.35
C LEU A 1644 -33.79 20.53 12.25
N GLU A 1645 -34.55 20.03 13.23
CA GLU A 1645 -35.17 20.91 14.22
C GLU A 1645 -34.15 21.23 15.30
N THR A 1646 -33.90 22.51 15.53
CA THR A 1646 -32.82 22.96 16.39
C THR A 1646 -33.37 23.76 17.57
N GLU A 1647 -32.76 23.57 18.73
CA GLU A 1647 -33.09 24.32 19.94
C GLU A 1647 -31.95 25.28 20.23
N THR A 1648 -32.27 26.55 20.40
CA THR A 1648 -31.27 27.57 20.68
C THR A 1648 -30.91 27.53 22.17
N CYS A 1649 -29.65 27.21 22.45
CA CYS A 1649 -29.17 27.03 23.82
C CYS A 1649 -28.12 28.08 24.15
N SER A 1650 -28.14 28.56 25.39
CA SER A 1650 -27.15 29.49 25.89
C SER A 1650 -26.02 28.68 26.51
N VAL A 1651 -24.87 28.64 25.83
CA VAL A 1651 -23.76 27.81 26.27
C VAL A 1651 -23.19 28.36 27.56
N TYR A 1652 -22.97 27.49 28.54
CA TYR A 1652 -22.33 27.84 29.80
C TYR A 1652 -20.91 27.31 29.92
N TYR A 1653 -20.70 26.06 29.50
CA TYR A 1653 -19.37 25.45 29.44
C TYR A 1653 -19.19 24.80 28.09
N ALA A 1654 -17.96 24.84 27.58
CA ALA A 1654 -17.63 24.23 26.30
C ALA A 1654 -16.44 23.31 26.50
N GLY A 1655 -16.62 22.04 26.16
CA GLY A 1655 -15.55 21.06 26.30
C GLY A 1655 -14.60 21.15 25.12
N LEU A 1656 -13.30 21.10 25.41
CA LEU A 1656 -12.26 21.12 24.39
C LEU A 1656 -11.80 19.70 24.13
N ASN A 1657 -11.99 19.24 22.90
CA ASN A 1657 -11.56 17.92 22.48
C ASN A 1657 -10.26 18.03 21.67
N LEU A 1658 -9.70 16.89 21.32
CA LEU A 1658 -8.52 16.86 20.46
C LEU A 1658 -8.87 17.08 18.99
N ARG A 1659 -10.15 17.03 18.64
CA ARG A 1659 -10.58 17.37 17.30
C ARG A 1659 -10.40 18.86 17.02
N ASP A 1660 -10.61 19.71 18.03
CA ASP A 1660 -10.44 21.14 17.86
C ASP A 1660 -8.96 21.52 17.77
N ILE A 1661 -8.11 20.88 18.58
CA ILE A 1661 -6.69 21.19 18.55
C ILE A 1661 -6.10 20.78 17.21
N ILE A 1662 -6.52 19.64 16.68
CA ILE A 1662 -6.02 19.20 15.38
C ILE A 1662 -6.37 20.21 14.29
N LEU A 1663 -7.59 20.74 14.32
CA LEU A 1663 -7.98 21.75 13.33
C LEU A 1663 -7.32 23.09 13.60
N ALA A 1664 -7.22 23.48 14.87
CA ALA A 1664 -6.70 24.80 15.21
C ALA A 1664 -5.23 24.93 14.82
N ASN A 1665 -4.44 23.89 15.04
CA ASN A 1665 -3.00 23.95 14.81
C ASN A 1665 -2.61 23.57 13.38
N GLY A 1666 -3.58 23.38 12.49
CA GLY A 1666 -3.29 23.14 11.10
C GLY A 1666 -2.98 21.70 10.75
N THR A 1667 -3.04 20.77 11.71
CA THR A 1667 -2.79 19.37 11.39
C THR A 1667 -3.76 18.85 10.35
N ILE A 1668 -4.98 19.38 10.32
CA ILE A 1668 -6.00 18.99 9.37
C ILE A 1668 -6.73 20.25 8.91
N GLN A 1669 -7.04 20.31 7.61
CA GLN A 1669 -7.77 21.44 7.07
C GLN A 1669 -9.27 21.28 7.30
N ARG A 1670 -9.98 22.39 7.17
CA ARG A 1670 -11.44 22.39 7.33
C ARG A 1670 -12.13 21.52 6.30
N ASP A 1671 -11.47 21.21 5.17
CA ASP A 1671 -12.12 20.48 4.09
C ASP A 1671 -12.24 18.99 4.37
N ILE A 1672 -11.58 18.47 5.40
CA ILE A 1672 -11.75 17.07 5.76
C ILE A 1672 -13.04 16.86 6.55
N LEU A 1673 -13.60 17.92 7.13
CA LEU A 1673 -14.83 17.82 7.91
C LEU A 1673 -16.02 17.59 6.99
N PRO A 1674 -17.15 17.15 7.54
CA PRO A 1674 -18.36 17.00 6.72
C PRO A 1674 -18.61 18.23 5.85
N GLU A 1675 -19.09 17.98 4.64
CA GLU A 1675 -19.26 19.05 3.66
C GLU A 1675 -20.31 20.07 4.10
N GLU A 1676 -21.14 19.73 5.08
CA GLU A 1676 -22.14 20.67 5.60
C GLU A 1676 -21.52 21.80 6.41
N THR A 1677 -20.23 21.71 6.75
CA THR A 1677 -19.56 22.72 7.55
C THR A 1677 -18.64 23.62 6.73
N PHE A 1678 -18.68 23.52 5.39
CA PHE A 1678 -17.73 24.24 4.57
C PHE A 1678 -17.92 25.75 4.69
N PHE A 1679 -19.16 26.21 4.74
CA PHE A 1679 -19.46 27.64 4.78
C PHE A 1679 -19.76 28.15 6.19
N LYS A 1680 -19.58 27.31 7.20
CA LYS A 1680 -19.81 27.75 8.58
C LYS A 1680 -18.76 28.77 9.00
N GLU A 1681 -19.16 29.65 9.93
CA GLU A 1681 -18.24 30.69 10.39
C GLU A 1681 -17.01 30.08 11.05
N GLY A 1682 -17.19 28.96 11.75
CA GLY A 1682 -16.10 28.31 12.45
C GLY A 1682 -16.31 26.82 12.49
N VAL A 1683 -15.26 26.11 12.90
CA VAL A 1683 -15.28 24.65 12.92
C VAL A 1683 -14.75 24.13 14.26
N LEU A 1684 -14.70 25.01 15.26
CA LEU A 1684 -14.14 24.68 16.57
C LEU A 1684 -15.27 24.44 17.56
N GLY A 1685 -15.26 23.28 18.21
CA GLY A 1685 -16.20 22.99 19.27
C GLY A 1685 -17.43 22.23 18.80
N VAL A 1686 -17.77 21.16 19.52
CA VAL A 1686 -18.97 20.37 19.26
C VAL A 1686 -19.82 20.22 20.51
N GLU A 1687 -19.21 19.80 21.62
CA GLU A 1687 -19.94 19.57 22.86
C GLU A 1687 -20.06 20.85 23.67
N PHE A 1688 -21.03 20.87 24.57
CA PHE A 1688 -21.29 22.02 25.41
C PHE A 1688 -22.26 21.61 26.52
N SER A 1689 -22.45 22.51 27.48
CA SER A 1689 -23.45 22.34 28.52
C SER A 1689 -23.96 23.73 28.90
N GLY A 1690 -25.22 24.00 28.61
CA GLY A 1690 -25.80 25.32 28.83
C GLY A 1690 -27.23 25.23 29.25
N ARG A 1691 -28.06 26.10 28.67
CA ARG A 1691 -29.48 26.18 29.01
C ARG A 1691 -30.28 26.43 27.74
N ASN A 1692 -31.31 25.63 27.52
CA ASN A 1692 -32.14 25.78 26.32
C ASN A 1692 -33.02 27.02 26.49
N SER A 1693 -33.90 27.26 25.52
CA SER A 1693 -34.73 28.45 25.52
C SER A 1693 -35.70 28.48 26.69
N SER A 1694 -36.05 27.33 27.25
CA SER A 1694 -36.98 27.26 28.37
C SER A 1694 -36.31 27.37 29.71
N GLY A 1695 -34.99 27.55 29.76
CA GLY A 1695 -34.26 27.65 31.00
C GLY A 1695 -33.77 26.33 31.56
N LYS A 1696 -34.16 25.20 30.97
CA LYS A 1696 -33.70 23.92 31.45
C LYS A 1696 -32.20 23.78 31.23
N ARG A 1697 -31.56 23.01 32.12
CA ARG A 1697 -30.14 22.70 31.99
C ARG A 1697 -29.98 21.50 31.06
N VAL A 1698 -29.32 21.71 29.93
CA VAL A 1698 -29.14 20.68 28.92
C VAL A 1698 -27.67 20.63 28.52
N MET A 1699 -27.28 19.48 27.98
CA MET A 1699 -25.95 19.25 27.45
C MET A 1699 -26.09 18.46 26.16
N GLY A 1700 -25.20 18.68 25.20
CA GLY A 1700 -25.31 17.96 23.95
C GLY A 1700 -24.20 18.31 22.99
N LEU A 1701 -24.24 17.62 21.84
CA LEU A 1701 -23.32 17.81 20.74
C LEU A 1701 -24.03 18.51 19.60
N CYS A 1702 -23.39 19.51 19.01
CA CYS A 1702 -23.96 20.22 17.89
C CYS A 1702 -22.91 20.42 16.82
N PRO A 1703 -23.32 20.59 15.56
CA PRO A 1703 -22.35 20.96 14.52
C PRO A 1703 -21.66 22.26 14.88
N PRO A 1704 -20.39 22.41 14.53
CA PRO A 1704 -19.65 23.59 14.97
C PRO A 1704 -20.24 24.86 14.41
N PRO A 1705 -19.89 26.02 14.98
CA PRO A 1705 -19.03 26.23 16.16
C PRO A 1705 -19.77 26.09 17.47
N ALA A 1706 -19.42 25.10 18.30
CA ALA A 1706 -19.98 24.99 19.64
C ALA A 1706 -19.06 25.63 20.69
N LEU A 1707 -17.89 26.10 20.29
CA LEU A 1707 -17.05 26.95 21.13
C LEU A 1707 -17.55 28.38 20.96
N ALA A 1708 -18.77 28.61 21.42
CA ALA A 1708 -19.43 29.89 21.27
C ALA A 1708 -20.24 30.16 22.54
N THR A 1709 -21.00 31.24 22.55
CA THR A 1709 -21.88 31.57 23.66
C THR A 1709 -23.33 31.22 23.41
N THR A 1710 -23.75 31.08 22.16
CA THR A 1710 -25.07 30.56 21.82
C THR A 1710 -24.90 29.54 20.72
N VAL A 1711 -25.76 28.52 20.72
CA VAL A 1711 -25.72 27.44 19.74
C VAL A 1711 -27.14 27.18 19.26
N LYS A 1712 -27.23 26.44 18.15
CA LYS A 1712 -28.51 25.93 17.65
C LYS A 1712 -28.34 24.41 17.58
N CYS A 1713 -28.57 23.75 18.71
CA CYS A 1713 -28.34 22.32 18.81
C CYS A 1713 -29.58 21.57 18.35
N PRO A 1714 -29.45 20.58 17.45
CA PRO A 1714 -30.61 19.77 17.09
C PRO A 1714 -31.21 19.09 18.31
N VAL A 1715 -32.54 19.03 18.35
CA VAL A 1715 -33.23 18.45 19.50
C VAL A 1715 -32.93 16.96 19.67
N SER A 1716 -32.39 16.31 18.65
CA SER A 1716 -32.03 14.90 18.71
C SER A 1716 -30.60 14.70 19.23
N SER A 1717 -29.92 15.77 19.61
CA SER A 1717 -28.57 15.67 20.16
C SER A 1717 -28.47 16.25 21.56
N LEU A 1718 -29.57 16.62 22.18
CA LEU A 1718 -29.58 17.31 23.46
C LEU A 1718 -29.99 16.34 24.56
N TRP A 1719 -29.13 16.17 25.55
CA TRP A 1719 -29.46 15.44 26.76
C TRP A 1719 -29.75 16.42 27.88
N SER A 1720 -30.45 15.93 28.91
CA SER A 1720 -30.77 16.72 30.08
C SER A 1720 -29.77 16.41 31.19
N VAL A 1721 -29.23 17.45 31.81
CA VAL A 1721 -28.28 17.29 32.90
C VAL A 1721 -29.04 16.77 34.12
N PRO A 1722 -28.68 15.62 34.68
CA PRO A 1722 -29.35 15.17 35.91
C PRO A 1722 -29.18 16.20 37.01
N ASP A 1723 -30.14 16.23 37.93
CA ASP A 1723 -30.06 17.17 39.06
C ASP A 1723 -29.12 16.67 40.15
N GLN A 1724 -27.92 16.27 39.74
CA GLN A 1724 -26.80 15.99 40.63
C GLN A 1724 -25.48 16.45 40.04
N TRP A 1725 -25.43 16.75 38.74
CA TRP A 1725 -24.23 17.25 38.08
C TRP A 1725 -24.34 18.76 37.93
N THR A 1726 -23.27 19.47 38.26
CA THR A 1726 -23.18 20.86 37.85
C THR A 1726 -22.95 20.93 36.34
N LEU A 1727 -23.29 22.08 35.75
CA LEU A 1727 -23.10 22.23 34.31
C LEU A 1727 -21.63 22.06 33.94
N GLU A 1728 -20.72 22.27 34.89
CA GLU A 1728 -19.31 22.04 34.64
C GLU A 1728 -19.04 20.57 34.36
N GLU A 1729 -19.66 19.68 35.12
CA GLU A 1729 -19.46 18.24 34.90
C GLU A 1729 -20.16 17.76 33.64
N ALA A 1730 -21.31 18.37 33.32
CA ALA A 1730 -22.04 17.97 32.12
C ALA A 1730 -21.24 18.26 30.84
N ALA A 1731 -20.40 19.29 30.86
CA ALA A 1731 -19.67 19.68 29.66
C ALA A 1731 -18.63 18.62 29.25
N THR A 1732 -18.31 17.69 30.15
CA THR A 1732 -17.30 16.68 29.87
C THR A 1732 -17.87 15.39 29.31
N VAL A 1733 -19.16 15.13 29.50
CA VAL A 1733 -19.76 13.84 29.21
C VAL A 1733 -20.06 13.63 27.73
N PRO A 1734 -20.74 14.57 27.04
CA PRO A 1734 -21.38 14.21 25.76
C PRO A 1734 -20.45 13.59 24.72
N LEU A 1735 -19.35 14.25 24.37
CA LEU A 1735 -18.53 13.75 23.27
C LEU A 1735 -17.72 12.52 23.69
N ALA A 1736 -17.16 12.54 24.89
CA ALA A 1736 -16.30 11.44 25.33
C ALA A 1736 -17.06 10.12 25.34
N TYR A 1737 -18.30 10.14 25.84
CA TYR A 1737 -19.07 8.91 25.94
C TYR A 1737 -19.81 8.59 24.64
N ALA A 1738 -20.23 9.60 23.90
CA ALA A 1738 -20.82 9.34 22.58
C ALA A 1738 -19.82 8.68 21.65
N THR A 1739 -18.56 9.12 21.70
CA THR A 1739 -17.51 8.45 20.92
C THR A 1739 -17.24 7.06 21.45
N ALA A 1740 -17.20 6.89 22.77
CA ALA A 1740 -16.90 5.59 23.35
C ALA A 1740 -17.95 4.56 22.95
N TYR A 1741 -19.23 4.94 23.00
CA TYR A 1741 -20.29 4.01 22.58
C TYR A 1741 -20.20 3.73 21.09
N TYR A 1742 -19.88 4.73 20.28
CA TYR A 1742 -19.72 4.49 18.85
C TYR A 1742 -18.58 3.52 18.57
N CYS A 1743 -17.43 3.73 19.22
CA CYS A 1743 -16.28 2.86 18.97
C CYS A 1743 -16.54 1.44 19.43
N LEU A 1744 -17.18 1.29 20.59
CA LEU A 1744 -17.35 -0.03 21.21
C LEU A 1744 -18.63 -0.71 20.75
N VAL A 1745 -19.78 -0.06 20.94
CA VAL A 1745 -21.07 -0.72 20.74
C VAL A 1745 -21.64 -0.52 19.35
N SER A 1746 -21.17 0.48 18.60
CA SER A 1746 -21.72 0.79 17.29
C SER A 1746 -20.80 0.35 16.14
N GLU A 1747 -19.49 0.49 16.31
CA GLU A 1747 -18.54 0.05 15.29
C GLU A 1747 -17.82 -1.23 15.65
N GLY A 1748 -17.55 -1.45 16.93
CA GLY A 1748 -16.87 -2.67 17.36
C GLY A 1748 -17.82 -3.79 17.71
N GLY A 1749 -19.08 -3.47 17.96
CA GLY A 1749 -20.05 -4.49 18.33
C GLY A 1749 -19.65 -5.29 19.55
N VAL A 1750 -19.19 -4.61 20.60
CA VAL A 1750 -18.68 -5.30 21.77
C VAL A 1750 -19.78 -6.16 22.39
N GLN A 1751 -19.43 -7.38 22.78
CA GLN A 1751 -20.31 -8.30 23.47
C GLN A 1751 -19.84 -8.48 24.91
N LYS A 1752 -20.75 -9.00 25.74
CA LYS A 1752 -20.42 -9.21 27.14
C LYS A 1752 -19.26 -10.20 27.26
N GLY A 1753 -18.26 -9.84 28.08
CA GLY A 1753 -17.11 -10.68 28.30
C GLY A 1753 -16.03 -10.58 27.26
N ALA A 1754 -16.19 -9.74 26.25
CA ALA A 1754 -15.19 -9.63 25.20
C ALA A 1754 -13.95 -8.90 25.72
N THR A 1755 -12.82 -9.15 25.08
CA THR A 1755 -11.56 -8.50 25.39
C THR A 1755 -11.39 -7.28 24.49
N VAL A 1756 -11.12 -6.13 25.10
CA VAL A 1756 -11.00 -4.87 24.39
C VAL A 1756 -9.64 -4.28 24.69
N PHE A 1757 -8.95 -3.77 23.67
CA PHE A 1757 -7.68 -3.08 23.81
C PHE A 1757 -7.93 -1.61 23.48
N ILE A 1758 -7.68 -0.73 24.45
CA ILE A 1758 -7.97 0.70 24.33
C ILE A 1758 -6.65 1.45 24.42
N HIS A 1759 -6.27 2.14 23.37
CA HIS A 1759 -5.04 2.94 23.39
C HIS A 1759 -5.34 4.23 24.10
N ALA A 1760 -4.38 4.82 24.80
CA ALA A 1760 -4.46 6.08 25.53
C ALA A 1760 -5.65 6.09 26.49
N GLY A 1761 -5.56 5.20 27.48
CA GLY A 1761 -6.62 5.07 28.47
C GLY A 1761 -6.84 6.31 29.30
N ALA A 1762 -5.86 7.21 29.35
CA ALA A 1762 -5.97 8.43 30.15
C ALA A 1762 -6.65 9.57 29.40
N SER A 1763 -6.90 9.41 28.11
CA SER A 1763 -7.64 10.41 27.35
C SER A 1763 -9.12 10.34 27.72
N VAL A 1764 -9.83 11.44 27.42
CA VAL A 1764 -11.25 11.50 27.76
C VAL A 1764 -12.02 10.41 27.01
N VAL A 1765 -11.71 10.23 25.72
CA VAL A 1765 -12.30 9.13 24.98
C VAL A 1765 -11.82 7.80 25.54
N GLY A 1766 -10.56 7.73 25.98
CA GLY A 1766 -10.06 6.51 26.58
C GLY A 1766 -10.73 6.21 27.91
N GLN A 1767 -10.91 7.22 28.75
CA GLN A 1767 -11.61 7.03 30.01
C GLN A 1767 -13.06 6.62 29.78
N ALA A 1768 -13.72 7.24 28.80
CA ALA A 1768 -15.09 6.86 28.47
C ALA A 1768 -15.15 5.43 27.93
N SER A 1769 -14.16 5.04 27.12
CA SER A 1769 -14.15 3.69 26.56
C SER A 1769 -14.00 2.64 27.65
N ILE A 1770 -13.15 2.90 28.65
CA ILE A 1770 -13.00 1.95 29.75
C ILE A 1770 -14.31 1.83 30.52
N ALA A 1771 -14.96 2.96 30.80
CA ALA A 1771 -16.21 2.92 31.57
C ALA A 1771 -17.29 2.17 30.81
N VAL A 1772 -17.40 2.40 29.50
CA VAL A 1772 -18.37 1.66 28.69
C VAL A 1772 -18.01 0.19 28.65
N ALA A 1773 -16.72 -0.12 28.48
CA ALA A 1773 -16.29 -1.51 28.41
C ALA A 1773 -16.52 -2.23 29.73
N LEU A 1774 -16.22 -1.57 30.85
CA LEU A 1774 -16.43 -2.21 32.15
C LEU A 1774 -17.90 -2.52 32.38
N SER A 1775 -18.79 -1.62 31.96
CA SER A 1775 -20.22 -1.88 32.09
C SER A 1775 -20.63 -3.12 31.32
N TYR A 1776 -19.99 -3.37 30.18
CA TYR A 1776 -20.22 -4.58 29.40
C TYR A 1776 -19.47 -5.78 29.94
N ASN A 1777 -18.83 -5.66 31.10
CA ASN A 1777 -18.08 -6.75 31.72
C ASN A 1777 -17.05 -7.32 30.75
N CYS A 1778 -16.15 -6.43 30.31
CA CYS A 1778 -15.12 -6.76 29.35
C CYS A 1778 -13.78 -6.93 30.05
N GLU A 1779 -12.82 -7.61 29.37
CA GLU A 1779 -11.43 -7.78 29.84
C GLU A 1779 -10.65 -6.63 29.18
N ILE A 1780 -10.22 -5.63 29.93
CA ILE A 1780 -9.68 -4.38 29.41
C ILE A 1780 -8.16 -4.40 29.47
N PHE A 1781 -7.53 -4.00 28.38
CA PHE A 1781 -6.06 -3.83 28.30
C PHE A 1781 -5.97 -2.42 27.85
N THR A 1782 -5.22 -1.55 28.48
CA THR A 1782 -5.11 -0.14 28.16
C THR A 1782 -3.65 0.31 28.21
N LEU A 1783 -3.33 1.29 27.37
CA LEU A 1783 -1.95 1.78 27.22
C LEU A 1783 -1.80 3.07 28.00
N THR A 1784 -0.97 3.12 29.05
CA THR A 1784 -0.76 4.28 29.90
C THR A 1784 0.66 4.80 29.70
N LYS A 1785 0.78 6.12 29.49
CA LYS A 1785 2.09 6.71 29.21
C LYS A 1785 3.04 6.52 30.38
N ASN A 1786 2.69 7.07 31.54
CA ASN A 1786 3.53 7.03 32.73
C ASN A 1786 2.76 6.39 33.88
N SER A 1787 3.38 6.37 35.06
CA SER A 1787 2.75 5.78 36.24
C SER A 1787 1.63 6.66 36.80
N ASP A 1788 1.68 7.97 36.56
CA ASP A 1788 0.59 8.83 37.04
C ASP A 1788 -0.72 8.47 36.36
N GLU A 1789 -0.69 8.21 35.06
CA GLU A 1789 -1.91 7.82 34.35
C GLU A 1789 -2.43 6.48 34.86
N THR A 1790 -1.54 5.53 35.10
CA THR A 1790 -1.96 4.23 35.62
C THR A 1790 -2.62 4.38 36.99
N ALA A 1791 -2.03 5.21 37.86
CA ALA A 1791 -2.61 5.43 39.18
C ALA A 1791 -3.96 6.11 39.07
N LEU A 1792 -4.08 7.10 38.18
CA LEU A 1792 -5.36 7.80 38.02
C LEU A 1792 -6.44 6.83 37.56
N LEU A 1793 -6.15 6.00 36.57
CA LEU A 1793 -7.15 5.06 36.06
C LEU A 1793 -7.53 4.04 37.12
N LYS A 1794 -6.55 3.53 37.87
CA LYS A 1794 -6.84 2.54 38.90
C LYS A 1794 -7.75 3.12 39.97
N SER A 1795 -7.47 4.34 40.42
CA SER A 1795 -8.35 4.99 41.40
C SER A 1795 -9.72 5.27 40.81
N MET A 1796 -9.75 5.75 39.56
CA MET A 1796 -11.03 6.05 38.92
C MET A 1796 -11.88 4.79 38.76
N TYR A 1797 -11.26 3.70 38.33
CA TYR A 1797 -11.96 2.43 38.12
C TYR A 1797 -11.36 1.37 39.03
N PRO A 1798 -11.96 1.08 40.18
CA PRO A 1798 -11.37 0.09 41.10
C PRO A 1798 -11.27 -1.30 40.51
N GLN A 1799 -12.06 -1.63 39.48
CA GLN A 1799 -12.01 -2.95 38.87
C GLN A 1799 -10.72 -3.19 38.09
N LEU A 1800 -9.94 -2.15 37.81
CA LEU A 1800 -8.75 -2.27 36.99
C LEU A 1800 -7.55 -2.61 37.86
N ASN A 1801 -6.90 -3.74 37.55
CA ASN A 1801 -5.70 -4.21 38.27
C ASN A 1801 -4.52 -3.88 37.37
N ASP A 1802 -3.30 -4.07 37.83
CA ASP A 1802 -2.08 -3.70 37.07
C ASP A 1802 -1.93 -4.60 35.85
N ARG A 1803 -2.49 -5.78 35.89
CA ARG A 1803 -2.40 -6.72 34.76
C ARG A 1803 -3.13 -6.15 33.57
N ASN A 1804 -4.05 -5.21 33.81
CA ASN A 1804 -4.91 -4.62 32.76
C ASN A 1804 -4.23 -3.41 32.15
N PHE A 1805 -2.95 -3.14 32.41
CA PHE A 1805 -2.25 -1.89 31.97
C PHE A 1805 -0.95 -2.17 31.29
N CYS A 1806 -0.60 -1.45 30.22
CA CYS A 1806 0.64 -1.56 29.46
C CYS A 1806 1.20 -0.16 29.24
N SER A 1807 2.28 -0.08 28.46
CA SER A 1807 3.00 1.16 28.25
C SER A 1807 2.87 1.61 26.80
N SER A 1808 2.67 2.90 26.56
CA SER A 1808 2.49 3.47 25.20
C SER A 1808 3.84 3.90 24.64
N GLU A 1809 4.92 3.61 25.36
CA GLU A 1809 6.28 4.04 25.01
C GLU A 1809 6.99 3.02 24.13
N ASP A 1810 6.53 1.77 24.10
CA ASP A 1810 7.14 0.67 23.33
C ASP A 1810 6.03 -0.23 22.82
N CYS A 1811 6.30 -1.13 21.87
CA CYS A 1811 5.29 -2.11 21.36
C CYS A 1811 5.52 -3.41 22.10
N SER A 1812 5.86 -3.34 23.38
CA SER A 1812 6.02 -4.53 24.20
C SER A 1812 4.70 -5.07 24.70
N PHE A 1813 3.60 -4.37 24.41
CA PHE A 1813 2.23 -4.75 24.79
C PHE A 1813 1.75 -5.87 23.91
N GLU A 1814 2.35 -6.14 22.75
CA GLU A 1814 1.88 -7.18 21.86
C GLU A 1814 2.15 -8.57 22.43
N LYS A 1815 3.37 -8.80 22.91
CA LYS A 1815 3.68 -10.08 23.54
C LYS A 1815 2.86 -10.27 24.81
N TYR A 1816 2.67 -9.22 25.58
CA TYR A 1816 1.97 -9.32 26.87
C TYR A 1816 0.56 -9.65 26.62
N ILE A 1817 -0.10 -8.93 25.73
CA ILE A 1817 -1.52 -9.13 25.48
C ILE A 1817 -1.75 -10.47 24.80
N ARG A 1818 -0.89 -10.85 23.86
CA ARG A 1818 -1.04 -12.14 23.20
CA ARG A 1818 -1.05 -12.14 23.20
C ARG A 1818 -0.91 -13.28 24.20
N LYS A 1819 0.05 -13.19 25.12
CA LYS A 1819 0.21 -14.22 26.13
C LYS A 1819 -0.97 -14.23 27.10
N GLU A 1820 -1.46 -13.06 27.50
CA GLU A 1820 -2.55 -12.92 28.50
C GLU A 1820 -3.89 -13.33 27.89
N THR A 1821 -4.06 -13.27 26.57
CA THR A 1821 -5.28 -13.74 25.93
C THR A 1821 -5.15 -15.17 25.43
N LYS A 1822 -4.04 -15.84 25.73
CA LYS A 1822 -3.83 -17.24 25.33
C LYS A 1822 -3.94 -17.40 23.82
N GLY A 1823 -3.46 -16.41 23.08
CA GLY A 1823 -3.46 -16.46 21.63
C GLY A 1823 -4.78 -16.15 20.97
N SER A 1824 -5.81 -15.82 21.74
CA SER A 1824 -7.11 -15.52 21.15
C SER A 1824 -7.15 -14.13 20.53
N GLY A 1825 -6.43 -13.17 21.10
CA GLY A 1825 -6.47 -11.81 20.63
C GLY A 1825 -7.55 -11.00 21.32
N VAL A 1826 -7.64 -9.74 20.91
CA VAL A 1826 -8.57 -8.77 21.49
C VAL A 1826 -9.71 -8.55 20.52
N ASP A 1827 -10.95 -8.61 21.03
CA ASP A 1827 -12.12 -8.51 20.17
C ASP A 1827 -12.26 -7.13 19.55
N VAL A 1828 -12.04 -6.09 20.32
CA VAL A 1828 -12.16 -4.71 19.84
C VAL A 1828 -10.87 -3.97 20.15
N VAL A 1829 -10.37 -3.23 19.15
CA VAL A 1829 -9.18 -2.40 19.30
C VAL A 1829 -9.59 -0.97 19.01
N ILE A 1830 -9.58 -0.11 20.02
CA ILE A 1830 -9.78 1.32 19.84
C ILE A 1830 -8.39 1.94 19.69
N ASN A 1831 -7.94 2.15 18.46
CA ASN A 1831 -6.57 2.58 18.13
C ASN A 1831 -6.40 4.06 17.91
N THR A 1832 -5.57 4.71 18.69
CA THR A 1832 -5.19 6.10 18.51
C THR A 1832 -3.73 6.27 18.14
N LEU A 1833 -2.83 5.39 18.60
CA LEU A 1833 -1.38 5.44 18.33
C LEU A 1833 -1.18 5.02 16.89
N ARG A 1834 -0.06 5.36 16.28
CA ARG A 1834 0.12 5.16 14.83
C ARG A 1834 1.49 4.58 14.58
N GLY A 1835 1.75 4.08 13.39
CA GLY A 1835 3.03 3.52 13.03
C GLY A 1835 3.15 2.10 13.47
N LYS A 1836 4.15 1.76 14.25
CA LYS A 1836 4.43 0.37 14.66
C LYS A 1836 3.45 -0.05 15.76
N PHE A 1837 2.76 0.90 16.38
CA PHE A 1837 1.76 0.63 17.44
C PHE A 1837 0.46 0.33 16.80
N LEU A 1838 0.19 0.83 15.61
CA LEU A 1838 -1.02 0.52 14.82
C LEU A 1838 -0.86 -0.87 14.23
N LYS A 1839 0.31 -1.19 13.70
CA LYS A 1839 0.60 -2.51 13.13
C LYS A 1839 0.55 -3.53 14.25
N ALA A 1840 1.15 -3.31 15.42
CA ALA A 1840 1.22 -4.27 16.54
C ALA A 1840 -0.13 -4.49 17.18
N SER A 1841 -1.10 -3.63 16.92
CA SER A 1841 -2.48 -3.65 17.47
C SER A 1841 -3.46 -4.32 16.51
N ARG A 1842 -3.29 -4.17 15.20
CA ARG A 1842 -4.10 -5.07 14.40
CA ARG A 1842 -4.02 -5.05 14.29
C ARG A 1842 -3.57 -6.50 14.43
N ARG A 1843 -2.29 -6.70 14.79
CA ARG A 1843 -1.75 -8.04 14.92
C ARG A 1843 -2.31 -8.75 16.16
N LEU A 1844 -2.93 -8.01 17.07
CA LEU A 1844 -3.56 -8.60 18.24
C LEU A 1844 -5.04 -8.94 18.00
N LEU A 1845 -5.59 -8.55 16.86
CA LEU A 1845 -7.00 -8.80 16.58
C LEU A 1845 -7.29 -10.29 16.57
N SER A 1846 -8.45 -10.66 17.08
CA SER A 1846 -8.92 -12.05 17.03
C SER A 1846 -9.42 -12.33 15.62
N LYS A 1847 -9.97 -13.53 15.41
CA LYS A 1847 -10.50 -13.88 14.10
C LYS A 1847 -11.64 -12.94 13.69
N LYS A 1848 -12.55 -12.65 14.63
CA LYS A 1848 -13.66 -11.75 14.40
C LYS A 1848 -13.42 -10.36 14.98
N GLY A 1849 -12.19 -10.05 15.36
CA GLY A 1849 -11.92 -8.79 16.03
C GLY A 1849 -12.14 -7.60 15.12
N LYS A 1850 -12.50 -6.47 15.72
CA LYS A 1850 -12.73 -5.22 15.02
C LYS A 1850 -11.66 -4.21 15.40
N PHE A 1851 -11.21 -3.44 14.41
CA PHE A 1851 -10.17 -2.44 14.58
C PHE A 1851 -10.80 -1.07 14.33
N VAL A 1852 -10.97 -0.30 15.40
CA VAL A 1852 -11.53 1.04 15.33
C VAL A 1852 -10.36 2.01 15.43
N ASP A 1853 -9.94 2.55 14.28
CA ASP A 1853 -8.87 3.53 14.24
C ASP A 1853 -9.46 4.93 14.24
N ILE A 1854 -9.20 5.68 15.30
CA ILE A 1854 -9.75 7.02 15.48
C ILE A 1854 -8.66 8.07 15.61
N GLY A 1855 -7.42 7.73 15.29
CA GLY A 1855 -6.35 8.71 15.29
C GLY A 1855 -6.53 9.71 14.16
N PHE A 1856 -6.02 10.92 14.38
CA PHE A 1856 -6.22 12.01 13.44
C PHE A 1856 -5.04 12.20 12.48
N LYS A 1857 -3.85 11.77 12.87
CA LYS A 1857 -2.63 12.08 12.12
C LYS A 1857 -2.27 10.91 11.21
N VAL A 1858 -3.21 10.57 10.32
CA VAL A 1858 -3.02 9.44 9.43
C VAL A 1858 -1.92 9.75 8.42
N ASP A 1859 -1.23 8.70 7.98
CA ASP A 1859 -0.17 8.84 6.98
C ASP A 1859 -0.76 9.18 5.62
N SER A 1860 0.12 9.40 4.64
CA SER A 1860 -0.34 9.67 3.28
C SER A 1860 -0.99 8.43 2.67
N ASN A 1861 -0.39 7.25 2.87
CA ASN A 1861 -0.97 6.02 2.34
C ASN A 1861 -2.34 5.76 2.95
N THR A 1862 -2.49 6.03 4.26
CA THR A 1862 -3.78 5.84 4.91
C THR A 1862 -4.84 6.74 4.29
N GLN A 1863 -4.50 8.00 4.02
CA GLN A 1863 -5.47 8.92 3.43
C GLN A 1863 -5.88 8.46 2.03
N ILE A 1864 -4.92 7.99 1.23
CA ILE A 1864 -5.26 7.45 -0.08
C ILE A 1864 -6.18 6.26 0.05
N ALA A 1865 -5.97 5.43 1.08
CA ALA A 1865 -6.89 4.33 1.35
C ALA A 1865 -8.29 4.85 1.65
N TYR A 1866 -8.38 5.94 2.42
CA TYR A 1866 -9.67 6.55 2.66
C TYR A 1866 -10.30 7.04 1.36
N TYR A 1867 -9.51 7.72 0.52
CA TYR A 1867 -10.03 8.23 -0.73
C TYR A 1867 -10.51 7.11 -1.64
N THR A 1868 -9.71 6.05 -1.76
CA THR A 1868 -10.04 4.93 -2.64
C THR A 1868 -11.11 4.02 -2.08
N ARG A 1869 -11.74 4.40 -0.97
CA ARG A 1869 -12.79 3.61 -0.31
C ARG A 1869 -12.25 2.30 0.24
N GLU A 1870 -10.93 2.12 0.29
CA GLU A 1870 -10.36 0.89 0.80
C GLU A 1870 -10.67 0.70 2.27
N HIS A 1871 -10.61 1.77 3.06
CA HIS A 1871 -10.91 1.74 4.48
C HIS A 1871 -11.89 2.85 4.82
N PRO A 1872 -12.70 2.66 5.86
CA PRO A 1872 -13.60 3.74 6.30
C PRO A 1872 -12.87 4.74 7.19
N ASP A 1873 -13.22 6.01 7.04
CA ASP A 1873 -12.64 7.09 7.83
C ASP A 1873 -13.55 7.32 9.03
N LEU A 1874 -13.14 6.84 10.19
CA LEU A 1874 -13.97 6.85 11.40
C LEU A 1874 -13.56 7.94 12.38
N ARG A 1875 -12.69 8.87 11.97
CA ARG A 1875 -12.20 9.89 12.89
C ARG A 1875 -13.01 11.17 12.84
N PHE A 1876 -13.83 11.37 11.81
CA PHE A 1876 -14.81 12.45 11.79
C PHE A 1876 -16.20 11.89 11.54
N GLN A 1877 -16.53 10.75 12.16
CA GLN A 1877 -17.84 10.16 12.02
C GLN A 1877 -18.85 10.69 13.02
N LEU A 1878 -18.44 10.95 14.26
CA LEU A 1878 -19.32 11.63 15.21
C LEU A 1878 -19.70 13.02 14.74
N ASP A 1879 -18.81 13.69 14.01
CA ASP A 1879 -19.15 14.98 13.41
C ASP A 1879 -20.12 14.82 12.24
N ALA A 1880 -20.00 13.73 11.49
CA ALA A 1880 -20.92 13.47 10.38
C ALA A 1880 -22.28 13.01 10.84
N LEU A 1881 -22.34 12.19 11.91
CA LEU A 1881 -23.63 11.78 12.44
C LEU A 1881 -24.39 12.97 13.04
N LEU A 1882 -23.67 14.02 13.42
CA LEU A 1882 -24.30 15.22 13.98
C LEU A 1882 -24.90 16.12 12.91
N GLU A 1883 -24.49 15.97 11.65
CA GLU A 1883 -25.10 16.70 10.56
C GLU A 1883 -26.36 16.03 10.04
N SER A 1884 -26.38 14.70 9.97
CA SER A 1884 -27.54 13.96 9.51
C SER A 1884 -28.55 13.72 10.63
N GLN A 1885 -28.06 13.34 11.81
CA GLN A 1885 -28.91 13.05 12.96
C GLN A 1885 -30.01 12.06 12.58
N GLY A 1886 -29.57 10.89 12.14
CA GLY A 1886 -30.46 9.88 11.62
C GLY A 1886 -30.49 8.63 12.48
N PRO A 1887 -30.85 7.49 11.88
CA PRO A 1887 -30.98 6.25 12.66
C PRO A 1887 -29.71 5.87 13.42
N GLU A 1888 -28.55 6.10 12.82
CA GLU A 1888 -27.31 5.72 13.48
C GLU A 1888 -26.99 6.62 14.66
N TRP A 1889 -27.32 7.92 14.57
CA TRP A 1889 -27.10 8.80 15.70
C TRP A 1889 -28.06 8.51 16.84
N THR A 1890 -29.35 8.36 16.53
CA THR A 1890 -30.35 8.15 17.57
C THR A 1890 -30.07 6.85 18.33
N ARG A 1891 -29.29 5.96 17.73
CA ARG A 1891 -28.79 4.81 18.47
C ARG A 1891 -27.74 5.20 19.48
N LEU A 1892 -26.85 6.13 19.14
CA LEU A 1892 -25.89 6.65 20.09
C LEU A 1892 -26.53 7.62 21.10
N PHE A 1893 -27.57 8.34 20.69
CA PHE A 1893 -28.28 9.18 21.63
C PHE A 1893 -28.93 8.34 22.72
N ASP A 1894 -29.55 7.21 22.36
CA ASP A 1894 -30.19 6.35 23.33
C ASP A 1894 -29.20 5.57 24.16
N LEU A 1895 -28.07 5.16 23.59
CA LEU A 1895 -27.03 4.48 24.35
C LEU A 1895 -26.43 5.36 25.43
N VAL A 1896 -26.15 6.62 25.11
CA VAL A 1896 -25.61 7.54 26.11
C VAL A 1896 -26.65 7.90 27.15
N GLN A 1897 -27.90 8.13 26.73
CA GLN A 1897 -28.96 8.43 27.70
C GLN A 1897 -29.18 7.27 28.66
N ALA A 1898 -29.17 6.04 28.14
CA ALA A 1898 -29.28 4.88 29.01
C ALA A 1898 -28.10 4.79 29.97
N GLY A 1899 -26.89 5.07 29.47
CA GLY A 1899 -25.73 5.06 30.34
C GLY A 1899 -25.80 6.08 31.46
N ILE A 1900 -26.33 7.27 31.17
CA ILE A 1900 -26.49 8.28 32.21
C ILE A 1900 -27.42 7.78 33.30
N HIS A 1901 -28.56 7.20 32.90
CA HIS A 1901 -29.53 6.71 33.88
C HIS A 1901 -28.95 5.56 34.70
N SER A 1902 -28.26 4.63 34.05
CA SER A 1902 -27.72 3.45 34.72
C SER A 1902 -26.44 3.74 35.49
N GLY A 1903 -25.92 4.97 35.42
CA GLY A 1903 -24.73 5.34 36.16
C GLY A 1903 -23.42 5.07 35.44
N VAL A 1904 -23.45 4.44 34.26
CA VAL A 1904 -22.21 4.19 33.53
C VAL A 1904 -21.58 5.50 33.09
N VAL A 1905 -22.39 6.45 32.63
CA VAL A 1905 -21.89 7.72 32.09
C VAL A 1905 -21.72 8.66 33.28
N LYS A 1906 -20.51 8.67 33.85
CA LYS A 1906 -20.18 9.59 34.92
C LYS A 1906 -19.29 10.71 34.39
N PRO A 1907 -19.39 11.92 34.96
CA PRO A 1907 -18.52 13.01 34.49
C PRO A 1907 -17.05 12.71 34.75
N LEU A 1908 -16.20 13.22 33.87
CA LEU A 1908 -14.76 13.05 33.98
C LEU A 1908 -14.15 14.23 34.72
N LYS A 1909 -12.92 14.02 35.21
CA LYS A 1909 -12.17 15.11 35.81
C LYS A 1909 -11.81 16.12 34.73
N ARG A 1910 -11.85 17.40 35.08
CA ARG A 1910 -11.71 18.46 34.09
C ARG A 1910 -10.95 19.63 34.68
N ALA A 1911 -10.35 20.42 33.79
CA ALA A 1911 -9.72 21.69 34.14
C ALA A 1911 -10.49 22.79 33.43
N VAL A 1912 -10.91 23.80 34.18
CA VAL A 1912 -11.77 24.87 33.66
C VAL A 1912 -10.90 26.07 33.35
N TYR A 1913 -10.98 26.54 32.10
CA TYR A 1913 -10.25 27.72 31.64
C TYR A 1913 -11.25 28.81 31.30
N SER A 1914 -10.91 30.05 31.63
CA SER A 1914 -11.78 31.17 31.34
C SER A 1914 -11.83 31.40 29.83
N MET A 1915 -12.66 32.36 29.41
CA MET A 1915 -12.81 32.64 28.00
C MET A 1915 -11.61 33.36 27.41
N ASP A 1916 -10.81 34.03 28.24
CA ASP A 1916 -9.64 34.76 27.77
C ASP A 1916 -8.40 33.87 27.67
N LYS A 1917 -8.37 32.74 28.37
CA LYS A 1917 -7.29 31.77 28.24
C LYS A 1917 -7.62 30.67 27.24
N ILE A 1918 -8.41 30.98 26.22
CA ILE A 1918 -8.73 30.00 25.19
C ILE A 1918 -7.46 29.49 24.53
N VAL A 1919 -6.50 30.38 24.29
CA VAL A 1919 -5.23 29.97 23.69
C VAL A 1919 -4.50 29.00 24.61
N ASP A 1920 -4.45 29.29 25.91
CA ASP A 1920 -3.74 28.42 26.83
C ASP A 1920 -4.43 27.08 26.98
N ALA A 1921 -5.77 27.07 26.94
CA ALA A 1921 -6.50 25.81 27.00
C ALA A 1921 -6.16 24.93 25.81
N PHE A 1922 -6.10 25.52 24.61
CA PHE A 1922 -5.75 24.75 23.42
C PHE A 1922 -4.33 24.20 23.52
N LYS A 1923 -3.40 25.00 24.04
CA LYS A 1923 -2.04 24.52 24.23
C LYS A 1923 -1.98 23.39 25.26
N THR A 1924 -2.80 23.50 26.32
CA THR A 1924 -2.85 22.45 27.32
C THR A 1924 -3.35 21.13 26.72
N VAL A 1925 -4.38 21.20 25.88
CA VAL A 1925 -4.89 20.00 25.24
C VAL A 1925 -3.85 19.40 24.30
N GLU A 1926 -3.17 20.24 23.52
CA GLU A 1926 -2.21 19.73 22.54
C GLU A 1926 -1.07 18.99 23.22
N ALA A 1927 -0.51 19.56 24.29
CA ALA A 1927 0.66 18.97 24.90
C ALA A 1927 0.36 17.60 25.50
N GLU A 1928 -0.83 17.43 26.06
CA GLU A 1928 -1.23 16.16 26.67
C GLU A 1928 -0.26 15.77 27.80
N ARG A 1929 0.19 16.77 28.55
CA ARG A 1929 1.08 16.53 29.68
C ARG A 1929 0.37 15.89 30.86
N GLU A 1930 -0.95 15.97 30.93
CA GLU A 1930 -1.69 15.47 32.08
C GLU A 1930 -3.11 15.14 31.65
N ALA A 1931 -3.68 14.10 32.27
CA ALA A 1931 -5.02 13.66 31.94
C ALA A 1931 -6.05 14.67 32.42
N GLY A 1932 -7.20 14.66 31.76
CA GLY A 1932 -8.33 15.48 32.15
C GLY A 1932 -9.03 16.11 30.96
N LYS A 1933 -10.23 16.60 31.21
CA LYS A 1933 -11.01 17.33 30.22
C LYS A 1933 -10.77 18.83 30.39
N ILE A 1934 -10.49 19.51 29.28
CA ILE A 1934 -10.33 20.95 29.28
C ILE A 1934 -11.65 21.58 28.86
N VAL A 1935 -12.24 22.36 29.75
CA VAL A 1935 -13.60 22.87 29.59
C VAL A 1935 -13.53 24.38 29.71
N ILE A 1936 -13.89 25.08 28.64
CA ILE A 1936 -13.94 26.55 28.68
C ILE A 1936 -15.22 26.98 29.38
N LYS A 1937 -15.08 27.89 30.34
CA LYS A 1937 -16.22 28.41 31.10
C LYS A 1937 -16.71 29.67 30.40
N ILE A 1938 -17.87 29.57 29.76
CA ILE A 1938 -18.46 30.72 29.08
C ILE A 1938 -19.27 31.57 30.03
N ARG A 1939 -20.13 30.95 30.83
CA ARG A 1939 -21.01 31.65 31.76
C ARG A 1939 -20.93 31.00 33.12
N ASP A 1940 -21.43 31.72 34.13
CA ASP A 1940 -21.45 31.23 35.51
C ASP A 1940 -22.82 30.65 35.81
N GLU A 1941 -22.85 29.38 36.21
CA GLU A 1941 -24.11 28.69 36.45
C GLU A 1941 -24.85 29.32 37.62
N GLU A 1942 -26.13 29.60 37.41
CA GLU A 1942 -26.96 30.17 38.47
C GLU A 1942 -27.29 29.09 39.52
N ARG A 1943 -27.57 29.55 40.74
CA ARG A 1943 -27.89 28.62 41.82
C ARG A 1943 -29.16 27.85 41.53
N GLN A 1944 -30.12 28.44 40.83
CA GLN A 1944 -31.35 27.75 40.49
C GLN A 1944 -31.08 26.65 39.47
N LYS A 1945 -32.13 25.91 39.10
CA LYS A 1945 -32.03 24.85 38.12
C LYS A 1945 -32.88 25.08 36.88
N VAL A 1946 -33.89 25.94 36.95
CA VAL A 1946 -34.61 26.39 35.77
C VAL A 1946 -34.83 27.88 35.88
N CYS A 1947 -33.97 28.66 35.23
CA CYS A 1947 -34.01 30.12 35.32
C CYS A 1947 -33.47 30.72 34.04
N PRO A 1948 -34.04 31.85 33.58
CA PRO A 1948 -33.54 32.46 32.35
C PRO A 1948 -32.08 32.88 32.48
N THR A 1949 -31.36 32.78 31.37
CA THR A 1949 -29.97 33.20 31.34
C THR A 1949 -29.88 34.72 31.26
N PRO A 1950 -29.15 35.37 32.16
CA PRO A 1950 -28.99 36.83 32.06
C PRO A 1950 -28.32 37.21 30.75
N ARG A 1951 -28.71 38.36 30.21
CA ARG A 1951 -28.09 38.89 29.00
C ARG A 1951 -26.79 39.59 29.38
N THR A 1952 -25.70 39.19 28.73
CA THR A 1952 -24.39 39.76 29.00
C THR A 1952 -23.65 39.93 27.68
N SER A 1953 -22.56 40.68 27.72
CA SER A 1953 -21.73 40.96 26.56
C SER A 1953 -20.33 40.42 26.78
N PHE A 1954 -19.68 40.05 25.68
CA PHE A 1954 -18.34 39.50 25.70
C PHE A 1954 -17.43 40.30 24.79
N PRO A 1955 -16.16 40.52 25.17
CA PRO A 1955 -15.24 41.20 24.24
C PRO A 1955 -14.89 40.30 23.07
N ALA A 1956 -15.12 40.80 21.86
CA ALA A 1956 -14.88 40.00 20.67
C ALA A 1956 -14.53 40.92 19.50
N ILE A 1957 -13.76 40.35 18.57
CA ILE A 1957 -13.37 41.09 17.36
C ILE A 1957 -14.55 41.15 16.40
N HIS A 1958 -14.56 42.18 15.58
CA HIS A 1958 -15.65 42.39 14.63
C HIS A 1958 -15.72 41.25 13.63
N ARG A 1959 -16.95 40.95 13.18
CA ARG A 1959 -17.15 40.07 12.04
C ARG A 1959 -18.50 40.41 11.45
N THR A 1960 -18.50 41.07 10.30
CA THR A 1960 -19.75 41.51 9.69
C THR A 1960 -20.57 40.30 9.24
N CYS A 1961 -21.87 40.35 9.52
CA CYS A 1961 -22.80 39.32 9.13
C CYS A 1961 -24.09 39.96 8.65
N PHE A 1962 -24.77 39.30 7.71
CA PHE A 1962 -25.97 39.81 7.10
C PHE A 1962 -27.16 38.92 7.46
N HIS A 1963 -28.30 39.55 7.73
CA HIS A 1963 -29.48 38.80 8.10
C HIS A 1963 -29.97 37.98 6.91
N PRO A 1964 -30.14 36.66 7.06
CA PRO A 1964 -30.62 35.85 5.93
C PRO A 1964 -32.09 36.02 5.61
N ASP A 1965 -32.88 36.59 6.53
CA ASP A 1965 -34.30 36.81 6.30
C ASP A 1965 -34.61 38.19 5.73
N LYS A 1966 -33.60 39.04 5.56
CA LYS A 1966 -33.76 40.37 5.01
C LYS A 1966 -33.22 40.42 3.58
N SER A 1967 -33.73 41.38 2.82
CA SER A 1967 -33.34 41.58 1.43
C SER A 1967 -32.28 42.67 1.36
N HIS A 1968 -31.21 42.41 0.62
CA HIS A 1968 -30.10 43.34 0.45
C HIS A 1968 -30.07 43.82 -0.99
N ILE A 1969 -30.17 45.12 -1.24
CA ILE A 1969 -30.16 45.73 -2.62
C ILE A 1969 -28.73 46.09 -2.95
N LEU A 1970 -28.23 45.78 -4.15
CA LEU A 1970 -26.86 46.05 -4.60
C LEU A 1970 -27.00 46.79 -5.92
N VAL A 1971 -27.04 48.13 -5.90
CA VAL A 1971 -27.21 49.01 -7.07
C VAL A 1971 -25.85 49.10 -7.74
N GLY A 1972 -25.66 48.45 -8.87
CA GLY A 1972 -24.37 48.35 -9.54
C GLY A 1972 -23.71 47.09 -9.09
N GLY A 1973 -24.48 46.08 -8.73
CA GLY A 1973 -23.98 44.85 -8.13
C GLY A 1973 -23.81 43.83 -9.18
N MET A 1974 -23.96 44.24 -10.43
CA MET A 1974 -23.77 43.35 -11.59
C MET A 1974 -22.51 43.88 -12.29
N GLY A 1975 -21.36 43.90 -11.61
CA GLY A 1975 -20.09 44.38 -12.13
C GLY A 1975 -18.94 43.64 -11.49
N GLY A 1976 -17.79 44.32 -11.39
CA GLY A 1976 -16.60 43.69 -10.87
C GLY A 1976 -16.57 43.57 -9.37
N MET A 1977 -16.54 44.70 -8.67
CA MET A 1977 -16.64 44.67 -7.21
C MET A 1977 -18.06 44.45 -6.71
N GLY A 1978 -19.06 44.71 -7.53
CA GLY A 1978 -20.43 44.46 -7.14
C GLY A 1978 -20.72 42.98 -6.97
N LEU A 1979 -20.24 42.17 -7.91
CA LEU A 1979 -20.49 40.73 -7.89
C LEU A 1979 -19.55 39.98 -6.96
N GLU A 1980 -18.32 40.46 -6.78
CA GLU A 1980 -17.40 39.85 -5.83
C GLU A 1980 -17.68 40.24 -4.39
N THR A 1981 -18.23 41.43 -4.17
CA THR A 1981 -18.73 41.79 -2.85
C THR A 1981 -20.02 41.05 -2.52
N ALA A 1982 -20.88 40.84 -3.51
CA ALA A 1982 -22.11 40.09 -3.29
C ALA A 1982 -21.80 38.66 -2.83
N HIS A 1983 -20.78 38.04 -3.44
CA HIS A 1983 -20.37 36.72 -3.02
C HIS A 1983 -19.87 36.73 -1.58
N TRP A 1984 -19.20 37.81 -1.18
CA TRP A 1984 -18.73 37.92 0.20
C TRP A 1984 -19.90 37.97 1.17
N MET A 1985 -20.96 38.71 0.82
CA MET A 1985 -22.12 38.79 1.70
C MET A 1985 -22.84 37.46 1.77
N VAL A 1986 -22.86 36.72 0.67
CA VAL A 1986 -23.54 35.43 0.64
C VAL A 1986 -22.89 34.48 1.64
N LEU A 1987 -21.57 34.56 1.77
CA LEU A 1987 -20.87 33.73 2.75
C LEU A 1987 -21.10 34.23 4.17
N ARG A 1988 -21.34 35.53 4.33
CA ARG A 1988 -21.48 36.11 5.66
C ARG A 1988 -22.93 36.16 6.14
N GLY A 1989 -23.88 35.64 5.37
CA GLY A 1989 -25.24 35.52 5.87
C GLY A 1989 -26.32 35.86 4.87
N ALA A 1990 -26.00 36.69 3.89
CA ALA A 1990 -27.01 37.15 2.95
C ALA A 1990 -27.57 35.98 2.14
N LYS A 1991 -28.90 35.95 2.00
CA LYS A 1991 -29.56 34.96 1.17
C LYS A 1991 -30.69 35.57 0.34
N LYS A 1992 -30.71 36.90 0.22
CA LYS A 1992 -31.77 37.58 -0.53
C LYS A 1992 -31.12 38.81 -1.17
N LEU A 1993 -30.67 38.66 -2.42
CA LEU A 1993 -29.96 39.71 -3.13
C LEU A 1993 -30.81 40.19 -4.29
N ILE A 1994 -30.92 41.51 -4.43
CA ILE A 1994 -31.57 42.17 -5.59
C ILE A 1994 -30.45 43.00 -6.22
N LEU A 1995 -29.83 42.54 -7.32
CA LEU A 1995 -28.70 43.18 -8.03
C LEU A 1995 -29.27 44.04 -9.15
N THR A 1996 -28.85 45.29 -9.34
CA THR A 1996 -29.44 46.25 -10.28
C THR A 1996 -28.40 46.70 -11.23
N SER A 1997 -28.70 46.72 -12.52
CA SER A 1997 -27.78 47.20 -13.56
C SER A 1997 -28.57 47.94 -14.63
N ARG A 1998 -27.97 48.78 -15.44
CA ARG A 1998 -28.61 49.43 -16.57
C ARG A 1998 -29.04 48.45 -17.66
N TYR A 1999 -28.45 47.26 -17.68
CA TYR A 1999 -28.72 46.29 -18.74
C TYR A 1999 -28.99 44.88 -18.25
N GLY A 2000 -28.78 44.57 -16.98
CA GLY A 2000 -28.98 43.23 -16.48
C GLY A 2000 -27.77 42.35 -16.72
N ILE A 2001 -28.00 41.09 -17.07
CA ILE A 2001 -26.93 40.14 -17.37
C ILE A 2001 -26.60 40.27 -18.85
N THR A 2002 -25.35 40.66 -19.15
CA THR A 2002 -24.91 40.85 -20.52
C THR A 2002 -23.65 40.06 -20.86
N THR A 2003 -23.03 39.39 -19.91
CA THR A 2003 -21.84 38.59 -20.15
C THR A 2003 -22.00 37.23 -19.48
N GLY A 2004 -21.17 36.28 -19.89
CA GLY A 2004 -21.17 34.96 -19.34
C GLY A 2004 -20.52 34.85 -17.98
N TYR A 2005 -19.76 35.85 -17.55
CA TYR A 2005 -19.25 35.91 -16.19
C TYR A 2005 -20.32 36.32 -15.20
N GLN A 2006 -21.19 37.27 -15.59
CA GLN A 2006 -22.30 37.64 -14.72
C GLN A 2006 -23.33 36.52 -14.64
N ALA A 2007 -23.63 35.87 -15.75
CA ALA A 2007 -24.57 34.77 -15.78
C ALA A 2007 -24.06 33.54 -15.04
N ARG A 2008 -22.76 33.31 -15.01
CA ARG A 2008 -22.20 32.19 -14.26
C ARG A 2008 -22.15 32.47 -12.77
N LYS A 2009 -21.92 33.73 -12.37
CA LYS A 2009 -21.92 34.07 -10.95
C LYS A 2009 -23.31 33.99 -10.36
N ILE A 2010 -24.30 34.54 -11.05
CA ILE A 2010 -25.68 34.51 -10.56
C ILE A 2010 -26.25 33.11 -10.52
N ALA A 2011 -25.85 32.23 -11.46
CA ALA A 2011 -26.23 30.84 -11.41
C ALA A 2011 -25.50 30.07 -10.31
N PHE A 2012 -24.42 30.64 -9.77
CA PHE A 2012 -23.74 30.09 -8.60
C PHE A 2012 -24.40 30.48 -7.30
N PHE A 2013 -24.82 31.75 -7.18
CA PHE A 2013 -25.57 32.18 -6.00
C PHE A 2013 -26.86 31.38 -5.88
N LYS A 2014 -27.58 31.23 -6.99
CA LYS A 2014 -28.87 30.54 -6.96
C LYS A 2014 -28.71 29.08 -6.58
N GLN A 2015 -27.66 28.43 -7.10
CA GLN A 2015 -27.40 27.05 -6.72
C GLN A 2015 -27.07 26.92 -5.24
N LEU A 2016 -26.33 27.89 -4.69
CA LEU A 2016 -25.99 27.84 -3.27
C LEU A 2016 -27.23 27.95 -2.38
N GLY A 2017 -28.32 28.50 -2.91
CA GLY A 2017 -29.53 28.66 -2.15
C GLY A 2017 -29.88 30.11 -1.89
N VAL A 2018 -29.41 31.00 -2.76
CA VAL A 2018 -29.60 32.44 -2.61
C VAL A 2018 -30.69 32.89 -3.57
N GLU A 2019 -31.61 33.70 -3.07
CA GLU A 2019 -32.74 34.21 -3.87
C GLU A 2019 -32.27 35.49 -4.54
N VAL A 2020 -31.75 35.36 -5.76
CA VAL A 2020 -31.19 36.48 -6.51
C VAL A 2020 -32.25 37.04 -7.43
N GLU A 2021 -32.15 38.34 -7.70
CA GLU A 2021 -33.02 39.01 -8.66
C GLU A 2021 -32.24 40.11 -9.35
N VAL A 2022 -32.14 40.07 -10.69
CA VAL A 2022 -31.31 41.04 -11.48
C VAL A 2022 -32.24 41.99 -12.23
N LEU A 2023 -32.26 43.27 -11.86
CA LEU A 2023 -33.18 44.28 -12.45
C LEU A 2023 -32.42 45.13 -13.48
N ALA A 2024 -32.88 45.19 -14.73
CA ALA A 2024 -32.22 45.97 -15.77
C ALA A 2024 -32.83 47.38 -15.81
N LEU A 2025 -32.51 48.15 -14.76
CA LEU A 2025 -33.03 49.52 -14.55
C LEU A 2025 -31.96 50.38 -13.91
N SER A 2026 -32.05 51.70 -14.04
CA SER A 2026 -31.16 52.66 -13.35
C SER A 2026 -31.98 53.42 -12.32
N VAL A 2027 -31.58 53.42 -11.05
CA VAL A 2027 -32.29 54.09 -9.94
C VAL A 2027 -31.99 55.60 -10.02
N ASN A 2028 -32.47 56.30 -11.05
CA ASN A 2028 -32.23 57.73 -11.22
C ASN A 2028 -33.50 58.58 -11.10
N THR A 2029 -34.67 57.96 -10.97
CA THR A 2029 -35.91 58.68 -10.74
C THR A 2029 -36.69 57.94 -9.66
N ARG A 2030 -37.63 58.66 -9.03
CA ARG A 2030 -38.38 58.07 -7.94
C ARG A 2030 -39.10 56.79 -8.37
N LYS A 2031 -39.56 56.73 -9.63
CA LYS A 2031 -40.19 55.50 -10.12
C LYS A 2031 -39.21 54.33 -10.09
N ALA A 2032 -37.98 54.56 -10.57
CA ALA A 2032 -36.98 53.49 -10.55
C ALA A 2032 -36.65 53.09 -9.11
N ALA A 2033 -36.52 54.07 -8.22
CA ALA A 2033 -36.23 53.76 -6.83
C ALA A 2033 -37.35 52.94 -6.20
N ASP A 2034 -38.60 53.30 -6.49
CA ASP A 2034 -39.73 52.55 -5.96
C ASP A 2034 -39.70 51.10 -6.41
N LYS A 2035 -39.44 50.87 -7.70
CA LYS A 2035 -39.42 49.50 -8.22
C LYS A 2035 -38.40 48.65 -7.51
N VAL A 2036 -37.17 49.15 -7.35
CA VAL A 2036 -36.08 48.37 -6.68
C VAL A 2036 -36.51 48.03 -5.26
N PHE A 2037 -37.28 48.87 -4.53
CA PHE A 2037 -37.68 48.54 -3.17
C PHE A 2037 -38.99 47.78 -3.12
N GLU A 2038 -39.78 47.82 -4.19
CA GLU A 2038 -40.92 46.91 -4.30
C GLU A 2038 -40.45 45.47 -4.46
N HIS A 2039 -39.40 45.27 -5.25
CA HIS A 2039 -38.85 43.93 -5.42
C HIS A 2039 -38.09 43.49 -4.18
N ALA A 2040 -37.46 44.43 -3.47
CA ALA A 2040 -36.72 44.09 -2.27
C ALA A 2040 -37.65 43.67 -1.14
N LEU A 2041 -38.70 44.46 -0.89
CA LEU A 2041 -39.65 44.13 0.16
C LEU A 2041 -40.49 42.91 -0.16
N LYS A 2042 -40.63 42.57 -1.44
CA LYS A 2042 -41.30 41.32 -1.82
C LYS A 2042 -40.47 40.12 -1.39
N MET A 2043 -39.14 40.22 -1.50
CA MET A 2043 -38.28 39.12 -1.07
C MET A 2043 -38.15 39.08 0.44
N GLY A 2044 -38.19 40.22 1.10
CA GLY A 2044 -38.08 40.29 2.54
C GLY A 2044 -37.78 41.71 2.99
N PRO A 2045 -37.76 41.93 4.31
CA PRO A 2045 -37.44 43.27 4.81
C PRO A 2045 -36.08 43.72 4.31
N VAL A 2046 -35.97 45.01 3.98
CA VAL A 2046 -34.73 45.57 3.47
C VAL A 2046 -33.75 45.70 4.64
N GLY A 2047 -32.58 45.08 4.49
CA GLY A 2047 -31.59 45.08 5.54
C GLY A 2047 -30.22 45.58 5.09
N GLY A 2048 -30.17 46.17 3.90
CA GLY A 2048 -28.92 46.67 3.37
C GLY A 2048 -29.05 47.26 1.99
N ILE A 2049 -28.45 48.42 1.77
CA ILE A 2049 -28.42 49.08 0.47
C ILE A 2049 -26.97 49.37 0.13
N PHE A 2050 -26.52 48.89 -1.04
CA PHE A 2050 -25.16 49.08 -1.51
C PHE A 2050 -25.20 49.79 -2.86
N ASN A 2051 -24.30 50.76 -3.04
CA ASN A 2051 -24.22 51.55 -4.26
C ASN A 2051 -22.79 51.46 -4.79
N MET A 2052 -22.51 50.45 -5.60
CA MET A 2052 -21.23 50.30 -6.28
C MET A 2052 -21.25 50.88 -7.68
N ALA A 2053 -22.35 51.49 -8.11
CA ALA A 2053 -22.45 52.02 -9.46
C ALA A 2053 -21.38 53.06 -9.71
N MET A 2054 -20.75 52.99 -10.88
CA MET A 2054 -19.79 54.00 -11.33
C MET A 2054 -19.98 54.23 -12.82
N VAL A 2055 -19.94 55.49 -13.22
CA VAL A 2055 -19.79 55.89 -14.61
C VAL A 2055 -18.70 56.94 -14.67
N LEU A 2056 -17.75 56.76 -15.58
CA LEU A 2056 -16.59 57.63 -15.70
C LEU A 2056 -16.47 58.16 -17.12
N TYR A 2057 -16.35 59.48 -17.25
CA TYR A 2057 -15.88 60.12 -18.47
C TYR A 2057 -14.65 60.94 -18.10
N ASN A 2058 -13.47 60.37 -18.31
CA ASN A 2058 -12.23 61.06 -18.02
C ASN A 2058 -11.89 61.99 -19.16
N ASP A 2059 -11.69 63.27 -18.84
CA ASP A 2059 -11.39 64.29 -19.84
C ASP A 2059 -10.84 65.51 -19.12
N ASP A 2060 -10.18 66.37 -19.89
CA ASP A 2060 -9.71 67.64 -19.36
C ASP A 2060 -10.90 68.52 -18.99
N PHE A 2061 -10.83 69.23 -17.87
CA PHE A 2061 -12.00 70.00 -17.38
C PHE A 2061 -12.47 70.98 -18.40
N LEU A 2062 -11.58 71.55 -19.19
CA LEU A 2062 -11.97 72.66 -20.09
C LEU A 2062 -12.50 72.11 -21.42
N LYS A 2063 -12.39 70.82 -21.68
CA LYS A 2063 -12.99 70.19 -22.86
C LYS A 2063 -14.21 69.36 -22.49
N MET A 2064 -15.01 69.81 -21.52
CA MET A 2064 -16.15 69.02 -20.99
C MET A 2064 -17.35 69.94 -20.91
N ASN A 2065 -18.46 69.61 -21.57
CA ASN A 2065 -19.70 70.42 -21.46
C ASN A 2065 -20.49 69.86 -20.28
N ARG A 2066 -21.66 70.39 -19.93
CA ARG A 2066 -22.50 69.94 -18.83
C ARG A 2066 -22.95 68.51 -19.02
N GLU A 2067 -23.37 68.15 -20.24
CA GLU A 2067 -23.78 66.77 -20.49
C GLU A 2067 -22.66 65.79 -20.18
N GLN A 2068 -21.41 66.22 -20.27
CA GLN A 2068 -20.27 65.35 -20.02
C GLN A 2068 -19.66 65.54 -18.63
N PHE A 2069 -19.97 66.64 -17.96
CA PHE A 2069 -19.58 66.83 -16.56
C PHE A 2069 -20.53 66.13 -15.61
N LEU A 2070 -21.79 65.97 -16.00
CA LEU A 2070 -22.80 65.31 -15.19
C LEU A 2070 -22.89 63.82 -15.47
N LYS A 2071 -21.89 63.25 -16.14
CA LYS A 2071 -21.89 61.85 -16.49
C LYS A 2071 -21.66 61.00 -15.23
N PRO A 2072 -20.56 61.21 -14.50
CA PRO A 2072 -20.34 60.44 -13.26
C PRO A 2072 -21.21 60.88 -12.10
N LEU A 2073 -22.00 61.94 -12.26
CA LEU A 2073 -22.77 62.51 -11.16
C LEU A 2073 -24.14 61.86 -11.00
N GLU A 2074 -24.51 60.93 -11.87
CA GLU A 2074 -25.78 60.23 -11.70
C GLU A 2074 -25.64 59.10 -10.70
N SER A 2075 -24.64 58.23 -10.88
CA SER A 2075 -24.43 57.10 -9.98
C SER A 2075 -23.97 57.52 -8.59
N LYS A 2076 -23.58 58.78 -8.40
CA LYS A 2076 -22.98 59.23 -7.15
C LYS A 2076 -23.71 60.39 -6.49
N ILE A 2077 -24.61 61.08 -7.19
CA ILE A 2077 -25.32 62.22 -6.60
C ILE A 2077 -26.82 62.04 -6.76
N THR A 2078 -27.24 61.19 -7.69
CA THR A 2078 -28.67 60.98 -7.94
C THR A 2078 -29.17 59.62 -7.46
N MET A 2079 -28.34 58.58 -7.48
CA MET A 2079 -28.69 57.29 -6.92
C MET A 2079 -28.37 57.20 -5.44
N THR A 2080 -27.67 58.18 -4.88
CA THR A 2080 -27.33 58.20 -3.47
C THR A 2080 -28.33 58.99 -2.64
N MET A 2081 -29.10 59.89 -3.25
CA MET A 2081 -30.16 60.62 -2.57
C MET A 2081 -31.54 60.11 -2.94
N LEU A 2082 -31.62 59.16 -3.88
CA LEU A 2082 -32.85 58.41 -4.09
C LEU A 2082 -32.83 57.09 -3.32
N LEU A 2083 -31.65 56.59 -2.97
CA LEU A 2083 -31.52 55.49 -2.03
C LEU A 2083 -31.44 55.96 -0.59
N ASP A 2084 -31.06 57.22 -0.34
CA ASP A 2084 -31.07 57.79 0.99
C ASP A 2084 -32.42 58.36 1.39
N ASP A 2085 -33.19 58.90 0.43
CA ASP A 2085 -34.56 59.28 0.72
C ASP A 2085 -35.43 58.07 1.00
N LYS A 2086 -35.23 56.97 0.27
CA LYS A 2086 -36.03 55.77 0.47
C LYS A 2086 -35.62 54.99 1.71
N SER A 2087 -34.38 55.14 2.17
CA SER A 2087 -33.94 54.48 3.38
C SER A 2087 -34.25 55.27 4.64
N ARG A 2088 -34.71 56.52 4.50
CA ARG A 2088 -35.12 57.33 5.64
C ARG A 2088 -36.62 57.27 5.88
N GLU A 2089 -37.35 56.48 5.12
CA GLU A 2089 -38.79 56.32 5.25
C GLU A 2089 -39.13 54.90 5.67
N LYS A 2090 -40.30 54.75 6.28
CA LYS A 2090 -40.75 53.43 6.69
C LYS A 2090 -41.12 52.60 5.46
N PRO A 2091 -40.97 51.27 5.53
CA PRO A 2091 -40.46 50.46 6.64
C PRO A 2091 -38.96 50.25 6.56
N VAL A 2092 -38.28 50.90 5.62
CA VAL A 2092 -36.85 50.66 5.42
C VAL A 2092 -36.05 51.14 6.63
N ARG A 2093 -36.47 52.25 7.22
CA ARG A 2093 -35.64 52.88 8.26
C ARG A 2093 -35.41 51.93 9.43
N ASP A 2094 -36.45 51.25 9.89
CA ASP A 2094 -36.31 50.37 11.05
C ASP A 2094 -35.56 49.09 10.72
N THR A 2095 -35.87 48.48 9.56
CA THR A 2095 -35.26 47.20 9.21
C THR A 2095 -33.83 47.35 8.72
N LEU A 2096 -33.52 48.46 8.03
CA LEU A 2096 -32.22 48.59 7.39
C LEU A 2096 -31.10 48.49 8.41
N ASP A 2097 -30.04 47.75 8.04
CA ASP A 2097 -28.86 47.57 8.86
C ASP A 2097 -27.62 48.20 8.28
N HIS A 2098 -27.45 48.14 6.96
CA HIS A 2098 -26.24 48.62 6.29
C HIS A 2098 -26.62 49.61 5.18
N PHE A 2099 -25.84 50.67 5.06
CA PHE A 2099 -25.99 51.64 3.96
C PHE A 2099 -24.59 51.97 3.49
N VAL A 2100 -24.10 51.20 2.53
CA VAL A 2100 -22.72 51.32 2.06
C VAL A 2100 -22.72 52.06 0.73
N MET A 2101 -21.94 53.13 0.66
CA MET A 2101 -21.80 53.93 -0.56
C MET A 2101 -20.31 53.97 -0.91
N PHE A 2102 -19.91 53.19 -1.90
CA PHE A 2102 -18.51 53.11 -2.27
C PHE A 2102 -18.02 54.44 -2.82
N SER A 2103 -16.79 54.80 -2.46
CA SER A 2103 -16.18 56.04 -2.93
C SER A 2103 -14.78 55.76 -3.48
N SER A 2104 -14.05 56.85 -3.82
CA SER A 2104 -12.68 56.78 -4.36
C SER A 2104 -11.77 57.79 -3.68
N LEU A 2105 -10.46 57.55 -3.68
CA LEU A 2105 -9.45 58.40 -3.04
C LEU A 2105 -9.23 59.67 -3.86
N ILE A 2106 -10.03 59.94 -4.88
CA ILE A 2106 -10.00 61.20 -5.65
C ILE A 2106 -10.51 62.31 -4.72
N VAL A 2107 -11.21 61.99 -3.64
CA VAL A 2107 -11.82 63.02 -2.74
C VAL A 2107 -10.79 63.40 -1.69
N SER A 2108 -9.72 62.65 -1.58
CA SER A 2108 -8.70 62.82 -0.54
C SER A 2108 -7.35 63.16 -1.16
N GLY A 2109 -7.09 62.73 -2.39
CA GLY A 2109 -5.82 62.93 -3.10
C GLY A 2109 -5.97 63.76 -4.35
N GLY A 2110 -7.06 63.61 -5.08
CA GLY A 2110 -7.30 64.30 -6.34
C GLY A 2110 -6.75 63.48 -7.47
N HIS A 2111 -7.20 63.67 -8.71
CA HIS A 2111 -6.68 63.00 -9.88
C HIS A 2111 -6.80 63.92 -11.09
N LEU A 2112 -6.02 63.58 -12.12
CA LEU A 2112 -5.95 64.39 -13.33
C LEU A 2112 -7.02 63.94 -14.33
N GLY A 2113 -7.87 64.88 -14.74
CA GLY A 2113 -8.92 64.62 -15.69
C GLY A 2113 -10.24 64.20 -15.07
N GLN A 2114 -10.20 63.67 -13.84
CA GLN A 2114 -11.42 63.25 -13.15
C GLN A 2114 -11.87 64.34 -12.19
N ALA A 2115 -12.24 65.48 -12.76
CA ALA A 2115 -12.79 66.57 -11.98
C ALA A 2115 -14.30 66.45 -11.79
N ASN A 2116 -14.98 65.77 -12.71
CA ASN A 2116 -16.41 65.51 -12.54
C ASN A 2116 -16.64 64.34 -11.59
N TYR A 2117 -15.77 63.32 -11.66
CA TYR A 2117 -15.87 62.19 -10.74
C TYR A 2117 -15.56 62.63 -9.31
N ALA A 2118 -14.60 63.55 -9.15
CA ALA A 2118 -14.25 64.03 -7.81
C ALA A 2118 -15.41 64.79 -7.19
N PHE A 2119 -16.12 65.58 -8.00
CA PHE A 2119 -17.29 66.29 -7.49
C PHE A 2119 -18.37 65.31 -7.06
N GLY A 2120 -18.61 64.28 -7.87
CA GLY A 2120 -19.60 63.28 -7.52
C GLY A 2120 -19.21 62.47 -6.32
N SER A 2121 -17.94 62.10 -6.22
CA SER A 2121 -17.46 61.29 -5.10
C SER A 2121 -17.43 62.06 -3.79
N THR A 2122 -17.32 63.39 -3.84
CA THR A 2122 -17.32 64.21 -2.64
C THR A 2122 -18.73 64.52 -2.14
N VAL A 2123 -19.66 64.81 -3.05
CA VAL A 2123 -21.05 65.00 -2.65
C VAL A 2123 -21.67 63.72 -2.12
N LEU A 2124 -21.23 62.56 -2.60
CA LEU A 2124 -21.65 61.29 -2.02
C LEU A 2124 -21.17 61.14 -0.59
N GLU A 2125 -19.93 61.50 -0.31
CA GLU A 2125 -19.40 61.43 1.05
C GLU A 2125 -20.05 62.43 1.99
N LYS A 2126 -20.60 63.52 1.45
CA LYS A 2126 -21.31 64.49 2.26
C LYS A 2126 -22.74 64.06 2.59
N ILE A 2127 -23.36 63.28 1.71
CA ILE A 2127 -24.63 62.64 2.05
C ILE A 2127 -24.46 61.57 3.12
N CYS A 2128 -23.35 60.83 3.08
CA CYS A 2128 -23.10 59.81 4.09
C CYS A 2128 -22.72 60.41 5.43
N GLU A 2129 -22.09 61.59 5.44
CA GLU A 2129 -21.81 62.26 6.71
C GLU A 2129 -23.05 62.89 7.30
N ARG A 2130 -24.01 63.27 6.45
CA ARG A 2130 -25.30 63.74 6.94
C ARG A 2130 -26.08 62.60 7.58
N ARG A 2131 -25.95 61.40 7.03
CA ARG A 2131 -26.62 60.24 7.62
C ARG A 2131 -26.10 59.96 9.03
N LYS A 2132 -24.78 60.09 9.24
CA LYS A 2132 -24.23 59.92 10.58
C LYS A 2132 -24.77 60.99 11.53
N ARG A 2133 -24.93 62.21 11.04
CA ARG A 2133 -25.46 63.29 11.88
C ARG A 2133 -26.85 62.94 12.39
N ASP A 2134 -27.61 62.17 11.61
CA ASP A 2134 -28.97 61.78 11.97
C ASP A 2134 -29.04 60.42 12.64
N GLY A 2135 -27.90 59.81 12.95
CA GLY A 2135 -27.89 58.55 13.65
C GLY A 2135 -28.22 57.33 12.82
N LEU A 2136 -28.28 57.48 11.49
CA LEU A 2136 -28.57 56.35 10.63
C LEU A 2136 -27.30 55.58 10.28
N PRO A 2137 -27.40 54.27 10.02
CA PRO A 2137 -26.20 53.53 9.62
C PRO A 2137 -25.66 54.04 8.29
N VAL A 2138 -24.34 54.05 8.18
CA VAL A 2138 -23.70 54.53 6.96
C VAL A 2138 -22.24 54.04 6.95
N THR A 2139 -21.79 53.62 5.77
CA THR A 2139 -20.39 53.25 5.55
C THR A 2139 -20.00 53.77 4.18
N THR A 2140 -18.83 54.40 4.10
CA THR A 2140 -18.34 54.98 2.84
C THR A 2140 -16.90 54.57 2.60
N PRO A 2141 -16.67 53.38 2.04
CA PRO A 2141 -15.31 52.99 1.66
C PRO A 2141 -14.73 53.94 0.62
N GLN A 2142 -13.49 54.39 0.81
CA GLN A 2142 -12.79 55.31 -0.12
C GLN A 2142 -11.56 54.55 -0.60
N TRP A 2143 -11.74 53.68 -1.57
CA TRP A 2143 -10.70 52.79 -2.13
C TRP A 2143 -9.83 53.47 -3.15
N ALA A 2144 -8.56 53.13 -3.22
CA ALA A 2144 -7.66 53.66 -4.25
C ALA A 2144 -7.75 52.81 -5.50
N SER A 2145 -7.24 51.57 -5.53
CA SER A 2145 -7.21 50.69 -6.69
C SER A 2145 -7.37 49.25 -6.22
N ILE A 2146 -8.03 48.45 -7.05
CA ILE A 2146 -8.34 47.06 -6.74
C ILE A 2146 -7.78 46.18 -7.84
N ALA A 2147 -7.08 45.12 -7.46
CA ALA A 2147 -6.29 44.33 -8.41
C ALA A 2147 -7.12 43.31 -9.18
N ASP A 2148 -7.68 42.33 -8.48
CA ASP A 2148 -8.24 41.15 -9.12
C ASP A 2148 -9.49 41.46 -9.94
N VAL A 2149 -10.33 42.36 -9.45
CA VAL A 2149 -11.60 42.65 -10.13
C VAL A 2149 -11.35 43.53 -11.35
N THR A 2161 -0.90 49.66 -13.35
CA THR A 2161 -0.63 49.04 -12.07
C THR A 2161 -0.43 50.11 -10.99
N ILE A 2162 0.76 50.70 -10.97
CA ILE A 2162 1.10 51.73 -9.99
C ILE A 2162 0.56 53.06 -10.50
N ILE A 2163 -0.44 53.60 -9.81
CA ILE A 2163 -1.03 54.89 -10.13
C ILE A 2163 -0.85 55.80 -8.93
N CYS A 2164 -0.23 56.96 -9.15
CA CYS A 2164 0.08 57.91 -8.09
C CYS A 2164 0.94 57.28 -7.00
N ARG A 2165 1.78 56.31 -7.37
CA ARG A 2165 2.68 55.61 -6.46
C ARG A 2165 1.93 54.82 -5.39
N LYS A 2166 0.91 54.07 -5.76
CA LYS A 2166 0.12 53.27 -4.82
C LYS A 2166 -0.16 51.94 -5.52
N TYR A 2167 0.20 50.84 -4.91
CA TYR A 2167 -0.04 49.51 -5.46
C TYR A 2167 -1.52 49.15 -5.32
N PRO A 2168 -2.11 48.52 -6.32
CA PRO A 2168 -3.51 48.07 -6.18
C PRO A 2168 -3.62 46.90 -5.22
N GLN A 2169 -4.64 46.91 -4.38
CA GLN A 2169 -4.82 45.87 -3.39
C GLN A 2169 -5.44 44.63 -4.03
N ARG A 2170 -5.11 43.47 -3.47
CA ARG A 2170 -5.81 42.24 -3.81
C ARG A 2170 -7.20 42.26 -3.19
N PHE A 2171 -8.16 41.69 -3.92
CA PHE A 2171 -9.54 41.75 -3.45
C PHE A 2171 -9.74 40.99 -2.14
N PHE A 2172 -9.05 39.87 -1.96
CA PHE A 2172 -9.17 39.15 -0.70
C PHE A 2172 -8.75 40.01 0.48
N ASN A 2173 -7.93 41.04 0.23
CA ASN A 2173 -7.56 42.01 1.26
C ASN A 2173 -8.48 43.22 1.28
N VAL A 2174 -9.13 43.54 0.16
CA VAL A 2174 -10.13 44.60 0.17
C VAL A 2174 -11.34 44.19 1.01
N LEU A 2175 -11.74 42.92 0.94
CA LEU A 2175 -12.84 42.42 1.75
C LEU A 2175 -12.47 42.25 3.20
N SER A 2176 -11.18 42.14 3.51
CA SER A 2176 -10.74 42.08 4.91
C SER A 2176 -10.83 43.44 5.58
N VAL A 2177 -10.45 44.49 4.86
CA VAL A 2177 -10.57 45.85 5.40
C VAL A 2177 -12.01 46.34 5.28
N PHE A 2178 -12.73 45.89 4.25
CA PHE A 2178 -14.14 46.24 4.12
C PHE A 2178 -14.93 45.73 5.31
N ASP A 2179 -14.65 44.50 5.76
CA ASP A 2179 -15.31 43.98 6.94
C ASP A 2179 -15.06 44.86 8.16
N PHE A 2180 -13.82 45.35 8.30
CA PHE A 2180 -13.53 46.31 9.38
C PHE A 2180 -14.26 47.62 9.13
N MET A 2181 -14.38 48.03 7.87
CA MET A 2181 -15.05 49.28 7.54
C MET A 2181 -16.50 49.27 7.98
N MET A 2182 -17.20 48.14 7.75
CA MET A 2182 -18.61 48.05 8.11
C MET A 2182 -18.78 48.01 9.63
N SER A 2183 -17.90 47.32 10.32
CA SER A 2183 -17.96 47.21 11.78
C SER A 2183 -17.09 48.26 12.44
N SER A 2184 -17.47 49.53 12.22
CA SER A 2184 -16.72 50.65 12.76
C SER A 2184 -17.66 51.84 12.88
N ASP A 2185 -17.20 52.84 13.64
CA ASP A 2185 -18.03 54.00 13.94
C ASP A 2185 -17.77 55.18 13.01
N ASN A 2186 -16.61 55.24 12.36
CA ASN A 2186 -16.35 56.33 11.43
C ASN A 2186 -17.19 56.17 10.17
N VAL A 2187 -17.31 57.26 9.41
CA VAL A 2187 -18.12 57.26 8.20
C VAL A 2187 -17.25 56.86 7.01
N VAL A 2188 -16.23 57.66 6.72
CA VAL A 2188 -15.37 57.46 5.57
C VAL A 2188 -14.05 56.84 6.04
N THR A 2189 -13.66 55.74 5.41
CA THR A 2189 -12.38 55.09 5.67
C THR A 2189 -11.60 55.00 4.38
N ILE A 2190 -10.36 55.49 4.34
CA ILE A 2190 -9.51 55.51 3.13
C ILE A 2190 -8.59 54.30 3.21
N SER A 2191 -8.67 53.41 2.27
CA SER A 2191 -7.81 52.23 2.15
C SER A 2191 -6.97 52.36 0.89
N TYR A 2192 -5.66 52.34 1.02
CA TYR A 2192 -4.74 52.41 -0.13
C TYR A 2192 -3.48 51.73 0.23
N VAL A 2193 -2.73 51.10 -0.67
CA VAL A 2193 -1.48 50.40 -0.44
C VAL A 2193 -0.35 51.21 -1.04
N LEU A 2194 0.73 51.37 -0.29
CA LEU A 2194 1.89 52.15 -0.72
C LEU A 2194 2.93 51.20 -1.31
N VAL A 2195 3.55 51.63 -2.41
CA VAL A 2195 4.63 50.85 -2.99
C VAL A 2195 5.77 50.71 -1.99
N GLU A 2196 6.04 51.77 -1.25
CA GLU A 2196 7.06 51.75 -0.20
C GLU A 2196 7.01 53.07 0.57
N LYS A 2197 7.36 53.04 1.85
CA LYS A 2197 7.31 54.26 2.65
C LYS A 2197 8.18 55.33 2.01
N SER A 2198 7.61 56.53 1.88
CA SER A 2198 8.28 57.60 1.15
C SER A 2198 9.60 57.99 1.81
N MET A 2199 10.63 58.15 1.00
CA MET A 2199 11.91 58.71 1.39
C MET A 2199 11.98 60.15 0.89
N GLY A 2200 13.17 60.74 0.94
CA GLY A 2200 13.32 62.10 0.47
C GLY A 2200 13.37 62.19 -1.04
N VAL A 2201 14.20 63.07 -1.58
CA VAL A 2201 14.34 63.21 -3.02
C VAL A 2201 15.79 62.93 -3.43
N SER B 883 20.14 0.34 -11.42
CA SER B 883 20.54 1.73 -11.54
C SER B 883 21.52 2.09 -10.43
N ASP B 884 21.23 1.63 -9.22
CA ASP B 884 22.13 1.78 -8.09
C ASP B 884 23.07 0.57 -8.06
N ASN B 885 23.83 0.42 -6.97
CA ASN B 885 24.88 -0.59 -6.86
C ASN B 885 24.61 -1.84 -7.69
N VAL B 886 25.60 -2.21 -8.50
CA VAL B 886 25.60 -3.49 -9.21
C VAL B 886 26.60 -4.39 -8.51
N ILE B 887 26.14 -5.51 -7.98
CA ILE B 887 26.96 -6.42 -7.19
C ILE B 887 27.37 -7.59 -8.08
N ASP B 888 28.65 -7.93 -8.03
CA ASP B 888 29.20 -9.07 -8.77
C ASP B 888 29.60 -10.13 -7.76
N ILE B 889 29.03 -11.32 -7.90
CA ILE B 889 29.32 -12.45 -7.02
C ILE B 889 30.24 -13.39 -7.77
N ASP B 890 31.49 -13.50 -7.32
CA ASP B 890 32.51 -14.29 -8.00
C ASP B 890 32.52 -15.69 -7.40
N LEU B 891 31.95 -16.64 -8.14
CA LEU B 891 31.90 -18.04 -7.70
C LEU B 891 33.06 -18.81 -8.33
N SER B 892 34.27 -18.40 -7.99
CA SER B 892 35.50 -18.96 -8.56
C SER B 892 36.18 -19.86 -7.54
N GLU B 893 37.33 -20.42 -7.94
CA GLU B 893 37.98 -21.43 -7.13
C GLU B 893 38.39 -20.88 -5.76
N ASP B 894 38.96 -19.67 -5.72
CA ASP B 894 39.48 -19.09 -4.49
C ASP B 894 38.85 -17.75 -4.16
N SER B 895 37.75 -17.38 -4.81
CA SER B 895 37.09 -16.13 -4.48
C SER B 895 36.58 -16.18 -3.04
N PRO B 896 36.60 -15.05 -2.32
CA PRO B 896 36.11 -15.06 -0.93
C PRO B 896 34.63 -15.39 -0.81
N GLU B 897 33.86 -15.31 -1.89
CA GLU B 897 32.43 -15.60 -1.89
C GLU B 897 32.15 -16.95 -2.54
N ASN B 898 33.08 -17.89 -2.41
CA ASN B 898 32.87 -19.25 -2.89
C ASN B 898 32.10 -20.12 -1.91
N TYR B 899 31.91 -19.65 -0.68
CA TYR B 899 31.14 -20.38 0.31
C TYR B 899 29.66 -20.39 -0.06
N LEU B 900 29.26 -19.58 -1.03
CA LEU B 900 27.87 -19.46 -1.44
C LEU B 900 27.42 -20.63 -2.31
N LEU B 901 28.35 -21.45 -2.80
CA LEU B 901 28.01 -22.67 -3.51
C LEU B 901 27.70 -23.82 -2.58
N GLU B 902 27.90 -23.63 -1.27
CA GLU B 902 27.56 -24.62 -0.26
C GLU B 902 26.13 -24.48 0.25
N HIS B 903 25.25 -23.92 -0.58
CA HIS B 903 23.84 -23.71 -0.23
C HIS B 903 23.02 -24.21 -1.41
N ALA B 904 22.50 -25.42 -1.31
CA ALA B 904 21.73 -26.04 -2.37
C ALA B 904 20.38 -26.51 -1.84
N VAL B 905 19.42 -26.60 -2.75
CA VAL B 905 18.07 -27.10 -2.45
C VAL B 905 17.78 -28.16 -3.50
N ASP B 906 17.81 -29.43 -3.10
CA ASP B 906 17.57 -30.54 -4.01
C ASP B 906 18.60 -30.56 -5.15
N GLY B 907 19.85 -30.35 -4.80
CA GLY B 907 20.93 -30.35 -5.79
C GLY B 907 21.25 -28.99 -6.38
N ARG B 908 20.23 -28.25 -6.80
CA ARG B 908 20.44 -26.93 -7.38
C ARG B 908 21.13 -26.02 -6.38
N MET B 909 22.15 -25.30 -6.84
CA MET B 909 22.77 -24.26 -6.03
C MET B 909 21.92 -23.00 -6.11
N LEU B 910 21.66 -22.39 -4.96
CA LEU B 910 20.77 -21.23 -4.87
C LEU B 910 21.44 -20.13 -4.08
N PHE B 911 21.07 -18.90 -4.42
CA PHE B 911 21.46 -17.75 -3.59
C PHE B 911 20.52 -17.67 -2.39
N PRO B 912 21.04 -17.58 -1.17
CA PRO B 912 20.15 -17.62 0.01
C PRO B 912 19.09 -16.51 -0.06
N ALA B 913 17.89 -16.85 0.44
CA ALA B 913 16.81 -15.87 0.45
C ALA B 913 17.20 -14.65 1.27
N THR B 914 17.86 -14.86 2.41
CA THR B 914 18.44 -13.76 3.16
C THR B 914 19.88 -13.48 2.70
N GLY B 915 20.03 -13.34 1.38
CA GLY B 915 21.29 -12.95 0.78
C GLY B 915 21.10 -11.65 0.04
N THR B 916 19.90 -11.45 -0.52
CA THR B 916 19.52 -10.18 -1.08
C THR B 916 19.23 -9.13 -0.01
N LEU B 917 18.97 -9.58 1.22
CA LEU B 917 18.88 -8.63 2.34
C LEU B 917 20.23 -7.97 2.60
N VAL B 918 21.31 -8.74 2.55
CA VAL B 918 22.64 -8.17 2.75
C VAL B 918 23.02 -7.28 1.57
N LEU B 919 22.66 -7.70 0.35
CA LEU B 919 22.93 -6.87 -0.81
C LEU B 919 22.19 -5.53 -0.71
N ALA B 920 20.92 -5.58 -0.31
CA ALA B 920 20.18 -4.33 -0.08
C ALA B 920 20.77 -3.56 1.10
N TRP B 921 21.17 -4.28 2.15
CA TRP B 921 21.80 -3.66 3.31
C TRP B 921 23.10 -2.96 2.92
N LYS B 922 23.95 -3.65 2.17
CA LYS B 922 25.21 -3.05 1.75
C LYS B 922 25.00 -1.90 0.77
N THR B 923 23.96 -1.98 -0.05
CA THR B 923 23.69 -0.92 -1.02
C THR B 923 23.23 0.36 -0.33
N LEU B 924 22.30 0.24 0.63
CA LEU B 924 21.82 1.42 1.32
C LEU B 924 22.95 2.13 2.06
N ALA B 925 23.80 1.35 2.73
CA ALA B 925 24.94 1.95 3.42
C ALA B 925 25.89 2.63 2.44
N LYS B 926 26.03 2.06 1.24
CA LYS B 926 26.88 2.69 0.23
C LYS B 926 26.30 4.01 -0.26
N LEU B 927 24.96 4.08 -0.42
CA LEU B 927 24.34 5.35 -0.78
C LEU B 927 24.55 6.40 0.30
N LYS B 928 24.43 6.01 1.57
CA LYS B 928 24.65 6.93 2.67
C LYS B 928 26.11 7.29 2.85
N GLY B 929 27.03 6.56 2.22
CA GLY B 929 28.44 6.80 2.38
C GLY B 929 29.05 6.20 3.63
N VAL B 930 28.25 5.57 4.48
CA VAL B 930 28.74 4.96 5.71
C VAL B 930 29.13 3.52 5.44
N GLU B 931 29.92 2.95 6.34
CA GLU B 931 30.25 1.54 6.25
C GLU B 931 29.05 0.69 6.64
N PHE B 932 28.85 -0.41 5.91
CA PHE B 932 27.62 -1.20 6.07
C PHE B 932 27.54 -1.84 7.46
N GLU B 933 28.67 -2.12 8.09
CA GLU B 933 28.68 -2.72 9.41
C GLU B 933 28.54 -1.70 10.53
N GLN B 934 28.38 -0.42 10.21
CA GLN B 934 28.06 0.60 11.18
C GLN B 934 26.66 1.16 10.98
N LEU B 935 25.83 0.51 10.16
CA LEU B 935 24.49 0.97 9.84
C LEU B 935 23.47 -0.05 10.33
N GLY B 936 22.47 0.41 11.06
CA GLY B 936 21.38 -0.44 11.49
C GLY B 936 20.17 -0.30 10.60
N VAL B 937 19.84 -1.35 9.86
CA VAL B 937 18.77 -1.30 8.88
C VAL B 937 17.59 -2.12 9.36
N GLN B 938 16.46 -1.96 8.67
CA GLN B 938 15.26 -2.76 8.92
C GLN B 938 14.53 -2.95 7.60
N MET B 939 14.46 -4.20 7.15
CA MET B 939 13.74 -4.54 5.92
C MET B 939 12.35 -5.06 6.29
N THR B 940 11.34 -4.51 5.64
CA THR B 940 9.95 -4.85 5.91
C THR B 940 9.28 -5.34 4.65
N ASN B 941 8.47 -6.39 4.78
CA ASN B 941 7.71 -6.96 3.68
C ASN B 941 8.61 -7.24 2.48
N VAL B 942 9.62 -8.06 2.72
CA VAL B 942 10.57 -8.45 1.68
C VAL B 942 9.96 -9.59 0.88
N GLN B 943 9.67 -9.33 -0.39
CA GLN B 943 9.06 -10.31 -1.28
C GLN B 943 10.16 -10.99 -2.08
N ILE B 944 10.19 -12.32 -2.06
CA ILE B 944 11.11 -13.10 -2.86
C ILE B 944 10.33 -13.65 -4.06
N HIS B 945 10.63 -13.12 -5.24
CA HIS B 945 9.88 -13.46 -6.45
C HIS B 945 10.48 -14.62 -7.23
N GLN B 946 11.81 -14.76 -7.22
CA GLN B 946 12.48 -15.81 -7.97
C GLN B 946 13.61 -16.38 -7.11
N ALA B 947 14.29 -17.37 -7.66
CA ALA B 947 15.49 -17.93 -7.06
C ALA B 947 16.69 -17.62 -7.94
N LEU B 948 17.70 -16.97 -7.37
CA LEU B 948 18.93 -16.65 -8.09
C LEU B 948 19.80 -17.89 -8.09
N PHE B 949 19.86 -18.58 -9.24
CA PHE B 949 20.56 -19.85 -9.34
C PHE B 949 22.05 -19.58 -9.53
N LEU B 950 22.85 -19.91 -8.53
CA LEU B 950 24.29 -19.77 -8.63
C LEU B 950 24.86 -20.82 -9.58
N ASN B 951 26.03 -20.50 -10.13
CA ASN B 951 26.71 -21.41 -11.05
C ASN B 951 28.20 -21.48 -10.72
N PRO B 952 28.75 -22.66 -10.48
CA PRO B 952 30.16 -22.75 -10.11
C PRO B 952 31.06 -22.22 -11.22
N GLY B 953 32.13 -21.54 -10.82
CA GLY B 953 33.05 -20.96 -11.79
C GLY B 953 32.39 -19.95 -12.70
N GLY B 954 31.33 -19.30 -12.23
CA GLY B 954 30.63 -18.32 -13.03
C GLY B 954 30.46 -17.02 -12.27
N LYS B 955 30.14 -15.97 -13.01
CA LYS B 955 29.95 -14.63 -12.45
C LYS B 955 28.48 -14.24 -12.61
N THR B 956 27.84 -13.91 -11.49
CA THR B 956 26.45 -13.47 -11.47
C THR B 956 26.43 -11.99 -11.13
N THR B 957 25.81 -11.19 -11.99
CA THR B 957 25.69 -9.75 -11.79
C THR B 957 24.25 -9.42 -11.46
N VAL B 958 24.02 -8.78 -10.31
CA VAL B 958 22.69 -8.40 -9.86
C VAL B 958 22.69 -6.91 -9.59
N SER B 959 21.56 -6.27 -9.92
CA SER B 959 21.38 -4.84 -9.75
C SER B 959 20.45 -4.59 -8.57
N VAL B 960 20.91 -3.80 -7.61
CA VAL B 960 20.11 -3.39 -6.46
C VAL B 960 19.78 -1.92 -6.65
N SER B 961 18.48 -1.59 -6.58
CA SER B 961 18.01 -0.23 -6.74
C SER B 961 17.21 0.16 -5.50
N VAL B 962 17.65 1.23 -4.83
CA VAL B 962 17.02 1.70 -3.60
C VAL B 962 16.52 3.12 -3.82
N MET B 963 15.27 3.36 -3.46
CA MET B 963 14.70 4.70 -3.60
C MET B 963 15.22 5.60 -2.48
N PRO B 964 15.79 6.78 -2.80
CA PRO B 964 16.51 7.55 -1.78
C PRO B 964 15.76 7.74 -0.46
N ILE B 965 14.56 8.31 -0.50
CA ILE B 965 13.90 8.75 0.73
C ILE B 965 12.96 7.71 1.32
N THR B 966 12.26 6.93 0.49
CA THR B 966 11.26 5.99 0.99
C THR B 966 11.82 4.61 1.31
N GLY B 967 12.95 4.23 0.70
CA GLY B 967 13.62 2.99 1.02
C GLY B 967 13.21 1.80 0.16
N GLU B 968 12.24 1.95 -0.73
CA GLU B 968 11.86 0.89 -1.63
C GLU B 968 13.07 0.37 -2.38
N PHE B 969 13.39 -0.91 -2.18
CA PHE B 969 14.56 -1.52 -2.79
C PHE B 969 14.14 -2.64 -3.74
N GLN B 970 15.10 -3.03 -4.60
CA GLN B 970 14.82 -3.99 -5.67
C GLN B 970 16.12 -4.70 -6.01
N VAL B 971 16.23 -5.98 -5.69
CA VAL B 971 17.34 -6.81 -6.16
C VAL B 971 16.85 -7.54 -7.40
N ARG B 972 17.44 -7.22 -8.55
CA ARG B 972 16.95 -7.66 -9.85
C ARG B 972 18.13 -8.12 -10.69
N ASP B 973 18.09 -9.37 -11.14
CA ASP B 973 19.15 -9.93 -11.98
C ASP B 973 18.71 -9.76 -13.43
N GLY B 974 19.44 -8.96 -14.18
CA GLY B 974 19.02 -8.62 -15.53
C GLY B 974 17.74 -7.81 -15.48
N GLU B 975 16.69 -8.32 -16.13
CA GLU B 975 15.39 -7.68 -16.14
C GLU B 975 14.35 -8.50 -15.38
N SER B 976 14.81 -9.33 -14.44
CA SER B 976 13.93 -10.19 -13.65
C SER B 976 14.11 -9.85 -12.17
N LEU B 977 13.01 -9.66 -11.46
CA LEU B 977 13.06 -9.33 -10.05
C LEU B 977 13.30 -10.59 -9.22
N ILE B 978 14.27 -10.51 -8.30
CA ILE B 978 14.56 -11.59 -7.36
C ILE B 978 14.11 -11.24 -5.95
N SER B 979 14.07 -9.96 -5.59
CA SER B 979 13.69 -9.56 -4.25
C SER B 979 13.14 -8.13 -4.27
N SER B 980 12.14 -7.86 -3.44
CA SER B 980 11.55 -6.54 -3.36
C SER B 980 11.12 -6.27 -1.92
N GLY B 981 11.08 -5.00 -1.56
CA GLY B 981 10.70 -4.65 -0.20
C GLY B 981 11.02 -3.20 0.08
N VAL B 982 11.09 -2.88 1.38
CA VAL B 982 11.42 -1.53 1.84
C VAL B 982 12.53 -1.65 2.87
N ILE B 983 13.64 -0.97 2.64
CA ILE B 983 14.78 -0.96 3.55
C ILE B 983 14.87 0.42 4.18
N THR B 984 14.90 0.46 5.51
CA THR B 984 14.95 1.71 6.26
C THR B 984 16.07 1.62 7.29
N SER B 985 16.93 2.63 7.32
CA SER B 985 17.98 2.73 8.31
C SER B 985 17.51 3.59 9.48
N SER B 986 18.25 3.48 10.59
CA SER B 986 17.91 4.26 11.78
C SER B 986 19.14 4.31 12.69
N GLU B 987 19.10 5.26 13.62
CA GLU B 987 20.15 5.39 14.63
C GLU B 987 19.71 4.93 16.01
N GLY B 988 18.40 4.75 16.23
CA GLY B 988 17.89 4.25 17.50
C GLY B 988 17.87 2.74 17.54
N ARG B 989 17.22 2.22 18.59
CA ARG B 989 17.10 0.79 18.78
C ARG B 989 15.97 0.26 17.92
N LEU B 990 16.30 -0.55 16.92
CA LEU B 990 15.30 -1.17 16.06
C LEU B 990 14.89 -2.54 16.55
N LEU B 991 15.80 -3.28 17.18
CA LEU B 991 15.52 -4.65 17.59
C LEU B 991 14.46 -4.65 18.69
N GLU B 992 13.47 -5.53 18.53
CA GLU B 992 12.40 -5.65 19.53
C GLU B 992 12.84 -6.52 20.69
N THR B 993 13.21 -7.77 20.40
CA THR B 993 13.64 -8.68 21.43
C THR B 993 14.98 -8.24 22.02
N ASP B 994 15.24 -8.66 23.26
CA ASP B 994 16.48 -8.35 23.95
C ASP B 994 17.52 -9.45 23.82
N GLN B 995 17.50 -10.18 22.70
CA GLN B 995 18.43 -11.29 22.54
C GLN B 995 19.86 -10.81 22.32
N HIS B 996 20.03 -9.62 21.71
CA HIS B 996 21.37 -9.12 21.47
C HIS B 996 22.15 -8.91 22.77
N MET B 997 21.45 -8.79 23.91
CA MET B 997 22.11 -8.62 25.19
C MET B 997 22.49 -9.94 25.84
N LYS B 998 21.89 -11.05 25.42
CA LYS B 998 22.24 -12.35 25.99
C LYS B 998 23.69 -12.69 25.67
N LYS B 999 24.42 -13.17 26.68
CA LYS B 999 25.86 -13.38 26.58
C LYS B 999 26.21 -14.85 26.34
N GLY B 1000 25.81 -15.73 27.27
CA GLY B 1000 26.18 -17.12 27.23
C GLY B 1000 25.17 -17.98 26.50
N SER B 1001 25.33 -19.30 26.67
CA SER B 1001 24.46 -20.29 26.07
C SER B 1001 23.74 -21.03 27.19
N VAL B 1002 22.40 -21.03 27.15
CA VAL B 1002 21.60 -21.68 28.19
C VAL B 1002 21.63 -23.20 28.07
N LEU B 1003 22.19 -23.74 27.00
CA LEU B 1003 22.24 -25.18 26.79
C LEU B 1003 23.55 -25.76 27.32
N ASP B 1004 23.79 -25.53 28.62
CA ASP B 1004 25.01 -25.95 29.28
C ASP B 1004 24.67 -26.91 30.40
N GLY B 1005 25.38 -28.03 30.47
CA GLY B 1005 25.12 -29.04 31.46
C GLY B 1005 24.00 -30.00 31.12
N LYS B 1006 23.35 -29.82 29.98
CA LYS B 1006 22.24 -30.70 29.60
C LYS B 1006 22.79 -32.05 29.13
N PRO B 1007 22.01 -33.12 29.30
CA PRO B 1007 22.42 -34.42 28.76
C PRO B 1007 22.47 -34.41 27.24
N ASP B 1008 23.22 -35.36 26.69
CA ASP B 1008 23.32 -35.49 25.25
C ASP B 1008 22.03 -35.96 24.60
N LYS B 1009 21.07 -36.46 25.38
CA LYS B 1009 19.77 -36.88 24.86
C LYS B 1009 18.74 -35.77 24.94
N GLU B 1010 19.11 -34.59 25.46
CA GLU B 1010 18.23 -33.44 25.50
C GLU B 1010 18.76 -32.29 24.65
N LEU B 1011 19.64 -32.60 23.70
CA LEU B 1011 20.27 -31.59 22.86
C LEU B 1011 20.32 -32.06 21.43
N LEU B 1012 20.27 -31.10 20.51
CA LEU B 1012 20.47 -31.35 19.08
C LEU B 1012 21.80 -30.78 18.67
N PHE B 1013 22.62 -31.59 18.01
CA PHE B 1013 23.92 -31.16 17.52
C PHE B 1013 23.86 -30.96 16.01
N THR B 1014 24.93 -30.36 15.47
CA THR B 1014 24.90 -29.96 14.06
C THR B 1014 24.63 -31.13 13.14
N LYS B 1015 25.10 -32.33 13.51
CA LYS B 1015 24.80 -33.51 12.72
C LYS B 1015 23.30 -33.82 12.74
N GLU B 1016 22.67 -33.68 13.91
CA GLU B 1016 21.25 -33.97 14.04
C GLU B 1016 20.40 -32.83 13.48
N ILE B 1017 20.84 -31.58 13.66
CA ILE B 1017 20.06 -30.46 13.13
C ILE B 1017 20.00 -30.51 11.61
N TYR B 1018 21.10 -30.82 10.95
CA TYR B 1018 21.19 -30.76 9.50
C TYR B 1018 20.90 -32.08 8.83
N ARG B 1019 20.62 -33.13 9.61
CA ARG B 1019 19.97 -34.32 9.09
C ARG B 1019 18.49 -34.10 8.86
N GLU B 1020 17.85 -33.29 9.71
CA GLU B 1020 16.45 -32.92 9.54
C GLU B 1020 16.23 -32.01 8.34
N PHE B 1021 17.13 -31.05 8.12
CA PHE B 1021 17.05 -30.19 6.94
C PHE B 1021 17.33 -30.96 5.65
N LEU B 1022 18.29 -31.88 5.68
CA LEU B 1022 18.60 -32.65 4.48
C LEU B 1022 17.41 -33.50 4.06
N LEU B 1023 16.69 -34.08 5.02
CA LEU B 1023 15.50 -34.86 4.71
C LEU B 1023 14.43 -34.03 4.02
N ARG B 1024 14.48 -32.70 4.16
CA ARG B 1024 13.54 -31.81 3.52
C ARG B 1024 14.07 -31.16 2.25
N GLY B 1025 15.30 -31.49 1.84
CA GLY B 1025 15.86 -30.97 0.62
C GLY B 1025 16.87 -29.84 0.79
N TYR B 1026 17.01 -29.29 2.00
CA TYR B 1026 17.94 -28.21 2.26
C TYR B 1026 19.31 -28.81 2.53
N GLU B 1027 20.20 -28.74 1.53
CA GLU B 1027 21.54 -29.28 1.62
C GLU B 1027 22.49 -28.12 1.92
N TYR B 1028 22.95 -28.03 3.17
CA TYR B 1028 23.85 -26.98 3.61
C TYR B 1028 25.25 -27.56 3.79
N GLY B 1029 26.23 -26.92 3.17
CA GLY B 1029 27.62 -27.30 3.37
C GLY B 1029 28.16 -26.75 4.67
N ALA B 1030 29.43 -27.07 4.94
CA ALA B 1030 30.03 -26.69 6.20
C ALA B 1030 29.97 -25.20 6.46
N ALA B 1031 29.93 -24.38 5.41
CA ALA B 1031 29.87 -22.93 5.60
C ALA B 1031 28.53 -22.49 6.17
N PHE B 1032 27.44 -23.11 5.71
CA PHE B 1032 26.09 -22.73 6.10
C PHE B 1032 25.55 -23.51 7.29
N GLN B 1033 26.40 -24.31 7.95
CA GLN B 1033 25.98 -25.07 9.12
C GLN B 1033 26.30 -24.29 10.39
N GLY B 1034 25.52 -23.23 10.60
CA GLY B 1034 25.78 -22.29 11.67
C GLY B 1034 25.23 -22.69 13.03
N ILE B 1035 24.08 -23.37 13.04
CA ILE B 1035 23.49 -23.79 14.32
C ILE B 1035 24.30 -24.96 14.85
N GLN B 1036 25.13 -24.70 15.86
CA GLN B 1036 26.03 -25.71 16.40
C GLN B 1036 25.41 -26.54 17.52
N ARG B 1037 24.27 -26.10 18.07
CA ARG B 1037 23.61 -26.84 19.14
C ARG B 1037 22.27 -26.18 19.40
N ALA B 1038 21.30 -27.00 19.82
CA ALA B 1038 19.95 -26.50 20.07
C ALA B 1038 19.24 -27.44 21.02
N SER B 1039 18.13 -26.96 21.57
CA SER B 1039 17.28 -27.76 22.44
C SER B 1039 16.30 -28.58 21.62
N LEU B 1040 15.67 -29.56 22.27
CA LEU B 1040 14.74 -30.44 21.57
C LEU B 1040 13.61 -29.63 20.93
N ASP B 1041 13.17 -28.56 21.60
CA ASP B 1041 12.15 -27.69 21.04
C ASP B 1041 12.71 -26.79 19.93
N ALA B 1042 14.04 -26.68 19.83
CA ALA B 1042 14.71 -25.77 18.90
C ALA B 1042 14.48 -24.31 19.26
N THR B 1043 13.98 -24.04 20.48
CA THR B 1043 13.79 -22.65 20.91
C THR B 1043 15.12 -21.99 21.24
N ASP B 1044 16.00 -22.69 21.93
CA ASP B 1044 17.33 -22.20 22.26
C ASP B 1044 18.36 -22.84 21.33
N THR B 1045 19.30 -22.04 20.86
CA THR B 1045 20.31 -22.53 19.92
C THR B 1045 21.62 -21.79 20.15
N ASP B 1046 22.69 -22.38 19.63
CA ASP B 1046 24.02 -21.77 19.61
C ASP B 1046 24.39 -21.52 18.16
N ILE B 1047 24.43 -20.25 17.76
CA ILE B 1047 24.63 -19.86 16.36
C ILE B 1047 26.06 -19.36 16.20
N ARG B 1048 26.75 -19.86 15.19
CA ARG B 1048 28.14 -19.54 14.96
C ARG B 1048 28.28 -18.19 14.25
N TRP B 1049 29.26 -17.41 14.67
CA TRP B 1049 29.57 -16.12 14.07
C TRP B 1049 30.94 -16.19 13.41
N ASP B 1050 30.97 -16.15 12.08
CA ASP B 1050 32.22 -16.27 11.33
C ASP B 1050 32.53 -15.04 10.48
N GLY B 1051 31.78 -13.95 10.63
CA GLY B 1051 32.04 -12.74 9.89
C GLY B 1051 31.40 -12.67 8.52
N ARG B 1052 30.75 -13.74 8.07
CA ARG B 1052 30.07 -13.76 6.79
C ARG B 1052 28.57 -13.57 7.03
N TRP B 1053 28.02 -12.50 6.48
CA TRP B 1053 26.67 -12.08 6.86
C TRP B 1053 25.59 -12.83 6.10
N ILE B 1054 25.88 -13.29 4.89
CA ILE B 1054 24.91 -14.11 4.17
C ILE B 1054 24.73 -15.45 4.87
N SER B 1055 25.83 -16.00 5.39
CA SER B 1055 25.73 -17.24 6.17
C SER B 1055 24.98 -17.01 7.48
N TYR B 1056 25.32 -15.93 8.18
CA TYR B 1056 24.72 -15.71 9.49
C TYR B 1056 23.21 -15.48 9.39
N LEU B 1057 22.79 -14.68 8.41
CA LEU B 1057 21.35 -14.44 8.25
C LEU B 1057 20.62 -15.71 7.85
N ASP B 1058 21.25 -16.58 7.07
CA ASP B 1058 20.63 -17.84 6.70
C ASP B 1058 20.47 -18.75 7.91
N THR B 1059 21.48 -18.80 8.77
CA THR B 1059 21.42 -19.64 9.96
C THR B 1059 20.45 -19.11 11.01
N VAL B 1060 20.09 -17.82 10.94
CA VAL B 1060 19.02 -17.29 11.79
C VAL B 1060 17.66 -17.56 11.19
N LEU B 1061 17.57 -17.76 9.87
CA LEU B 1061 16.35 -18.24 9.24
C LEU B 1061 16.19 -19.74 9.37
N GLN B 1062 17.29 -20.47 9.56
CA GLN B 1062 17.20 -21.90 9.83
C GLN B 1062 16.52 -22.16 11.16
N MET B 1063 16.59 -21.22 12.10
CA MET B 1063 15.92 -21.40 13.38
C MET B 1063 14.40 -21.36 13.20
N TYR B 1064 13.91 -20.48 12.32
CA TYR B 1064 12.49 -20.51 11.98
C TYR B 1064 12.13 -21.82 11.30
N LEU B 1065 12.97 -22.28 10.36
CA LEU B 1065 12.71 -23.55 9.68
C LEU B 1065 12.78 -24.71 10.66
N LEU B 1066 13.74 -24.67 11.59
CA LEU B 1066 13.82 -25.71 12.61
C LEU B 1066 12.66 -25.66 13.59
N SER B 1067 11.86 -24.59 13.56
CA SER B 1067 10.71 -24.46 14.44
C SER B 1067 9.42 -24.96 13.80
N LYS B 1068 9.47 -25.45 12.56
CA LYS B 1068 8.29 -25.95 11.85
C LYS B 1068 8.61 -27.35 11.35
N PRO B 1069 8.61 -28.36 12.23
CA PRO B 1069 8.92 -29.72 11.79
C PRO B 1069 7.91 -30.21 10.76
N GLY B 1070 8.39 -31.03 9.84
CA GLY B 1070 7.53 -31.56 8.80
C GLY B 1070 8.32 -32.40 7.81
N THR B 1071 7.73 -32.61 6.64
CA THR B 1071 8.37 -33.38 5.57
C THR B 1071 8.53 -32.62 4.27
N HIS B 1072 7.70 -31.60 4.01
CA HIS B 1072 7.73 -30.90 2.74
C HIS B 1072 8.86 -29.87 2.71
N GLN B 1073 9.13 -29.37 1.51
CA GLN B 1073 10.11 -28.31 1.30
C GLN B 1073 9.40 -26.98 1.20
N ALA B 1074 9.71 -26.06 2.10
CA ALA B 1074 9.09 -24.76 2.16
C ALA B 1074 10.04 -23.71 1.60
N LEU B 1075 9.59 -22.98 0.58
CA LEU B 1075 10.39 -21.92 -0.02
C LEU B 1075 9.93 -20.58 0.54
N PRO B 1076 10.79 -19.82 1.23
CA PRO B 1076 10.35 -18.52 1.74
C PRO B 1076 9.83 -17.62 0.63
N THR B 1077 8.75 -16.90 0.92
CA THR B 1077 8.14 -15.99 -0.04
C THR B 1077 7.89 -14.60 0.50
N LEU B 1078 7.94 -14.38 1.81
CA LEU B 1078 7.72 -13.07 2.39
C LEU B 1078 8.31 -13.02 3.78
N LEU B 1079 9.22 -12.08 4.01
CA LEU B 1079 9.77 -11.80 5.33
C LEU B 1079 9.21 -10.47 5.80
N GLU B 1080 8.28 -10.52 6.76
CA GLU B 1080 7.57 -9.32 7.15
C GLU B 1080 8.51 -8.27 7.73
N SER B 1081 9.49 -8.70 8.53
CA SER B 1081 10.48 -7.79 9.09
C SER B 1081 11.81 -8.50 9.23
N VAL B 1082 12.90 -7.77 8.97
CA VAL B 1082 14.25 -8.25 9.18
C VAL B 1082 15.06 -7.08 9.71
N THR B 1083 15.47 -7.15 10.98
CA THR B 1083 16.23 -6.10 11.62
C THR B 1083 17.68 -6.55 11.79
N ILE B 1084 18.62 -5.78 11.24
CA ILE B 1084 20.04 -6.04 11.38
C ILE B 1084 20.66 -4.83 12.06
N ASP B 1085 21.32 -5.06 13.20
CA ASP B 1085 21.94 -4.00 14.00
C ASP B 1085 23.37 -4.41 14.32
N PRO B 1086 24.30 -4.17 13.40
CA PRO B 1086 25.69 -4.59 13.65
C PRO B 1086 26.32 -3.90 14.85
N ARG B 1087 25.77 -2.77 15.28
CA ARG B 1087 26.35 -2.06 16.42
C ARG B 1087 26.28 -2.90 17.69
N VAL B 1088 25.17 -3.62 17.89
CA VAL B 1088 25.07 -4.56 19.00
C VAL B 1088 25.59 -5.94 18.65
N HIS B 1089 26.04 -6.15 17.41
CA HIS B 1089 26.59 -7.43 16.97
C HIS B 1089 28.09 -7.50 17.23
N PRO B 1090 28.63 -8.66 17.58
CA PRO B 1090 30.07 -8.76 17.76
C PRO B 1090 30.83 -8.46 16.48
N ALA B 1091 32.03 -7.90 16.63
CA ALA B 1091 32.83 -7.53 15.48
C ALA B 1091 33.35 -8.77 14.76
N GLN B 1092 33.79 -8.56 13.53
CA GLN B 1092 34.26 -9.67 12.71
C GLN B 1092 35.41 -10.39 13.41
N PRO B 1093 35.49 -11.71 13.35
CA PRO B 1093 36.56 -12.41 14.05
C PRO B 1093 37.92 -11.97 13.52
N PRO B 1094 38.95 -12.00 14.37
CA PRO B 1094 40.29 -11.67 13.89
C PRO B 1094 40.65 -12.46 12.63
N GLU B 1095 41.57 -11.92 11.85
CA GLU B 1095 41.97 -12.56 10.61
C GLU B 1095 42.57 -13.93 10.87
N GLY B 1096 42.25 -14.89 10.00
CA GLY B 1096 42.79 -16.22 10.12
C GLY B 1096 42.24 -17.02 11.28
N THR B 1097 41.08 -16.66 11.81
CA THR B 1097 40.50 -17.37 12.93
C THR B 1097 40.04 -18.77 12.50
N THR B 1098 40.34 -19.75 13.34
CA THR B 1098 39.92 -21.13 13.12
C THR B 1098 38.73 -21.53 13.97
N GLU B 1099 38.67 -21.10 15.22
CA GLU B 1099 37.54 -21.39 16.12
C GLU B 1099 36.74 -20.10 16.22
N PHE B 1100 35.46 -20.18 15.87
CA PHE B 1100 34.58 -19.03 15.95
C PHE B 1100 33.67 -19.13 17.17
N GLN B 1101 33.17 -17.98 17.62
CA GLN B 1101 32.30 -17.90 18.77
C GLN B 1101 30.88 -18.27 18.40
N VAL B 1102 30.12 -18.73 19.39
CA VAL B 1102 28.73 -19.11 19.21
C VAL B 1102 27.86 -18.08 19.92
N LEU B 1103 26.94 -17.48 19.19
CA LEU B 1103 26.04 -16.48 19.76
C LEU B 1103 24.71 -17.14 20.12
N PRO B 1104 24.19 -16.94 21.34
CA PRO B 1104 22.91 -17.54 21.68
C PRO B 1104 21.79 -17.05 20.77
N GLY B 1105 20.91 -17.96 20.40
CA GLY B 1105 19.76 -17.62 19.59
C GLY B 1105 18.50 -18.11 20.26
N LYS B 1106 17.39 -17.46 19.92
CA LYS B 1106 16.11 -17.81 20.51
C LYS B 1106 15.00 -17.70 19.47
N TRP B 1107 14.02 -18.59 19.58
CA TRP B 1107 12.83 -18.57 18.74
C TRP B 1107 11.64 -18.21 19.60
N ASP B 1108 10.88 -17.20 19.17
CA ASP B 1108 9.72 -16.72 19.90
C ASP B 1108 8.45 -17.15 19.18
N PRO B 1109 7.70 -18.15 19.68
CA PRO B 1109 6.49 -18.57 18.99
C PRO B 1109 5.35 -17.56 19.13
N VAL B 1110 5.36 -16.80 20.23
CA VAL B 1110 4.31 -15.82 20.45
C VAL B 1110 4.36 -14.75 19.38
N LEU B 1111 5.54 -14.19 19.14
CA LEU B 1111 5.71 -13.13 18.15
C LEU B 1111 6.29 -13.65 16.83
N GLN B 1112 6.75 -14.90 16.78
CA GLN B 1112 7.30 -15.48 15.56
C GLN B 1112 8.56 -14.74 15.13
N ILE B 1113 9.51 -14.59 16.06
CA ILE B 1113 10.76 -13.88 15.83
C ILE B 1113 11.90 -14.86 16.05
N ALA B 1114 12.79 -14.97 15.06
CA ALA B 1114 14.03 -15.72 15.19
C ALA B 1114 15.16 -14.72 15.42
N ALA B 1115 15.65 -14.65 16.65
CA ALA B 1115 16.60 -13.63 17.05
C ALA B 1115 17.89 -14.28 17.52
N ALA B 1116 19.01 -13.82 16.97
CA ALA B 1116 20.33 -14.26 17.40
C ALA B 1116 21.32 -13.13 17.13
N GLY B 1117 22.01 -12.69 18.19
CA GLY B 1117 22.92 -11.57 18.03
C GLY B 1117 22.15 -10.30 17.72
N GLY B 1118 22.61 -9.57 16.71
CA GLY B 1118 22.00 -8.31 16.34
C GLY B 1118 21.03 -8.43 15.18
N VAL B 1119 20.56 -9.65 14.92
CA VAL B 1119 19.65 -9.92 13.82
C VAL B 1119 18.32 -10.38 14.38
N GLU B 1120 17.25 -10.08 13.63
CA GLU B 1120 15.90 -10.51 14.01
C GLU B 1120 15.09 -10.70 12.73
N ILE B 1121 14.55 -11.90 12.54
CA ILE B 1121 13.66 -12.21 11.42
C ILE B 1121 12.28 -12.48 11.99
N ARG B 1122 11.28 -11.78 11.47
CA ARG B 1122 9.92 -11.82 11.99
C ARG B 1122 8.95 -12.30 10.92
N SER B 1123 8.09 -13.25 11.28
CA SER B 1123 6.95 -13.66 10.46
C SER B 1123 7.38 -13.94 9.02
N CYS B 1124 8.22 -14.96 8.87
CA CYS B 1124 8.62 -15.44 7.56
C CYS B 1124 7.54 -16.38 7.02
N HIS B 1125 7.08 -16.12 5.81
CA HIS B 1125 6.05 -16.91 5.16
C HIS B 1125 6.66 -17.72 4.02
N SER B 1126 6.30 -19.00 3.93
CA SER B 1126 6.88 -19.92 2.97
C SER B 1126 5.79 -20.55 2.13
N ILE B 1127 6.18 -21.02 0.95
CA ILE B 1127 5.28 -21.66 0.00
C ILE B 1127 5.79 -23.06 -0.26
N ARG B 1128 4.89 -24.05 -0.23
CA ARG B 1128 5.27 -25.42 -0.49
C ARG B 1128 5.90 -25.54 -1.87
N ALA B 1129 7.03 -26.24 -1.93
CA ALA B 1129 7.76 -26.46 -3.17
C ALA B 1129 7.78 -27.95 -3.49
N SER B 1130 7.48 -28.28 -4.73
CA SER B 1130 7.57 -29.66 -5.19
C SER B 1130 9.01 -30.11 -5.17
N ARG B 1131 9.28 -31.22 -4.48
CA ARG B 1131 10.65 -31.70 -4.33
C ARG B 1131 11.09 -32.38 -5.62
N ARG B 1132 12.13 -31.82 -6.24
CA ARG B 1132 12.66 -32.35 -7.50
C ARG B 1132 13.67 -33.44 -7.20
N LEU B 1133 13.80 -34.39 -8.13
CA LEU B 1133 14.66 -35.55 -7.95
C LEU B 1133 16.05 -35.21 -8.45
N ASN B 1134 17.04 -35.29 -7.56
CA ASN B 1134 18.42 -35.02 -7.93
C ASN B 1134 18.91 -35.99 -9.01
N HIS B 1135 18.50 -37.25 -8.90
CA HIS B 1135 18.96 -38.31 -9.80
C HIS B 1135 17.84 -38.68 -10.77
N ASP B 1136 18.09 -39.70 -11.58
CA ASP B 1136 17.06 -40.22 -12.47
C ASP B 1136 16.18 -41.21 -11.72
N PRO B 1137 15.01 -41.53 -12.27
CA PRO B 1137 14.05 -42.32 -11.51
C PRO B 1137 14.63 -43.66 -11.11
N PRO B 1138 14.23 -44.21 -9.96
CA PRO B 1138 14.76 -45.52 -9.54
C PRO B 1138 14.28 -46.63 -10.45
N ILE B 1139 15.05 -47.71 -10.47
CA ILE B 1139 14.74 -48.89 -11.26
C ILE B 1139 14.14 -49.91 -10.32
N LEU B 1140 12.83 -50.12 -10.43
CA LEU B 1140 12.13 -51.09 -9.61
C LEU B 1140 12.06 -52.43 -10.34
N GLU B 1141 12.39 -53.50 -9.62
CA GLU B 1141 12.41 -54.84 -10.17
C GLU B 1141 11.66 -55.78 -9.23
N ASP B 1142 11.26 -56.93 -9.76
CA ASP B 1142 10.56 -57.96 -9.00
C ASP B 1142 11.49 -59.16 -8.88
N PHE B 1143 12.09 -59.34 -7.69
CA PHE B 1143 13.01 -60.44 -7.45
C PHE B 1143 12.20 -61.73 -7.38
N ALA B 1144 12.11 -62.44 -8.50
CA ALA B 1144 11.27 -63.61 -8.62
C ALA B 1144 12.06 -64.77 -9.22
N PHE B 1145 11.49 -65.96 -9.11
CA PHE B 1145 12.11 -67.16 -9.65
C PHE B 1145 11.67 -67.40 -11.09
N ALA B 1146 12.59 -67.87 -11.92
CA ALA B 1146 12.33 -68.07 -13.34
C ALA B 1146 12.90 -69.42 -13.78
N PRO B 1147 12.09 -70.31 -14.34
CA PRO B 1147 12.63 -71.60 -14.79
C PRO B 1147 13.55 -71.44 -15.98
N TYR B 1148 14.39 -72.47 -16.18
CA TYR B 1148 15.35 -72.45 -17.27
C TYR B 1148 14.73 -72.97 -18.58
N VAL B 1149 14.23 -74.20 -18.56
CA VAL B 1149 13.81 -74.89 -19.78
C VAL B 1149 12.30 -75.12 -19.74
N ASP B 1150 11.67 -74.93 -20.89
CA ASP B 1150 10.26 -75.23 -21.08
C ASP B 1150 9.38 -74.62 -19.98
N PRO B 1151 9.43 -73.32 -19.77
CA PRO B 1151 8.61 -72.70 -18.74
C PRO B 1151 7.12 -72.89 -19.00
N ARG B 1152 6.37 -73.08 -17.93
CA ARG B 1152 4.92 -73.18 -18.03
C ARG B 1152 4.32 -71.79 -18.20
N PRO B 1153 3.06 -71.70 -18.65
CA PRO B 1153 2.46 -70.38 -18.88
C PRO B 1153 2.44 -69.49 -17.66
N SER B 1154 2.47 -70.05 -16.45
CA SER B 1154 2.43 -69.27 -15.22
C SER B 1154 3.80 -68.80 -14.77
N ASP B 1155 4.88 -69.22 -15.44
CA ASP B 1155 6.23 -68.83 -15.07
C ASP B 1155 6.62 -67.53 -15.75
N ARG B 1156 7.61 -66.85 -15.16
CA ARG B 1156 8.04 -65.55 -15.65
C ARG B 1156 9.04 -65.64 -16.80
N SER B 1157 9.64 -66.81 -17.04
CA SER B 1157 10.50 -67.01 -18.19
C SER B 1157 9.74 -67.53 -19.40
N ALA B 1158 8.42 -67.68 -19.29
CA ALA B 1158 7.60 -68.14 -20.40
C ALA B 1158 7.38 -67.02 -21.40
N ALA B 1159 7.09 -67.41 -22.64
CA ALA B 1159 6.77 -66.44 -23.68
C ALA B 1159 5.46 -65.74 -23.36
N ALA B 1160 5.42 -64.43 -23.60
CA ALA B 1160 4.26 -63.61 -23.28
C ALA B 1160 3.22 -63.65 -24.38
N VAL B 1161 2.73 -64.86 -24.69
CA VAL B 1161 1.73 -65.04 -25.73
C VAL B 1161 0.34 -64.89 -25.09
N THR B 1162 -0.34 -63.80 -25.41
CA THR B 1162 -1.69 -63.57 -24.93
C THR B 1162 -2.67 -64.29 -25.86
N PRO B 1163 -3.92 -64.46 -25.43
CA PRO B 1163 -4.93 -65.02 -26.35
C PRO B 1163 -5.09 -64.19 -27.62
N ALA B 1164 -4.93 -62.87 -27.52
CA ALA B 1164 -4.99 -62.02 -28.71
C ALA B 1164 -3.85 -62.34 -29.68
N LEU B 1165 -2.65 -62.52 -29.17
CA LEU B 1165 -1.51 -62.83 -30.05
C LEU B 1165 -1.71 -64.15 -30.77
N ARG B 1166 -2.21 -65.17 -30.06
CA ARG B 1166 -2.45 -66.45 -30.70
C ARG B 1166 -3.49 -66.35 -31.81
N ASP B 1167 -4.32 -65.31 -31.82
CA ASP B 1167 -5.24 -65.09 -32.93
C ASP B 1167 -4.54 -64.41 -34.10
N TYR B 1168 -3.77 -63.36 -33.81
CA TYR B 1168 -3.00 -62.66 -34.83
C TYR B 1168 -2.05 -63.63 -35.53
N ALA B 1169 -1.48 -64.57 -34.77
CA ALA B 1169 -0.64 -65.59 -35.37
C ALA B 1169 -1.43 -66.46 -36.34
N ASP B 1170 -2.64 -66.87 -35.94
CA ASP B 1170 -3.47 -67.67 -36.83
C ASP B 1170 -3.93 -66.86 -38.03
N ALA B 1171 -4.33 -65.60 -37.82
CA ALA B 1171 -4.76 -64.77 -38.94
C ALA B 1171 -3.62 -64.58 -39.94
N CYS B 1172 -2.41 -64.34 -39.44
CA CYS B 1172 -1.27 -64.22 -40.35
C CYS B 1172 -1.00 -65.54 -41.06
N PHE B 1173 -1.15 -66.66 -40.36
CA PHE B 1173 -0.92 -67.96 -40.98
C PHE B 1173 -1.88 -68.20 -42.13
N GLU B 1174 -3.16 -67.93 -41.92
CA GLU B 1174 -4.15 -68.09 -42.98
C GLU B 1174 -3.87 -67.14 -44.14
N PHE B 1175 -3.55 -65.88 -43.82
CA PHE B 1175 -3.24 -64.90 -44.86
C PHE B 1175 -1.99 -65.30 -45.63
N SER B 1176 -0.97 -65.81 -44.93
CA SER B 1176 0.22 -66.29 -45.61
C SER B 1176 -0.09 -67.49 -46.50
N ARG B 1177 -0.79 -68.49 -45.94
CA ARG B 1177 -1.06 -69.71 -46.70
C ARG B 1177 -1.79 -69.41 -48.00
N GLN B 1178 -2.90 -68.68 -47.91
CA GLN B 1178 -3.70 -68.42 -49.10
C GLN B 1178 -3.00 -67.45 -50.04
N GLY B 1179 -2.18 -66.55 -49.50
CA GLY B 1179 -1.42 -65.65 -50.36
C GLY B 1179 -0.47 -66.41 -51.27
N MET B 1180 0.18 -67.45 -50.75
CA MET B 1180 1.01 -68.30 -51.59
C MET B 1180 0.20 -68.96 -52.68
N LYS B 1181 -1.00 -69.45 -52.33
CA LYS B 1181 -1.89 -70.03 -53.34
C LYS B 1181 -2.17 -69.01 -54.44
N ARG B 1182 -2.46 -67.76 -54.05
CA ARG B 1182 -2.67 -66.71 -55.03
C ARG B 1182 -1.41 -66.47 -55.85
N TRP B 1183 -0.24 -66.53 -55.21
CA TRP B 1183 1.02 -66.35 -55.92
C TRP B 1183 1.21 -67.43 -56.98
N LEU B 1184 0.98 -68.68 -56.62
CA LEU B 1184 1.25 -69.78 -57.54
C LEU B 1184 0.35 -69.71 -58.77
N GLU B 1185 -0.96 -69.55 -58.55
CA GLU B 1185 -1.89 -69.54 -59.68
C GLU B 1185 -1.66 -68.32 -60.57
N ASN B 1186 -1.44 -67.16 -59.98
CA ASN B 1186 -1.23 -65.95 -60.77
C ASN B 1186 0.15 -65.89 -61.40
N ASP B 1187 1.10 -66.71 -60.94
CA ASP B 1187 2.46 -66.71 -61.48
C ASP B 1187 2.43 -67.45 -62.82
N LYS B 1188 1.80 -66.81 -63.80
CA LYS B 1188 1.77 -67.34 -65.16
C LYS B 1188 2.99 -66.94 -65.98
N ASN B 1189 3.78 -65.98 -65.49
CA ASN B 1189 5.02 -65.59 -66.16
C ASN B 1189 6.24 -66.33 -65.64
N ASN B 1190 6.08 -67.19 -64.63
CA ASN B 1190 7.20 -67.92 -64.04
C ASN B 1190 8.30 -66.98 -63.59
N VAL B 1191 7.92 -65.88 -62.94
CA VAL B 1191 8.86 -64.88 -62.45
C VAL B 1191 8.93 -64.99 -60.93
N LEU B 1192 8.69 -66.19 -60.41
CA LEU B 1192 8.63 -66.43 -58.96
C LEU B 1192 9.61 -67.56 -58.61
N PRO B 1193 10.91 -67.27 -58.63
CA PRO B 1193 11.90 -68.27 -58.19
C PRO B 1193 11.55 -68.86 -56.83
N ASN B 1194 12.19 -69.97 -56.50
CA ASN B 1194 11.83 -70.69 -55.27
C ASN B 1194 10.37 -71.08 -55.41
N LYS B 1195 9.82 -71.36 -56.61
CA LYS B 1195 8.44 -71.77 -56.79
C LYS B 1195 8.21 -73.16 -56.20
N GLU B 1196 9.17 -74.06 -56.40
CA GLU B 1196 9.07 -75.37 -55.75
C GLU B 1196 9.06 -75.22 -54.22
N GLU B 1197 9.84 -74.23 -53.75
CA GLU B 1197 9.98 -73.96 -52.29
C GLU B 1197 8.65 -73.40 -51.78
N ILE B 1198 7.93 -72.59 -52.56
CA ILE B 1198 6.61 -72.07 -52.20
C ILE B 1198 5.59 -73.19 -52.21
N LYS B 1199 5.65 -74.07 -53.22
CA LYS B 1199 4.74 -75.21 -53.26
C LYS B 1199 4.93 -76.10 -52.04
N GLU B 1200 6.18 -76.35 -51.65
CA GLU B 1200 6.43 -77.14 -50.45
C GLU B 1200 5.86 -76.47 -49.20
N ALA B 1201 6.11 -75.16 -49.06
CA ALA B 1201 5.60 -74.44 -47.90
C ALA B 1201 4.08 -74.42 -47.88
N LEU B 1202 3.46 -74.26 -49.05
CA LEU B 1202 2.00 -74.33 -49.13
C LEU B 1202 1.50 -75.71 -48.75
N ALA B 1203 2.20 -76.75 -49.20
CA ALA B 1203 1.78 -78.12 -48.89
C ALA B 1203 1.81 -78.37 -47.39
N MET B 1204 2.89 -77.96 -46.71
CA MET B 1204 2.99 -78.20 -45.28
C MET B 1204 1.91 -77.45 -44.51
N ALA B 1205 1.60 -76.22 -44.93
CA ALA B 1205 0.51 -75.49 -44.29
C ALA B 1205 -0.80 -76.23 -44.44
N ASN B 1206 -1.04 -76.81 -45.62
CA ASN B 1206 -2.25 -77.62 -45.82
C ASN B 1206 -2.24 -78.84 -44.91
N LYS B 1207 -1.07 -79.46 -44.73
CA LYS B 1207 -0.99 -80.63 -43.86
C LYS B 1207 -1.43 -80.30 -42.44
N HIS B 1208 -0.97 -79.16 -41.91
CA HIS B 1208 -1.31 -78.73 -40.56
C HIS B 1208 -2.38 -77.64 -40.55
N ALA B 1209 -3.05 -77.42 -41.68
CA ALA B 1209 -4.10 -76.40 -41.76
C ALA B 1209 -5.16 -76.62 -40.69
N ASN B 1217 -11.26 -66.96 -48.84
CA ASN B 1217 -10.57 -66.35 -49.98
C ASN B 1217 -9.62 -65.25 -49.51
N PHE B 1218 -8.67 -64.88 -50.38
CA PHE B 1218 -7.69 -63.89 -50.02
C PHE B 1218 -8.33 -62.59 -49.57
N ALA B 1219 -9.51 -62.26 -50.11
CA ALA B 1219 -10.23 -61.08 -49.65
C ALA B 1219 -10.62 -61.23 -48.18
N SER B 1220 -11.09 -62.42 -47.79
CA SER B 1220 -11.44 -62.65 -46.40
C SER B 1220 -10.20 -62.62 -45.50
N ALA B 1221 -9.07 -63.16 -45.98
CA ALA B 1221 -7.86 -63.15 -45.17
C ALA B 1221 -7.46 -61.74 -44.80
N LYS B 1222 -7.48 -60.83 -45.78
CA LYS B 1222 -7.21 -59.42 -45.48
C LYS B 1222 -8.32 -58.83 -44.61
N ALA B 1223 -9.55 -59.32 -44.78
CA ALA B 1223 -10.68 -58.83 -44.00
C ALA B 1223 -10.49 -59.15 -42.52
N THR B 1224 -10.12 -60.40 -42.21
CA THR B 1224 -9.91 -60.78 -40.82
C THR B 1224 -8.83 -59.93 -40.17
N LEU B 1225 -7.68 -59.79 -40.85
CA LEU B 1225 -6.59 -59.01 -40.29
C LEU B 1225 -6.98 -57.54 -40.13
N GLU B 1226 -7.59 -56.96 -41.17
CA GLU B 1226 -7.99 -55.56 -41.09
C GLU B 1226 -8.97 -55.33 -39.94
N ALA B 1227 -9.86 -56.29 -39.69
CA ALA B 1227 -10.74 -56.19 -38.53
C ALA B 1227 -9.93 -56.22 -37.24
N LEU B 1228 -8.92 -57.10 -37.16
CA LEU B 1228 -8.07 -57.14 -35.98
C LEU B 1228 -7.29 -55.84 -35.81
N VAL B 1229 -6.77 -55.30 -36.92
CA VAL B 1229 -5.92 -54.11 -36.83
C VAL B 1229 -6.75 -52.88 -36.47
N ASN B 1230 -7.83 -52.64 -37.22
CA ASN B 1230 -8.61 -51.42 -37.04
C ASN B 1230 -9.44 -51.42 -35.77
N ASN B 1231 -9.54 -52.55 -35.08
CA ASN B 1231 -10.30 -52.59 -33.85
C ASN B 1231 -9.50 -51.95 -32.70
N LYS B 1232 -10.20 -51.24 -31.83
CA LYS B 1232 -9.59 -50.52 -30.71
C LYS B 1232 -10.30 -50.94 -29.42
N ASN B 1233 -10.50 -52.25 -29.25
CA ASN B 1233 -11.22 -52.80 -28.11
C ASN B 1233 -10.34 -52.94 -26.87
N GLY B 1234 -9.27 -52.14 -26.78
CA GLY B 1234 -8.37 -52.25 -25.64
C GLY B 1234 -7.38 -53.38 -25.82
N HIS B 1235 -7.88 -54.58 -26.11
CA HIS B 1235 -7.01 -55.68 -26.50
C HIS B 1235 -6.47 -55.39 -27.89
N ARG B 1236 -5.24 -54.86 -27.94
CA ARG B 1236 -4.69 -54.32 -29.19
C ARG B 1236 -3.19 -54.58 -29.16
N LEU B 1237 -2.72 -55.42 -30.08
CA LEU B 1237 -1.29 -55.67 -30.17
C LEU B 1237 -0.57 -54.36 -30.48
N PRO B 1238 0.65 -54.16 -29.96
CA PRO B 1238 1.31 -52.85 -30.13
C PRO B 1238 1.41 -52.42 -31.58
N ASN B 1239 1.68 -53.36 -32.49
CA ASN B 1239 1.70 -53.07 -33.91
C ASN B 1239 1.52 -54.37 -34.66
N HIS B 1240 1.14 -54.26 -35.92
CA HIS B 1240 0.92 -55.41 -36.80
C HIS B 1240 1.92 -55.31 -37.94
N GLY B 1241 3.09 -55.93 -37.76
CA GLY B 1241 4.15 -55.84 -38.74
C GLY B 1241 4.14 -56.98 -39.74
N LEU B 1242 3.83 -58.19 -39.27
CA LEU B 1242 3.78 -59.32 -40.18
C LEU B 1242 2.69 -59.14 -41.23
N PHE B 1243 1.52 -58.64 -40.81
CA PHE B 1243 0.46 -58.35 -41.78
C PHE B 1243 0.89 -57.28 -42.75
N GLU B 1244 1.45 -56.18 -42.24
CA GLU B 1244 1.85 -55.08 -43.11
C GLU B 1244 2.86 -55.54 -44.15
N MET B 1245 3.94 -56.20 -43.70
CA MET B 1245 4.98 -56.62 -44.64
C MET B 1245 4.49 -57.73 -45.57
N LEU B 1246 3.62 -58.61 -45.07
CA LEU B 1246 3.05 -59.63 -45.93
C LEU B 1246 2.20 -59.00 -47.03
N ASP B 1247 1.42 -57.98 -46.70
CA ASP B 1247 0.58 -57.33 -47.70
C ASP B 1247 1.42 -56.75 -48.82
N ILE B 1248 2.57 -56.18 -48.49
CA ILE B 1248 3.47 -55.67 -49.54
C ILE B 1248 4.00 -56.82 -50.38
N ALA B 1249 4.28 -57.96 -49.75
CA ALA B 1249 4.84 -59.09 -50.48
C ALA B 1249 3.87 -59.59 -51.55
N PHE B 1250 2.59 -59.72 -51.20
CA PHE B 1250 1.63 -60.34 -52.12
C PHE B 1250 1.01 -59.30 -53.04
N SER B 1251 0.68 -58.12 -52.52
CA SER B 1251 -0.01 -57.12 -53.33
C SER B 1251 0.85 -56.60 -54.47
N GLU B 1252 2.17 -56.76 -54.37
CA GLU B 1252 3.06 -56.24 -55.39
C GLU B 1252 2.79 -56.94 -56.72
N PRO B 1253 2.72 -56.21 -57.84
CA PRO B 1253 2.40 -56.86 -59.12
C PRO B 1253 3.48 -57.85 -59.53
N LEU B 1254 3.05 -58.88 -60.28
CA LEU B 1254 3.97 -59.86 -60.83
C LEU B 1254 4.33 -59.44 -62.25
N GLU B 1255 5.52 -58.87 -62.42
CA GLU B 1255 5.94 -58.37 -63.72
C GLU B 1255 7.47 -58.29 -63.74
N GLY B 1256 8.02 -57.61 -64.73
CA GLY B 1256 9.47 -57.49 -64.84
C GLY B 1256 10.07 -56.75 -63.67
N ASP B 1257 11.30 -57.13 -63.31
CA ASP B 1257 12.01 -56.53 -62.19
C ASP B 1257 11.18 -56.61 -60.91
N TYR B 1258 10.51 -57.74 -60.71
CA TYR B 1258 9.66 -57.93 -59.54
C TYR B 1258 10.49 -58.24 -58.30
N TRP B 1259 11.29 -59.31 -58.34
CA TRP B 1259 12.06 -59.80 -57.18
C TRP B 1259 13.15 -58.83 -56.75
N ASP B 1260 13.73 -58.06 -57.64
CA ASP B 1260 14.67 -57.02 -57.28
C ASP B 1260 13.95 -55.84 -56.62
N ARG B 1261 12.80 -55.45 -57.18
CA ARG B 1261 12.02 -54.38 -56.58
C ARG B 1261 11.41 -54.82 -55.25
N LEU B 1262 10.83 -56.02 -55.22
CA LEU B 1262 10.20 -56.53 -54.01
C LEU B 1262 11.24 -56.69 -52.90
N ARG B 1263 12.40 -57.25 -53.22
CA ARG B 1263 13.47 -57.40 -52.25
C ARG B 1263 13.80 -56.04 -51.65
N MET B 1264 13.90 -55.02 -52.50
CA MET B 1264 14.17 -53.67 -52.00
C MET B 1264 13.03 -53.17 -51.14
N LYS B 1265 11.78 -53.44 -51.55
CA LYS B 1265 10.63 -52.97 -50.79
C LYS B 1265 10.64 -53.56 -49.38
N LEU B 1266 10.85 -54.88 -49.27
CA LEU B 1266 10.83 -55.51 -47.96
C LEU B 1266 12.03 -55.09 -47.13
N HIS B 1267 13.17 -54.84 -47.77
CA HIS B 1267 14.33 -54.33 -47.06
C HIS B 1267 14.15 -52.90 -46.62
N ASP B 1268 13.09 -52.23 -47.08
CA ASP B 1268 12.73 -50.90 -46.60
C ASP B 1268 11.75 -50.93 -45.46
N VAL B 1269 11.04 -52.04 -45.25
CA VAL B 1269 10.11 -52.19 -44.14
C VAL B 1269 10.58 -53.33 -43.26
N ARG B 1270 11.90 -53.59 -43.27
CA ARG B 1270 12.45 -54.65 -42.44
C ARG B 1270 12.07 -54.48 -40.98
N THR B 1271 11.92 -53.23 -40.55
CA THR B 1271 11.63 -52.96 -39.14
C THR B 1271 10.33 -53.62 -38.70
N TYR B 1272 9.39 -53.82 -39.61
CA TYR B 1272 8.13 -54.46 -39.23
C TYR B 1272 8.36 -55.87 -38.71
N LEU B 1273 9.21 -56.64 -39.37
CA LEU B 1273 9.52 -57.99 -38.91
C LEU B 1273 10.20 -57.95 -37.54
N TRP B 1274 11.14 -57.01 -37.37
CA TRP B 1274 11.88 -56.93 -36.11
C TRP B 1274 10.94 -56.61 -34.95
N ASP B 1275 10.15 -55.54 -35.10
CA ASP B 1275 9.24 -55.07 -34.06
C ASP B 1275 7.84 -55.58 -34.39
N ASP B 1276 7.58 -56.84 -34.04
CA ASP B 1276 6.29 -57.46 -34.26
C ASP B 1276 5.93 -58.29 -33.03
N PRO B 1277 4.66 -58.30 -32.63
CA PRO B 1277 4.30 -59.09 -31.43
C PRO B 1277 4.73 -60.54 -31.50
N ILE B 1278 4.64 -61.18 -32.67
CA ILE B 1278 5.09 -62.55 -32.80
C ILE B 1278 6.59 -62.65 -32.56
N ILE B 1279 7.36 -61.75 -33.15
CA ILE B 1279 8.81 -61.78 -32.99
C ILE B 1279 9.23 -61.27 -31.63
N ALA B 1280 8.46 -60.36 -31.04
CA ALA B 1280 8.80 -59.77 -29.75
C ALA B 1280 8.33 -60.60 -28.57
N ALA B 1281 7.62 -61.69 -28.79
CA ALA B 1281 7.17 -62.53 -27.69
C ALA B 1281 8.36 -63.11 -26.94
N LEU B 1282 9.37 -63.59 -27.67
CA LEU B 1282 10.59 -64.10 -27.07
C LEU B 1282 11.60 -63.00 -26.77
N GLU B 1283 11.40 -61.80 -27.30
CA GLU B 1283 12.26 -60.65 -27.02
C GLU B 1283 11.67 -59.76 -25.93
N SER B 1284 10.83 -60.33 -25.06
CA SER B 1284 10.25 -59.56 -23.98
C SER B 1284 11.34 -59.17 -22.98
N PRO B 1285 11.15 -58.10 -22.22
CA PRO B 1285 12.18 -57.67 -21.27
C PRO B 1285 12.54 -58.76 -20.26
N ASP B 1286 11.58 -59.59 -19.86
CA ASP B 1286 11.85 -60.61 -18.84
C ASP B 1286 12.83 -61.66 -19.36
N ILE B 1287 12.59 -62.17 -20.56
CA ILE B 1287 13.44 -63.24 -21.08
C ILE B 1287 14.82 -62.69 -21.43
N VAL B 1288 14.87 -61.50 -22.03
CA VAL B 1288 16.14 -60.91 -22.42
C VAL B 1288 17.02 -60.67 -21.20
N LYS B 1289 16.41 -60.19 -20.11
CA LYS B 1289 17.17 -59.99 -18.87
C LYS B 1289 17.56 -61.32 -18.24
N LEU B 1290 16.68 -62.33 -18.33
CA LEU B 1290 17.01 -63.63 -17.77
C LEU B 1290 18.20 -64.25 -18.48
N VAL B 1291 18.25 -64.16 -19.81
CA VAL B 1291 19.36 -64.74 -20.56
C VAL B 1291 20.65 -63.96 -20.32
N MET B 1292 20.59 -62.65 -20.44
CA MET B 1292 21.82 -61.83 -20.37
C MET B 1292 22.39 -61.88 -18.97
N GLU B 1293 21.58 -61.81 -17.92
CA GLU B 1293 22.09 -61.85 -16.55
C GLU B 1293 22.47 -63.26 -16.11
N THR B 1294 21.76 -64.28 -16.59
CA THR B 1294 22.14 -65.65 -16.27
C THR B 1294 23.51 -65.97 -16.84
N VAL B 1295 23.79 -65.49 -18.06
CA VAL B 1295 25.10 -65.70 -18.75
C VAL B 1295 26.16 -64.93 -17.97
N SER B 1296 25.85 -63.74 -17.47
CA SER B 1296 26.78 -62.88 -16.69
C SER B 1296 27.13 -63.54 -15.36
N ASP B 1297 26.18 -64.15 -14.67
CA ASP B 1297 26.49 -64.83 -13.42
C ASP B 1297 27.49 -65.98 -13.61
N ASN B 1298 27.65 -66.46 -14.84
CA ASN B 1298 28.48 -67.63 -15.09
C ASN B 1298 29.79 -67.30 -15.80
N VAL B 1299 29.89 -66.13 -16.43
CA VAL B 1299 31.15 -65.65 -17.08
C VAL B 1299 32.05 -65.20 -15.94
N ASN B 1300 33.26 -65.76 -15.78
CA ASN B 1300 34.13 -65.48 -14.65
C ASN B 1300 35.16 -64.40 -14.96
N GLN B 1301 34.79 -63.40 -15.78
CA GLN B 1301 35.67 -62.28 -16.15
C GLN B 1301 35.06 -61.02 -15.57
N GLN B 1302 35.56 -59.82 -15.88
CA GLN B 1302 34.93 -58.56 -15.43
C GLN B 1302 34.22 -57.96 -16.63
N VAL B 1303 34.69 -58.23 -17.85
CA VAL B 1303 34.01 -57.76 -19.09
C VAL B 1303 33.33 -58.99 -19.68
N MET B 1304 32.15 -58.85 -20.24
CA MET B 1304 31.37 -59.96 -20.81
C MET B 1304 31.31 -59.70 -22.31
N GLU B 1305 32.09 -60.44 -23.08
CA GLU B 1305 32.17 -60.24 -24.54
C GLU B 1305 30.99 -60.91 -25.18
N ILE B 1306 30.21 -60.19 -25.98
CA ILE B 1306 29.06 -60.74 -26.73
C ILE B 1306 29.44 -60.62 -28.20
N LEU B 1307 28.86 -61.42 -29.08
CA LEU B 1307 29.12 -61.40 -30.52
C LEU B 1307 27.84 -61.85 -31.23
N GLU B 1308 27.22 -60.92 -31.95
CA GLU B 1308 25.97 -61.19 -32.67
C GLU B 1308 26.29 -61.36 -34.15
N VAL B 1309 26.49 -62.60 -34.57
CA VAL B 1309 26.83 -62.88 -35.95
C VAL B 1309 25.58 -62.78 -36.82
N GLY B 1310 25.68 -62.02 -37.91
CA GLY B 1310 24.54 -61.78 -38.77
C GLY B 1310 23.56 -60.80 -38.17
N ALA B 1311 24.03 -59.57 -37.94
CA ALA B 1311 23.24 -58.54 -37.28
C ALA B 1311 22.41 -57.71 -38.24
N ALA B 1312 22.51 -57.95 -39.54
CA ALA B 1312 21.74 -57.19 -40.51
C ALA B 1312 20.39 -57.81 -40.81
N ARG B 1313 20.28 -59.14 -40.77
CA ARG B 1313 19.02 -59.82 -41.04
C ARG B 1313 18.20 -59.98 -39.77
N GLY B 1314 18.76 -60.68 -38.77
CA GLY B 1314 18.13 -60.80 -37.48
C GLY B 1314 18.93 -60.09 -36.41
N PRO B 1315 18.48 -58.92 -35.97
CA PRO B 1315 19.20 -58.20 -34.93
C PRO B 1315 18.75 -58.56 -33.52
N TYR B 1316 19.71 -58.48 -32.59
CA TYR B 1316 19.45 -58.68 -31.17
C TYR B 1316 19.98 -57.56 -30.30
N TYR B 1317 20.98 -56.81 -30.75
CA TYR B 1317 21.49 -55.70 -29.95
C TYR B 1317 20.38 -54.70 -29.63
N ARG B 1318 19.48 -54.46 -30.57
CA ARG B 1318 18.40 -53.51 -30.34
C ARG B 1318 17.47 -53.96 -29.22
N GLN B 1319 17.53 -55.24 -28.84
CA GLN B 1319 16.76 -55.77 -27.72
C GLN B 1319 17.61 -56.08 -26.51
N ALA B 1320 18.79 -56.70 -26.70
CA ALA B 1320 19.64 -57.05 -25.56
C ALA B 1320 20.14 -55.79 -24.85
N ILE B 1321 20.52 -54.77 -25.61
CA ILE B 1321 21.16 -53.59 -25.04
C ILE B 1321 20.17 -52.80 -24.20
N PRO B 1322 19.03 -52.35 -24.75
CA PRO B 1322 18.12 -51.51 -23.97
C PRO B 1322 17.32 -52.24 -22.91
N LYS B 1323 17.23 -53.57 -22.95
CA LYS B 1323 16.40 -54.31 -22.03
C LYS B 1323 17.16 -55.02 -20.93
N ALA B 1324 18.37 -55.51 -21.20
CA ALA B 1324 19.14 -56.23 -20.19
C ALA B 1324 20.50 -55.64 -19.93
N LEU B 1325 21.24 -55.23 -20.96
CA LEU B 1325 22.67 -54.85 -20.80
C LEU B 1325 22.78 -53.41 -20.31
N GLU B 1326 21.74 -52.60 -20.43
CA GLU B 1326 21.79 -51.24 -19.92
C GLU B 1326 21.56 -51.16 -18.43
N TYR B 1327 21.19 -52.26 -17.78
CA TYR B 1327 20.94 -52.30 -16.35
C TYR B 1327 22.13 -52.82 -15.57
N PHE B 1328 23.26 -53.03 -16.23
CA PHE B 1328 24.43 -53.68 -15.59
C PHE B 1328 25.18 -52.68 -14.76
N SER B 1329 25.55 -52.99 -13.53
CA SER B 1329 26.32 -52.17 -12.61
C SER B 1329 27.58 -52.84 -12.12
N ILE B 1330 27.54 -54.15 -11.92
CA ILE B 1330 28.68 -54.86 -11.36
C ILE B 1330 29.59 -55.43 -12.46
N LYS B 1331 29.02 -55.86 -13.58
CA LYS B 1331 29.79 -56.48 -14.69
C LYS B 1331 29.74 -55.56 -15.90
N ASP B 1332 30.83 -55.52 -16.66
CA ASP B 1332 30.90 -54.72 -17.90
C ASP B 1332 30.60 -55.66 -19.05
N TRP B 1333 30.17 -55.12 -20.17
CA TRP B 1333 29.79 -55.91 -21.34
C TRP B 1333 30.43 -55.28 -22.56
N GLN B 1334 30.81 -56.06 -23.56
CA GLN B 1334 31.44 -55.57 -24.80
C GLN B 1334 30.68 -56.24 -25.93
N TYR B 1335 29.87 -55.52 -26.67
CA TYR B 1335 29.02 -56.06 -27.72
C TYR B 1335 29.67 -55.86 -29.08
N THR B 1336 29.64 -56.89 -29.92
CA THR B 1336 30.28 -56.87 -31.22
C THR B 1336 29.31 -57.45 -32.26
N VAL B 1337 28.72 -56.58 -33.07
CA VAL B 1337 27.87 -57.02 -34.16
C VAL B 1337 28.73 -57.29 -35.39
N ALA B 1338 28.33 -58.26 -36.19
CA ALA B 1338 29.08 -58.63 -37.38
C ALA B 1338 28.13 -59.04 -38.49
N ASP B 1339 28.60 -58.87 -39.73
CA ASP B 1339 27.82 -59.23 -40.91
C ASP B 1339 28.72 -59.09 -42.13
N GLN B 1340 28.16 -59.40 -43.29
CA GLN B 1340 28.89 -59.21 -44.54
C GLN B 1340 29.22 -57.73 -44.77
N GLY B 1341 28.27 -56.84 -44.48
CA GLY B 1341 28.45 -55.43 -44.68
C GLY B 1341 28.23 -54.64 -43.39
N PHE B 1342 28.25 -53.32 -43.55
CA PHE B 1342 28.08 -52.43 -42.42
C PHE B 1342 26.66 -52.52 -41.88
N VAL B 1343 26.54 -52.55 -40.56
CA VAL B 1343 25.23 -52.65 -39.89
C VAL B 1343 24.69 -51.23 -39.75
N GLU B 1344 23.73 -50.87 -40.62
CA GLU B 1344 23.21 -49.52 -40.62
C GLU B 1344 22.48 -49.19 -39.33
N ASP B 1345 21.66 -50.11 -38.83
CA ASP B 1345 20.84 -49.82 -37.66
C ASP B 1345 21.67 -49.80 -36.38
N ALA B 1346 22.85 -50.41 -36.38
CA ALA B 1346 23.69 -50.50 -35.21
C ALA B 1346 24.59 -49.27 -35.03
N ALA B 1347 24.43 -48.26 -35.87
CA ALA B 1347 25.30 -47.08 -35.77
C ALA B 1347 25.05 -46.31 -34.49
N GLU B 1348 23.83 -46.36 -33.94
CA GLU B 1348 23.48 -45.59 -32.76
C GLU B 1348 23.61 -46.37 -31.47
N PHE B 1349 24.11 -47.61 -31.52
CA PHE B 1349 24.24 -48.44 -30.33
C PHE B 1349 25.70 -48.59 -29.93
N PRO B 1350 26.00 -48.80 -28.64
CA PRO B 1350 27.40 -48.99 -28.22
C PRO B 1350 27.95 -50.37 -28.61
N VAL B 1351 28.10 -50.58 -29.91
CA VAL B 1351 28.56 -51.86 -30.43
C VAL B 1351 29.70 -51.64 -31.42
N LYS B 1352 30.47 -52.70 -31.64
CA LYS B 1352 31.57 -52.69 -32.60
C LYS B 1352 31.14 -53.51 -33.82
N MET B 1353 31.25 -52.92 -35.01
CA MET B 1353 30.85 -53.57 -36.25
C MET B 1353 32.06 -54.23 -36.89
N MET B 1354 32.05 -55.55 -36.98
CA MET B 1354 33.08 -56.30 -37.67
C MET B 1354 32.59 -56.60 -39.09
N GLN B 1355 33.41 -57.30 -39.88
CA GLN B 1355 33.07 -57.57 -41.26
C GLN B 1355 33.60 -58.94 -41.66
N PHE B 1356 32.69 -59.85 -42.02
CA PHE B 1356 33.05 -61.09 -42.68
C PHE B 1356 31.78 -61.79 -43.16
N ASP B 1357 31.91 -62.96 -43.78
CA ASP B 1357 30.76 -63.65 -44.36
C ASP B 1357 30.08 -64.50 -43.29
N PRO B 1358 28.84 -64.18 -42.89
CA PRO B 1358 28.16 -65.01 -41.88
C PRO B 1358 27.54 -66.27 -42.47
N LEU B 1359 27.09 -66.18 -43.73
CA LEU B 1359 26.38 -67.26 -44.38
C LEU B 1359 27.30 -68.36 -44.93
N ASP B 1360 28.61 -68.21 -44.79
CA ASP B 1360 29.55 -69.19 -45.32
C ASP B 1360 30.65 -69.48 -44.30
N PRO B 1361 30.64 -70.65 -43.65
CA PRO B 1361 31.75 -71.00 -42.75
C PRO B 1361 33.05 -71.19 -43.51
N ALA B 1362 34.13 -71.48 -42.79
CA ALA B 1362 35.45 -71.73 -43.36
C ALA B 1362 36.13 -70.43 -43.78
N ASN B 1363 35.42 -69.31 -43.67
CA ASN B 1363 35.99 -67.98 -43.91
C ASN B 1363 35.84 -67.08 -42.69
N PHE B 1364 35.51 -67.64 -41.54
CA PHE B 1364 35.40 -66.87 -40.30
C PHE B 1364 36.80 -66.43 -39.90
N PRO B 1365 37.05 -65.14 -39.69
CA PRO B 1365 38.41 -64.70 -39.36
C PRO B 1365 39.01 -65.47 -38.17
N ALA B 1366 40.27 -65.87 -38.29
CA ALA B 1366 40.93 -66.59 -37.22
C ALA B 1366 41.08 -65.74 -35.96
N GLU B 1367 40.91 -64.42 -36.07
CA GLU B 1367 40.95 -63.54 -34.92
C GLU B 1367 39.75 -63.72 -34.00
N LEU B 1368 38.82 -64.63 -34.33
CA LEU B 1368 37.63 -64.86 -33.53
C LEU B 1368 37.68 -66.18 -32.76
N THR B 1369 38.88 -66.70 -32.51
CA THR B 1369 39.03 -67.91 -31.71
C THR B 1369 39.09 -67.54 -30.24
N GLU B 1370 38.22 -68.15 -29.44
CA GLU B 1370 38.10 -67.83 -28.02
C GLU B 1370 37.94 -66.32 -27.82
N SER B 1371 36.95 -65.76 -28.51
CA SER B 1371 36.78 -64.31 -28.60
C SER B 1371 35.56 -63.78 -27.86
N CYS B 1372 34.50 -64.58 -27.71
CA CYS B 1372 33.25 -64.09 -27.13
C CYS B 1372 32.76 -65.05 -26.06
N ASP B 1373 32.29 -64.48 -24.94
CA ASP B 1373 31.73 -65.24 -23.80
C ASP B 1373 30.26 -65.54 -24.07
N LEU B 1374 29.63 -64.88 -25.04
CA LEU B 1374 28.24 -65.18 -25.46
C LEU B 1374 28.22 -65.02 -26.97
N LEU B 1375 27.64 -65.95 -27.72
CA LEU B 1375 27.44 -65.83 -29.15
C LEU B 1375 25.94 -65.89 -29.44
N VAL B 1376 25.44 -64.88 -30.15
CA VAL B 1376 24.02 -64.77 -30.48
C VAL B 1376 23.87 -65.00 -31.97
N LEU B 1377 22.98 -65.91 -32.34
CA LEU B 1377 22.79 -66.35 -33.72
C LEU B 1377 21.33 -66.22 -34.12
N LYS B 1378 20.74 -65.06 -33.84
CA LYS B 1378 19.34 -64.81 -34.19
C LYS B 1378 19.16 -64.92 -35.70
N TRP B 1379 18.41 -65.93 -36.13
CA TRP B 1379 18.10 -66.13 -37.55
C TRP B 1379 19.37 -66.21 -38.39
N ASN B 1380 20.31 -67.03 -37.92
CA ASN B 1380 21.57 -67.26 -38.64
C ASN B 1380 21.76 -68.70 -39.06
N LEU B 1381 21.56 -69.66 -38.15
CA LEU B 1381 21.74 -71.06 -38.50
C LEU B 1381 20.68 -71.56 -39.48
N GLN B 1382 19.61 -70.82 -39.69
CA GLN B 1382 18.63 -71.18 -40.72
C GLN B 1382 19.06 -70.75 -42.10
N MET B 1383 20.10 -69.93 -42.22
CA MET B 1383 20.63 -69.50 -43.50
C MET B 1383 21.87 -70.27 -43.92
N GLN B 1384 22.38 -71.17 -43.08
CA GLN B 1384 23.60 -71.91 -43.37
C GLN B 1384 23.26 -73.15 -44.19
N VAL B 1385 24.00 -73.36 -45.28
CA VAL B 1385 23.78 -74.55 -46.09
C VAL B 1385 24.21 -75.81 -45.34
N ASP B 1386 25.34 -75.73 -44.63
CA ASP B 1386 25.88 -76.86 -43.86
C ASP B 1386 25.80 -76.50 -42.39
N LEU B 1387 24.87 -77.13 -41.67
CA LEU B 1387 24.67 -76.80 -40.26
C LEU B 1387 25.84 -77.30 -39.41
N ASP B 1388 26.26 -78.55 -39.63
CA ASP B 1388 27.33 -79.13 -38.82
C ASP B 1388 28.62 -78.33 -38.98
N ALA B 1389 28.97 -77.97 -40.21
CA ALA B 1389 30.17 -77.18 -40.44
C ALA B 1389 30.04 -75.81 -39.78
N ALA B 1390 28.88 -75.18 -39.91
CA ALA B 1390 28.68 -73.86 -39.29
C ALA B 1390 28.77 -73.95 -37.77
N ILE B 1391 28.11 -74.95 -37.18
CA ILE B 1391 28.11 -75.07 -35.73
C ILE B 1391 29.51 -75.42 -35.22
N THR B 1392 30.23 -76.27 -35.95
CA THR B 1392 31.59 -76.61 -35.55
C THR B 1392 32.50 -75.39 -35.60
N GLU B 1393 32.38 -74.56 -36.64
CA GLU B 1393 33.16 -73.34 -36.73
C GLU B 1393 32.67 -72.26 -35.79
N PHE B 1394 31.37 -72.25 -35.46
CA PHE B 1394 30.85 -71.29 -34.51
C PHE B 1394 31.27 -71.63 -33.09
N SER B 1395 31.35 -72.92 -32.76
CA SER B 1395 31.71 -73.33 -31.41
C SER B 1395 33.14 -72.95 -31.04
N LYS B 1396 33.99 -72.66 -32.04
CA LYS B 1396 35.35 -72.26 -31.73
C LYS B 1396 35.42 -70.83 -31.20
N MET B 1397 34.49 -69.97 -31.60
CA MET B 1397 34.49 -68.60 -31.11
C MET B 1397 34.06 -68.50 -29.65
N ILE B 1398 33.56 -69.59 -29.08
CA ILE B 1398 33.10 -69.59 -27.70
C ILE B 1398 34.29 -69.81 -26.78
N LYS B 1399 34.45 -68.93 -25.79
CA LYS B 1399 35.49 -69.12 -24.78
C LYS B 1399 35.17 -70.34 -23.94
N PRO B 1400 36.18 -70.92 -23.27
CA PRO B 1400 35.91 -72.11 -22.46
C PRO B 1400 34.96 -71.80 -21.32
N GLY B 1401 33.76 -72.34 -21.39
CA GLY B 1401 32.69 -71.99 -20.48
C GLY B 1401 31.72 -70.96 -21.01
N GLY B 1402 31.83 -70.58 -22.29
CA GLY B 1402 30.95 -69.60 -22.87
C GLY B 1402 29.60 -70.19 -23.25
N PHE B 1403 28.71 -69.31 -23.69
CA PHE B 1403 27.34 -69.66 -24.02
C PHE B 1403 27.05 -69.35 -25.48
N LEU B 1404 26.07 -70.05 -26.03
CA LEU B 1404 25.60 -69.84 -27.39
C LEU B 1404 24.09 -69.64 -27.35
N LEU B 1405 23.62 -68.51 -27.85
CA LEU B 1405 22.20 -68.17 -27.90
C LEU B 1405 21.72 -68.27 -29.34
N VAL B 1406 20.71 -69.09 -29.57
CA VAL B 1406 20.19 -69.35 -30.92
C VAL B 1406 18.68 -69.11 -30.89
N LEU B 1407 18.21 -68.26 -31.80
CA LEU B 1407 16.79 -68.01 -31.98
C LEU B 1407 16.41 -68.38 -33.41
N GLU B 1408 15.50 -69.33 -33.56
CA GLU B 1408 15.13 -69.83 -34.88
C GLU B 1408 13.64 -70.16 -34.88
N ASN B 1409 13.06 -70.17 -36.08
CA ASN B 1409 11.67 -70.61 -36.24
C ASN B 1409 11.58 -72.10 -35.99
N GLY B 1410 10.62 -72.50 -35.15
CA GLY B 1410 10.48 -73.89 -34.78
C GLY B 1410 9.09 -74.44 -34.97
N THR B 1411 8.11 -73.56 -35.15
CA THR B 1411 6.73 -73.96 -35.35
C THR B 1411 6.10 -73.07 -36.41
N ARG B 1412 5.11 -73.62 -37.11
CA ARG B 1412 4.44 -72.90 -38.20
C ARG B 1412 5.47 -72.32 -39.16
N LEU B 1413 6.31 -73.20 -39.71
CA LEU B 1413 7.43 -72.77 -40.53
C LEU B 1413 6.99 -72.16 -41.85
N SER B 1414 5.72 -72.30 -42.22
CA SER B 1414 5.21 -71.78 -43.49
C SER B 1414 4.58 -70.40 -43.34
N THR B 1415 4.71 -69.76 -42.18
CA THR B 1415 4.12 -68.46 -41.95
C THR B 1415 5.01 -67.32 -42.41
N PHE B 1416 6.28 -67.31 -41.99
CA PHE B 1416 7.23 -66.30 -42.40
C PHE B 1416 7.92 -66.66 -43.72
N PHE B 1417 7.69 -67.86 -44.25
CA PHE B 1417 8.37 -68.31 -45.50
C PHE B 1417 8.09 -67.33 -46.63
N PRO B 1418 6.86 -66.87 -46.90
CA PRO B 1418 6.63 -65.98 -48.04
C PRO B 1418 7.57 -64.80 -48.08
N ILE B 1419 7.91 -64.26 -46.90
CA ILE B 1419 8.81 -63.12 -46.85
C ILE B 1419 10.24 -63.53 -47.16
N LYS B 1420 10.64 -64.73 -46.69
CA LYS B 1420 12.00 -65.28 -46.90
C LYS B 1420 12.11 -65.86 -48.30
N ALA B 1421 11.01 -66.01 -49.03
CA ALA B 1421 11.02 -66.48 -50.42
C ALA B 1421 11.57 -65.36 -51.30
N ILE B 1422 11.17 -64.11 -51.05
CA ILE B 1422 11.57 -62.96 -51.91
C ILE B 1422 12.51 -62.02 -51.13
N VAL B 1423 13.26 -62.51 -50.14
CA VAL B 1423 14.24 -61.72 -49.42
C VAL B 1423 15.53 -62.52 -49.27
N SER B 1424 15.49 -63.82 -49.58
CA SER B 1424 16.65 -64.73 -49.45
C SER B 1424 17.12 -65.15 -50.85
N ALA B 1425 18.42 -65.22 -51.07
CA ALA B 1425 19.00 -65.55 -52.40
C ALA B 1425 18.72 -67.02 -52.71
N SER B 1426 19.31 -67.93 -51.94
CA SER B 1426 19.21 -69.37 -52.23
C SER B 1426 18.52 -70.11 -51.07
N LEU B 1427 17.29 -70.54 -51.25
CA LEU B 1427 16.60 -71.37 -50.23
C LEU B 1427 17.16 -72.77 -50.45
N GLY B 1428 18.46 -72.96 -50.20
CA GLY B 1428 19.12 -74.25 -50.34
C GLY B 1428 19.89 -74.50 -49.07
N GLY B 1429 19.62 -75.62 -48.39
CA GLY B 1429 20.25 -75.91 -47.10
C GLY B 1429 20.22 -77.39 -46.88
N LYS B 1430 21.36 -78.06 -46.99
CA LYS B 1430 21.45 -79.50 -46.83
C LYS B 1430 20.89 -79.90 -45.47
N GLY B 1431 20.20 -81.04 -45.45
CA GLY B 1431 19.65 -81.56 -44.21
C GLY B 1431 20.69 -82.27 -43.39
N GLY B 1432 20.36 -83.44 -42.87
CA GLY B 1432 21.30 -84.21 -42.09
C GLY B 1432 20.63 -85.31 -41.28
N PRO B 1433 21.35 -85.84 -40.29
CA PRO B 1433 20.77 -86.92 -39.47
C PRO B 1433 19.48 -86.51 -38.79
N GLU B 1434 19.34 -85.25 -38.40
CA GLU B 1434 18.15 -84.78 -37.72
C GLU B 1434 16.94 -84.64 -38.63
N GLY B 1435 17.13 -84.78 -39.95
CA GLY B 1435 16.07 -84.68 -40.92
C GLY B 1435 16.50 -83.84 -42.10
N ASP B 1436 15.50 -83.41 -42.88
CA ASP B 1436 15.72 -82.56 -44.05
C ASP B 1436 15.12 -81.20 -43.75
N ARG B 1437 15.91 -80.14 -43.96
CA ARG B 1437 15.48 -78.79 -43.65
C ARG B 1437 14.17 -78.47 -44.35
N ALA B 1438 13.19 -77.95 -43.61
CA ALA B 1438 11.94 -77.54 -44.22
C ALA B 1438 12.19 -76.52 -45.31
N MET B 1439 11.46 -76.68 -46.42
CA MET B 1439 11.82 -75.97 -47.65
C MET B 1439 13.30 -76.19 -47.91
N GLY B 1440 14.14 -75.18 -47.68
CA GLY B 1440 15.60 -75.32 -47.79
C GLY B 1440 16.25 -74.34 -46.86
N CYS B 1441 15.60 -74.02 -45.74
CA CYS B 1441 16.10 -73.00 -44.80
C CYS B 1441 15.45 -73.06 -43.42
N PHE B 1442 14.78 -74.16 -43.01
CA PHE B 1442 14.02 -74.21 -41.76
C PHE B 1442 14.13 -75.59 -41.15
N TYR B 1443 14.48 -75.63 -39.87
CA TYR B 1443 14.41 -76.84 -39.06
C TYR B 1443 13.32 -76.67 -37.99
N THR B 1444 12.64 -77.77 -37.68
CA THR B 1444 11.61 -77.78 -36.66
C THR B 1444 12.24 -77.79 -35.28
N ASP B 1445 11.52 -77.21 -34.30
CA ASP B 1445 12.06 -77.05 -32.96
C ASP B 1445 12.62 -78.36 -32.41
N ALA B 1446 11.88 -79.46 -32.59
CA ALA B 1446 12.36 -80.75 -32.11
C ALA B 1446 13.65 -81.14 -32.80
N GLN B 1447 13.75 -80.88 -34.10
CA GLN B 1447 15.00 -81.16 -34.82
C GLN B 1447 16.10 -80.20 -34.41
N TRP B 1448 15.76 -78.94 -34.11
CA TRP B 1448 16.76 -77.99 -33.66
C TRP B 1448 17.40 -78.46 -32.36
N SER B 1449 16.59 -78.92 -31.41
CA SER B 1449 17.13 -79.38 -30.13
C SER B 1449 17.99 -80.62 -30.31
N ALA B 1450 17.54 -81.58 -31.12
CA ALA B 1450 18.31 -82.78 -31.35
C ALA B 1450 19.64 -82.46 -32.04
N LEU B 1451 19.61 -81.55 -33.01
CA LEU B 1451 20.83 -81.19 -33.72
C LEU B 1451 21.86 -80.60 -32.76
N PHE B 1452 21.44 -79.69 -31.88
CA PHE B 1452 22.36 -79.10 -30.92
C PHE B 1452 22.90 -80.15 -29.96
N ALA B 1453 22.03 -81.04 -29.47
CA ALA B 1453 22.46 -82.06 -28.53
C ALA B 1453 23.47 -82.99 -29.15
N ARG B 1454 23.37 -83.23 -30.47
CA ARG B 1454 24.27 -84.17 -31.13
C ARG B 1454 25.72 -83.71 -31.13
N HIS B 1455 25.96 -82.40 -31.07
CA HIS B 1455 27.31 -81.86 -31.02
C HIS B 1455 27.81 -81.62 -29.61
N GLY B 1456 27.31 -82.38 -28.63
CA GLY B 1456 27.76 -82.24 -27.27
C GLY B 1456 27.52 -80.85 -26.71
N PHE B 1457 26.29 -80.36 -26.84
CA PHE B 1457 25.88 -79.08 -26.29
C PHE B 1457 24.84 -79.31 -25.20
N GLU B 1458 25.09 -78.77 -24.02
CA GLU B 1458 24.15 -78.89 -22.90
C GLU B 1458 23.08 -77.81 -23.01
N GLN B 1459 21.82 -78.20 -22.85
CA GLN B 1459 20.70 -77.29 -22.97
C GLN B 1459 20.51 -76.55 -21.65
N ILE B 1460 21.17 -75.39 -21.54
CA ILE B 1460 21.05 -74.59 -20.32
C ILE B 1460 19.63 -74.04 -20.20
N MET B 1461 19.07 -73.51 -21.29
CA MET B 1461 17.73 -72.95 -21.29
C MET B 1461 17.08 -73.23 -22.64
N HIS B 1462 15.74 -73.31 -22.61
CA HIS B 1462 14.97 -73.56 -23.83
C HIS B 1462 13.58 -72.99 -23.61
N ILE B 1463 13.24 -71.94 -24.33
CA ILE B 1463 11.95 -71.27 -24.18
C ILE B 1463 11.22 -71.31 -25.52
N PRO B 1464 10.33 -72.28 -25.74
CA PRO B 1464 9.58 -72.31 -26.99
C PRO B 1464 8.43 -71.32 -27.00
N ASP B 1465 8.40 -70.44 -28.01
CA ASP B 1465 7.31 -69.48 -28.11
C ASP B 1465 5.97 -70.19 -28.28
N GLY B 1466 5.93 -71.25 -29.07
CA GLY B 1466 4.72 -72.00 -29.35
C GLY B 1466 4.03 -71.55 -30.61
N ILE B 1467 4.03 -70.23 -30.86
CA ILE B 1467 3.38 -69.70 -32.06
C ILE B 1467 4.35 -69.48 -33.21
N ALA B 1468 5.65 -69.36 -32.94
CA ALA B 1468 6.61 -69.12 -34.00
C ALA B 1468 8.05 -69.44 -33.56
N VAL B 1469 8.78 -68.42 -33.11
CA VAL B 1469 10.21 -68.53 -32.86
C VAL B 1469 10.47 -69.44 -31.66
N SER B 1470 11.71 -69.90 -31.52
CA SER B 1470 12.13 -70.64 -30.33
C SER B 1470 13.52 -70.15 -29.96
N MET B 1471 13.88 -70.34 -28.69
CA MET B 1471 15.15 -69.86 -28.14
C MET B 1471 15.85 -70.99 -27.43
N PHE B 1472 17.14 -71.16 -27.73
CA PHE B 1472 17.99 -72.12 -27.04
C PHE B 1472 19.23 -71.40 -26.52
N LEU B 1473 19.56 -71.64 -25.26
CA LEU B 1473 20.83 -71.20 -24.67
C LEU B 1473 21.63 -72.45 -24.32
N LEU B 1474 22.82 -72.57 -24.89
CA LEU B 1474 23.63 -73.78 -24.78
C LEU B 1474 25.04 -73.42 -24.37
N ARG B 1475 25.67 -74.34 -23.64
CA ARG B 1475 27.09 -74.24 -23.33
C ARG B 1475 27.68 -75.64 -23.31
N LYS B 1476 28.98 -75.73 -23.57
CA LYS B 1476 29.61 -77.03 -23.72
C LYS B 1476 29.62 -77.76 -22.38
N PRO B 1477 29.46 -79.09 -22.35
CA PRO B 1477 29.49 -79.81 -21.08
C PRO B 1477 30.81 -79.64 -20.37
N PHE B 1478 30.76 -79.65 -19.04
CA PHE B 1478 31.93 -79.52 -18.20
C PHE B 1478 32.24 -80.87 -17.58
N GLU B 1479 33.44 -81.38 -17.84
CA GLU B 1479 33.87 -82.67 -17.33
C GLU B 1479 34.90 -82.45 -16.22
N PRO B 1480 34.54 -82.64 -14.95
CA PRO B 1480 35.52 -82.41 -13.88
C PRO B 1480 36.66 -83.41 -13.94
N SER B 1481 37.85 -82.95 -13.56
CA SER B 1481 39.00 -83.82 -13.35
C SER B 1481 39.21 -84.17 -11.88
N VAL B 1482 38.62 -83.41 -10.97
CA VAL B 1482 38.68 -83.67 -9.54
C VAL B 1482 37.26 -83.68 -8.99
N ALA B 1483 36.99 -84.59 -8.06
CA ALA B 1483 35.64 -84.77 -7.57
C ALA B 1483 35.14 -83.47 -6.94
N PRO B 1484 33.92 -83.04 -7.24
CA PRO B 1484 33.40 -81.81 -6.64
C PRO B 1484 33.20 -81.94 -5.14
N ILE B 1485 33.32 -80.82 -4.44
CA ILE B 1485 33.17 -80.77 -2.98
C ILE B 1485 31.77 -80.24 -2.69
N ILE B 1486 31.04 -80.94 -1.84
CA ILE B 1486 29.68 -80.57 -1.46
C ILE B 1486 29.68 -80.24 0.03
N ILE B 1487 29.17 -79.06 0.36
CA ILE B 1487 28.96 -78.64 1.75
C ILE B 1487 27.50 -78.24 1.90
N ASN B 1488 26.84 -78.81 2.89
CA ASN B 1488 25.43 -78.55 3.13
C ASN B 1488 25.30 -77.35 4.06
N VAL B 1489 24.57 -76.33 3.61
CA VAL B 1489 24.46 -75.08 4.35
C VAL B 1489 23.02 -74.90 4.84
N ASP B 1490 22.32 -76.01 5.08
CA ASP B 1490 20.94 -75.93 5.52
C ASP B 1490 20.81 -75.26 6.89
N ASP B 1491 21.72 -75.59 7.81
CA ASP B 1491 21.61 -75.09 9.17
C ASP B 1491 21.60 -73.56 9.20
N LEU B 1492 20.63 -72.99 9.91
CA LEU B 1492 20.52 -71.55 10.07
C LEU B 1492 21.27 -71.06 11.31
N GLU B 1493 21.77 -71.95 12.15
CA GLU B 1493 22.67 -71.60 13.23
C GLU B 1493 24.11 -71.50 12.76
N CYS B 1494 24.37 -71.83 11.49
CA CYS B 1494 25.70 -71.70 10.89
C CYS B 1494 26.71 -72.60 11.59
N SER B 1495 26.37 -73.89 11.68
CA SER B 1495 27.29 -74.91 12.16
C SER B 1495 28.27 -75.36 11.08
N TRP B 1496 28.32 -74.64 9.96
CA TRP B 1496 29.18 -74.97 8.80
C TRP B 1496 30.11 -73.80 8.51
N LEU B 1497 29.99 -72.71 9.26
CA LEU B 1497 30.81 -71.50 8.95
C LEU B 1497 32.25 -71.97 8.90
N GLU B 1498 32.63 -72.87 9.79
CA GLU B 1498 34.03 -73.34 9.90
C GLU B 1498 34.45 -74.10 8.65
N GLU B 1499 33.66 -75.07 8.19
CA GLU B 1499 34.02 -75.90 7.01
C GLU B 1499 34.09 -75.04 5.76
N VAL B 1500 33.09 -74.21 5.51
CA VAL B 1500 33.05 -73.40 4.26
C VAL B 1500 34.30 -72.51 4.29
N GLN B 1501 34.65 -71.93 5.44
CA GLN B 1501 35.78 -70.98 5.54
C GLN B 1501 37.05 -71.73 5.14
N ALA B 1502 37.20 -72.98 5.58
CA ALA B 1502 38.40 -73.81 5.29
C ALA B 1502 38.47 -74.15 3.80
N ARG B 1503 37.34 -74.52 3.19
CA ARG B 1503 37.31 -74.93 1.75
C ARG B 1503 37.44 -73.67 0.89
N CYS B 1504 36.85 -72.56 1.31
CA CYS B 1504 36.91 -71.29 0.57
C CYS B 1504 38.36 -70.79 0.56
N ALA B 1505 39.16 -71.19 1.56
CA ALA B 1505 40.55 -70.71 1.67
C ALA B 1505 41.44 -71.47 0.70
N GLU B 1506 41.14 -72.75 0.43
CA GLU B 1506 41.92 -73.58 -0.48
C GLU B 1506 41.41 -73.53 -1.91
N LEU B 1507 40.79 -72.42 -2.31
CA LEU B 1507 40.30 -72.26 -3.67
C LEU B 1507 41.40 -71.85 -4.64
N GLN B 1508 42.29 -70.96 -4.22
CA GLN B 1508 43.32 -70.41 -5.12
C GLN B 1508 44.61 -71.22 -5.03
N ASP B 1509 44.45 -72.50 -4.69
CA ASP B 1509 45.59 -73.41 -4.64
C ASP B 1509 45.22 -74.79 -5.16
N SER B 1510 44.09 -74.89 -5.85
CA SER B 1510 43.59 -76.15 -6.38
C SER B 1510 43.46 -76.07 -7.90
N HIS B 1511 43.10 -77.21 -8.49
CA HIS B 1511 42.98 -77.29 -9.94
C HIS B 1511 41.86 -76.38 -10.43
N LYS B 1512 42.00 -75.91 -11.68
CA LYS B 1512 41.00 -75.03 -12.25
C LYS B 1512 39.64 -75.71 -12.40
N ASP B 1513 39.59 -77.04 -12.36
CA ASP B 1513 38.35 -77.78 -12.52
C ASP B 1513 37.72 -78.18 -11.19
N SER B 1514 38.27 -77.70 -10.07
CA SER B 1514 37.70 -77.97 -8.76
C SER B 1514 36.58 -76.97 -8.47
N ARG B 1515 35.51 -77.47 -7.85
CA ARG B 1515 34.33 -76.67 -7.58
C ARG B 1515 33.90 -76.86 -6.13
N LEU B 1516 33.35 -75.79 -5.54
CA LEU B 1516 32.75 -75.84 -4.22
C LEU B 1516 31.24 -75.67 -4.37
N TRP B 1517 30.49 -76.71 -4.03
CA TRP B 1517 29.04 -76.70 -4.17
C TRP B 1517 28.40 -76.50 -2.80
N LEU B 1518 27.86 -75.30 -2.58
CA LEU B 1518 27.10 -75.01 -1.37
C LEU B 1518 25.66 -75.42 -1.62
N VAL B 1519 25.19 -76.45 -0.93
CA VAL B 1519 23.92 -77.09 -1.22
C VAL B 1519 22.97 -76.87 -0.04
N ALA B 1520 21.74 -76.46 -0.34
CA ALA B 1520 20.69 -76.31 0.64
C ALA B 1520 19.44 -77.04 0.15
N ASN B 1521 18.85 -77.84 1.04
CA ASN B 1521 17.65 -78.62 0.72
C ASN B 1521 16.44 -78.12 1.49
N THR B 1522 16.41 -76.84 1.83
CA THR B 1522 15.33 -76.26 2.61
C THR B 1522 14.87 -74.95 1.99
N GLU B 1523 13.60 -74.63 2.22
CA GLU B 1523 13.06 -73.37 1.72
C GLU B 1523 13.77 -72.18 2.35
N LEU B 1524 14.04 -72.24 3.65
CA LEU B 1524 14.73 -71.18 4.37
C LEU B 1524 16.22 -71.47 4.35
N SER B 1525 16.96 -70.71 3.54
CA SER B 1525 18.40 -70.83 3.48
C SER B 1525 18.94 -69.67 2.67
N GLY B 1526 20.07 -69.13 3.11
CA GLY B 1526 20.64 -67.95 2.48
C GLY B 1526 21.78 -68.26 1.54
N VAL B 1527 21.83 -69.50 1.03
CA VAL B 1527 22.93 -69.90 0.17
C VAL B 1527 23.01 -69.02 -1.07
N LEU B 1528 21.86 -68.57 -1.58
CA LEU B 1528 21.86 -67.82 -2.83
C LEU B 1528 22.51 -66.44 -2.68
N GLY B 1529 22.17 -65.70 -1.63
CA GLY B 1529 22.79 -64.41 -1.40
C GLY B 1529 24.13 -64.55 -0.70
N PHE B 1530 24.30 -65.65 0.01
CA PHE B 1530 25.60 -65.96 0.61
C PHE B 1530 26.66 -66.18 -0.46
N LEU B 1531 26.32 -66.96 -1.48
CA LEU B 1531 27.31 -67.24 -2.53
C LEU B 1531 27.67 -65.98 -3.29
N ARG B 1532 26.69 -65.12 -3.58
CA ARG B 1532 26.97 -63.90 -4.33
C ARG B 1532 28.05 -63.08 -3.66
N SER B 1533 28.01 -63.00 -2.33
CA SER B 1533 29.02 -62.23 -1.61
C SER B 1533 30.35 -62.96 -1.55
N LEU B 1534 30.33 -64.29 -1.47
CA LEU B 1534 31.57 -65.05 -1.53
C LEU B 1534 32.23 -64.91 -2.90
N VAL B 1535 31.42 -64.87 -3.96
CA VAL B 1535 31.97 -64.73 -5.31
C VAL B 1535 32.73 -63.42 -5.44
N TRP B 1536 32.39 -62.42 -4.63
CA TRP B 1536 33.05 -61.12 -4.70
C TRP B 1536 34.49 -61.16 -4.20
N GLU B 1537 34.87 -62.16 -3.41
CA GLU B 1537 36.23 -62.26 -2.89
C GLU B 1537 36.92 -63.56 -3.24
N PHE B 1538 36.21 -64.54 -3.82
CA PHE B 1538 36.83 -65.79 -4.24
C PHE B 1538 36.63 -66.07 -5.72
N GLY B 1539 35.96 -65.18 -6.46
CA GLY B 1539 35.74 -65.39 -7.88
C GLY B 1539 34.64 -66.40 -8.14
N SER B 1540 34.03 -66.31 -9.32
CA SER B 1540 32.95 -67.20 -9.71
C SER B 1540 33.45 -68.48 -10.38
N GLU B 1541 34.77 -68.68 -10.44
CA GLU B 1541 35.32 -69.82 -11.14
C GLU B 1541 34.99 -71.14 -10.47
N LYS B 1542 34.97 -71.19 -9.13
CA LYS B 1542 34.80 -72.43 -8.40
C LYS B 1542 33.61 -72.47 -7.47
N LEU B 1543 33.03 -71.33 -7.12
CA LEU B 1543 31.88 -71.32 -6.23
C LEU B 1543 30.60 -71.60 -7.00
N ARG B 1544 29.81 -72.57 -6.50
CA ARG B 1544 28.55 -72.94 -7.12
C ARG B 1544 27.54 -73.25 -6.02
N CYS B 1545 26.26 -73.10 -6.35
CA CYS B 1545 25.19 -73.20 -5.37
C CYS B 1545 24.06 -74.05 -5.91
N ILE B 1546 23.38 -74.77 -5.00
CA ILE B 1546 22.18 -75.52 -5.31
C ILE B 1546 21.22 -75.32 -4.15
N GLN B 1547 19.98 -74.90 -4.46
CA GLN B 1547 18.92 -74.83 -3.48
C GLN B 1547 17.71 -75.59 -4.00
N ILE B 1548 17.09 -76.36 -3.13
CA ILE B 1548 15.89 -77.13 -3.44
C ILE B 1548 14.80 -76.67 -2.48
N ASP B 1549 13.75 -76.06 -3.02
CA ASP B 1549 12.65 -75.56 -2.19
C ASP B 1549 11.71 -76.72 -1.88
N ASP B 1550 11.69 -77.14 -0.61
CA ASP B 1550 10.89 -78.29 -0.23
C ASP B 1550 9.40 -78.04 -0.44
N ALA B 1551 8.93 -76.84 -0.09
CA ALA B 1551 7.49 -76.57 -0.14
C ALA B 1551 6.94 -76.70 -1.55
N THR B 1552 7.65 -76.19 -2.56
CA THR B 1552 7.16 -76.17 -3.93
C THR B 1552 7.80 -77.22 -4.82
N ALA B 1553 8.77 -77.99 -4.32
CA ALA B 1553 9.34 -79.08 -5.10
C ALA B 1553 8.25 -80.06 -5.52
N GLY B 1554 8.27 -80.44 -6.79
CA GLY B 1554 7.24 -81.29 -7.35
C GLY B 1554 7.20 -82.65 -6.68
N PRO B 1555 6.32 -83.53 -7.18
CA PRO B 1555 6.24 -84.88 -6.60
C PRO B 1555 7.54 -85.66 -6.71
N ASN B 1556 8.43 -85.28 -7.62
CA ASN B 1556 9.73 -85.93 -7.80
C ASN B 1556 10.82 -84.94 -7.40
N PRO B 1557 11.06 -84.75 -6.11
CA PRO B 1557 12.09 -83.80 -5.70
C PRO B 1557 13.47 -84.28 -6.13
N PRO B 1558 14.38 -83.36 -6.45
CA PRO B 1558 15.75 -83.78 -6.79
C PRO B 1558 16.43 -84.45 -5.60
N LYS B 1559 17.49 -85.19 -5.91
CA LYS B 1559 18.23 -86.00 -4.95
C LYS B 1559 19.70 -85.64 -4.98
N ILE B 1560 20.00 -84.34 -4.90
CA ILE B 1560 21.38 -83.87 -4.97
C ILE B 1560 22.12 -84.37 -3.73
N SER B 1561 22.94 -85.40 -3.91
CA SER B 1561 23.73 -85.94 -2.81
C SER B 1561 24.96 -86.64 -3.40
N ALA B 1562 26.10 -85.97 -3.35
CA ALA B 1562 27.37 -86.54 -3.80
C ALA B 1562 27.21 -87.23 -5.15
N ASP B 1563 27.43 -88.55 -5.19
CA ASP B 1563 27.36 -89.31 -6.45
C ASP B 1563 25.92 -89.71 -6.72
N SER B 1564 25.11 -88.70 -7.05
CA SER B 1564 23.71 -88.88 -7.39
C SER B 1564 23.54 -88.84 -8.90
N ALA B 1565 22.28 -88.88 -9.36
CA ALA B 1565 21.97 -88.76 -10.78
C ALA B 1565 21.66 -87.32 -11.17
N ASP B 1566 20.82 -86.66 -10.37
CA ASP B 1566 20.49 -85.26 -10.67
C ASP B 1566 21.70 -84.36 -10.53
N PHE B 1567 22.56 -84.62 -9.53
CA PHE B 1567 23.73 -83.77 -9.33
C PHE B 1567 24.63 -83.79 -10.55
N LYS B 1568 24.91 -84.96 -11.11
CA LYS B 1568 25.82 -85.04 -12.25
C LYS B 1568 25.29 -84.24 -13.44
N GLU B 1569 23.98 -84.24 -13.65
CA GLU B 1569 23.39 -83.36 -14.66
C GLU B 1569 23.65 -81.90 -14.32
N LEU B 1570 23.87 -81.58 -13.05
CA LEU B 1570 24.19 -80.21 -12.64
C LEU B 1570 25.67 -79.92 -12.62
N VAL B 1571 26.52 -80.93 -12.43
CA VAL B 1571 27.96 -80.74 -12.55
C VAL B 1571 28.42 -80.66 -13.99
N ARG B 1572 27.53 -80.96 -14.95
CA ARG B 1572 27.85 -80.84 -16.37
C ARG B 1572 27.52 -79.48 -16.95
N LYS B 1573 26.41 -78.86 -16.52
CA LYS B 1573 26.10 -77.49 -16.90
C LYS B 1573 26.93 -76.47 -16.13
N ASP B 1574 27.31 -76.78 -14.90
CA ASP B 1574 28.20 -75.94 -14.10
C ASP B 1574 27.69 -74.51 -14.03
N LEU B 1575 26.42 -74.40 -13.65
CA LEU B 1575 25.78 -73.10 -13.46
C LEU B 1575 25.99 -72.62 -12.03
N ALA B 1576 26.29 -71.34 -11.87
CA ALA B 1576 26.62 -70.80 -10.55
C ALA B 1576 25.48 -71.02 -9.57
N TYR B 1577 24.26 -70.65 -9.96
CA TYR B 1577 23.10 -70.74 -9.09
C TYR B 1577 22.08 -71.67 -9.71
N ASN B 1578 21.74 -72.75 -9.00
CA ASN B 1578 20.69 -73.68 -9.38
C ASN B 1578 19.63 -73.70 -8.29
N VAL B 1579 18.40 -73.39 -8.65
CA VAL B 1579 17.28 -73.33 -7.71
C VAL B 1579 16.16 -74.21 -8.26
N PHE B 1580 15.76 -75.22 -7.49
CA PHE B 1580 14.62 -76.07 -7.85
C PHE B 1580 13.43 -75.58 -7.06
N LYS B 1581 12.54 -74.85 -7.74
CA LYS B 1581 11.33 -74.33 -7.13
C LYS B 1581 10.21 -74.37 -8.16
N ASN B 1582 9.00 -74.65 -7.69
CA ASN B 1582 7.81 -74.81 -8.51
C ASN B 1582 7.91 -76.00 -9.45
N GLY B 1583 8.82 -76.95 -9.19
CA GLY B 1583 8.93 -78.17 -9.96
C GLY B 1583 9.96 -78.13 -11.07
N LYS B 1584 10.63 -77.00 -11.28
CA LYS B 1584 11.60 -76.87 -12.34
C LYS B 1584 12.85 -76.17 -11.82
N TRP B 1585 14.00 -76.52 -12.39
CA TRP B 1585 15.23 -75.81 -12.09
C TRP B 1585 15.20 -74.41 -12.71
N GLY B 1586 15.67 -73.44 -11.96
CA GLY B 1586 15.69 -72.08 -12.43
C GLY B 1586 16.63 -71.23 -11.62
N THR B 1587 16.37 -69.92 -11.62
CA THR B 1587 17.21 -68.98 -10.89
C THR B 1587 16.37 -67.78 -10.49
N TYR B 1588 16.85 -67.06 -9.48
CA TYR B 1588 16.19 -65.86 -9.00
C TYR B 1588 16.72 -64.65 -9.78
N ARG B 1589 15.82 -63.93 -10.44
CA ARG B 1589 16.18 -62.78 -11.25
C ARG B 1589 15.28 -61.61 -10.90
N GLY B 1590 15.86 -60.41 -10.96
CA GLY B 1590 15.09 -59.20 -10.74
C GLY B 1590 14.52 -58.66 -12.03
N PHE B 1591 13.21 -58.83 -12.21
CA PHE B 1591 12.54 -58.43 -13.45
C PHE B 1591 12.03 -57.01 -13.32
N VAL B 1592 12.44 -56.14 -14.24
CA VAL B 1592 12.15 -54.73 -14.12
C VAL B 1592 10.64 -54.49 -14.14
N ILE B 1593 10.20 -53.50 -13.38
CA ILE B 1593 8.80 -53.07 -13.34
C ILE B 1593 8.69 -51.80 -14.16
N SER B 1594 7.84 -51.81 -15.18
CA SER B 1594 7.69 -50.65 -16.04
C SER B 1594 7.13 -49.47 -15.26
N ASP B 1595 7.57 -48.27 -15.64
CA ASP B 1595 7.08 -47.06 -14.97
C ASP B 1595 5.58 -46.89 -15.13
N ALA B 1596 4.97 -47.54 -16.13
CA ALA B 1596 3.52 -47.46 -16.30
C ALA B 1596 2.78 -48.27 -15.24
N ASP B 1597 3.39 -49.34 -14.73
CA ASP B 1597 2.75 -50.15 -13.70
C ASP B 1597 2.71 -49.46 -12.35
N ARG B 1598 3.57 -48.47 -12.13
CA ARG B 1598 3.53 -47.76 -10.86
CA ARG B 1598 3.55 -47.72 -10.87
C ARG B 1598 2.26 -46.94 -10.69
N GLN B 1599 1.61 -46.54 -11.79
CA GLN B 1599 0.34 -45.82 -11.74
C GLN B 1599 -0.81 -46.67 -12.26
N LYS B 1600 -0.62 -47.99 -12.32
CA LYS B 1600 -1.69 -48.88 -12.75
C LYS B 1600 -2.89 -48.73 -11.82
N GLU B 1601 -4.07 -48.61 -12.42
CA GLU B 1601 -5.32 -48.43 -11.68
C GLU B 1601 -6.02 -49.76 -11.52
N ARG B 1602 -6.50 -50.02 -10.31
CA ARG B 1602 -7.20 -51.25 -9.97
C ARG B 1602 -8.51 -50.89 -9.30
N PRO B 1603 -9.50 -51.77 -9.34
CA PRO B 1603 -10.77 -51.49 -8.66
C PRO B 1603 -10.55 -51.24 -7.17
N SER B 1604 -11.26 -50.25 -6.65
CA SER B 1604 -11.18 -49.91 -5.23
C SER B 1604 -12.54 -49.41 -4.78
N GLU B 1605 -13.01 -49.92 -3.64
CA GLU B 1605 -14.33 -49.54 -3.15
C GLU B 1605 -14.40 -48.05 -2.83
N TYR B 1606 -13.37 -47.52 -2.17
CA TYR B 1606 -13.29 -46.11 -1.81
C TYR B 1606 -12.13 -45.48 -2.57
N VAL B 1607 -12.42 -44.38 -3.28
CA VAL B 1607 -11.41 -43.63 -4.01
C VAL B 1607 -11.66 -42.15 -3.81
N TYR B 1608 -10.67 -41.34 -4.17
CA TYR B 1608 -10.79 -39.89 -4.09
C TYR B 1608 -9.85 -39.28 -5.12
N ALA B 1609 -10.18 -38.07 -5.56
CA ALA B 1609 -9.43 -37.43 -6.63
C ALA B 1609 -8.30 -36.57 -6.06
N ASP B 1610 -7.10 -36.77 -6.57
CA ASP B 1610 -5.94 -35.97 -6.20
C ASP B 1610 -5.13 -35.72 -7.47
N TRP B 1611 -3.98 -35.08 -7.32
CA TRP B 1611 -3.08 -34.79 -8.43
C TRP B 1611 -1.79 -35.59 -8.24
N LEU B 1612 -1.28 -36.13 -9.35
CA LEU B 1612 0.03 -36.79 -9.31
C LEU B 1612 1.15 -35.77 -9.16
N SER B 1613 1.04 -34.64 -9.85
CA SER B 1613 2.02 -33.57 -9.78
C SER B 1613 1.29 -32.27 -9.46
N ALA B 1614 1.72 -31.59 -8.40
CA ALA B 1614 1.06 -30.36 -7.99
C ALA B 1614 1.17 -29.30 -9.07
N GLY B 1615 0.10 -28.52 -9.24
CA GLY B 1615 0.06 -27.48 -10.24
C GLY B 1615 -0.35 -27.93 -11.63
N ASP B 1616 -0.56 -29.22 -11.83
CA ASP B 1616 -0.98 -29.76 -13.12
C ASP B 1616 -2.41 -30.27 -13.01
N MET B 1617 -3.31 -29.69 -13.81
CA MET B 1617 -4.68 -30.18 -13.85
C MET B 1617 -4.86 -31.37 -14.77
N SER B 1618 -3.85 -31.71 -15.56
CA SER B 1618 -3.88 -32.92 -16.38
C SER B 1618 -3.37 -34.14 -15.65
N SER B 1619 -2.87 -33.97 -14.42
CA SER B 1619 -2.36 -35.07 -13.61
C SER B 1619 -3.38 -35.54 -12.59
N LEU B 1620 -4.63 -35.08 -12.69
CA LEU B 1620 -5.66 -35.49 -11.73
C LEU B 1620 -6.00 -36.95 -11.95
N ARG B 1621 -5.92 -37.74 -10.87
CA ARG B 1621 -6.26 -39.15 -10.89
C ARG B 1621 -7.14 -39.46 -9.70
N TRP B 1622 -7.58 -40.70 -9.61
CA TRP B 1622 -8.37 -41.19 -8.47
C TRP B 1622 -7.50 -42.16 -7.69
N PHE B 1623 -7.21 -41.82 -6.44
CA PHE B 1623 -6.40 -42.66 -5.57
C PHE B 1623 -7.26 -43.34 -4.53
N ASP B 1624 -6.68 -44.35 -3.87
CA ASP B 1624 -7.38 -45.04 -2.81
C ASP B 1624 -7.69 -44.08 -1.67
N SER B 1625 -8.92 -44.17 -1.16
CA SER B 1625 -9.31 -43.29 -0.08
C SER B 1625 -9.07 -43.96 1.27
N PRO B 1626 -8.52 -43.25 2.27
CA PRO B 1626 -8.35 -43.87 3.59
C PRO B 1626 -9.67 -44.21 4.28
N LEU B 1627 -10.81 -43.82 3.70
CA LEU B 1627 -12.09 -44.15 4.30
C LEU B 1627 -12.36 -45.65 4.30
N LYS B 1628 -11.60 -46.44 3.55
CA LYS B 1628 -11.71 -47.89 3.67
C LYS B 1628 -11.46 -48.34 5.10
N THR B 1629 -10.63 -47.59 5.84
CA THR B 1629 -10.41 -47.85 7.26
C THR B 1629 -11.49 -47.22 8.14
N GLY B 1630 -12.46 -46.52 7.55
CA GLY B 1630 -13.52 -45.87 8.27
C GLY B 1630 -13.25 -44.42 8.60
N HIS B 1631 -11.99 -44.05 8.80
CA HIS B 1631 -11.61 -42.70 9.16
C HIS B 1631 -10.98 -41.99 7.95
N ASN B 1632 -10.55 -40.76 8.16
CA ASN B 1632 -10.03 -39.91 7.10
C ASN B 1632 -8.67 -39.38 7.52
N ASN B 1633 -7.69 -39.44 6.61
CA ASN B 1633 -6.36 -38.96 6.94
C ASN B 1633 -6.40 -37.49 7.34
N GLY B 1634 -5.47 -37.12 8.21
CA GLY B 1634 -5.39 -35.74 8.66
C GLY B 1634 -6.06 -35.46 9.97
N MET B 1635 -6.01 -36.41 10.91
CA MET B 1635 -6.62 -36.25 12.23
C MET B 1635 -5.61 -35.76 13.26
N LEU B 1636 -4.65 -34.94 12.85
CA LEU B 1636 -3.54 -34.52 13.69
C LEU B 1636 -3.61 -33.02 13.92
N GLY B 1637 -3.24 -32.59 15.13
CA GLY B 1637 -3.15 -31.18 15.44
C GLY B 1637 -4.49 -30.52 15.71
N SER B 1638 -4.83 -29.51 14.91
CA SER B 1638 -6.08 -28.77 15.13
C SER B 1638 -7.29 -29.61 14.76
N LYS B 1639 -7.14 -30.60 13.88
CA LYS B 1639 -8.26 -31.48 13.57
C LYS B 1639 -8.61 -32.40 14.72
N MET B 1640 -7.77 -32.45 15.76
CA MET B 1640 -8.05 -33.25 16.95
C MET B 1640 -8.87 -32.49 17.98
N ALA B 1641 -8.95 -31.17 17.88
CA ALA B 1641 -9.67 -30.36 18.86
C ALA B 1641 -11.16 -30.31 18.59
N HIS B 1642 -11.56 -30.13 17.34
CA HIS B 1642 -12.98 -30.07 16.99
C HIS B 1642 -13.51 -31.48 16.80
N LYS B 1643 -14.28 -31.96 17.77
CA LYS B 1643 -14.86 -33.30 17.73
C LYS B 1643 -16.25 -33.27 17.10
N LEU B 1644 -16.29 -32.79 15.86
CA LEU B 1644 -17.56 -32.67 15.16
C LEU B 1644 -18.20 -34.03 14.95
N GLU B 1645 -19.52 -34.08 15.06
CA GLU B 1645 -20.27 -35.30 14.77
C GLU B 1645 -20.49 -35.41 13.27
N THR B 1646 -20.04 -36.52 12.68
CA THR B 1646 -20.01 -36.69 11.24
C THR B 1646 -20.89 -37.86 10.82
N GLU B 1647 -21.57 -37.68 9.69
CA GLU B 1647 -22.38 -38.73 9.08
C GLU B 1647 -21.69 -39.21 7.82
N THR B 1648 -21.47 -40.52 7.72
CA THR B 1648 -20.82 -41.10 6.56
C THR B 1648 -21.81 -41.22 5.42
N CYS B 1649 -21.54 -40.51 4.32
CA CYS B 1649 -22.44 -40.44 3.18
C CYS B 1649 -21.77 -41.04 1.94
N SER B 1650 -22.57 -41.73 1.14
CA SER B 1650 -22.11 -42.29 -0.13
C SER B 1650 -22.35 -41.25 -1.22
N VAL B 1651 -21.27 -40.62 -1.69
CA VAL B 1651 -21.40 -39.53 -2.65
C VAL B 1651 -21.90 -40.08 -3.98
N TYR B 1652 -22.89 -39.40 -4.56
CA TYR B 1652 -23.43 -39.74 -5.87
C TYR B 1652 -23.03 -38.73 -6.93
N TYR B 1653 -23.08 -37.43 -6.61
CA TYR B 1653 -22.62 -36.37 -7.48
C TYR B 1653 -21.72 -35.44 -6.68
N ALA B 1654 -20.72 -34.89 -7.35
CA ALA B 1654 -19.78 -33.95 -6.73
C ALA B 1654 -19.72 -32.70 -7.59
N GLY B 1655 -20.03 -31.55 -6.98
CA GLY B 1655 -19.99 -30.30 -7.70
C GLY B 1655 -18.57 -29.77 -7.77
N LEU B 1656 -18.18 -29.28 -8.95
CA LEU B 1656 -16.87 -28.69 -9.15
C LEU B 1656 -16.99 -27.17 -9.08
N ASN B 1657 -16.29 -26.59 -8.11
CA ASN B 1657 -16.26 -25.14 -7.92
C ASN B 1657 -14.97 -24.59 -8.49
N LEU B 1658 -14.84 -23.27 -8.48
CA LEU B 1658 -13.61 -22.61 -8.88
C LEU B 1658 -12.56 -22.65 -7.79
N ARG B 1659 -12.93 -23.02 -6.57
CA ARG B 1659 -11.95 -23.23 -5.50
C ARG B 1659 -11.08 -24.44 -5.78
N ASP B 1660 -11.64 -25.49 -6.39
CA ASP B 1660 -10.86 -26.68 -6.72
C ASP B 1660 -9.93 -26.43 -7.89
N ILE B 1661 -10.39 -25.69 -8.91
CA ILE B 1661 -9.54 -25.40 -10.06
C ILE B 1661 -8.36 -24.54 -9.65
N ILE B 1662 -8.59 -23.56 -8.76
CA ILE B 1662 -7.52 -22.71 -8.30
C ILE B 1662 -6.45 -23.54 -7.58
N LEU B 1663 -6.86 -24.50 -6.75
CA LEU B 1663 -5.90 -25.36 -6.07
C LEU B 1663 -5.26 -26.36 -7.02
N ALA B 1664 -6.04 -26.93 -7.93
CA ALA B 1664 -5.54 -27.98 -8.80
C ALA B 1664 -4.47 -27.45 -9.75
N ASN B 1665 -4.65 -26.25 -10.29
CA ASN B 1665 -3.74 -25.70 -11.29
C ASN B 1665 -2.59 -24.93 -10.67
N GLY B 1666 -2.45 -24.95 -9.35
CA GLY B 1666 -1.31 -24.33 -8.69
C GLY B 1666 -1.43 -22.85 -8.44
N THR B 1667 -2.57 -22.24 -8.77
CA THR B 1667 -2.74 -20.81 -8.50
C THR B 1667 -2.61 -20.51 -7.01
N ILE B 1668 -3.00 -21.46 -6.16
CA ILE B 1668 -2.89 -21.30 -4.72
C ILE B 1668 -2.41 -22.62 -4.13
N GLN B 1669 -1.53 -22.54 -3.13
CA GLN B 1669 -1.03 -23.73 -2.47
C GLN B 1669 -2.00 -24.21 -1.40
N ARG B 1670 -1.82 -25.46 -1.00
CA ARG B 1670 -2.67 -26.05 0.04
C ARG B 1670 -2.53 -25.33 1.38
N ASP B 1671 -1.46 -24.57 1.59
CA ASP B 1671 -1.20 -23.94 2.88
C ASP B 1671 -2.07 -22.71 3.12
N ILE B 1672 -2.74 -22.19 2.09
CA ILE B 1672 -3.66 -21.08 2.31
C ILE B 1672 -4.99 -21.54 2.88
N LEU B 1673 -5.29 -22.83 2.75
CA LEU B 1673 -6.54 -23.36 3.27
C LEU B 1673 -6.50 -23.44 4.79
N PRO B 1674 -7.66 -23.60 5.44
CA PRO B 1674 -7.67 -23.77 6.89
C PRO B 1674 -6.64 -24.79 7.35
N GLU B 1675 -6.01 -24.52 8.49
CA GLU B 1675 -4.93 -25.35 8.98
C GLU B 1675 -5.39 -26.75 9.34
N GLU B 1676 -6.69 -26.97 9.49
CA GLU B 1676 -7.22 -28.31 9.77
C GLU B 1676 -7.12 -29.24 8.57
N THR B 1677 -6.79 -28.74 7.39
CA THR B 1677 -6.69 -29.54 6.18
C THR B 1677 -5.25 -29.83 5.77
N PHE B 1678 -4.28 -29.49 6.61
CA PHE B 1678 -2.87 -29.60 6.21
C PHE B 1678 -2.48 -31.05 5.98
N PHE B 1679 -2.95 -31.96 6.83
CA PHE B 1679 -2.58 -33.37 6.75
C PHE B 1679 -3.63 -34.22 6.06
N LYS B 1680 -4.65 -33.61 5.47
CA LYS B 1680 -5.68 -34.36 4.76
C LYS B 1680 -5.09 -34.97 3.48
N GLU B 1681 -5.67 -36.09 3.06
CA GLU B 1681 -5.18 -36.76 1.86
C GLU B 1681 -5.33 -35.88 0.63
N GLY B 1682 -6.40 -35.09 0.58
CA GLY B 1682 -6.65 -34.22 -0.55
C GLY B 1682 -7.38 -32.96 -0.11
N VAL B 1683 -7.45 -32.00 -1.02
CA VAL B 1683 -8.04 -30.70 -0.73
C VAL B 1683 -9.02 -30.31 -1.83
N LEU B 1684 -9.44 -31.28 -2.64
CA LEU B 1684 -10.31 -31.02 -3.78
C LEU B 1684 -11.73 -31.46 -3.43
N GLY B 1685 -12.68 -30.54 -3.60
CA GLY B 1685 -14.08 -30.87 -3.43
C GLY B 1685 -14.62 -30.56 -2.04
N VAL B 1686 -15.75 -29.87 -1.99
CA VAL B 1686 -16.45 -29.57 -0.74
C VAL B 1686 -17.91 -30.02 -0.78
N GLU B 1687 -18.63 -29.63 -1.83
CA GLU B 1687 -20.04 -29.96 -1.95
C GLU B 1687 -20.23 -31.32 -2.59
N PHE B 1688 -21.42 -31.89 -2.37
CA PHE B 1688 -21.76 -33.20 -2.90
C PHE B 1688 -23.25 -33.42 -2.72
N SER B 1689 -23.74 -34.51 -3.32
CA SER B 1689 -25.11 -34.96 -3.13
C SER B 1689 -25.13 -36.47 -3.24
N GLY B 1690 -25.42 -37.15 -2.13
CA GLY B 1690 -25.36 -38.60 -2.08
C GLY B 1690 -26.42 -39.17 -1.19
N ARG B 1691 -26.05 -40.14 -0.38
CA ARG B 1691 -26.96 -40.84 0.51
C ARG B 1691 -26.27 -41.11 1.84
N ASN B 1692 -26.92 -40.76 2.94
CA ASN B 1692 -26.34 -40.97 4.26
C ASN B 1692 -26.42 -42.46 4.60
N SER B 1693 -26.00 -42.81 5.81
CA SER B 1693 -25.94 -44.22 6.22
C SER B 1693 -27.33 -44.86 6.28
N SER B 1694 -28.38 -44.06 6.45
CA SER B 1694 -29.73 -44.58 6.54
C SER B 1694 -30.42 -44.70 5.18
N GLY B 1695 -29.73 -44.35 4.09
CA GLY B 1695 -30.30 -44.42 2.77
C GLY B 1695 -31.01 -43.15 2.33
N LYS B 1696 -31.18 -42.18 3.20
CA LYS B 1696 -31.82 -40.94 2.82
C LYS B 1696 -30.98 -40.18 1.81
N ARG B 1697 -31.65 -39.43 0.94
CA ARG B 1697 -30.97 -38.57 -0.03
C ARG B 1697 -30.63 -37.25 0.64
N VAL B 1698 -29.33 -36.95 0.75
CA VAL B 1698 -28.86 -35.74 1.42
C VAL B 1698 -27.84 -35.04 0.53
N MET B 1699 -27.69 -33.75 0.77
CA MET B 1699 -26.69 -32.92 0.09
C MET B 1699 -26.08 -32.00 1.13
N GLY B 1700 -24.79 -31.67 0.95
CA GLY B 1700 -24.16 -30.81 1.93
C GLY B 1700 -22.73 -30.51 1.57
N LEU B 1701 -22.13 -29.66 2.41
CA LEU B 1701 -20.73 -29.26 2.29
C LEU B 1701 -19.92 -29.93 3.39
N CYS B 1702 -18.76 -30.46 3.03
CA CYS B 1702 -17.89 -31.10 4.00
C CYS B 1702 -16.46 -30.64 3.77
N PRO B 1703 -15.61 -30.69 4.80
CA PRO B 1703 -14.19 -30.46 4.59
C PRO B 1703 -13.62 -31.43 3.58
N PRO B 1704 -12.66 -31.00 2.76
CA PRO B 1704 -12.19 -31.86 1.68
C PRO B 1704 -11.55 -33.13 2.21
N PRO B 1705 -11.38 -34.15 1.38
CA PRO B 1705 -11.78 -34.23 -0.03
C PRO B 1705 -13.23 -34.66 -0.21
N ALA B 1706 -14.09 -33.82 -0.78
CA ALA B 1706 -15.46 -34.20 -1.11
C ALA B 1706 -15.58 -34.63 -2.57
N LEU B 1707 -14.51 -34.53 -3.35
CA LEU B 1707 -14.43 -35.13 -4.67
C LEU B 1707 -13.99 -36.57 -4.47
N ALA B 1708 -14.86 -37.34 -3.84
CA ALA B 1708 -14.57 -38.73 -3.48
C ALA B 1708 -15.86 -39.53 -3.64
N THR B 1709 -15.81 -40.81 -3.31
CA THR B 1709 -16.98 -41.67 -3.36
C THR B 1709 -17.64 -41.87 -2.00
N THR B 1710 -16.92 -41.64 -0.90
CA THR B 1710 -17.50 -41.62 0.43
C THR B 1710 -16.96 -40.41 1.16
N VAL B 1711 -17.78 -39.82 2.03
CA VAL B 1711 -17.40 -38.66 2.81
C VAL B 1711 -17.83 -38.87 4.25
N LYS B 1712 -17.31 -38.02 5.12
CA LYS B 1712 -17.73 -37.94 6.52
C LYS B 1712 -18.18 -36.50 6.75
N CYS B 1713 -19.43 -36.23 6.40
CA CYS B 1713 -19.96 -34.87 6.45
C CYS B 1713 -20.50 -34.57 7.84
N PRO B 1714 -20.10 -33.46 8.47
CA PRO B 1714 -20.70 -33.10 9.75
C PRO B 1714 -22.22 -32.97 9.62
N VAL B 1715 -22.92 -33.44 10.66
CA VAL B 1715 -24.38 -33.42 10.64
C VAL B 1715 -24.95 -32.00 10.60
N SER B 1716 -24.14 -30.99 10.92
CA SER B 1716 -24.56 -29.60 10.88
C SER B 1716 -24.34 -28.97 9.50
N SER B 1717 -23.88 -29.75 8.52
CA SER B 1717 -23.68 -29.24 7.18
C SER B 1717 -24.50 -30.00 6.15
N LEU B 1718 -25.39 -30.90 6.56
CA LEU B 1718 -26.12 -31.78 5.67
C LEU B 1718 -27.56 -31.29 5.54
N TRP B 1719 -27.97 -30.99 4.32
CA TRP B 1719 -29.36 -30.71 4.00
C TRP B 1719 -30.00 -31.93 3.36
N SER B 1720 -31.32 -31.97 3.40
CA SER B 1720 -32.09 -33.04 2.79
C SER B 1720 -32.59 -32.60 1.42
N VAL B 1721 -32.42 -33.47 0.44
CA VAL B 1721 -32.87 -33.16 -0.92
C VAL B 1721 -34.39 -33.25 -0.95
N PRO B 1722 -35.09 -32.19 -1.33
CA PRO B 1722 -36.55 -32.29 -1.44
C PRO B 1722 -36.93 -33.37 -2.44
N ASP B 1723 -38.11 -33.95 -2.23
CA ASP B 1723 -38.59 -34.99 -3.16
C ASP B 1723 -39.16 -34.41 -4.43
N GLN B 1724 -38.41 -33.49 -5.05
CA GLN B 1724 -38.66 -32.99 -6.38
C GLN B 1724 -37.37 -32.77 -7.16
N TRP B 1725 -36.22 -32.77 -6.50
CA TRP B 1725 -34.92 -32.61 -7.13
C TRP B 1725 -34.27 -33.99 -7.27
N THR B 1726 -33.74 -34.28 -8.45
CA THR B 1726 -32.84 -35.42 -8.55
C THR B 1726 -31.51 -35.08 -7.85
N LEU B 1727 -30.78 -36.13 -7.47
CA LEU B 1727 -29.50 -35.90 -6.80
C LEU B 1727 -28.55 -35.10 -7.69
N GLU B 1728 -28.77 -35.13 -9.01
CA GLU B 1728 -27.97 -34.32 -9.92
C GLU B 1728 -28.19 -32.84 -9.66
N GLU B 1729 -29.44 -32.43 -9.42
CA GLU B 1729 -29.72 -31.02 -9.18
C GLU B 1729 -29.28 -30.60 -7.79
N ALA B 1730 -29.32 -31.52 -6.83
CA ALA B 1730 -28.90 -31.20 -5.47
C ALA B 1730 -27.42 -30.90 -5.40
N ALA B 1731 -26.61 -31.52 -6.26
CA ALA B 1731 -25.17 -31.32 -6.20
C ALA B 1731 -24.76 -29.90 -6.55
N THR B 1732 -25.65 -29.11 -7.14
CA THR B 1732 -25.33 -27.76 -7.57
C THR B 1732 -25.68 -26.69 -6.53
N VAL B 1733 -26.56 -27.01 -5.59
CA VAL B 1733 -27.13 -26.01 -4.69
C VAL B 1733 -26.19 -25.65 -3.54
N PRO B 1734 -25.63 -26.61 -2.78
CA PRO B 1734 -25.09 -26.27 -1.46
C PRO B 1734 -24.05 -25.15 -1.43
N LEU B 1735 -22.98 -25.25 -2.23
CA LEU B 1735 -21.92 -24.25 -2.12
C LEU B 1735 -22.34 -22.93 -2.74
N ALA B 1736 -22.99 -22.97 -3.89
CA ALA B 1736 -23.33 -21.73 -4.60
C ALA B 1736 -24.23 -20.84 -3.75
N TYR B 1737 -25.22 -21.44 -3.08
CA TYR B 1737 -26.15 -20.66 -2.29
C TYR B 1737 -25.63 -20.38 -0.88
N ALA B 1738 -24.85 -21.31 -0.31
CA ALA B 1738 -24.22 -21.04 0.98
C ALA B 1738 -23.27 -19.86 0.87
N THR B 1739 -22.51 -19.79 -0.22
CA THR B 1739 -21.65 -18.63 -0.44
C THR B 1739 -22.46 -17.37 -0.68
N ALA B 1740 -23.54 -17.47 -1.46
CA ALA B 1740 -24.35 -16.31 -1.78
C ALA B 1740 -24.95 -15.70 -0.51
N TYR B 1741 -25.46 -16.55 0.39
CA TYR B 1741 -26.01 -16.04 1.64
C TYR B 1741 -24.93 -15.45 2.53
N TYR B 1742 -23.74 -16.06 2.53
CA TYR B 1742 -22.65 -15.50 3.31
C TYR B 1742 -22.25 -14.12 2.78
N CYS B 1743 -22.10 -13.99 1.46
CA CYS B 1743 -21.68 -12.72 0.89
C CYS B 1743 -22.72 -11.64 1.10
N LEU B 1744 -24.00 -11.98 0.95
CA LEU B 1744 -25.07 -10.99 0.98
C LEU B 1744 -25.60 -10.77 2.40
N VAL B 1745 -26.07 -11.84 3.04
CA VAL B 1745 -26.80 -11.71 4.31
C VAL B 1745 -25.91 -11.84 5.53
N SER B 1746 -24.72 -12.42 5.40
CA SER B 1746 -23.84 -12.63 6.55
C SER B 1746 -22.68 -11.65 6.60
N GLU B 1747 -22.10 -11.30 5.46
CA GLU B 1747 -21.01 -10.33 5.41
C GLU B 1747 -21.45 -8.97 4.88
N GLY B 1748 -22.39 -8.93 3.96
CA GLY B 1748 -22.86 -7.66 3.43
C GLY B 1748 -24.04 -7.08 4.19
N GLY B 1749 -24.73 -7.91 4.95
CA GLY B 1749 -25.88 -7.45 5.70
C GLY B 1749 -26.95 -6.81 4.82
N VAL B 1750 -27.28 -7.46 3.71
CA VAL B 1750 -28.21 -6.87 2.75
C VAL B 1750 -29.56 -6.66 3.42
N GLN B 1751 -30.16 -5.51 3.16
CA GLN B 1751 -31.49 -5.15 3.63
C GLN B 1751 -32.45 -5.11 2.45
N LYS B 1752 -33.75 -5.16 2.76
CA LYS B 1752 -34.76 -5.12 1.72
C LYS B 1752 -34.67 -3.82 0.94
N GLY B 1753 -34.68 -3.92 -0.38
CA GLY B 1753 -34.62 -2.76 -1.24
C GLY B 1753 -33.23 -2.21 -1.49
N ALA B 1754 -32.20 -2.82 -0.93
CA ALA B 1754 -30.84 -2.33 -1.13
C ALA B 1754 -30.36 -2.60 -2.54
N THR B 1755 -29.41 -1.80 -2.99
CA THR B 1755 -28.77 -1.97 -4.30
C THR B 1755 -27.52 -2.82 -4.14
N VAL B 1756 -27.42 -3.88 -4.94
CA VAL B 1756 -26.31 -4.82 -4.87
C VAL B 1756 -25.65 -4.89 -6.25
N PHE B 1757 -24.32 -4.87 -6.26
CA PHE B 1757 -23.54 -5.03 -7.49
C PHE B 1757 -22.84 -6.39 -7.39
N ILE B 1758 -23.12 -7.27 -8.34
CA ILE B 1758 -22.62 -8.64 -8.33
C ILE B 1758 -21.74 -8.84 -9.57
N HIS B 1759 -20.47 -9.07 -9.39
CA HIS B 1759 -19.57 -9.33 -10.52
C HIS B 1759 -19.78 -10.76 -10.97
N ALA B 1760 -19.63 -11.06 -12.24
CA ALA B 1760 -19.74 -12.37 -12.86
C ALA B 1760 -21.07 -13.03 -12.51
N GLY B 1761 -22.15 -12.40 -12.99
CA GLY B 1761 -23.48 -12.89 -12.71
C GLY B 1761 -23.76 -14.26 -13.30
N ALA B 1762 -22.98 -14.71 -14.27
CA ALA B 1762 -23.18 -16.01 -14.90
C ALA B 1762 -22.48 -17.14 -14.16
N SER B 1763 -21.67 -16.83 -13.15
CA SER B 1763 -21.06 -17.86 -12.34
C SER B 1763 -22.08 -18.46 -11.39
N VAL B 1764 -21.79 -19.65 -10.88
CA VAL B 1764 -22.71 -20.33 -9.98
C VAL B 1764 -22.93 -19.50 -8.73
N VAL B 1765 -21.86 -18.95 -8.18
CA VAL B 1765 -21.99 -18.04 -7.05
C VAL B 1765 -22.72 -16.77 -7.49
N GLY B 1766 -22.46 -16.30 -8.71
CA GLY B 1766 -23.16 -15.14 -9.21
C GLY B 1766 -24.64 -15.39 -9.42
N GLN B 1767 -24.99 -16.55 -9.97
CA GLN B 1767 -26.40 -16.91 -10.13
C GLN B 1767 -27.09 -17.04 -8.78
N ALA B 1768 -26.41 -17.66 -7.81
CA ALA B 1768 -26.96 -17.77 -6.47
C ALA B 1768 -27.12 -16.41 -5.82
N SER B 1769 -26.15 -15.51 -6.04
CA SER B 1769 -26.24 -14.18 -5.44
C SER B 1769 -27.42 -13.40 -5.97
N ILE B 1770 -27.68 -13.52 -7.28
CA ILE B 1770 -28.83 -12.83 -7.86
C ILE B 1770 -30.13 -13.37 -7.28
N ALA B 1771 -30.23 -14.70 -7.17
CA ALA B 1771 -31.45 -15.30 -6.63
C ALA B 1771 -31.69 -14.89 -5.20
N VAL B 1772 -30.63 -14.87 -4.38
CA VAL B 1772 -30.75 -14.42 -3.00
C VAL B 1772 -31.12 -12.94 -2.95
N ALA B 1773 -30.47 -12.14 -3.80
CA ALA B 1773 -30.74 -10.71 -3.81
C ALA B 1773 -32.17 -10.42 -4.27
N LEU B 1774 -32.64 -11.12 -5.30
CA LEU B 1774 -34.00 -10.89 -5.77
C LEU B 1774 -35.01 -11.23 -4.69
N SER B 1775 -34.78 -12.30 -3.93
CA SER B 1775 -35.69 -12.65 -2.84
C SER B 1775 -35.77 -11.53 -1.82
N TYR B 1776 -34.66 -10.82 -1.59
CA TYR B 1776 -34.64 -9.68 -0.70
C TYR B 1776 -35.17 -8.40 -1.36
N ASN B 1777 -35.70 -8.51 -2.58
CA ASN B 1777 -36.24 -7.35 -3.31
C ASN B 1777 -35.19 -6.26 -3.43
N CYS B 1778 -34.07 -6.62 -4.05
CA CYS B 1778 -32.93 -5.71 -4.22
C CYS B 1778 -32.89 -5.19 -5.64
N GLU B 1779 -32.16 -4.08 -5.85
CA GLU B 1779 -31.89 -3.48 -7.18
C GLU B 1779 -30.56 -4.08 -7.63
N ILE B 1780 -30.54 -4.96 -8.61
CA ILE B 1780 -29.38 -5.77 -8.97
C ILE B 1780 -28.70 -5.18 -10.19
N PHE B 1781 -27.38 -5.07 -10.11
CA PHE B 1781 -26.54 -4.64 -11.25
C PHE B 1781 -25.59 -5.78 -11.34
N THR B 1782 -25.38 -6.40 -12.48
CA THR B 1782 -24.53 -7.56 -12.66
C THR B 1782 -23.68 -7.41 -13.91
N LEU B 1783 -22.48 -7.99 -13.87
CA LEU B 1783 -21.49 -7.87 -14.97
C LEU B 1783 -21.54 -9.14 -15.80
N THR B 1784 -21.91 -9.07 -17.07
CA THR B 1784 -22.03 -10.20 -17.99
C THR B 1784 -20.97 -10.08 -19.07
N LYS B 1785 -20.24 -11.18 -19.31
CA LYS B 1785 -19.15 -11.15 -20.29
C LYS B 1785 -19.67 -10.85 -21.68
N ASN B 1786 -20.53 -11.71 -22.21
CA ASN B 1786 -21.06 -11.59 -23.55
C ASN B 1786 -22.59 -11.54 -23.51
N SER B 1787 -23.21 -11.53 -24.68
CA SER B 1787 -24.67 -11.48 -24.78
C SER B 1787 -25.31 -12.81 -24.41
N ASP B 1788 -24.61 -13.92 -24.57
CA ASP B 1788 -25.17 -15.22 -24.19
C ASP B 1788 -25.43 -15.27 -22.69
N GLU B 1789 -24.50 -14.75 -21.88
CA GLU B 1789 -24.70 -14.74 -20.43
C GLU B 1789 -25.87 -13.83 -20.06
N THR B 1790 -25.99 -12.67 -20.70
CA THR B 1790 -27.10 -11.78 -20.42
C THR B 1790 -28.43 -12.45 -20.74
N ALA B 1791 -28.50 -13.13 -21.89
CA ALA B 1791 -29.73 -13.83 -22.26
C ALA B 1791 -30.06 -14.94 -21.28
N LEU B 1792 -29.04 -15.70 -20.85
CA LEU B 1792 -29.27 -16.78 -19.91
C LEU B 1792 -29.82 -16.25 -18.60
N LEU B 1793 -29.21 -15.19 -18.06
CA LEU B 1793 -29.68 -14.63 -16.80
C LEU B 1793 -31.09 -14.06 -16.93
N LYS B 1794 -31.38 -13.38 -18.03
CA LYS B 1794 -32.72 -12.81 -18.20
C LYS B 1794 -33.78 -13.90 -18.25
N SER B 1795 -33.52 -14.98 -18.99
CA SER B 1795 -34.46 -16.10 -19.02
C SER B 1795 -34.55 -16.76 -17.65
N MET B 1796 -33.42 -16.96 -16.98
CA MET B 1796 -33.43 -17.60 -15.67
C MET B 1796 -34.20 -16.77 -14.66
N TYR B 1797 -33.99 -15.45 -14.65
CA TYR B 1797 -34.66 -14.53 -13.74
C TYR B 1797 -35.48 -13.54 -14.53
N PRO B 1798 -36.79 -13.75 -14.67
CA PRO B 1798 -37.60 -12.80 -15.49
C PRO B 1798 -37.63 -11.39 -14.93
N GLN B 1799 -37.34 -11.21 -13.65
CA GLN B 1799 -37.35 -9.87 -13.05
C GLN B 1799 -36.20 -9.00 -13.55
N LEU B 1800 -35.21 -9.57 -14.20
CA LEU B 1800 -34.03 -8.84 -14.62
C LEU B 1800 -34.25 -8.23 -16.00
N ASN B 1801 -34.12 -6.91 -16.09
CA ASN B 1801 -34.27 -6.17 -17.36
C ASN B 1801 -32.87 -5.82 -17.81
N ASP B 1802 -32.70 -5.27 -19.00
CA ASP B 1802 -31.37 -4.99 -19.58
C ASP B 1802 -30.68 -3.87 -18.80
N ARG B 1803 -31.46 -3.04 -18.14
CA ARG B 1803 -30.90 -1.93 -17.35
C ARG B 1803 -30.11 -2.49 -16.19
N ASN B 1804 -30.38 -3.74 -15.80
CA ASN B 1804 -29.76 -4.39 -14.63
C ASN B 1804 -28.47 -5.10 -15.05
N PHE B 1805 -27.93 -4.89 -16.25
CA PHE B 1805 -26.77 -5.65 -16.79
C PHE B 1805 -25.70 -4.76 -17.35
N CYS B 1806 -24.41 -5.05 -17.14
CA CYS B 1806 -23.26 -4.31 -17.63
C CYS B 1806 -22.27 -5.32 -18.22
N SER B 1807 -21.10 -4.81 -18.62
CA SER B 1807 -20.10 -5.61 -19.31
C SER B 1807 -18.86 -5.76 -18.43
N SER B 1808 -18.28 -6.95 -18.39
CA SER B 1808 -17.08 -7.26 -17.57
C SER B 1808 -15.82 -7.01 -18.38
N GLU B 1809 -15.97 -6.47 -19.58
CA GLU B 1809 -14.86 -6.27 -20.53
C GLU B 1809 -14.21 -4.89 -20.36
N ASP B 1810 -14.90 -3.95 -19.71
CA ASP B 1810 -14.42 -2.57 -19.51
C ASP B 1810 -14.92 -2.08 -18.16
N CYS B 1811 -14.39 -0.98 -17.62
CA CYS B 1811 -14.85 -0.39 -16.34
C CYS B 1811 -15.83 0.73 -16.70
N SER B 1812 -16.63 0.52 -17.74
CA SER B 1812 -17.65 1.48 -18.12
C SER B 1812 -18.91 1.37 -17.26
N PHE B 1813 -18.96 0.38 -16.38
CA PHE B 1813 -20.07 0.11 -15.46
C PHE B 1813 -20.06 1.11 -14.34
N GLU B 1814 -18.96 1.82 -14.06
CA GLU B 1814 -18.90 2.75 -12.95
C GLU B 1814 -19.75 3.99 -13.22
N LYS B 1815 -19.61 4.58 -14.42
CA LYS B 1815 -20.44 5.72 -14.76
C LYS B 1815 -21.91 5.32 -14.85
N TYR B 1816 -22.21 4.14 -15.35
CA TYR B 1816 -23.60 3.71 -15.56
C TYR B 1816 -24.22 3.50 -14.24
N ILE B 1817 -23.56 2.77 -13.35
CA ILE B 1817 -24.15 2.46 -12.06
C ILE B 1817 -24.26 3.71 -11.20
N ARG B 1818 -23.24 4.58 -11.24
CA ARG B 1818 -23.30 5.81 -10.48
CA ARG B 1818 -23.30 5.81 -10.46
C ARG B 1818 -24.46 6.69 -10.92
N LYS B 1819 -24.66 6.80 -12.23
CA LYS B 1819 -25.77 7.58 -12.75
C LYS B 1819 -27.11 6.94 -12.42
N GLU B 1820 -27.21 5.60 -12.50
CA GLU B 1820 -28.47 4.87 -12.26
C GLU B 1820 -28.82 4.83 -10.79
N THR B 1821 -27.86 4.98 -9.88
CA THR B 1821 -28.12 5.07 -8.45
C THR B 1821 -28.24 6.50 -7.95
N LYS B 1822 -28.18 7.48 -8.86
CA LYS B 1822 -28.31 8.89 -8.51
C LYS B 1822 -27.24 9.30 -7.50
N GLY B 1823 -26.05 8.74 -7.64
CA GLY B 1823 -24.94 9.08 -6.78
C GLY B 1823 -24.96 8.43 -5.41
N SER B 1824 -25.94 7.57 -5.13
CA SER B 1824 -25.99 6.92 -3.83
C SER B 1824 -25.00 5.78 -3.72
N GLY B 1825 -24.71 5.09 -4.81
CA GLY B 1825 -23.83 3.94 -4.78
C GLY B 1825 -24.58 2.65 -4.51
N VAL B 1826 -23.82 1.57 -4.47
CA VAL B 1826 -24.35 0.22 -4.29
C VAL B 1826 -24.06 -0.23 -2.86
N ASP B 1827 -25.09 -0.77 -2.19
CA ASP B 1827 -24.95 -1.11 -0.78
C ASP B 1827 -24.03 -2.30 -0.57
N VAL B 1828 -24.12 -3.32 -1.42
CA VAL B 1828 -23.27 -4.50 -1.30
C VAL B 1828 -22.59 -4.73 -2.65
N VAL B 1829 -21.29 -4.98 -2.60
CA VAL B 1829 -20.50 -5.31 -3.78
C VAL B 1829 -19.91 -6.69 -3.57
N ILE B 1830 -20.35 -7.66 -4.36
CA ILE B 1830 -19.76 -8.99 -4.39
C ILE B 1830 -18.72 -8.99 -5.51
N ASN B 1831 -17.46 -8.74 -5.16
CA ASN B 1831 -16.36 -8.54 -6.13
C ASN B 1831 -15.53 -9.76 -6.43
N THR B 1832 -15.49 -10.18 -7.67
CA THR B 1832 -14.62 -11.24 -8.15
C THR B 1832 -13.54 -10.75 -9.09
N LEU B 1833 -13.81 -9.72 -9.89
CA LEU B 1833 -12.87 -9.13 -10.88
C LEU B 1833 -11.81 -8.40 -10.09
N ARG B 1834 -10.65 -8.15 -10.67
CA ARG B 1834 -9.50 -7.60 -9.92
C ARG B 1834 -8.86 -6.49 -10.72
N GLY B 1835 -8.00 -5.71 -10.11
CA GLY B 1835 -7.31 -4.63 -10.80
C GLY B 1835 -8.15 -3.40 -10.87
N LYS B 1836 -8.39 -2.86 -12.04
CA LYS B 1836 -9.12 -1.59 -12.21
C LYS B 1836 -10.62 -1.81 -12.02
N PHE B 1837 -11.07 -3.06 -12.03
CA PHE B 1837 -12.50 -3.42 -11.83
C PHE B 1837 -12.76 -3.53 -10.36
N LEU B 1838 -11.76 -3.84 -9.56
CA LEU B 1838 -11.86 -3.87 -8.08
C LEU B 1838 -11.86 -2.43 -7.58
N LYS B 1839 -10.99 -1.59 -8.11
CA LYS B 1839 -10.92 -0.17 -7.74
C LYS B 1839 -12.22 0.50 -8.16
N ALA B 1840 -12.75 0.30 -9.36
CA ALA B 1840 -13.96 0.96 -9.88
C ALA B 1840 -15.20 0.50 -9.16
N SER B 1841 -15.14 -0.59 -8.42
CA SER B 1841 -16.25 -1.21 -7.66
C SER B 1841 -16.24 -0.80 -6.20
N ARG B 1842 -15.07 -0.60 -5.59
CA ARG B 1842 -15.21 0.06 -4.30
CA ARG B 1842 -15.07 0.10 -4.30
C ARG B 1842 -15.52 1.54 -4.45
N ARG B 1843 -15.25 2.14 -5.61
CA ARG B 1843 -15.62 3.53 -5.84
C ARG B 1843 -17.12 3.70 -5.99
N LEU B 1844 -17.86 2.61 -6.20
CA LEU B 1844 -19.31 2.65 -6.27
C LEU B 1844 -19.97 2.44 -4.93
N LEU B 1845 -19.20 2.11 -3.88
CA LEU B 1845 -19.78 1.84 -2.58
C LEU B 1845 -20.48 3.08 -2.04
N SER B 1846 -21.61 2.85 -1.36
CA SER B 1846 -22.33 3.93 -0.69
C SER B 1846 -21.58 4.27 0.60
N LYS B 1847 -22.16 5.18 1.40
CA LYS B 1847 -21.51 5.56 2.65
C LYS B 1847 -21.40 4.37 3.59
N LYS B 1848 -22.46 3.55 3.68
CA LYS B 1848 -22.48 2.36 4.51
C LYS B 1848 -22.29 1.08 3.70
N GLY B 1849 -21.86 1.20 2.44
CA GLY B 1849 -21.77 0.04 1.59
C GLY B 1849 -20.69 -0.93 2.05
N LYS B 1850 -20.91 -2.21 1.75
CA LYS B 1850 -19.99 -3.28 2.10
C LYS B 1850 -19.37 -3.85 0.83
N PHE B 1851 -18.08 -4.16 0.91
CA PHE B 1851 -17.31 -4.70 -0.21
C PHE B 1851 -16.90 -6.13 0.15
N VAL B 1852 -17.52 -7.10 -0.50
CA VAL B 1852 -17.21 -8.51 -0.30
C VAL B 1852 -16.34 -8.96 -1.47
N ASP B 1853 -15.03 -9.04 -1.22
CA ASP B 1853 -14.09 -9.50 -2.23
C ASP B 1853 -13.84 -10.99 -2.04
N ILE B 1854 -14.25 -11.78 -3.04
CA ILE B 1854 -14.14 -13.23 -2.99
C ILE B 1854 -13.29 -13.78 -4.12
N GLY B 1855 -12.56 -12.92 -4.83
CA GLY B 1855 -11.67 -13.40 -5.85
C GLY B 1855 -10.48 -14.13 -5.26
N PHE B 1856 -9.95 -15.08 -6.03
CA PHE B 1856 -8.87 -15.93 -5.55
C PHE B 1856 -7.48 -15.45 -5.93
N LYS B 1857 -7.36 -14.68 -7.01
CA LYS B 1857 -6.06 -14.33 -7.57
C LYS B 1857 -5.62 -12.96 -7.08
N VAL B 1858 -5.54 -12.84 -5.75
CA VAL B 1858 -5.18 -11.56 -5.14
C VAL B 1858 -3.74 -11.21 -5.46
N ASP B 1859 -3.46 -9.91 -5.52
CA ASP B 1859 -2.11 -9.42 -5.79
C ASP B 1859 -1.20 -9.68 -4.59
N SER B 1860 0.09 -9.35 -4.75
CA SER B 1860 1.02 -9.49 -3.64
C SER B 1860 0.71 -8.51 -2.53
N ASN B 1861 0.38 -7.26 -2.88
CA ASN B 1861 0.04 -6.27 -1.86
C ASN B 1861 -1.22 -6.69 -1.09
N THR B 1862 -2.20 -7.25 -1.81
CA THR B 1862 -3.41 -7.70 -1.15
C THR B 1862 -3.12 -8.80 -0.13
N GLN B 1863 -2.25 -9.75 -0.49
CA GLN B 1863 -1.91 -10.83 0.43
C GLN B 1863 -1.20 -10.29 1.67
N ILE B 1864 -0.28 -9.34 1.48
CA ILE B 1864 0.37 -8.73 2.64
C ILE B 1864 -0.65 -8.03 3.52
N ALA B 1865 -1.67 -7.42 2.90
CA ALA B 1865 -2.75 -6.83 3.69
C ALA B 1865 -3.48 -7.91 4.50
N TYR B 1866 -3.69 -9.07 3.90
CA TYR B 1866 -4.29 -10.18 4.64
C TYR B 1866 -3.39 -10.60 5.80
N TYR B 1867 -2.08 -10.73 5.54
CA TYR B 1867 -1.16 -11.15 6.59
C TYR B 1867 -1.11 -10.13 7.73
N THR B 1868 -1.05 -8.85 7.39
CA THR B 1868 -0.95 -7.79 8.39
C THR B 1868 -2.27 -7.50 9.08
N ARG B 1869 -3.30 -8.30 8.84
CA ARG B 1869 -4.63 -8.13 9.42
C ARG B 1869 -5.31 -6.86 8.95
N GLU B 1870 -4.77 -6.20 7.92
CA GLU B 1870 -5.37 -4.96 7.42
C GLU B 1870 -6.75 -5.22 6.84
N HIS B 1871 -6.90 -6.32 6.10
CA HIS B 1871 -8.18 -6.70 5.50
C HIS B 1871 -8.50 -8.14 5.85
N PRO B 1872 -9.77 -8.50 5.89
CA PRO B 1872 -10.14 -9.91 6.11
C PRO B 1872 -10.09 -10.70 4.81
N ASP B 1873 -9.64 -11.95 4.93
CA ASP B 1873 -9.57 -12.86 3.79
C ASP B 1873 -10.85 -13.67 3.74
N LEU B 1874 -11.76 -13.30 2.83
CA LEU B 1874 -13.09 -13.88 2.76
C LEU B 1874 -13.24 -14.90 1.63
N ARG B 1875 -12.14 -15.32 1.02
CA ARG B 1875 -12.22 -16.23 -0.12
C ARG B 1875 -12.08 -17.69 0.28
N PHE B 1876 -11.59 -17.97 1.49
CA PHE B 1876 -11.66 -19.32 2.05
C PHE B 1876 -12.35 -19.31 3.39
N GLN B 1877 -13.44 -18.54 3.51
CA GLN B 1877 -14.20 -18.49 4.74
C GLN B 1877 -15.27 -19.56 4.83
N LEU B 1878 -15.93 -19.88 3.72
CA LEU B 1878 -16.85 -21.01 3.71
C LEU B 1878 -16.13 -22.33 3.99
N ASP B 1879 -14.85 -22.43 3.61
CA ASP B 1879 -14.07 -23.61 3.97
C ASP B 1879 -13.68 -23.60 5.44
N ALA B 1880 -13.48 -22.43 6.02
CA ALA B 1880 -13.14 -22.32 7.44
C ALA B 1880 -14.36 -22.52 8.33
N LEU B 1881 -15.54 -22.02 7.91
CA LEU B 1881 -16.75 -22.27 8.67
C LEU B 1881 -17.12 -23.75 8.67
N LEU B 1882 -16.67 -24.50 7.68
CA LEU B 1882 -16.95 -25.93 7.60
C LEU B 1882 -16.05 -26.75 8.51
N GLU B 1883 -14.94 -26.20 8.97
CA GLU B 1883 -14.09 -26.88 9.94
C GLU B 1883 -14.57 -26.66 11.38
N SER B 1884 -15.03 -25.46 11.70
CA SER B 1884 -15.54 -25.15 13.03
C SER B 1884 -17.01 -25.54 13.20
N GLN B 1885 -17.83 -25.24 12.21
CA GLN B 1885 -19.26 -25.55 12.25
C GLN B 1885 -19.89 -25.00 13.54
N GLY B 1886 -19.80 -23.68 13.68
CA GLY B 1886 -20.24 -23.01 14.88
C GLY B 1886 -21.39 -22.06 14.63
N PRO B 1887 -21.58 -21.09 15.52
CA PRO B 1887 -22.72 -20.18 15.38
C PRO B 1887 -22.82 -19.51 14.03
N GLU B 1888 -21.67 -19.12 13.45
CA GLU B 1888 -21.71 -18.44 12.17
C GLU B 1888 -22.13 -19.37 11.04
N TRP B 1889 -21.71 -20.64 11.09
CA TRP B 1889 -22.14 -21.58 10.07
C TRP B 1889 -23.62 -21.91 10.20
N THR B 1890 -24.07 -22.24 11.41
CA THR B 1890 -25.45 -22.65 11.62
C THR B 1890 -26.41 -21.53 11.21
N ARG B 1891 -25.91 -20.30 11.16
CA ARG B 1891 -26.69 -19.22 10.56
C ARG B 1891 -26.81 -19.37 9.06
N LEU B 1892 -25.74 -19.80 8.38
CA LEU B 1892 -25.81 -20.09 6.96
C LEU B 1892 -26.52 -21.40 6.67
N PHE B 1893 -26.45 -22.37 7.57
CA PHE B 1893 -27.21 -23.59 7.40
C PHE B 1893 -28.71 -23.32 7.43
N ASP B 1894 -29.16 -22.47 8.36
CA ASP B 1894 -30.57 -22.14 8.46
C ASP B 1894 -31.04 -21.21 7.34
N LEU B 1895 -30.19 -20.30 6.89
CA LEU B 1895 -30.54 -19.43 5.77
C LEU B 1895 -30.75 -20.22 4.47
N VAL B 1896 -29.87 -21.18 4.19
CA VAL B 1896 -30.02 -21.99 2.99
C VAL B 1896 -31.21 -22.92 3.11
N GLN B 1897 -31.41 -23.53 4.29
CA GLN B 1897 -32.56 -24.41 4.48
C GLN B 1897 -33.87 -23.65 4.33
N ALA B 1898 -33.95 -22.43 4.87
CA ALA B 1898 -35.13 -21.61 4.68
C ALA B 1898 -35.33 -21.27 3.21
N GLY B 1899 -34.24 -20.94 2.50
CA GLY B 1899 -34.35 -20.66 1.09
C GLY B 1899 -34.86 -21.83 0.28
N ILE B 1900 -34.43 -23.05 0.62
CA ILE B 1900 -34.93 -24.23 -0.09
C ILE B 1900 -36.43 -24.36 0.11
N HIS B 1901 -36.91 -24.20 1.34
CA HIS B 1901 -38.33 -24.33 1.61
C HIS B 1901 -39.14 -23.24 0.92
N SER B 1902 -38.65 -22.01 0.94
CA SER B 1902 -39.36 -20.87 0.36
C SER B 1902 -39.21 -20.78 -1.15
N GLY B 1903 -38.44 -21.67 -1.77
CA GLY B 1903 -38.28 -21.69 -3.20
C GLY B 1903 -37.18 -20.81 -3.75
N VAL B 1904 -36.52 -20.02 -2.90
CA VAL B 1904 -35.44 -19.17 -3.37
C VAL B 1904 -34.28 -20.01 -3.88
N VAL B 1905 -33.95 -21.08 -3.16
CA VAL B 1905 -32.79 -21.92 -3.49
C VAL B 1905 -33.26 -22.94 -4.51
N LYS B 1906 -33.12 -22.60 -5.79
CA LYS B 1906 -33.43 -23.51 -6.88
C LYS B 1906 -32.15 -24.08 -7.49
N PRO B 1907 -32.17 -25.31 -7.99
CA PRO B 1907 -30.96 -25.85 -8.61
C PRO B 1907 -30.56 -25.07 -9.84
N LEU B 1908 -29.25 -25.03 -10.10
CA LEU B 1908 -28.70 -24.34 -11.25
C LEU B 1908 -28.53 -25.30 -12.41
N LYS B 1909 -28.38 -24.74 -13.61
CA LYS B 1909 -28.05 -25.55 -14.77
C LYS B 1909 -26.64 -26.11 -14.62
N ARG B 1910 -26.44 -27.34 -15.05
CA ARG B 1910 -25.20 -28.04 -14.79
C ARG B 1910 -24.82 -28.92 -15.98
N ALA B 1911 -23.53 -29.22 -16.07
CA ALA B 1911 -23.00 -30.19 -17.02
C ALA B 1911 -22.40 -31.34 -16.22
N VAL B 1912 -22.79 -32.56 -16.56
CA VAL B 1912 -22.40 -33.74 -15.80
C VAL B 1912 -21.26 -34.43 -16.53
N TYR B 1913 -20.14 -34.63 -15.82
CA TYR B 1913 -18.97 -35.30 -16.35
C TYR B 1913 -18.77 -36.61 -15.60
N SER B 1914 -18.39 -37.66 -16.32
CA SER B 1914 -18.15 -38.95 -15.68
C SER B 1914 -16.91 -38.87 -14.80
N MET B 1915 -16.63 -39.97 -14.10
CA MET B 1915 -15.49 -40.00 -13.20
C MET B 1915 -14.16 -40.06 -13.93
N ASP B 1916 -14.16 -40.52 -15.18
CA ASP B 1916 -12.93 -40.61 -15.96
C ASP B 1916 -12.58 -39.32 -16.69
N LYS B 1917 -13.55 -38.43 -16.89
CA LYS B 1917 -13.31 -37.11 -17.47
C LYS B 1917 -13.11 -36.05 -16.40
N ILE B 1918 -12.57 -36.44 -15.24
CA ILE B 1918 -12.32 -35.46 -14.18
C ILE B 1918 -11.38 -34.39 -14.68
N VAL B 1919 -10.37 -34.77 -15.47
CA VAL B 1919 -9.44 -33.79 -16.02
C VAL B 1919 -10.16 -32.81 -16.93
N ASP B 1920 -11.04 -33.32 -17.80
CA ASP B 1920 -11.75 -32.45 -18.73
C ASP B 1920 -12.73 -31.54 -18.00
N ALA B 1921 -13.35 -32.04 -16.94
CA ALA B 1921 -14.25 -31.19 -16.15
C ALA B 1921 -13.49 -30.04 -15.53
N PHE B 1922 -12.31 -30.30 -14.98
CA PHE B 1922 -11.50 -29.23 -14.40
C PHE B 1922 -11.09 -28.21 -15.45
N LYS B 1923 -10.73 -28.67 -16.66
CA LYS B 1923 -10.40 -27.74 -17.73
C LYS B 1923 -11.61 -26.93 -18.14
N THR B 1924 -12.79 -27.55 -18.16
CA THR B 1924 -14.01 -26.82 -18.50
C THR B 1924 -14.29 -25.72 -17.49
N VAL B 1925 -14.11 -26.01 -16.20
CA VAL B 1925 -14.33 -24.99 -15.18
C VAL B 1925 -13.32 -23.86 -15.32
N GLU B 1926 -12.06 -24.20 -15.55
CA GLU B 1926 -11.01 -23.18 -15.62
C GLU B 1926 -11.26 -22.20 -16.76
N ALA B 1927 -11.60 -22.70 -17.94
CA ALA B 1927 -11.74 -21.84 -19.11
C ALA B 1927 -12.88 -20.86 -18.95
N GLU B 1928 -13.98 -21.27 -18.31
CA GLU B 1928 -15.14 -20.42 -18.11
C GLU B 1928 -15.70 -19.92 -19.44
N ARG B 1929 -15.68 -20.80 -20.45
CA ARG B 1929 -16.21 -20.46 -21.76
C ARG B 1929 -17.73 -20.40 -21.78
N GLU B 1930 -18.40 -20.99 -20.79
CA GLU B 1930 -19.85 -21.06 -20.80
C GLU B 1930 -20.34 -21.22 -19.37
N ALA B 1931 -21.51 -20.64 -19.10
CA ALA B 1931 -22.08 -20.69 -17.76
C ALA B 1931 -22.57 -22.10 -17.44
N GLY B 1932 -22.62 -22.40 -16.15
CA GLY B 1932 -23.18 -23.66 -15.67
C GLY B 1932 -22.34 -24.25 -14.56
N LYS B 1933 -22.93 -25.22 -13.87
CA LYS B 1933 -22.26 -25.97 -12.82
C LYS B 1933 -21.69 -27.25 -13.41
N ILE B 1934 -20.43 -27.54 -13.10
CA ILE B 1934 -19.79 -28.78 -13.53
C ILE B 1934 -19.87 -29.76 -12.37
N VAL B 1935 -20.54 -30.88 -12.59
CA VAL B 1935 -20.90 -31.82 -11.55
C VAL B 1935 -20.37 -33.20 -11.97
N ILE B 1936 -19.45 -33.75 -11.20
CA ILE B 1936 -18.94 -35.08 -11.48
C ILE B 1936 -19.94 -36.12 -10.99
N LYS B 1937 -20.27 -37.08 -11.85
CA LYS B 1937 -21.21 -38.13 -11.53
C LYS B 1937 -20.43 -39.32 -10.99
N ILE B 1938 -20.52 -39.54 -9.67
CA ILE B 1938 -19.83 -40.66 -9.03
C ILE B 1938 -20.64 -41.95 -9.15
N ARG B 1939 -21.93 -41.88 -8.84
CA ARG B 1939 -22.81 -43.04 -8.84
C ARG B 1939 -24.08 -42.70 -9.60
N ASP B 1940 -24.85 -43.74 -9.90
CA ASP B 1940 -26.12 -43.60 -10.60
C ASP B 1940 -27.26 -43.66 -9.60
N GLU B 1941 -28.09 -42.61 -9.58
CA GLU B 1941 -29.15 -42.53 -8.59
C GLU B 1941 -30.18 -43.62 -8.84
N GLU B 1942 -30.55 -44.32 -7.77
CA GLU B 1942 -31.56 -45.36 -7.87
C GLU B 1942 -32.95 -44.74 -8.00
N ARG B 1943 -33.87 -45.50 -8.61
CA ARG B 1943 -35.22 -45.02 -8.81
C ARG B 1943 -35.93 -44.75 -7.49
N GLN B 1944 -35.62 -45.51 -6.45
CA GLN B 1944 -36.23 -45.30 -5.15
C GLN B 1944 -35.73 -44.00 -4.53
N LYS B 1945 -36.25 -43.68 -3.34
CA LYS B 1945 -35.84 -42.48 -2.62
C LYS B 1945 -35.20 -42.76 -1.28
N VAL B 1946 -35.42 -43.95 -0.71
CA VAL B 1946 -34.68 -44.39 0.47
C VAL B 1946 -34.29 -45.84 0.27
N CYS B 1947 -33.06 -46.08 -0.17
CA CYS B 1947 -32.59 -47.42 -0.49
C CYS B 1947 -31.09 -47.49 -0.28
N PRO B 1948 -30.58 -48.62 0.21
CA PRO B 1948 -29.14 -48.74 0.43
C PRO B 1948 -28.35 -48.58 -0.87
N THR B 1949 -27.17 -47.98 -0.75
CA THR B 1949 -26.30 -47.81 -1.91
C THR B 1949 -25.61 -49.13 -2.24
N PRO B 1950 -25.70 -49.62 -3.48
CA PRO B 1950 -24.98 -50.85 -3.82
C PRO B 1950 -23.47 -50.67 -3.65
N ARG B 1951 -22.80 -51.74 -3.26
CA ARG B 1951 -21.36 -51.73 -3.14
C ARG B 1951 -20.74 -51.93 -4.52
N THR B 1952 -19.85 -51.02 -4.92
CA THR B 1952 -19.19 -51.08 -6.21
C THR B 1952 -17.74 -50.69 -6.04
N SER B 1953 -16.95 -50.94 -7.08
CA SER B 1953 -15.53 -50.64 -7.09
C SER B 1953 -15.22 -49.64 -8.19
N PHE B 1954 -14.18 -48.84 -7.97
CA PHE B 1954 -13.75 -47.84 -8.92
C PHE B 1954 -12.28 -48.02 -9.25
N PRO B 1955 -11.87 -47.81 -10.49
CA PRO B 1955 -10.44 -47.87 -10.82
C PRO B 1955 -9.70 -46.69 -10.21
N ALA B 1956 -8.67 -46.98 -9.42
CA ALA B 1956 -7.93 -45.93 -8.74
C ALA B 1956 -6.49 -46.37 -8.51
N ILE B 1957 -5.60 -45.39 -8.44
CA ILE B 1957 -4.20 -45.65 -8.17
C ILE B 1957 -4.00 -45.98 -6.70
N HIS B 1958 -2.96 -46.74 -6.41
CA HIS B 1958 -2.68 -47.15 -5.05
C HIS B 1958 -2.37 -45.95 -4.16
N ARG B 1959 -2.74 -46.07 -2.88
CA ARG B 1959 -2.29 -45.12 -1.87
C ARG B 1959 -2.37 -45.83 -0.53
N THR B 1960 -1.21 -46.20 0.02
CA THR B 1960 -1.18 -46.95 1.26
C THR B 1960 -1.71 -46.09 2.40
N CYS B 1961 -2.55 -46.69 3.24
CA CYS B 1961 -3.10 -46.04 4.42
C CYS B 1961 -3.10 -47.03 5.56
N PHE B 1962 -2.96 -46.50 6.77
CA PHE B 1962 -2.88 -47.31 7.99
C PHE B 1962 -4.08 -47.04 8.88
N HIS B 1963 -4.61 -48.10 9.48
CA HIS B 1963 -5.78 -47.96 10.33
C HIS B 1963 -5.41 -47.17 11.59
N PRO B 1964 -6.13 -46.08 11.91
CA PRO B 1964 -5.78 -45.31 13.11
C PRO B 1964 -6.19 -45.97 14.41
N ASP B 1965 -7.08 -46.97 14.37
CA ASP B 1965 -7.52 -47.67 15.57
C ASP B 1965 -6.68 -48.91 15.87
N LYS B 1966 -5.72 -49.24 15.01
CA LYS B 1966 -4.86 -50.40 15.19
C LYS B 1966 -3.47 -49.95 15.61
N SER B 1967 -2.74 -50.86 16.25
CA SER B 1967 -1.39 -50.60 16.72
C SER B 1967 -0.38 -51.16 15.72
N HIS B 1968 0.62 -50.35 15.38
CA HIS B 1968 1.65 -50.73 14.43
C HIS B 1968 2.97 -50.86 15.16
N ILE B 1969 3.63 -52.01 15.01
CA ILE B 1969 4.88 -52.30 15.69
C ILE B 1969 6.02 -52.07 14.72
N LEU B 1970 6.95 -51.19 15.12
CA LEU B 1970 8.13 -50.86 14.32
C LEU B 1970 9.36 -51.35 15.08
N VAL B 1971 9.78 -52.58 14.81
CA VAL B 1971 10.96 -53.14 15.45
C VAL B 1971 12.18 -52.55 14.77
N GLY B 1972 13.07 -51.94 15.56
CA GLY B 1972 14.14 -51.16 15.00
C GLY B 1972 13.68 -49.83 14.43
N GLY B 1973 12.53 -49.35 14.85
CA GLY B 1973 11.99 -48.08 14.40
C GLY B 1973 12.64 -46.87 15.02
N MET B 1974 13.56 -47.07 15.97
CA MET B 1974 14.30 -45.98 16.59
C MET B 1974 15.64 -45.78 15.88
N GLY B 1975 15.60 -45.43 14.60
CA GLY B 1975 16.79 -45.27 13.81
C GLY B 1975 16.59 -44.27 12.69
N GLY B 1976 17.32 -44.44 11.60
CA GLY B 1976 17.26 -43.50 10.50
C GLY B 1976 16.04 -43.70 9.62
N MET B 1977 15.94 -44.85 8.96
CA MET B 1977 14.75 -45.17 8.18
C MET B 1977 13.58 -45.62 9.04
N GLY B 1978 13.83 -46.08 10.26
CA GLY B 1978 12.76 -46.46 11.15
C GLY B 1978 11.92 -45.28 11.58
N LEU B 1979 12.56 -44.17 11.92
CA LEU B 1979 11.86 -42.98 12.40
C LEU B 1979 11.31 -42.14 11.27
N GLU B 1980 11.96 -42.11 10.11
CA GLU B 1980 11.44 -41.39 8.95
C GLU B 1980 10.34 -42.15 8.24
N THR B 1981 10.35 -43.48 8.29
CA THR B 1981 9.22 -44.26 7.83
C THR B 1981 8.04 -44.17 8.79
N ALA B 1982 8.30 -44.11 10.09
CA ALA B 1982 7.23 -43.96 11.07
C ALA B 1982 6.48 -42.64 10.84
N HIS B 1983 7.21 -41.57 10.54
CA HIS B 1983 6.57 -40.30 10.24
C HIS B 1983 5.70 -40.41 8.99
N TRP B 1984 6.13 -41.20 8.01
CA TRP B 1984 5.33 -41.40 6.81
C TRP B 1984 4.02 -42.10 7.14
N MET B 1985 4.06 -43.11 8.02
CA MET B 1985 2.83 -43.80 8.39
C MET B 1985 1.90 -42.90 9.18
N VAL B 1986 2.47 -42.02 10.00
CA VAL B 1986 1.65 -41.12 10.80
C VAL B 1986 0.83 -40.21 9.90
N LEU B 1987 1.40 -39.80 8.77
CA LEU B 1987 0.67 -38.97 7.82
C LEU B 1987 -0.36 -39.80 7.06
N ARG B 1988 -0.10 -41.09 6.87
CA ARG B 1988 -0.98 -41.94 6.09
C ARG B 1988 -2.04 -42.65 6.92
N GLY B 1989 -2.11 -42.39 8.22
CA GLY B 1989 -3.22 -42.91 9.01
C GLY B 1989 -2.83 -43.43 10.38
N ALA B 1990 -1.59 -43.86 10.54
CA ALA B 1990 -1.18 -44.48 11.79
C ALA B 1990 -1.29 -43.47 12.94
N LYS B 1991 -1.83 -43.94 14.06
CA LYS B 1991 -1.89 -43.13 15.28
C LYS B 1991 -1.56 -43.95 16.52
N LYS B 1992 -0.96 -45.13 16.34
CA LYS B 1992 -0.63 -45.99 17.48
C LYS B 1992 0.66 -46.73 17.11
N LEU B 1993 1.79 -46.16 17.52
CA LEU B 1993 3.11 -46.69 17.17
C LEU B 1993 3.77 -47.22 18.43
N ILE B 1994 4.34 -48.42 18.34
CA ILE B 1994 5.15 -49.00 19.39
C ILE B 1994 6.53 -49.25 18.77
N LEU B 1995 7.48 -48.40 19.12
CA LEU B 1995 8.83 -48.46 18.56
C LEU B 1995 9.75 -49.20 19.53
N THR B 1996 10.55 -50.13 19.02
CA THR B 1996 11.39 -50.97 19.84
C THR B 1996 12.85 -50.79 19.44
N SER B 1997 13.73 -50.74 20.42
CA SER B 1997 15.16 -50.61 20.19
C SER B 1997 15.91 -51.31 21.32
N ARG B 1998 17.20 -51.56 21.08
CA ARG B 1998 18.02 -52.18 22.11
C ARG B 1998 18.28 -51.25 23.29
N TYR B 1999 18.13 -49.94 23.10
CA TYR B 1999 18.47 -48.97 24.14
C TYR B 1999 17.41 -47.90 24.37
N GLY B 2000 16.39 -47.79 23.52
CA GLY B 2000 15.39 -46.76 23.66
C GLY B 2000 15.81 -45.46 23.01
N ILE B 2001 15.48 -44.34 23.65
CA ILE B 2001 15.86 -43.02 23.15
C ILE B 2001 17.23 -42.69 23.74
N THR B 2002 18.23 -42.52 22.87
CA THR B 2002 19.59 -42.24 23.29
C THR B 2002 20.18 -40.97 22.68
N THR B 2003 19.47 -40.31 21.76
CA THR B 2003 19.94 -39.09 21.14
C THR B 2003 18.81 -38.06 21.15
N GLY B 2004 19.17 -36.80 20.94
CA GLY B 2004 18.22 -35.72 20.87
C GLY B 2004 17.43 -35.65 19.58
N TYR B 2005 17.87 -36.35 18.54
CA TYR B 2005 17.09 -36.48 17.32
C TYR B 2005 15.95 -37.48 17.48
N GLN B 2006 16.18 -38.58 18.20
CA GLN B 2006 15.12 -39.52 18.48
C GLN B 2006 14.11 -38.93 19.46
N ALA B 2007 14.59 -38.22 20.48
CA ALA B 2007 13.70 -37.60 21.46
C ALA B 2007 12.90 -36.44 20.88
N ARG B 2008 13.43 -35.74 19.88
CA ARG B 2008 12.70 -34.67 19.23
C ARG B 2008 11.66 -35.20 18.25
N LYS B 2009 11.94 -36.32 17.58
CA LYS B 2009 10.98 -36.91 16.66
C LYS B 2009 9.80 -37.50 17.42
N ILE B 2010 10.07 -38.24 18.49
CA ILE B 2010 8.99 -38.85 19.28
C ILE B 2010 8.14 -37.81 19.98
N ALA B 2011 8.72 -36.70 20.41
CA ALA B 2011 7.97 -35.58 20.96
C ALA B 2011 7.17 -34.84 19.90
N PHE B 2012 7.49 -35.05 18.62
CA PHE B 2012 6.71 -34.51 17.52
C PHE B 2012 5.51 -35.40 17.17
N PHE B 2013 5.70 -36.72 17.17
CA PHE B 2013 4.58 -37.63 16.98
C PHE B 2013 3.55 -37.44 18.07
N LYS B 2014 3.99 -37.35 19.32
CA LYS B 2014 3.09 -37.24 20.45
C LYS B 2014 2.30 -35.94 20.39
N GLN B 2015 2.96 -34.84 20.01
CA GLN B 2015 2.27 -33.58 19.87
C GLN B 2015 1.22 -33.64 18.76
N LEU B 2016 1.52 -34.34 17.67
CA LEU B 2016 0.57 -34.43 16.57
C LEU B 2016 -0.69 -35.20 17.00
N GLY B 2017 -0.59 -36.02 18.03
CA GLY B 2017 -1.74 -36.79 18.50
C GLY B 2017 -1.54 -38.28 18.33
N VAL B 2018 -0.29 -38.72 18.29
CA VAL B 2018 0.06 -40.12 18.06
C VAL B 2018 0.44 -40.75 19.39
N GLU B 2019 -0.08 -41.94 19.66
CA GLU B 2019 0.19 -42.67 20.89
C GLU B 2019 1.45 -43.50 20.67
N VAL B 2020 2.59 -42.93 21.00
CA VAL B 2020 3.88 -43.57 20.78
C VAL B 2020 4.30 -44.31 22.05
N GLU B 2021 5.06 -45.38 21.86
CA GLU B 2021 5.63 -46.12 22.98
C GLU B 2021 6.99 -46.66 22.55
N VAL B 2022 8.03 -46.32 23.30
CA VAL B 2022 9.40 -46.73 22.99
C VAL B 2022 9.80 -47.79 24.00
N LEU B 2023 10.18 -48.97 23.50
CA LEU B 2023 10.60 -50.08 24.34
C LEU B 2023 12.08 -50.35 24.12
N ALA B 2024 12.84 -50.40 25.22
CA ALA B 2024 14.28 -50.64 25.15
C ALA B 2024 14.55 -52.13 25.37
N LEU B 2025 14.20 -52.91 24.36
CA LEU B 2025 14.41 -54.35 24.40
C LEU B 2025 14.63 -54.86 22.99
N SER B 2026 15.29 -56.01 22.90
CA SER B 2026 15.56 -56.67 21.63
C SER B 2026 14.66 -57.88 21.48
N VAL B 2027 14.00 -58.00 20.34
CA VAL B 2027 13.03 -59.08 20.10
C VAL B 2027 13.83 -60.24 19.55
N ASN B 2028 14.48 -60.99 20.46
CA ASN B 2028 15.28 -62.14 20.09
C ASN B 2028 14.89 -63.41 20.83
N THR B 2029 13.98 -63.33 21.79
CA THR B 2029 13.47 -64.52 22.47
C THR B 2029 11.96 -64.37 22.60
N ARG B 2030 11.29 -65.50 22.82
CA ARG B 2030 9.83 -65.49 22.87
C ARG B 2030 9.33 -64.53 23.95
N LYS B 2031 10.06 -64.40 25.06
CA LYS B 2031 9.66 -63.45 26.08
C LYS B 2031 9.66 -62.02 25.55
N ALA B 2032 10.72 -61.64 24.81
CA ALA B 2032 10.78 -60.30 24.24
C ALA B 2032 9.67 -60.10 23.22
N ALA B 2033 9.42 -61.11 22.39
CA ALA B 2033 8.35 -60.99 21.40
C ALA B 2033 6.99 -60.83 22.08
N ASP B 2034 6.74 -61.57 23.16
CA ASP B 2034 5.48 -61.45 23.87
C ASP B 2034 5.30 -60.04 24.42
N LYS B 2035 6.35 -59.47 25.02
CA LYS B 2035 6.22 -58.13 25.60
C LYS B 2035 5.84 -57.11 24.53
N VAL B 2036 6.49 -57.17 23.37
CA VAL B 2036 6.19 -56.21 22.31
C VAL B 2036 4.72 -56.27 21.92
N PHE B 2037 4.16 -57.49 21.86
CA PHE B 2037 2.77 -57.62 21.42
C PHE B 2037 1.79 -57.46 22.58
N GLU B 2038 2.27 -57.57 23.83
CA GLU B 2038 1.43 -57.17 24.96
C GLU B 2038 1.23 -55.66 24.96
N HIS B 2039 2.29 -54.91 24.66
CA HIS B 2039 2.16 -53.46 24.60
C HIS B 2039 1.40 -53.02 23.35
N ALA B 2040 1.53 -53.78 22.26
CA ALA B 2040 0.82 -53.42 21.04
C ALA B 2040 -0.68 -53.64 21.19
N LEU B 2041 -1.08 -54.80 21.70
CA LEU B 2041 -2.50 -55.08 21.88
C LEU B 2041 -3.13 -54.23 22.97
N LYS B 2042 -2.34 -53.73 23.92
CA LYS B 2042 -2.86 -52.81 24.91
C LYS B 2042 -3.26 -51.48 24.25
N MET B 2043 -2.48 -51.03 23.27
CA MET B 2043 -2.82 -49.80 22.57
C MET B 2043 -3.96 -50.01 21.57
N GLY B 2044 -4.04 -51.20 20.98
CA GLY B 2044 -5.09 -51.51 20.04
C GLY B 2044 -4.75 -52.76 19.25
N PRO B 2045 -5.66 -53.21 18.41
CA PRO B 2045 -5.37 -54.39 17.59
C PRO B 2045 -4.15 -54.17 16.73
N VAL B 2046 -3.35 -55.22 16.58
CA VAL B 2046 -2.12 -55.15 15.80
C VAL B 2046 -2.50 -55.11 14.32
N GLY B 2047 -2.04 -54.08 13.61
CA GLY B 2047 -2.37 -53.91 12.22
C GLY B 2047 -1.17 -53.74 11.33
N GLY B 2048 0.02 -54.00 11.87
CA GLY B 2048 1.24 -53.87 11.10
C GLY B 2048 2.49 -54.17 11.90
N ILE B 2049 3.40 -54.93 11.33
CA ILE B 2049 4.69 -55.24 11.94
C ILE B 2049 5.78 -54.86 10.96
N PHE B 2050 6.72 -54.03 11.40
CA PHE B 2050 7.84 -53.58 10.57
C PHE B 2050 9.14 -53.97 11.26
N ASN B 2051 10.10 -54.45 10.47
CA ASN B 2051 11.40 -54.88 10.96
C ASN B 2051 12.49 -54.14 10.17
N MET B 2052 12.86 -52.96 10.65
CA MET B 2052 13.95 -52.19 10.08
C MET B 2052 15.28 -52.43 10.80
N ALA B 2053 15.30 -53.32 11.80
CA ALA B 2053 16.50 -53.55 12.57
C ALA B 2053 17.64 -54.04 11.68
N MET B 2054 18.82 -53.45 11.87
CA MET B 2054 20.03 -53.91 11.19
C MET B 2054 21.18 -53.89 12.16
N VAL B 2055 22.01 -54.94 12.11
CA VAL B 2055 23.32 -54.96 12.74
C VAL B 2055 24.31 -55.46 11.72
N LEU B 2056 25.40 -54.72 11.52
CA LEU B 2056 26.40 -55.04 10.51
C LEU B 2056 27.76 -55.19 11.17
N TYR B 2057 28.44 -56.29 10.87
CA TYR B 2057 29.86 -56.46 11.13
C TYR B 2057 30.52 -56.81 9.81
N ASN B 2058 31.05 -55.80 9.13
CA ASN B 2058 31.70 -56.01 7.84
C ASN B 2058 33.12 -56.49 8.06
N ASP B 2059 33.46 -57.63 7.47
CA ASP B 2059 34.79 -58.23 7.61
C ASP B 2059 34.97 -59.26 6.51
N ASP B 2060 36.23 -59.60 6.26
CA ASP B 2060 36.52 -60.67 5.31
C ASP B 2060 36.00 -62.00 5.85
N PHE B 2061 35.44 -62.84 5.00
CA PHE B 2061 34.78 -64.09 5.46
C PHE B 2061 35.73 -64.94 6.23
N LEU B 2062 37.01 -64.95 5.90
CA LEU B 2062 37.95 -65.92 6.51
C LEU B 2062 38.51 -65.37 7.82
N LYS B 2063 38.27 -64.11 8.15
CA LYS B 2063 38.65 -63.54 9.44
C LYS B 2063 37.44 -63.35 10.34
N MET B 2064 36.47 -64.27 10.31
CA MET B 2064 35.19 -64.10 11.04
C MET B 2064 34.89 -65.41 11.75
N ASN B 2065 34.68 -65.39 13.07
CA ASN B 2065 34.31 -66.61 13.82
C ASN B 2065 32.78 -66.66 13.85
N ARG B 2066 32.14 -67.69 14.42
CA ARG B 2066 30.70 -67.81 14.52
C ARG B 2066 30.08 -66.63 15.26
N GLU B 2067 30.69 -66.22 16.38
CA GLU B 2067 30.18 -65.07 17.10
C GLU B 2067 30.15 -63.82 16.24
N GLN B 2068 31.08 -63.70 15.29
CA GLN B 2068 31.13 -62.56 14.39
C GLN B 2068 30.45 -62.81 13.05
N PHE B 2069 30.05 -64.05 12.76
CA PHE B 2069 29.24 -64.34 11.58
C PHE B 2069 27.75 -64.26 11.88
N LEU B 2070 27.36 -64.54 13.13
CA LEU B 2070 25.97 -64.49 13.54
C LEU B 2070 25.56 -63.13 14.08
N LYS B 2071 26.36 -62.10 13.82
CA LYS B 2071 26.08 -60.76 14.30
C LYS B 2071 24.88 -60.17 13.55
N PRO B 2072 24.93 -60.08 12.21
CA PRO B 2072 23.77 -59.56 11.46
C PRO B 2072 22.61 -60.52 11.38
N LEU B 2073 22.75 -61.76 11.86
CA LEU B 2073 21.74 -62.79 11.70
C LEU B 2073 20.69 -62.76 12.81
N GLU B 2074 20.83 -61.89 13.80
CA GLU B 2074 19.80 -61.79 14.82
C GLU B 2074 18.64 -60.92 14.36
N SER B 2075 18.94 -59.72 13.86
CA SER B 2075 17.90 -58.80 13.39
C SER B 2075 17.21 -59.28 12.12
N LYS B 2076 17.74 -60.30 11.46
CA LYS B 2076 17.23 -60.72 10.16
C LYS B 2076 16.80 -62.18 10.09
N ILE B 2077 17.18 -63.00 11.07
CA ILE B 2077 16.81 -64.42 11.04
C ILE B 2077 16.12 -64.81 12.34
N THR B 2078 16.33 -64.03 13.41
CA THR B 2078 15.74 -64.35 14.70
C THR B 2078 14.59 -63.43 15.07
N MET B 2079 14.62 -62.16 14.67
CA MET B 2079 13.50 -61.25 14.87
C MET B 2079 12.46 -61.35 13.77
N THR B 2080 12.75 -62.06 12.68
CA THR B 2080 11.82 -62.23 11.59
C THR B 2080 10.97 -63.49 11.72
N MET B 2081 11.44 -64.48 12.48
CA MET B 2081 10.65 -65.68 12.75
C MET B 2081 10.06 -65.68 14.15
N LEU B 2082 10.40 -64.68 14.97
CA LEU B 2082 9.67 -64.43 16.21
C LEU B 2082 8.58 -63.40 16.00
N LEU B 2083 8.69 -62.56 14.97
CA LEU B 2083 7.60 -61.71 14.54
C LEU B 2083 6.68 -62.39 13.53
N ASP B 2084 7.17 -63.41 12.83
CA ASP B 2084 6.35 -64.20 11.93
C ASP B 2084 5.60 -65.32 12.65
N ASP B 2085 6.18 -65.91 13.69
CA ASP B 2085 5.43 -66.85 14.51
C ASP B 2085 4.32 -66.15 15.28
N LYS B 2086 4.55 -64.95 15.77
CA LYS B 2086 3.54 -64.22 16.53
C LYS B 2086 2.48 -63.61 15.63
N SER B 2087 2.78 -63.36 14.35
CA SER B 2087 1.80 -62.84 13.42
C SER B 2087 0.96 -63.93 12.77
N ARG B 2088 1.33 -65.19 12.95
CA ARG B 2088 0.56 -66.32 12.43
C ARG B 2088 -0.39 -66.90 13.47
N GLU B 2089 -0.46 -66.30 14.66
CA GLU B 2089 -1.33 -66.75 15.73
C GLU B 2089 -2.38 -65.68 16.04
N LYS B 2090 -3.49 -66.13 16.62
CA LYS B 2090 -4.54 -65.20 17.00
C LYS B 2090 -4.08 -64.35 18.18
N PRO B 2091 -4.57 -63.11 18.30
CA PRO B 2091 -5.51 -62.41 17.41
C PRO B 2091 -4.79 -61.61 16.32
N VAL B 2092 -3.46 -61.75 16.22
CA VAL B 2092 -2.71 -60.94 15.27
C VAL B 2092 -3.07 -61.29 13.84
N ARG B 2093 -3.31 -62.58 13.58
CA ARG B 2093 -3.47 -63.04 12.20
C ARG B 2093 -4.63 -62.34 11.51
N ASP B 2094 -5.78 -62.21 12.19
CA ASP B 2094 -6.94 -61.61 11.56
C ASP B 2094 -6.81 -60.09 11.44
N THR B 2095 -6.29 -59.43 12.49
CA THR B 2095 -6.22 -57.97 12.48
C THR B 2095 -5.07 -57.46 11.63
N LEU B 2096 -3.96 -58.19 11.57
CA LEU B 2096 -2.77 -57.68 10.90
C LEU B 2096 -3.06 -57.36 9.44
N ASP B 2097 -2.55 -56.22 9.00
CA ASP B 2097 -2.68 -55.75 7.62
C ASP B 2097 -1.36 -55.73 6.86
N HIS B 2098 -0.27 -55.34 7.53
CA HIS B 2098 1.03 -55.18 6.89
C HIS B 2098 2.07 -55.98 7.64
N PHE B 2099 2.98 -56.61 6.90
CA PHE B 2099 4.14 -57.32 7.47
C PHE B 2099 5.33 -56.98 6.58
N VAL B 2100 6.03 -55.90 6.92
CA VAL B 2100 7.11 -55.37 6.10
C VAL B 2100 8.44 -55.77 6.74
N MET B 2101 9.29 -56.42 5.96
CA MET B 2101 10.62 -56.83 6.40
C MET B 2101 11.63 -56.23 5.45
N PHE B 2102 12.32 -55.17 5.88
CA PHE B 2102 13.26 -54.48 5.03
C PHE B 2102 14.44 -55.37 4.69
N SER B 2103 14.91 -55.29 3.45
CA SER B 2103 16.05 -56.07 3.00
C SER B 2103 17.06 -55.17 2.28
N SER B 2104 18.12 -55.77 1.75
CA SER B 2104 19.17 -55.03 1.07
C SER B 2104 19.48 -55.70 -0.26
N LEU B 2105 19.98 -54.90 -1.20
CA LEU B 2105 20.30 -55.39 -2.54
C LEU B 2105 21.47 -56.37 -2.54
N ILE B 2106 22.08 -56.63 -1.39
CA ILE B 2106 23.15 -57.62 -1.30
C ILE B 2106 22.68 -59.01 -1.63
N VAL B 2107 21.36 -59.28 -1.54
CA VAL B 2107 20.80 -60.58 -1.91
C VAL B 2107 20.64 -60.72 -3.41
N SER B 2108 20.75 -59.62 -4.17
CA SER B 2108 20.53 -59.66 -5.61
C SER B 2108 21.82 -59.36 -6.36
N GLY B 2109 22.73 -58.61 -5.74
CA GLY B 2109 23.98 -58.26 -6.38
C GLY B 2109 25.20 -58.73 -5.61
N GLY B 2110 25.05 -58.90 -4.29
CA GLY B 2110 26.17 -59.28 -3.45
C GLY B 2110 27.06 -58.09 -3.11
N HIS B 2111 27.93 -58.29 -2.13
CA HIS B 2111 28.84 -57.24 -1.70
C HIS B 2111 30.08 -57.87 -1.09
N LEU B 2112 31.13 -57.07 -1.00
CA LEU B 2112 32.43 -57.51 -0.49
C LEU B 2112 32.50 -57.33 1.02
N GLY B 2113 32.77 -58.41 1.73
CA GLY B 2113 32.89 -58.40 3.17
C GLY B 2113 31.60 -58.66 3.91
N GLN B 2114 30.46 -58.42 3.26
CA GLN B 2114 29.15 -58.64 3.89
C GLN B 2114 28.60 -59.99 3.45
N ALA B 2115 29.31 -61.05 3.82
CA ALA B 2115 28.85 -62.40 3.57
C ALA B 2115 27.92 -62.91 4.67
N ASN B 2116 28.03 -62.37 5.88
CA ASN B 2116 27.09 -62.73 6.94
C ASN B 2116 25.79 -61.96 6.80
N TYR B 2117 25.88 -60.70 6.37
CA TYR B 2117 24.68 -59.91 6.13
C TYR B 2117 23.88 -60.47 4.96
N ALA B 2118 24.57 -60.95 3.94
CA ALA B 2118 23.90 -61.52 2.77
C ALA B 2118 23.13 -62.78 3.15
N PHE B 2119 23.72 -63.61 4.01
CA PHE B 2119 23.02 -64.80 4.48
C PHE B 2119 21.78 -64.42 5.28
N GLY B 2120 21.91 -63.43 6.15
CA GLY B 2120 20.75 -62.99 6.93
C GLY B 2120 19.68 -62.34 6.07
N SER B 2121 20.10 -61.54 5.09
CA SER B 2121 19.14 -60.86 4.22
C SER B 2121 18.44 -61.81 3.26
N THR B 2122 19.04 -62.95 2.95
CA THR B 2122 18.43 -63.93 2.06
C THR B 2122 17.47 -64.85 2.80
N VAL B 2123 17.82 -65.28 4.00
CA VAL B 2123 16.90 -66.08 4.82
C VAL B 2123 15.69 -65.27 5.26
N LEU B 2124 15.83 -63.96 5.42
CA LEU B 2124 14.68 -63.09 5.67
C LEU B 2124 13.74 -63.08 4.48
N GLU B 2125 14.27 -62.97 3.26
CA GLU B 2125 13.44 -62.97 2.07
C GLU B 2125 12.78 -64.31 1.82
N LYS B 2126 13.36 -65.40 2.34
CA LYS B 2126 12.75 -66.72 2.22
C LYS B 2126 11.63 -66.95 3.22
N ILE B 2127 11.70 -66.31 4.39
CA ILE B 2127 10.56 -66.30 5.31
C ILE B 2127 9.41 -65.49 4.75
N CYS B 2128 9.70 -64.38 4.07
CA CYS B 2128 8.63 -63.57 3.48
C CYS B 2128 7.99 -64.24 2.27
N GLU B 2129 8.76 -65.04 1.53
CA GLU B 2129 8.18 -65.79 0.42
C GLU B 2129 7.35 -66.96 0.93
N ARG B 2130 7.69 -67.51 2.09
CA ARG B 2130 6.85 -68.53 2.71
C ARG B 2130 5.53 -67.94 3.17
N ARG B 2131 5.54 -66.69 3.64
CA ARG B 2131 4.32 -66.03 4.04
C ARG B 2131 3.37 -65.86 2.86
N LYS B 2132 3.89 -65.52 1.69
CA LYS B 2132 3.06 -65.43 0.49
C LYS B 2132 2.46 -66.77 0.14
N ARG B 2133 3.25 -67.85 0.30
CA ARG B 2133 2.75 -69.18 0.00
C ARG B 2133 1.53 -69.52 0.86
N ASP B 2134 1.46 -68.95 2.06
CA ASP B 2134 0.36 -69.21 2.98
C ASP B 2134 -0.73 -68.15 2.92
N GLY B 2135 -0.65 -67.22 1.97
CA GLY B 2135 -1.68 -66.22 1.80
C GLY B 2135 -1.65 -65.09 2.80
N LEU B 2136 -0.59 -64.98 3.61
CA LEU B 2136 -0.50 -63.90 4.58
C LEU B 2136 0.09 -62.65 3.95
N PRO B 2137 -0.25 -61.46 4.44
CA PRO B 2137 0.35 -60.24 3.90
C PRO B 2137 1.86 -60.22 4.15
N VAL B 2138 2.61 -59.69 3.18
CA VAL B 2138 4.06 -59.62 3.31
C VAL B 2138 4.58 -58.63 2.28
N THR B 2139 5.57 -57.83 2.71
CA THR B 2139 6.28 -56.92 1.83
C THR B 2139 7.75 -56.95 2.23
N THR B 2140 8.63 -57.05 1.23
CA THR B 2140 10.08 -57.13 1.48
C THR B 2140 10.82 -56.16 0.58
N PRO B 2141 10.90 -54.88 0.97
CA PRO B 2141 11.70 -53.93 0.20
C PRO B 2141 13.16 -54.34 0.19
N GLN B 2142 13.84 -54.08 -0.94
CA GLN B 2142 15.24 -54.42 -1.12
C GLN B 2142 15.95 -53.20 -1.68
N TRP B 2143 16.42 -52.33 -0.78
CA TRP B 2143 17.04 -51.06 -1.16
C TRP B 2143 18.54 -51.20 -1.38
N ALA B 2144 19.07 -50.38 -2.28
CA ALA B 2144 20.50 -50.30 -2.49
C ALA B 2144 21.14 -49.34 -1.49
N SER B 2145 20.74 -48.07 -1.53
CA SER B 2145 21.32 -47.03 -0.69
C SER B 2145 20.33 -45.89 -0.54
N ILE B 2146 20.32 -45.26 0.63
CA ILE B 2146 19.39 -44.18 0.96
C ILE B 2146 20.20 -42.96 1.35
N ALA B 2147 19.82 -41.80 0.81
CA ALA B 2147 20.64 -40.61 0.90
C ALA B 2147 20.44 -39.85 2.21
N ASP B 2148 19.23 -39.34 2.44
CA ASP B 2148 19.00 -38.36 3.50
C ASP B 2148 19.15 -38.95 4.90
N VAL B 2149 18.74 -40.20 5.08
CA VAL B 2149 18.76 -40.81 6.41
C VAL B 2149 20.18 -41.24 6.76
N THR B 2161 29.22 -42.32 -1.47
CA THR B 2161 28.11 -41.91 -2.32
C THR B 2161 27.78 -43.00 -3.33
N ILE B 2162 28.58 -43.08 -4.39
CA ILE B 2162 28.38 -44.07 -5.45
C ILE B 2162 29.02 -45.37 -5.00
N ILE B 2163 28.19 -46.38 -4.72
CA ILE B 2163 28.65 -47.70 -4.32
C ILE B 2163 28.16 -48.70 -5.36
N CYS B 2164 29.09 -49.44 -5.96
CA CYS B 2164 28.78 -50.40 -7.02
C CYS B 2164 28.11 -49.72 -8.22
N ARG B 2165 28.43 -48.46 -8.46
CA ARG B 2165 27.90 -47.69 -9.59
C ARG B 2165 26.39 -47.46 -9.45
N LYS B 2166 25.92 -47.15 -8.26
CA LYS B 2166 24.51 -46.87 -8.00
C LYS B 2166 24.41 -45.63 -7.11
N TYR B 2167 23.62 -44.65 -7.55
CA TYR B 2167 23.43 -43.45 -6.77
C TYR B 2167 22.45 -43.73 -5.63
N PRO B 2168 22.70 -43.17 -4.44
CA PRO B 2168 21.73 -43.34 -3.35
C PRO B 2168 20.47 -42.52 -3.59
N GLN B 2169 19.32 -43.10 -3.30
CA GLN B 2169 18.06 -42.43 -3.52
C GLN B 2169 17.77 -41.43 -2.41
N ARG B 2170 17.04 -40.37 -2.77
CA ARG B 2170 16.49 -39.47 -1.78
C ARG B 2170 15.33 -40.15 -1.06
N PHE B 2171 15.20 -39.87 0.23
CA PHE B 2171 14.18 -40.55 1.02
C PHE B 2171 12.78 -40.21 0.55
N PHE B 2172 12.54 -38.97 0.13
CA PHE B 2172 11.21 -38.62 -0.36
C PHE B 2172 10.83 -39.46 -1.57
N ASN B 2173 11.82 -40.02 -2.27
CA ASN B 2173 11.57 -40.97 -3.36
C ASN B 2173 11.58 -42.42 -2.90
N VAL B 2174 12.25 -42.73 -1.79
CA VAL B 2174 12.16 -44.07 -1.23
C VAL B 2174 10.76 -44.34 -0.71
N LEU B 2175 10.12 -43.34 -0.09
CA LEU B 2175 8.76 -43.49 0.39
C LEU B 2175 7.74 -43.48 -0.73
N SER B 2176 8.09 -42.95 -1.90
CA SER B 2176 7.19 -43.00 -3.05
C SER B 2176 7.16 -44.40 -3.65
N VAL B 2177 8.32 -45.05 -3.75
CA VAL B 2177 8.36 -46.43 -4.25
C VAL B 2177 7.94 -47.39 -3.15
N PHE B 2178 8.22 -47.06 -1.89
CA PHE B 2178 7.75 -47.90 -0.78
C PHE B 2178 6.24 -47.99 -0.77
N ASP B 2179 5.55 -46.87 -1.00
CA ASP B 2179 4.09 -46.90 -1.08
C ASP B 2179 3.63 -47.84 -2.17
N PHE B 2180 4.31 -47.83 -3.32
CA PHE B 2180 3.99 -48.79 -4.37
C PHE B 2180 4.33 -50.21 -3.94
N MET B 2181 5.42 -50.37 -3.17
CA MET B 2181 5.82 -51.70 -2.71
C MET B 2181 4.74 -52.33 -1.83
N MET B 2182 4.16 -51.53 -0.93
CA MET B 2182 3.14 -52.07 -0.02
C MET B 2182 1.87 -52.41 -0.77
N SER B 2183 1.49 -51.59 -1.74
CA SER B 2183 0.27 -51.81 -2.53
C SER B 2183 0.60 -52.55 -3.81
N SER B 2184 1.07 -53.78 -3.65
CA SER B 2184 1.47 -54.61 -4.77
C SER B 2184 1.36 -56.07 -4.37
N ASP B 2185 1.37 -56.95 -5.36
CA ASP B 2185 1.19 -58.38 -5.13
C ASP B 2185 2.50 -59.15 -5.02
N ASN B 2186 3.60 -58.63 -5.55
CA ASN B 2186 4.87 -59.31 -5.43
C ASN B 2186 5.38 -59.24 -4.00
N VAL B 2187 6.34 -60.10 -3.67
CA VAL B 2187 6.89 -60.17 -2.33
C VAL B 2187 8.08 -59.23 -2.21
N VAL B 2188 9.12 -59.50 -3.00
CA VAL B 2188 10.37 -58.75 -2.96
C VAL B 2188 10.41 -57.79 -4.14
N THR B 2189 10.66 -56.51 -3.85
CA THR B 2189 10.83 -55.49 -4.88
C THR B 2189 12.20 -54.85 -4.69
N ILE B 2190 12.98 -54.78 -5.77
CA ILE B 2190 14.32 -54.22 -5.76
C ILE B 2190 14.23 -52.78 -6.24
N SER B 2191 14.68 -51.84 -5.41
CA SER B 2191 14.74 -50.43 -5.77
C SER B 2191 16.19 -49.98 -5.71
N TYR B 2192 16.70 -49.45 -6.81
CA TYR B 2192 18.03 -48.87 -6.86
C TYR B 2192 18.06 -47.81 -7.95
N VAL B 2193 18.97 -46.85 -7.80
CA VAL B 2193 19.14 -45.78 -8.78
C VAL B 2193 20.48 -45.97 -9.48
N LEU B 2194 20.46 -45.88 -10.80
CA LEU B 2194 21.66 -46.02 -11.61
C LEU B 2194 22.26 -44.65 -11.87
N VAL B 2195 23.59 -44.56 -11.79
CA VAL B 2195 24.26 -43.31 -12.11
C VAL B 2195 24.00 -42.94 -13.57
N GLU B 2196 24.02 -43.93 -14.45
CA GLU B 2196 23.71 -43.75 -15.86
C GLU B 2196 23.65 -45.13 -16.49
N LYS B 2197 22.80 -45.26 -17.51
CA LYS B 2197 22.64 -46.55 -18.18
C LYS B 2197 23.99 -47.02 -18.72
N SER B 2198 24.29 -48.29 -18.49
CA SER B 2198 25.61 -48.82 -18.80
C SER B 2198 25.89 -48.75 -20.30
N MET B 2199 27.15 -48.46 -20.63
CA MET B 2199 27.64 -48.50 -21.99
C MET B 2199 28.82 -49.46 -22.07
N GLY B 2200 29.00 -50.06 -23.25
CA GLY B 2200 30.02 -51.08 -23.40
C GLY B 2200 31.41 -50.53 -23.14
N VAL B 2201 32.29 -51.36 -22.59
CA VAL B 2201 33.66 -50.97 -22.32
C VAL B 2201 34.30 -50.44 -23.59
#